data_9JEG
#
_entry.id   9JEG
#
_cell.length_a   1.00
_cell.length_b   1.00
_cell.length_c   1.00
_cell.angle_alpha   90.00
_cell.angle_beta   90.00
_cell.angle_gamma   90.00
#
_symmetry.space_group_name_H-M   'P 1'
#
loop_
_entity.id
_entity.type
_entity.pdbx_description
1 polymer 'Transient receptor potential cation channel subfamily V member 3'
2 non-polymer '(2S)-3-(hexadecanoyloxy)-2-[(9Z)-octadec-9-enoyloxy]propyl 2-(trimethylammonio)ethyl phosphate'
3 non-polymer (~{Z})-5-methyl-2-propan-2-yl-hex-2-enal
#
_entity_poly.entity_id   1
_entity_poly.type   'polypeptide(L)'
_entity_poly.pdbx_seq_one_letter_code
;MKAHPKEMVPLMGKRVAAPSGNPAVLPEKRPAEITPTKKSAHFFLEIEGFEPNPTVAKTSPPVFSKPMDSNIRQCISGNC
DDMDSPQSPQDDVTETPSNPNSPSAQLAKEEQRRKKRRLKKRIFAAVSEGCVEELVELLVELQELCRRRHDEDVPDFLMH
KLTASDTGKTCLMKALLNINPNTKEIVRILLAFAEENDILGRFINAEYTEEAYEGQTALNIAIERRQGDIAALLIAAGAD
VNAHAKGAFFNPKYQHEGFYFGETPLALAACTNQPEIVQLLMEHEQTDITSRDSRGNNILHALVTVAEDFKTQNDFVKRM
YDMILLRSGNWELETTRNNDGLTPLQLAAKMGKAEILKYILSREIKEKRLRSLSRKFTDWAYGPVSSSLYDLTNVDTTTD
NSVLEITVYNTNIDNRHEMLTLEPLHTLLHMKWKKFAKHMFFLSFCFYFFYNITLTLVSYYRPREEEAIPHPLALTHKMG
WLQLLGRMFVLIWAMCISVKEGIAIFLLRPSDLQSILSDAWFHFVFFIQAVLVILSVFLYLFAYKEYLACLVLAMALGWA
NMLYYTRGFQSMGMYSVMIQKVILHDVLKFLFVYIVFLLGFGVALASLIEKCPKDNKDCSSYGSFSDAVLELFKLTIGLG
DLNIQQNSKYPILFLFLLITYVILTFVLLLNMLIALMGETVENVSKESERIWRLQRARTILEFEKMLPEWLRSRFRMGEL
CKVAEDDFRLCLRINEVKWTEWKTHVSFLNEDPGPVRRTDFNKIQDSSRNNSKTTLNAFEEVEEFPETSVSNSLEVLFQ
;
_entity_poly.pdbx_strand_id   A,B,C,D
#
loop_
_chem_comp.id
_chem_comp.type
_chem_comp.name
_chem_comp.formula
A1EBM non-polymer (~{Z})-5-methyl-2-propan-2-yl-hex-2-enal 'C10 H18 O'
POV non-polymer '(2S)-3-(hexadecanoyloxy)-2-[(9Z)-octadec-9-enoyloxy]propyl 2-(trimethylammonio)ethyl phosphate' 'C42 H82 N O8 P'
#
# COMPACT_ATOMS: atom_id res chain seq x y z
N PRO A 62 21.00 -12.74 -28.45
CA PRO A 62 22.36 -12.37 -28.87
C PRO A 62 23.15 -13.58 -29.36
N VAL A 63 23.42 -13.65 -30.65
CA VAL A 63 24.17 -14.76 -31.24
C VAL A 63 25.32 -14.20 -32.05
N PHE A 64 26.53 -14.68 -31.74
CA PHE A 64 27.74 -14.30 -32.46
C PHE A 64 28.37 -15.55 -33.05
N SER A 65 28.75 -15.48 -34.33
CA SER A 65 29.25 -16.66 -35.03
C SER A 65 30.56 -17.14 -34.44
N LYS A 66 31.48 -16.23 -34.16
CA LYS A 66 32.80 -16.58 -33.65
C LYS A 66 33.05 -15.87 -32.33
N PRO A 67 33.83 -16.47 -31.44
CA PRO A 67 34.19 -15.80 -30.19
C PRO A 67 35.49 -15.02 -30.31
N MET A 68 35.56 -13.93 -29.53
CA MET A 68 36.77 -13.12 -29.52
C MET A 68 37.95 -13.90 -28.95
N ASP A 69 37.77 -14.51 -27.79
CA ASP A 69 38.81 -15.30 -27.15
C ASP A 69 38.22 -16.64 -26.71
N SER A 70 38.84 -17.73 -27.16
CA SER A 70 38.34 -19.08 -26.88
C SER A 70 39.47 -19.87 -26.23
N ASN A 71 39.35 -20.09 -24.92
CA ASN A 71 40.33 -20.87 -24.18
C ASN A 71 39.87 -22.33 -24.04
N ILE A 72 39.63 -22.95 -25.19
CA ILE A 72 39.21 -24.33 -25.23
C ILE A 72 40.39 -25.25 -25.56
N LEU A 119 52.61 -25.14 -35.48
CA LEU A 119 53.56 -24.98 -34.38
C LEU A 119 53.49 -23.57 -33.80
N LYS A 120 52.63 -22.73 -34.41
CA LYS A 120 52.46 -21.36 -33.96
C LYS A 120 51.57 -21.25 -32.73
N LYS A 121 50.91 -22.36 -32.33
CA LYS A 121 50.03 -22.32 -31.16
C LYS A 121 50.80 -22.09 -29.87
N ARG A 122 52.12 -22.32 -29.86
CA ARG A 122 52.91 -22.05 -28.67
C ARG A 122 52.97 -20.55 -28.38
N ILE A 123 52.91 -19.71 -29.42
CA ILE A 123 52.88 -18.27 -29.21
C ILE A 123 51.63 -17.88 -28.43
N PHE A 124 50.46 -18.34 -28.89
CA PHE A 124 49.21 -17.96 -28.25
C PHE A 124 49.04 -18.63 -26.90
N ALA A 125 49.53 -19.86 -26.74
CA ALA A 125 49.40 -20.55 -25.47
C ALA A 125 50.25 -19.88 -24.39
N ALA A 126 51.45 -19.44 -24.75
CA ALA A 126 52.35 -18.85 -23.76
C ALA A 126 51.80 -17.55 -23.20
N VAL A 127 51.23 -16.70 -24.05
CA VAL A 127 50.71 -15.43 -23.58
C VAL A 127 49.36 -15.58 -22.87
N SER A 128 48.62 -16.66 -23.16
CA SER A 128 47.32 -16.85 -22.53
C SER A 128 47.45 -17.14 -21.05
N GLU A 129 48.30 -18.10 -20.70
CA GLU A 129 48.49 -18.45 -19.29
C GLU A 129 49.42 -17.49 -18.57
N GLY A 130 50.06 -16.57 -19.28
CA GLY A 130 50.98 -15.63 -18.67
C GLY A 130 52.37 -16.15 -18.45
N CYS A 131 52.69 -17.35 -18.92
CA CYS A 131 54.03 -17.90 -18.77
C CYS A 131 54.98 -17.13 -19.68
N VAL A 132 56.10 -16.70 -19.13
CA VAL A 132 57.06 -15.90 -19.89
C VAL A 132 58.34 -16.68 -20.18
N GLU A 133 58.74 -17.57 -19.25
CA GLU A 133 59.97 -18.33 -19.43
C GLU A 133 59.90 -19.21 -20.67
N GLU A 134 58.75 -19.84 -20.91
CA GLU A 134 58.57 -20.65 -22.12
C GLU A 134 58.45 -19.81 -23.38
N LEU A 135 58.33 -18.49 -23.25
CA LEU A 135 58.16 -17.61 -24.39
C LEU A 135 59.43 -16.89 -24.79
N VAL A 136 60.18 -16.36 -23.82
CA VAL A 136 61.31 -15.49 -24.14
C VAL A 136 62.40 -16.26 -24.90
N GLU A 137 62.72 -17.48 -24.44
CA GLU A 137 63.69 -18.28 -25.16
C GLU A 137 63.13 -18.79 -26.48
N LEU A 138 61.83 -19.10 -26.52
CA LEU A 138 61.21 -19.59 -27.74
C LEU A 138 60.98 -18.47 -28.75
N LEU A 139 60.78 -17.23 -28.27
CA LEU A 139 60.71 -16.10 -29.19
C LEU A 139 62.04 -15.86 -29.88
N VAL A 140 63.16 -16.15 -29.20
CA VAL A 140 64.47 -16.04 -29.82
C VAL A 140 64.60 -17.01 -30.98
N GLU A 141 64.06 -18.22 -30.83
CA GLU A 141 64.06 -19.19 -31.91
C GLU A 141 63.30 -18.68 -33.11
N LEU A 142 62.11 -18.14 -32.89
CA LEU A 142 61.28 -17.69 -34.00
C LEU A 142 61.97 -16.61 -34.83
N GLN A 143 62.87 -15.84 -34.22
CA GLN A 143 63.51 -14.73 -34.91
C GLN A 143 64.14 -15.17 -36.23
N GLU A 144 64.63 -16.40 -36.30
CA GLU A 144 65.38 -16.85 -37.47
C GLU A 144 64.65 -17.89 -38.32
N LEU A 145 63.38 -18.19 -38.04
CA LEU A 145 62.62 -19.00 -38.99
C LEU A 145 62.36 -18.25 -40.28
N CYS A 146 62.01 -16.97 -40.20
CA CYS A 146 61.75 -16.20 -41.42
C CYS A 146 63.02 -15.94 -42.21
N ARG A 147 64.17 -15.85 -41.52
CA ARG A 147 65.43 -15.58 -42.20
C ARG A 147 65.86 -16.75 -43.07
N ARG A 148 65.78 -17.98 -42.54
CA ARG A 148 66.18 -19.14 -43.30
C ARG A 148 65.17 -19.52 -44.37
N ARG A 149 63.95 -19.01 -44.26
CA ARG A 149 62.92 -19.27 -45.26
C ARG A 149 63.53 -19.41 -46.64
N PHE A 157 59.84 -9.73 -43.28
CA PHE A 157 59.09 -8.86 -44.18
C PHE A 157 57.59 -9.04 -43.98
N LEU A 158 57.16 -10.27 -43.68
CA LEU A 158 55.74 -10.55 -43.49
C LEU A 158 55.64 -11.66 -42.44
N MET A 159 55.54 -11.26 -41.18
CA MET A 159 55.39 -12.19 -40.06
C MET A 159 53.92 -12.56 -39.94
N HIS A 160 53.51 -13.52 -40.74
CA HIS A 160 52.18 -14.11 -40.65
C HIS A 160 52.10 -15.08 -39.47
N LYS A 161 53.20 -15.76 -39.16
CA LYS A 161 53.17 -16.92 -38.26
C LYS A 161 52.65 -16.57 -36.88
N LEU A 162 52.89 -15.36 -36.40
CA LEU A 162 52.47 -14.98 -35.06
C LEU A 162 51.09 -14.34 -35.01
N THR A 163 50.42 -14.20 -36.16
CA THR A 163 49.06 -13.69 -36.22
C THR A 163 48.12 -14.78 -36.71
N ALA A 164 46.89 -14.78 -36.21
CA ALA A 164 45.92 -15.77 -36.63
C ALA A 164 45.49 -15.53 -38.07
N SER A 165 44.84 -16.55 -38.65
CA SER A 165 44.44 -16.52 -40.05
C SER A 165 42.95 -16.27 -40.24
N ASP A 166 42.10 -17.09 -39.62
CA ASP A 166 40.66 -16.88 -39.74
C ASP A 166 40.22 -15.58 -39.08
N THR A 167 40.96 -15.12 -38.09
CA THR A 167 40.73 -13.82 -37.45
C THR A 167 42.03 -13.04 -37.45
N GLY A 168 41.91 -11.73 -37.34
CA GLY A 168 43.10 -10.90 -37.31
C GLY A 168 43.79 -10.83 -35.97
N LYS A 169 43.30 -11.55 -34.96
CA LYS A 169 43.85 -11.47 -33.63
C LYS A 169 45.30 -11.94 -33.61
N THR A 170 46.15 -11.15 -32.97
CA THR A 170 47.56 -11.46 -32.82
C THR A 170 47.86 -11.82 -31.37
N CYS A 171 49.14 -12.04 -31.07
CA CYS A 171 49.53 -12.34 -29.71
C CYS A 171 49.30 -11.16 -28.78
N LEU A 172 49.45 -9.94 -29.30
CA LEU A 172 49.19 -8.76 -28.48
C LEU A 172 47.73 -8.69 -28.06
N MET A 173 46.81 -8.97 -28.97
CA MET A 173 45.41 -9.05 -28.59
C MET A 173 45.16 -10.26 -27.69
N LYS A 174 45.85 -11.37 -27.95
CA LYS A 174 45.69 -12.56 -27.13
C LYS A 174 46.19 -12.34 -25.71
N ALA A 175 47.30 -11.60 -25.57
CA ALA A 175 47.85 -11.34 -24.24
C ALA A 175 46.91 -10.47 -23.43
N LEU A 176 46.35 -9.43 -24.05
CA LEU A 176 45.50 -8.49 -23.32
C LEU A 176 44.12 -9.05 -23.06
N LEU A 177 43.66 -9.99 -23.89
CA LEU A 177 42.34 -10.58 -23.68
C LEU A 177 42.34 -11.61 -22.55
N ASN A 178 43.51 -12.05 -22.13
CA ASN A 178 43.68 -13.09 -21.10
C ASN A 178 44.55 -12.56 -19.98
N ILE A 179 44.15 -11.42 -19.41
CA ILE A 179 45.01 -10.66 -18.52
C ILE A 179 45.38 -11.46 -17.28
N ASN A 180 46.53 -11.12 -16.71
CA ASN A 180 47.05 -11.76 -15.50
C ASN A 180 48.14 -10.86 -14.94
N PRO A 181 48.56 -11.08 -13.69
CA PRO A 181 49.64 -10.26 -13.13
C PRO A 181 50.96 -10.36 -13.91
N ASN A 182 51.12 -11.38 -14.74
CA ASN A 182 52.31 -11.52 -15.56
C ASN A 182 52.18 -10.86 -16.94
N THR A 183 51.03 -10.26 -17.24
CA THR A 183 50.80 -9.74 -18.59
C THR A 183 51.69 -8.54 -18.89
N LYS A 184 51.89 -7.67 -17.91
CA LYS A 184 52.76 -6.50 -18.11
C LYS A 184 54.19 -6.93 -18.44
N GLU A 185 54.63 -8.07 -17.92
CA GLU A 185 55.94 -8.60 -18.23
C GLU A 185 56.04 -9.19 -19.63
N ILE A 186 54.92 -9.35 -20.32
CA ILE A 186 54.90 -9.94 -21.65
C ILE A 186 54.77 -8.88 -22.74
N VAL A 187 54.00 -7.83 -22.47
CA VAL A 187 53.72 -6.84 -23.50
C VAL A 187 54.98 -6.06 -23.88
N ARG A 188 55.87 -5.81 -22.90
CA ARG A 188 57.07 -5.05 -23.19
C ARG A 188 58.02 -5.82 -24.10
N ILE A 189 58.16 -7.13 -23.88
CA ILE A 189 59.07 -7.91 -24.72
C ILE A 189 58.41 -8.27 -26.04
N LEU A 190 57.08 -8.37 -26.06
CA LEU A 190 56.39 -8.69 -27.30
C LEU A 190 56.54 -7.58 -28.33
N LEU A 191 56.47 -6.32 -27.87
CA LEU A 191 56.66 -5.20 -28.79
C LEU A 191 58.12 -5.10 -29.24
N ALA A 192 59.05 -5.45 -28.36
CA ALA A 192 60.47 -5.39 -28.72
C ALA A 192 60.80 -6.37 -29.83
N PHE A 193 60.06 -7.47 -29.93
CA PHE A 193 60.26 -8.41 -31.03
C PHE A 193 59.95 -7.76 -32.37
N ALA A 194 58.86 -6.99 -32.44
CA ALA A 194 58.50 -6.31 -33.68
C ALA A 194 59.46 -5.18 -34.02
N GLU A 195 60.17 -4.63 -33.03
CA GLU A 195 61.16 -3.61 -33.30
C GLU A 195 62.32 -4.17 -34.10
N GLU A 196 62.75 -5.40 -33.78
CA GLU A 196 63.87 -6.00 -34.49
C GLU A 196 63.51 -6.32 -35.93
N ASN A 197 62.28 -6.79 -36.17
CA ASN A 197 61.82 -7.06 -37.52
C ASN A 197 61.27 -5.83 -38.22
N ASP A 198 61.19 -4.69 -37.52
CA ASP A 198 60.72 -3.43 -38.07
C ASP A 198 59.30 -3.56 -38.63
N ILE A 199 58.47 -4.33 -37.95
CA ILE A 199 57.07 -4.51 -38.32
C ILE A 199 56.12 -4.03 -37.23
N LEU A 200 56.60 -3.11 -36.38
CA LEU A 200 55.76 -2.60 -35.29
C LEU A 200 54.58 -1.81 -35.82
N GLY A 201 54.70 -1.24 -37.02
CA GLY A 201 53.58 -0.52 -37.60
C GLY A 201 52.40 -1.42 -37.91
N ARG A 202 52.67 -2.56 -38.54
CA ARG A 202 51.61 -3.52 -38.83
C ARG A 202 51.21 -4.31 -37.59
N PHE A 203 52.14 -4.53 -36.66
CA PHE A 203 51.82 -5.31 -35.48
C PHE A 203 50.93 -4.55 -34.53
N ILE A 204 51.25 -3.28 -34.27
CA ILE A 204 50.44 -2.48 -33.35
C ILE A 204 49.09 -2.16 -33.97
N ASN A 205 49.07 -1.78 -35.25
CA ASN A 205 47.83 -1.45 -35.94
C ASN A 205 47.14 -2.69 -36.52
N ALA A 206 47.38 -3.86 -35.95
CA ALA A 206 46.74 -5.08 -36.44
C ALA A 206 45.24 -5.00 -36.24
N GLU A 207 44.50 -5.46 -37.25
CA GLU A 207 43.07 -5.31 -37.32
C GLU A 207 42.39 -6.68 -37.24
N TYR A 208 41.27 -6.74 -36.53
CA TYR A 208 40.43 -7.92 -36.58
C TYR A 208 39.84 -8.07 -37.97
N THR A 209 39.40 -9.29 -38.29
CA THR A 209 38.88 -9.56 -39.62
C THR A 209 37.52 -10.26 -39.62
N GLU A 210 37.02 -10.70 -38.46
CA GLU A 210 35.67 -11.24 -38.41
C GLU A 210 34.65 -10.15 -38.66
N GLU A 211 33.53 -10.54 -39.27
CA GLU A 211 32.47 -9.57 -39.55
C GLU A 211 31.82 -9.07 -38.27
N ALA A 212 31.72 -9.93 -37.25
CA ALA A 212 31.14 -9.51 -35.97
C ALA A 212 32.03 -8.48 -35.28
N TYR A 213 33.29 -8.84 -35.11
CA TYR A 213 34.26 -7.92 -34.49
C TYR A 213 35.26 -7.51 -35.55
N GLU A 214 35.08 -6.32 -36.11
CA GLU A 214 35.95 -5.82 -37.16
C GLU A 214 36.51 -4.48 -36.74
N GLY A 215 37.81 -4.28 -36.94
CA GLY A 215 38.44 -3.03 -36.62
C GLY A 215 38.97 -2.91 -35.20
N GLN A 216 38.74 -3.91 -34.36
CA GLN A 216 39.25 -3.86 -32.99
C GLN A 216 40.76 -3.98 -33.00
N THR A 217 41.44 -3.08 -32.29
CA THR A 217 42.88 -3.04 -32.22
C THR A 217 43.36 -3.39 -30.81
N ALA A 218 44.68 -3.47 -30.66
CA ALA A 218 45.25 -3.79 -29.36
C ALA A 218 45.01 -2.68 -28.35
N LEU A 219 45.00 -1.42 -28.79
CA LEU A 219 44.70 -0.32 -27.89
C LEU A 219 43.26 -0.41 -27.39
N ASN A 220 42.34 -0.85 -28.24
CA ASN A 220 40.95 -0.96 -27.85
C ASN A 220 40.77 -1.98 -26.73
N ILE A 221 41.47 -3.11 -26.81
CA ILE A 221 41.35 -4.12 -25.76
C ILE A 221 42.04 -3.67 -24.49
N ALA A 222 43.17 -2.97 -24.61
CA ALA A 222 43.89 -2.50 -23.43
C ALA A 222 43.08 -1.47 -22.67
N ILE A 223 42.37 -0.60 -23.39
CA ILE A 223 41.53 0.40 -22.75
C ILE A 223 40.35 -0.27 -22.05
N GLU A 224 39.79 -1.31 -22.67
CA GLU A 224 38.64 -1.99 -22.08
C GLU A 224 39.00 -2.68 -20.77
N ARG A 225 40.19 -3.27 -20.70
CA ARG A 225 40.57 -4.05 -19.52
C ARG A 225 41.18 -3.18 -18.43
N ARG A 226 40.56 -2.03 -18.19
CA ARG A 226 40.86 -1.10 -17.09
C ARG A 226 42.35 -0.92 -16.82
N GLN A 227 43.16 -0.81 -17.86
CA GLN A 227 44.61 -0.78 -17.72
C GLN A 227 45.17 0.47 -18.41
N GLY A 228 45.44 1.51 -17.63
CA GLY A 228 46.08 2.69 -18.17
C GLY A 228 47.57 2.60 -18.34
N ASP A 229 48.18 1.53 -17.83
CA ASP A 229 49.63 1.37 -17.94
C ASP A 229 50.02 0.94 -19.35
N ILE A 230 49.47 -0.17 -19.82
CA ILE A 230 49.77 -0.66 -21.16
C ILE A 230 49.16 0.28 -22.20
N ALA A 231 47.98 0.83 -21.92
CA ALA A 231 47.31 1.72 -22.86
C ALA A 231 48.16 2.95 -23.15
N ALA A 232 48.78 3.52 -22.12
CA ALA A 232 49.71 4.62 -22.35
C ALA A 232 50.96 4.13 -23.08
N LEU A 233 51.40 2.90 -22.79
CA LEU A 233 52.58 2.36 -23.45
C LEU A 233 52.33 2.13 -24.94
N LEU A 234 51.16 1.63 -25.29
CA LEU A 234 50.85 1.39 -26.70
C LEU A 234 50.74 2.71 -27.46
N ILE A 235 50.07 3.71 -26.87
CA ILE A 235 49.94 5.00 -27.52
C ILE A 235 51.30 5.65 -27.71
N ALA A 236 52.15 5.56 -26.68
CA ALA A 236 53.52 6.05 -26.82
C ALA A 236 54.32 5.24 -27.83
N ALA A 237 53.93 4.00 -28.09
CA ALA A 237 54.59 3.18 -29.10
C ALA A 237 54.08 3.45 -30.50
N GLY A 238 53.10 4.33 -30.66
CA GLY A 238 52.59 4.65 -31.98
C GLY A 238 51.28 3.95 -32.30
N ALA A 239 50.42 3.80 -31.30
CA ALA A 239 49.14 3.15 -31.51
C ALA A 239 48.24 4.00 -32.39
N ASP A 240 47.42 3.33 -33.20
CA ASP A 240 46.49 4.03 -34.07
C ASP A 240 45.36 4.63 -33.24
N VAL A 241 45.55 5.85 -32.75
CA VAL A 241 44.47 6.57 -32.09
C VAL A 241 43.37 6.83 -33.13
N ASN A 242 42.15 7.02 -32.63
CA ASN A 242 40.93 7.22 -33.43
C ASN A 242 40.83 6.21 -34.58
N ALA A 243 41.08 4.94 -34.24
CA ALA A 243 40.83 3.84 -35.14
C ALA A 243 39.47 3.23 -34.81
N HIS A 244 38.63 3.05 -35.82
CA HIS A 244 37.23 2.72 -35.61
C HIS A 244 37.02 1.22 -35.65
N ALA A 245 36.33 0.70 -34.63
CA ALA A 245 35.99 -0.72 -34.56
C ALA A 245 34.62 -0.91 -35.20
N LYS A 246 34.62 -0.97 -36.53
CA LYS A 246 33.38 -1.00 -37.32
C LYS A 246 32.84 -2.41 -37.48
N GLY A 247 32.68 -3.13 -36.38
CA GLY A 247 32.17 -4.48 -36.42
C GLY A 247 30.69 -4.54 -36.14
N ALA A 248 30.07 -5.66 -36.53
CA ALA A 248 28.65 -5.84 -36.25
C ALA A 248 28.40 -5.99 -34.75
N PHE A 249 29.35 -6.56 -34.03
CA PHE A 249 29.22 -6.65 -32.58
C PHE A 249 29.32 -5.27 -31.94
N PHE A 250 30.29 -4.47 -32.36
CA PHE A 250 30.47 -3.14 -31.79
C PHE A 250 29.36 -2.19 -32.21
N ASN A 251 28.60 -2.53 -33.25
CA ASN A 251 27.50 -1.72 -33.75
C ASN A 251 26.25 -2.58 -33.81
N PRO A 252 25.66 -2.88 -32.66
CA PRO A 252 24.52 -3.80 -32.65
C PRO A 252 23.27 -3.16 -33.24
N LYS A 253 22.39 -4.02 -33.77
CA LYS A 253 21.13 -3.54 -34.30
C LYS A 253 20.16 -3.14 -33.20
N TYR A 254 20.38 -3.61 -31.97
CA TYR A 254 19.51 -3.29 -30.85
C TYR A 254 20.40 -3.03 -29.63
N GLN A 255 19.78 -2.92 -28.46
CA GLN A 255 20.54 -2.71 -27.24
C GLN A 255 21.20 -3.99 -26.77
N HIS A 256 20.54 -5.13 -26.94
CA HIS A 256 21.00 -6.39 -26.40
C HIS A 256 21.82 -7.21 -27.39
N GLU A 257 22.13 -6.69 -28.57
CA GLU A 257 22.85 -7.45 -29.57
C GLU A 257 24.34 -7.17 -29.56
N GLY A 258 24.84 -6.37 -28.63
CA GLY A 258 26.26 -6.07 -28.59
C GLY A 258 26.56 -4.97 -27.59
N PHE A 259 27.71 -4.32 -27.80
CA PHE A 259 28.18 -3.25 -26.94
C PHE A 259 28.54 -2.08 -27.84
N TYR A 260 27.69 -1.07 -27.91
CA TYR A 260 27.95 0.13 -28.68
C TYR A 260 28.52 1.21 -27.76
N PHE A 261 29.64 1.79 -28.16
CA PHE A 261 30.30 2.79 -27.35
C PHE A 261 30.83 3.96 -28.15
N GLY A 262 30.52 4.05 -29.44
CA GLY A 262 31.06 5.10 -30.28
C GLY A 262 32.17 4.67 -31.20
N GLU A 263 32.65 3.43 -31.05
CA GLU A 263 33.60 2.82 -31.98
C GLU A 263 34.91 3.60 -32.07
N THR A 264 35.35 4.19 -30.97
CA THR A 264 36.63 4.87 -30.91
C THR A 264 37.29 4.59 -29.57
N PRO A 265 38.63 4.55 -29.53
CA PRO A 265 39.30 4.37 -28.23
C PRO A 265 39.01 5.47 -27.24
N LEU A 266 38.80 6.70 -27.71
CA LEU A 266 38.47 7.79 -26.79
C LEU A 266 37.08 7.63 -26.19
N ALA A 267 36.11 7.25 -27.02
CA ALA A 267 34.75 7.07 -26.51
C ALA A 267 34.62 5.80 -25.69
N LEU A 268 35.42 4.78 -25.99
CA LEU A 268 35.40 3.57 -25.15
C LEU A 268 35.90 3.87 -23.75
N ALA A 269 36.97 4.64 -23.63
CA ALA A 269 37.41 5.08 -22.30
C ALA A 269 36.41 6.02 -21.68
N ALA A 270 35.67 6.78 -22.50
CA ALA A 270 34.64 7.65 -21.98
C ALA A 270 33.36 6.89 -21.62
N CYS A 271 33.00 5.89 -22.42
CA CYS A 271 31.82 5.09 -22.10
C CYS A 271 32.04 4.22 -20.88
N THR A 272 33.26 3.70 -20.72
CA THR A 272 33.66 3.15 -19.43
C THR A 272 34.00 4.31 -18.49
N ASN A 273 34.27 3.99 -17.23
CA ASN A 273 34.51 5.02 -16.23
C ASN A 273 35.98 5.29 -16.00
N GLN A 274 36.80 5.28 -17.05
CA GLN A 274 38.21 5.56 -16.91
C GLN A 274 38.50 6.96 -17.42
N PRO A 275 38.54 7.97 -16.55
CA PRO A 275 38.81 9.33 -17.05
C PRO A 275 40.28 9.61 -17.27
N GLU A 276 41.18 8.86 -16.63
CA GLU A 276 42.61 9.11 -16.80
C GLU A 276 43.05 8.81 -18.23
N ILE A 277 42.56 7.70 -18.80
CA ILE A 277 42.89 7.40 -20.20
C ILE A 277 42.23 8.42 -21.12
N VAL A 278 41.04 8.90 -20.77
CA VAL A 278 40.44 9.99 -21.53
C VAL A 278 41.34 11.22 -21.49
N GLN A 279 41.78 11.62 -20.30
CA GLN A 279 42.63 12.80 -20.16
C GLN A 279 43.92 12.65 -20.95
N LEU A 280 44.48 11.43 -20.97
CA LEU A 280 45.66 11.19 -21.80
C LEU A 280 45.32 11.31 -23.28
N LEU A 281 44.13 10.87 -23.68
CA LEU A 281 43.76 10.90 -25.10
C LEU A 281 43.40 12.30 -25.56
N MET A 282 42.84 13.12 -24.67
CA MET A 282 42.59 14.52 -25.01
C MET A 282 43.90 15.27 -25.25
N GLU A 283 44.92 14.99 -24.45
CA GLU A 283 46.18 15.71 -24.56
C GLU A 283 47.00 15.28 -25.77
N HIS A 284 46.71 14.12 -26.34
CA HIS A 284 47.43 13.66 -27.52
C HIS A 284 47.11 14.55 -28.73
N GLU A 285 48.13 14.84 -29.54
CA GLU A 285 47.94 15.72 -30.68
C GLU A 285 47.18 15.03 -31.81
N GLN A 286 47.45 13.76 -32.06
CA GLN A 286 46.86 13.05 -33.19
C GLN A 286 45.39 12.70 -32.97
N THR A 287 44.88 12.84 -31.76
CA THR A 287 43.49 12.45 -31.48
C THR A 287 42.53 13.41 -32.15
N ASP A 288 41.60 12.86 -32.93
CA ASP A 288 40.55 13.64 -33.58
C ASP A 288 39.32 13.60 -32.68
N ILE A 289 39.02 14.73 -32.04
CA ILE A 289 37.88 14.80 -31.13
C ILE A 289 36.57 14.69 -31.90
N THR A 290 36.41 15.50 -32.94
CA THR A 290 35.19 15.52 -33.72
C THR A 290 35.26 14.47 -34.84
N SER A 291 35.31 13.22 -34.40
CA SER A 291 35.37 12.08 -35.30
C SER A 291 34.05 11.33 -35.21
N ARG A 292 33.47 11.01 -36.36
CA ARG A 292 32.16 10.39 -36.44
C ARG A 292 32.31 8.94 -36.87
N ASP A 293 31.65 8.04 -36.14
CA ASP A 293 31.75 6.62 -36.43
C ASP A 293 30.72 6.24 -37.50
N SER A 294 30.51 4.93 -37.68
CA SER A 294 29.65 4.44 -38.76
C SER A 294 28.19 4.80 -38.55
N ARG A 295 27.78 5.15 -37.33
CA ARG A 295 26.43 5.62 -37.07
C ARG A 295 26.29 7.11 -37.23
N GLY A 296 27.36 7.80 -37.63
CA GLY A 296 27.33 9.25 -37.68
C GLY A 296 27.36 9.92 -36.32
N ASN A 297 27.68 9.17 -35.27
CA ASN A 297 27.65 9.70 -33.91
C ASN A 297 28.91 10.51 -33.63
N ASN A 298 29.16 10.78 -32.36
CA ASN A 298 30.28 11.60 -31.92
C ASN A 298 30.72 11.07 -30.56
N ILE A 299 31.66 11.77 -29.93
CA ILE A 299 32.00 11.43 -28.55
C ILE A 299 30.84 11.75 -27.63
N LEU A 300 30.10 12.82 -27.93
CA LEU A 300 28.97 13.21 -27.10
C LEU A 300 27.70 12.45 -27.44
N HIS A 301 27.52 12.08 -28.71
CA HIS A 301 26.39 11.23 -29.06
C HIS A 301 26.49 9.87 -28.38
N ALA A 302 27.71 9.31 -28.34
CA ALA A 302 27.89 8.00 -27.73
C ALA A 302 27.64 8.04 -26.23
N LEU A 303 28.04 9.13 -25.56
CA LEU A 303 27.77 9.26 -24.13
C LEU A 303 26.28 9.39 -23.86
N VAL A 304 25.54 10.05 -24.75
CA VAL A 304 24.10 10.16 -24.58
C VAL A 304 23.44 8.79 -24.67
N THR A 305 23.92 7.95 -25.59
CA THR A 305 23.30 6.64 -25.78
C THR A 305 23.52 5.73 -24.58
N VAL A 306 24.71 5.80 -23.95
CA VAL A 306 25.03 4.88 -22.87
C VAL A 306 24.56 5.38 -21.51
N ALA A 307 23.93 6.53 -21.44
CA ALA A 307 23.37 7.00 -20.18
C ALA A 307 22.09 6.24 -19.86
N GLU A 308 21.43 6.62 -18.77
CA GLU A 308 20.17 6.00 -18.39
C GLU A 308 19.23 7.06 -17.85
N ASP A 309 17.93 6.85 -18.06
CA ASP A 309 16.91 7.75 -17.55
C ASP A 309 16.65 7.56 -16.06
N PHE A 310 16.97 6.39 -15.51
CA PHE A 310 16.78 6.15 -14.08
C PHE A 310 17.84 6.91 -13.29
N LYS A 311 17.39 7.64 -12.26
CA LYS A 311 18.30 8.45 -11.46
C LYS A 311 19.22 7.51 -10.67
N THR A 312 20.52 7.58 -10.96
CA THR A 312 21.52 6.82 -10.26
C THR A 312 22.37 7.76 -9.40
N GLN A 313 22.80 7.24 -8.24
CA GLN A 313 23.55 8.07 -7.30
C GLN A 313 24.90 8.47 -7.88
N ASN A 314 25.59 7.55 -8.56
CA ASN A 314 26.91 7.80 -9.12
C ASN A 314 26.86 7.50 -10.61
N ASP A 315 26.48 8.49 -11.40
CA ASP A 315 26.45 8.39 -12.85
C ASP A 315 27.59 9.23 -13.42
N PHE A 316 28.53 8.57 -14.08
CA PHE A 316 29.71 9.22 -14.62
C PHE A 316 29.45 9.90 -15.97
N VAL A 317 28.34 9.57 -16.63
CA VAL A 317 28.15 10.04 -18.00
C VAL A 317 27.98 11.56 -18.03
N LYS A 318 27.08 12.09 -17.21
CA LYS A 318 26.93 13.54 -17.14
C LYS A 318 28.14 14.20 -16.48
N ARG A 319 28.89 13.46 -15.68
CA ARG A 319 30.13 14.00 -15.13
C ARG A 319 31.23 14.03 -16.18
N MET A 320 31.23 13.05 -17.09
CA MET A 320 32.23 12.99 -18.14
C MET A 320 31.81 13.77 -19.38
N TYR A 321 30.51 14.04 -19.53
CA TYR A 321 30.07 14.98 -20.56
C TYR A 321 30.66 16.36 -20.32
N ASP A 322 30.76 16.77 -19.06
CA ASP A 322 31.34 18.06 -18.73
C ASP A 322 32.82 18.11 -19.09
N MET A 323 33.55 17.04 -18.79
CA MET A 323 35.00 17.05 -18.99
C MET A 323 35.35 17.12 -20.46
N ILE A 324 34.68 16.33 -21.30
CA ILE A 324 35.02 16.27 -22.71
C ILE A 324 34.61 17.57 -23.41
N LEU A 325 33.47 18.13 -23.05
CA LEU A 325 32.98 19.34 -23.71
C LEU A 325 33.83 20.55 -23.34
N LEU A 326 34.15 20.69 -22.06
CA LEU A 326 34.92 21.85 -21.61
C LEU A 326 36.32 21.86 -22.21
N ARG A 327 36.98 20.70 -22.26
CA ARG A 327 38.33 20.63 -22.81
C ARG A 327 38.33 20.96 -24.30
N SER A 328 37.28 20.55 -25.02
CA SER A 328 37.12 21.00 -26.39
C SER A 328 36.90 22.50 -26.46
N GLY A 329 36.01 23.01 -25.61
CA GLY A 329 35.83 24.45 -25.44
C GLY A 329 35.33 25.19 -26.66
N ASN A 330 34.44 24.56 -27.41
CA ASN A 330 33.88 25.21 -28.57
C ASN A 330 32.51 24.64 -28.89
N TRP A 331 31.82 25.27 -29.83
CA TRP A 331 30.48 24.83 -30.21
C TRP A 331 30.49 24.03 -31.51
N GLU A 332 31.16 22.88 -31.48
CA GLU A 332 31.14 22.00 -32.64
C GLU A 332 30.77 20.58 -32.23
N LEU A 333 31.02 20.23 -30.97
CA LEU A 333 30.59 18.91 -30.50
C LEU A 333 29.09 18.90 -30.24
N GLU A 334 28.54 20.02 -29.77
CA GLU A 334 27.11 20.12 -29.49
C GLU A 334 26.29 20.48 -30.73
N THR A 335 26.95 20.80 -31.85
CA THR A 335 26.25 21.14 -33.08
C THR A 335 26.43 20.12 -34.19
N THR A 336 27.33 19.15 -34.02
CA THR A 336 27.57 18.17 -35.07
C THR A 336 26.36 17.26 -35.23
N ARG A 337 25.89 17.14 -36.46
CA ARG A 337 24.66 16.40 -36.73
C ARG A 337 24.94 14.91 -36.81
N ASN A 338 23.91 14.13 -36.47
CA ASN A 338 23.95 12.68 -36.56
C ASN A 338 23.73 12.24 -38.00
N ASN A 339 23.85 10.93 -38.25
CA ASN A 339 23.51 10.40 -39.56
C ASN A 339 22.01 10.47 -39.81
N ASP A 340 21.21 10.10 -38.81
CA ASP A 340 19.77 10.34 -38.88
C ASP A 340 19.48 11.83 -38.88
N GLY A 341 20.36 12.62 -38.30
CA GLY A 341 20.22 14.06 -38.23
C GLY A 341 19.70 14.47 -36.89
N LEU A 342 20.61 14.66 -35.93
CA LEU A 342 20.26 14.88 -34.53
C LEU A 342 21.47 15.39 -33.77
N THR A 343 21.34 16.54 -33.13
CA THR A 343 22.41 17.04 -32.28
C THR A 343 22.45 16.23 -30.99
N PRO A 344 23.53 16.33 -30.22
CA PRO A 344 23.55 15.65 -28.91
C PRO A 344 22.44 16.10 -27.99
N LEU A 345 21.94 17.33 -28.15
CA LEU A 345 20.76 17.75 -27.40
C LEU A 345 19.54 16.95 -27.81
N GLN A 346 19.26 16.87 -29.11
CA GLN A 346 18.04 16.20 -29.58
C GLN A 346 18.11 14.70 -29.36
N LEU A 347 19.32 14.13 -29.41
CA LEU A 347 19.46 12.68 -29.23
C LEU A 347 19.05 12.27 -27.81
N ALA A 348 19.32 13.12 -26.83
CA ALA A 348 18.89 12.81 -25.46
C ALA A 348 17.38 12.86 -25.33
N ALA A 349 16.71 13.66 -26.17
CA ALA A 349 15.26 13.70 -26.14
C ALA A 349 14.66 12.48 -26.84
N LYS A 350 15.28 12.04 -27.93
CA LYS A 350 14.79 10.87 -28.64
C LYS A 350 14.94 9.60 -27.82
N MET A 351 16.05 9.47 -27.10
CA MET A 351 16.27 8.30 -26.25
C MET A 351 15.70 8.47 -24.85
N GLY A 352 15.14 9.64 -24.54
CA GLY A 352 14.56 9.86 -23.23
C GLY A 352 15.55 9.93 -22.09
N LYS A 353 16.68 10.60 -22.29
CA LYS A 353 17.69 10.76 -21.24
C LYS A 353 17.38 12.05 -20.48
N ALA A 354 16.69 11.93 -19.35
CA ALA A 354 16.23 13.10 -18.64
C ALA A 354 17.37 13.80 -17.90
N GLU A 355 18.29 13.03 -17.32
CA GLU A 355 19.37 13.63 -16.55
C GLU A 355 20.33 14.42 -17.43
N ILE A 356 20.62 13.90 -18.63
CA ILE A 356 21.46 14.64 -19.55
C ILE A 356 20.73 15.84 -20.10
N LEU A 357 19.43 15.69 -20.42
CA LEU A 357 18.66 16.82 -20.91
C LEU A 357 18.55 17.92 -19.87
N LYS A 358 18.34 17.56 -18.61
CA LYS A 358 18.30 18.56 -17.55
C LYS A 358 19.66 19.23 -17.37
N TYR A 359 20.74 18.48 -17.57
CA TYR A 359 22.07 19.06 -17.42
C TYR A 359 22.41 19.96 -18.61
N ILE A 360 22.10 19.51 -19.82
CA ILE A 360 22.47 20.28 -21.01
C ILE A 360 21.67 21.57 -21.09
N LEU A 361 20.35 21.47 -20.90
CA LEU A 361 19.49 22.64 -21.06
C LEU A 361 19.77 23.70 -19.99
N SER A 362 20.26 23.29 -18.82
CA SER A 362 20.55 24.19 -17.71
C SER A 362 22.05 24.23 -17.44
N ARG A 363 22.86 24.14 -18.48
CA ARG A 363 24.31 24.16 -18.33
C ARG A 363 24.78 25.60 -18.21
N GLU A 364 25.36 25.94 -17.06
CA GLU A 364 25.90 27.28 -16.81
C GLU A 364 27.37 27.15 -16.48
N ILE A 365 28.21 27.89 -17.20
CA ILE A 365 29.65 27.90 -17.00
C ILE A 365 30.02 29.21 -16.30
N LYS A 366 30.58 29.10 -15.10
CA LYS A 366 30.86 30.30 -14.31
C LYS A 366 32.07 31.05 -14.84
N GLU A 367 33.14 30.34 -15.21
CA GLU A 367 34.38 30.99 -15.56
C GLU A 367 34.30 31.67 -16.92
N LYS A 368 35.14 32.68 -17.12
CA LYS A 368 35.22 33.35 -18.40
C LYS A 368 35.92 32.45 -19.42
N ARG A 369 35.88 32.88 -20.69
CA ARG A 369 36.44 32.22 -21.86
C ARG A 369 35.68 30.94 -22.21
N LEU A 370 34.81 30.51 -21.30
CA LEU A 370 33.98 29.33 -21.52
C LEU A 370 32.51 29.60 -21.23
N ARG A 371 32.14 30.84 -20.90
CA ARG A 371 30.75 31.17 -20.70
C ARG A 371 29.95 31.15 -21.99
N SER A 372 30.60 31.17 -23.15
CA SER A 372 29.90 30.99 -24.41
C SER A 372 29.37 29.56 -24.58
N LEU A 373 29.83 28.63 -23.75
CA LEU A 373 29.33 27.25 -23.75
C LEU A 373 28.20 27.05 -22.75
N SER A 374 27.43 28.09 -22.47
CA SER A 374 26.36 28.01 -21.48
C SER A 374 25.01 28.16 -22.18
N ARG A 375 24.05 27.34 -21.76
CA ARG A 375 22.69 27.42 -22.26
C ARG A 375 21.76 28.16 -21.31
N LYS A 376 22.26 28.64 -20.18
CA LYS A 376 21.44 29.37 -19.22
C LYS A 376 22.33 30.36 -18.49
N PHE A 377 22.02 31.64 -18.63
CA PHE A 377 22.79 32.71 -18.01
C PHE A 377 21.90 33.33 -16.95
N THR A 378 22.17 33.04 -15.68
CA THR A 378 21.37 33.61 -14.61
C THR A 378 21.63 35.11 -14.50
N ASP A 379 20.56 35.90 -14.55
CA ASP A 379 20.70 37.35 -14.56
C ASP A 379 20.89 37.90 -13.15
N TRP A 380 19.91 37.65 -12.27
CA TRP A 380 20.00 38.10 -10.90
C TRP A 380 19.23 37.13 -10.01
N ALA A 381 19.59 37.11 -8.74
CA ALA A 381 18.92 36.30 -7.75
C ALA A 381 18.76 37.10 -6.48
N TYR A 382 17.62 36.94 -5.81
CA TYR A 382 17.36 37.66 -4.57
C TYR A 382 16.48 36.77 -3.70
N GLY A 383 17.09 36.00 -2.81
CA GLY A 383 16.36 35.08 -1.98
C GLY A 383 15.79 33.93 -2.79
N PRO A 384 14.48 33.69 -2.66
CA PRO A 384 13.87 32.56 -3.37
C PRO A 384 13.76 32.78 -4.86
N VAL A 385 13.60 34.02 -5.32
CA VAL A 385 13.35 34.32 -6.72
C VAL A 385 14.67 34.57 -7.43
N SER A 386 14.87 33.91 -8.56
CA SER A 386 16.02 34.13 -9.42
C SER A 386 15.54 34.18 -10.86
N SER A 387 15.99 35.19 -11.58
CA SER A 387 15.53 35.42 -12.96
C SER A 387 16.57 34.84 -13.92
N SER A 388 16.53 33.52 -14.09
CA SER A 388 17.41 32.85 -15.03
C SER A 388 16.98 33.18 -16.45
N LEU A 389 17.95 33.25 -17.35
CA LEU A 389 17.74 33.67 -18.73
C LEU A 389 18.24 32.55 -19.63
N TYR A 390 17.33 31.68 -20.05
CA TYR A 390 17.67 30.46 -20.75
C TYR A 390 17.91 30.73 -22.23
N ASP A 391 18.50 29.74 -22.89
CA ASP A 391 18.74 29.77 -24.32
C ASP A 391 17.92 28.68 -24.98
N LEU A 392 17.22 29.03 -26.05
CA LEU A 392 16.42 28.07 -26.82
C LEU A 392 16.74 28.18 -28.30
N THR A 393 18.03 28.22 -28.63
CA THR A 393 18.42 28.24 -30.04
C THR A 393 18.11 26.93 -30.75
N ASN A 394 17.80 25.87 -30.01
CA ASN A 394 17.38 24.61 -30.62
C ASN A 394 16.26 23.94 -29.84
N VAL A 395 15.51 24.69 -29.04
CA VAL A 395 14.45 24.14 -28.22
C VAL A 395 13.07 24.54 -28.75
N ASP A 396 12.89 25.80 -29.12
CA ASP A 396 11.62 26.23 -29.68
C ASP A 396 11.37 25.53 -31.01
N THR A 397 10.10 25.49 -31.40
CA THR A 397 9.69 24.82 -32.62
C THR A 397 9.93 25.65 -33.89
N THR A 398 10.80 26.67 -33.81
CA THR A 398 11.10 27.46 -35.00
C THR A 398 11.83 26.62 -36.05
N THR A 399 12.74 25.75 -35.62
CA THR A 399 13.41 24.84 -36.53
C THR A 399 12.70 23.49 -36.56
N ASP A 400 13.19 22.61 -37.42
CA ASP A 400 12.64 21.27 -37.53
C ASP A 400 13.33 20.34 -36.54
N ASN A 401 12.58 19.35 -36.05
CA ASN A 401 13.14 18.38 -35.10
C ASN A 401 13.61 19.03 -33.81
N SER A 402 12.82 19.97 -33.29
CA SER A 402 13.18 20.61 -32.04
C SER A 402 13.11 19.61 -30.89
N VAL A 403 13.87 19.90 -29.83
CA VAL A 403 13.82 19.02 -28.66
C VAL A 403 12.46 19.11 -27.99
N LEU A 404 11.77 20.25 -28.10
CA LEU A 404 10.41 20.33 -27.58
C LEU A 404 9.45 19.51 -28.41
N GLU A 405 9.54 19.58 -29.73
CA GLU A 405 8.68 18.78 -30.58
C GLU A 405 8.97 17.29 -30.42
N ILE A 406 10.25 16.94 -30.33
CA ILE A 406 10.63 15.53 -30.20
C ILE A 406 10.14 14.97 -28.86
N THR A 407 10.27 15.75 -27.79
CA THR A 407 9.98 15.20 -26.46
C THR A 407 8.50 15.09 -26.15
N VAL A 408 7.63 15.75 -26.91
CA VAL A 408 6.20 15.66 -26.62
C VAL A 408 5.54 14.51 -27.38
N TYR A 409 6.00 14.22 -28.58
CA TYR A 409 5.48 13.09 -29.32
C TYR A 409 6.04 11.79 -28.73
N ASN A 410 5.50 10.67 -29.19
CA ASN A 410 5.91 9.39 -28.62
C ASN A 410 7.24 8.94 -29.20
N THR A 411 8.22 9.84 -29.23
CA THR A 411 9.59 9.50 -29.58
C THR A 411 10.41 9.13 -28.36
N ASN A 412 10.06 9.65 -27.18
CA ASN A 412 10.57 9.17 -25.91
C ASN A 412 9.68 8.05 -25.40
N ILE A 413 10.24 7.17 -24.59
CA ILE A 413 9.50 6.04 -24.05
C ILE A 413 9.57 6.08 -22.54
N ASP A 414 8.40 5.87 -21.90
CA ASP A 414 8.24 5.61 -20.46
C ASP A 414 8.85 6.70 -19.58
N ASN A 415 9.31 7.80 -20.18
CA ASN A 415 9.83 8.92 -19.41
C ASN A 415 9.63 10.21 -20.18
N ARG A 416 8.48 10.86 -20.00
CA ARG A 416 8.19 12.09 -20.71
C ARG A 416 7.90 13.25 -19.78
N HIS A 417 7.01 13.06 -18.80
CA HIS A 417 6.64 14.16 -17.91
C HIS A 417 7.79 14.54 -16.98
N GLU A 418 8.64 13.58 -16.63
CA GLU A 418 9.81 13.89 -15.82
C GLU A 418 10.86 14.68 -16.58
N MET A 419 10.72 14.82 -17.91
CA MET A 419 11.59 15.69 -18.67
C MET A 419 10.84 16.66 -19.57
N LEU A 420 9.52 16.61 -19.61
CA LEU A 420 8.76 17.71 -20.21
C LEU A 420 8.54 18.84 -19.23
N THR A 421 8.88 18.65 -17.96
CA THR A 421 8.80 19.69 -16.95
C THR A 421 10.10 20.45 -16.79
N LEU A 422 11.10 20.17 -17.61
CA LEU A 422 12.36 20.90 -17.54
C LEU A 422 12.14 22.36 -17.88
N GLU A 423 12.91 23.23 -17.22
CA GLU A 423 12.60 24.66 -17.23
C GLU A 423 12.58 25.32 -18.60
N PRO A 424 13.51 25.06 -19.53
CA PRO A 424 13.45 25.79 -20.81
C PRO A 424 12.21 25.48 -21.62
N LEU A 425 11.60 24.32 -21.43
CA LEU A 425 10.47 23.89 -22.23
C LEU A 425 9.21 23.58 -21.46
N HIS A 426 9.25 23.59 -20.12
CA HIS A 426 8.00 23.52 -19.36
C HIS A 426 7.22 24.82 -19.48
N THR A 427 7.91 25.95 -19.42
CA THR A 427 7.27 27.25 -19.61
C THR A 427 7.17 27.63 -21.08
N LEU A 428 7.80 26.87 -21.98
CA LEU A 428 7.59 27.11 -23.40
C LEU A 428 6.18 26.76 -23.81
N LEU A 429 5.60 25.72 -23.20
CA LEU A 429 4.23 25.33 -23.49
C LEU A 429 3.21 26.23 -22.80
N HIS A 430 3.52 26.71 -21.59
CA HIS A 430 2.59 27.58 -20.89
C HIS A 430 2.41 28.90 -21.61
N MET A 431 3.48 29.46 -22.18
CA MET A 431 3.38 30.66 -22.98
C MET A 431 2.94 30.38 -24.41
N LYS A 432 2.66 29.12 -24.75
CA LYS A 432 1.96 28.79 -25.98
C LYS A 432 0.50 28.48 -25.75
N TRP A 433 0.16 27.98 -24.55
CA TRP A 433 -1.23 27.71 -24.22
C TRP A 433 -1.96 29.00 -23.83
N LYS A 434 -1.38 29.76 -22.91
CA LYS A 434 -2.00 31.00 -22.44
C LYS A 434 -1.89 32.14 -23.44
N LYS A 435 -1.48 31.87 -24.68
CA LYS A 435 -1.23 32.93 -25.64
C LYS A 435 -1.98 32.75 -26.94
N PHE A 436 -1.95 31.56 -27.54
CA PHE A 436 -2.75 31.30 -28.73
C PHE A 436 -3.45 29.95 -28.76
N ALA A 437 -3.01 28.95 -27.98
CA ALA A 437 -3.63 27.64 -28.06
C ALA A 437 -4.98 27.61 -27.35
N LYS A 438 -5.09 28.30 -26.22
CA LYS A 438 -6.36 28.35 -25.50
C LYS A 438 -7.43 29.04 -26.32
N HIS A 439 -7.06 30.10 -27.04
CA HIS A 439 -8.02 30.82 -27.87
C HIS A 439 -8.38 30.05 -29.13
N MET A 440 -7.71 28.95 -29.44
CA MET A 440 -8.09 28.10 -30.55
C MET A 440 -8.71 26.78 -30.13
N PHE A 441 -8.64 26.42 -28.85
CA PHE A 441 -9.39 25.26 -28.36
C PHE A 441 -10.84 25.61 -28.13
N PHE A 442 -11.11 26.82 -27.68
CA PHE A 442 -12.50 27.23 -27.54
C PHE A 442 -13.10 27.32 -28.93
N LEU A 443 -12.37 27.91 -29.86
CA LEU A 443 -12.90 28.06 -31.21
C LEU A 443 -13.16 26.70 -31.86
N SER A 444 -12.29 25.74 -31.61
CA SER A 444 -12.52 24.39 -32.13
C SER A 444 -13.69 23.72 -31.41
N PHE A 445 -13.85 24.00 -30.12
CA PHE A 445 -14.98 23.45 -29.37
C PHE A 445 -16.29 24.05 -29.85
N CYS A 446 -16.34 25.37 -30.02
CA CYS A 446 -17.57 26.03 -30.46
C CYS A 446 -17.92 25.66 -31.90
N PHE A 447 -16.93 25.67 -32.79
CA PHE A 447 -17.20 25.40 -34.20
C PHE A 447 -17.54 23.95 -34.46
N TYR A 448 -17.26 23.04 -33.53
CA TYR A 448 -17.68 21.65 -33.66
C TYR A 448 -18.97 21.37 -32.90
N PHE A 449 -19.21 22.06 -31.78
CA PHE A 449 -20.49 21.96 -31.10
C PHE A 449 -21.62 22.45 -31.98
N PHE A 450 -21.39 23.56 -32.70
CA PHE A 450 -22.42 24.09 -33.58
C PHE A 450 -22.62 23.19 -34.79
N TYR A 451 -21.54 22.58 -35.29
CA TYR A 451 -21.67 21.65 -36.40
C TYR A 451 -22.44 20.40 -35.99
N ASN A 452 -22.22 19.92 -34.76
CA ASN A 452 -22.96 18.77 -34.27
C ASN A 452 -24.41 19.11 -34.02
N ILE A 453 -24.68 20.29 -33.44
CA ILE A 453 -26.05 20.71 -33.18
C ILE A 453 -26.81 20.89 -34.48
N THR A 454 -26.17 21.51 -35.47
CA THR A 454 -26.80 21.69 -36.77
C THR A 454 -27.06 20.36 -37.46
N LEU A 455 -26.11 19.42 -37.34
CA LEU A 455 -26.31 18.10 -37.95
C LEU A 455 -27.48 17.37 -37.31
N THR A 456 -27.66 17.52 -36.01
CA THR A 456 -28.80 16.90 -35.33
C THR A 456 -30.10 17.62 -35.67
N LEU A 457 -30.09 18.95 -35.63
CA LEU A 457 -31.34 19.71 -35.74
C LEU A 457 -31.94 19.60 -37.14
N VAL A 458 -31.14 19.85 -38.17
CA VAL A 458 -31.69 19.87 -39.53
C VAL A 458 -32.04 18.51 -40.06
N SER A 459 -31.72 17.44 -39.31
CA SER A 459 -32.01 16.09 -39.76
C SER A 459 -32.93 15.31 -38.83
N TYR A 460 -33.06 15.71 -37.57
CA TYR A 460 -34.14 15.18 -36.75
C TYR A 460 -35.49 15.70 -37.23
N TYR A 461 -35.52 16.91 -37.79
CA TYR A 461 -36.71 17.46 -38.42
C TYR A 461 -36.75 17.19 -39.92
N ARG A 462 -36.20 16.05 -40.36
CA ARG A 462 -36.18 15.75 -41.78
C ARG A 462 -37.60 15.55 -42.30
N PRO A 463 -37.90 15.98 -43.52
CA PRO A 463 -39.26 15.83 -44.05
C PRO A 463 -39.53 14.37 -44.44
N ARG A 464 -40.56 13.79 -43.84
CA ARG A 464 -40.91 12.39 -44.09
C ARG A 464 -41.55 12.23 -45.46
N LEU A 482 -36.87 29.28 -44.80
CA LEU A 482 -35.77 28.61 -45.49
C LEU A 482 -34.57 28.42 -44.55
N GLN A 483 -34.39 27.20 -44.07
CA GLN A 483 -33.27 26.86 -43.21
C GLN A 483 -32.17 26.11 -43.95
N LEU A 484 -32.21 26.09 -45.28
CA LEU A 484 -31.23 25.34 -46.06
C LEU A 484 -29.83 25.93 -45.95
N LEU A 485 -29.69 27.18 -45.51
CA LEU A 485 -28.36 27.73 -45.27
C LEU A 485 -27.67 27.01 -44.12
N GLY A 486 -28.42 26.54 -43.13
CA GLY A 486 -27.84 25.73 -42.08
C GLY A 486 -27.36 24.39 -42.58
N ARG A 487 -28.12 23.77 -43.49
CA ARG A 487 -27.67 22.53 -44.11
C ARG A 487 -26.40 22.75 -44.93
N MET A 488 -26.27 23.92 -45.54
CA MET A 488 -25.05 24.25 -46.28
C MET A 488 -23.84 24.33 -45.36
N PHE A 489 -24.04 24.76 -44.10
CA PHE A 489 -22.93 24.84 -43.17
C PHE A 489 -22.34 23.47 -42.88
N VAL A 490 -23.20 22.46 -42.74
CA VAL A 490 -22.71 21.09 -42.55
C VAL A 490 -21.95 20.62 -43.78
N LEU A 491 -22.39 21.04 -44.96
CA LEU A 491 -21.70 20.67 -46.19
C LEU A 491 -20.31 21.27 -46.26
N ILE A 492 -20.19 22.56 -45.95
CA ILE A 492 -18.89 23.23 -46.03
C ILE A 492 -18.00 22.94 -44.83
N TRP A 493 -18.51 22.27 -43.80
CA TRP A 493 -17.71 21.92 -42.64
C TRP A 493 -17.38 20.45 -42.55
N ALA A 494 -18.25 19.56 -43.06
CA ALA A 494 -17.88 18.15 -43.15
C ALA A 494 -16.71 17.97 -44.10
N MET A 495 -16.69 18.73 -45.20
CA MET A 495 -15.52 18.74 -46.06
C MET A 495 -14.32 19.40 -45.38
N CYS A 496 -14.57 20.40 -44.54
CA CYS A 496 -13.49 21.06 -43.83
C CYS A 496 -12.83 20.12 -42.81
N ILE A 497 -13.62 19.30 -42.14
CA ILE A 497 -13.06 18.34 -41.20
C ILE A 497 -12.31 17.25 -41.95
N SER A 498 -12.91 16.71 -43.01
CA SER A 498 -12.33 15.57 -43.70
C SER A 498 -11.08 15.94 -44.49
N VAL A 499 -10.96 17.20 -44.91
CA VAL A 499 -9.76 17.60 -45.65
C VAL A 499 -8.57 17.70 -44.69
N LYS A 500 -8.82 18.06 -43.42
CA LYS A 500 -7.74 18.05 -42.44
C LYS A 500 -7.46 16.64 -41.95
N GLU A 501 -8.51 15.88 -41.67
CA GLU A 501 -8.33 14.49 -41.25
C GLU A 501 -7.74 13.65 -42.37
N GLY A 502 -8.15 13.91 -43.61
CA GLY A 502 -7.59 13.19 -44.73
C GLY A 502 -6.10 13.44 -44.90
N ILE A 503 -5.67 14.68 -44.71
CA ILE A 503 -4.24 14.97 -44.76
C ILE A 503 -3.53 14.54 -43.48
N ALA A 504 -4.26 14.42 -42.37
CA ALA A 504 -3.65 13.95 -41.13
C ALA A 504 -3.42 12.44 -41.16
N ILE A 505 -4.25 11.70 -41.89
CA ILE A 505 -4.05 10.27 -42.03
C ILE A 505 -2.76 9.98 -42.78
N PHE A 506 -2.45 10.79 -43.79
CA PHE A 506 -1.23 10.60 -44.57
C PHE A 506 0.02 10.81 -43.73
N LEU A 507 0.01 11.81 -42.84
CA LEU A 507 1.13 12.01 -41.94
C LEU A 507 1.18 10.97 -40.83
N LEU A 508 0.11 10.21 -40.63
CA LEU A 508 0.11 9.16 -39.62
C LEU A 508 0.93 7.97 -40.11
N ARG A 509 1.44 7.20 -39.15
CA ARG A 509 2.24 6.02 -39.44
C ARG A 509 1.76 4.84 -38.61
N PRO A 510 1.96 3.61 -39.11
CA PRO A 510 1.57 2.44 -38.32
C PRO A 510 2.32 2.31 -37.00
N SER A 511 3.48 2.94 -36.85
CA SER A 511 4.19 2.94 -35.58
C SER A 511 3.42 3.69 -34.50
N ASP A 512 2.50 4.57 -34.87
CA ASP A 512 1.71 5.28 -33.88
C ASP A 512 0.26 4.84 -33.86
N LEU A 513 -0.19 4.26 -34.96
CA LEU A 513 -1.61 3.89 -35.05
C LEU A 513 -2.04 2.98 -33.92
N GLN A 514 -1.20 2.00 -33.56
CA GLN A 514 -1.49 1.10 -32.45
C GLN A 514 -0.45 1.34 -31.36
N SER A 515 -0.83 2.13 -30.36
CA SER A 515 0.04 2.44 -29.24
C SER A 515 -0.84 2.88 -28.07
N ILE A 516 -0.20 3.39 -27.02
CA ILE A 516 -0.91 3.82 -25.82
C ILE A 516 -1.30 5.29 -25.97
N LEU A 517 -0.30 6.16 -26.06
CA LEU A 517 -0.52 7.59 -26.27
C LEU A 517 -0.56 7.92 -27.77
N SER A 518 -1.45 7.22 -28.46
CA SER A 518 -1.52 7.33 -29.92
C SER A 518 -2.05 8.70 -30.34
N ASP A 519 -3.17 9.13 -29.75
CA ASP A 519 -3.92 10.30 -30.21
C ASP A 519 -4.24 10.19 -31.70
N ALA A 520 -4.47 8.95 -32.15
CA ALA A 520 -4.81 8.67 -33.53
C ALA A 520 -6.19 8.09 -33.70
N TRP A 521 -6.73 7.41 -32.69
CA TRP A 521 -8.10 6.91 -32.75
C TRP A 521 -9.10 8.04 -32.95
N PHE A 522 -8.79 9.23 -32.42
CA PHE A 522 -9.62 10.40 -32.66
C PHE A 522 -9.45 10.94 -34.07
N HIS A 523 -8.50 10.42 -34.85
CA HIS A 523 -8.32 10.87 -36.22
C HIS A 523 -9.15 10.06 -37.20
N PHE A 524 -9.47 8.80 -36.88
CA PHE A 524 -10.41 8.07 -37.74
C PHE A 524 -11.83 8.52 -37.47
N VAL A 525 -12.23 8.57 -36.20
CA VAL A 525 -13.62 8.81 -35.86
C VAL A 525 -14.03 10.24 -36.18
N PHE A 526 -13.09 11.18 -36.19
CA PHE A 526 -13.40 12.50 -36.71
C PHE A 526 -13.51 12.46 -38.23
N PHE A 527 -12.70 11.63 -38.87
CA PHE A 527 -12.77 11.46 -40.32
C PHE A 527 -14.01 10.66 -40.72
N ILE A 528 -14.32 9.61 -39.96
CA ILE A 528 -15.46 8.76 -40.29
C ILE A 528 -16.76 9.54 -40.16
N GLN A 529 -16.91 10.29 -39.06
CA GLN A 529 -18.10 11.10 -38.88
C GLN A 529 -18.19 12.20 -39.92
N ALA A 530 -17.05 12.70 -40.40
CA ALA A 530 -17.07 13.69 -41.48
C ALA A 530 -17.36 13.04 -42.82
N VAL A 531 -16.78 11.86 -43.07
CA VAL A 531 -17.00 11.20 -44.35
C VAL A 531 -18.38 10.56 -44.44
N LEU A 532 -19.03 10.30 -43.31
CA LEU A 532 -20.39 9.77 -43.36
C LEU A 532 -21.39 10.84 -43.75
N VAL A 533 -21.12 12.10 -43.39
CA VAL A 533 -22.05 13.17 -43.71
C VAL A 533 -22.04 13.46 -45.20
N ILE A 534 -20.85 13.60 -45.79
CA ILE A 534 -20.77 13.91 -47.22
C ILE A 534 -21.22 12.73 -48.06
N LEU A 535 -21.02 11.51 -47.56
CA LEU A 535 -21.50 10.34 -48.30
C LEU A 535 -23.02 10.26 -48.28
N SER A 536 -23.63 10.65 -47.17
CA SER A 536 -25.08 10.60 -47.06
C SER A 536 -25.74 11.59 -48.00
N VAL A 537 -25.27 12.84 -47.98
CA VAL A 537 -25.88 13.87 -48.81
C VAL A 537 -25.64 13.61 -50.29
N PHE A 538 -24.58 12.89 -50.64
CA PHE A 538 -24.40 12.49 -52.04
C PHE A 538 -25.48 11.50 -52.47
N LEU A 539 -26.01 10.73 -51.53
CA LEU A 539 -27.13 9.85 -51.79
C LEU A 539 -28.48 10.50 -51.48
N TYR A 540 -28.48 11.77 -51.06
CA TYR A 540 -29.73 12.46 -50.79
C TYR A 540 -30.38 12.90 -52.10
N LEU A 541 -29.70 13.78 -52.83
CA LEU A 541 -30.23 14.23 -54.10
C LEU A 541 -30.28 13.09 -55.11
N PHE A 542 -29.28 12.22 -55.08
CA PHE A 542 -29.26 11.08 -55.98
C PHE A 542 -30.33 10.06 -55.62
N ALA A 543 -30.78 10.04 -54.37
CA ALA A 543 -31.91 9.24 -53.91
C ALA A 543 -31.66 7.74 -54.13
N TYR A 544 -30.62 7.23 -53.47
CA TYR A 544 -30.45 5.79 -53.33
C TYR A 544 -31.24 5.22 -52.16
N LYS A 545 -31.96 6.06 -51.41
CA LYS A 545 -32.71 5.73 -50.21
C LYS A 545 -31.82 5.26 -49.06
N GLU A 546 -30.51 5.22 -49.25
CA GLU A 546 -29.56 4.88 -48.19
C GLU A 546 -29.00 6.12 -47.51
N TYR A 547 -29.55 7.30 -47.81
CA TYR A 547 -29.02 8.53 -47.23
C TYR A 547 -29.22 8.60 -45.72
N LEU A 548 -30.20 7.87 -45.19
CA LEU A 548 -30.37 7.79 -43.75
C LEU A 548 -29.51 6.72 -43.10
N ALA A 549 -29.08 5.71 -43.86
CA ALA A 549 -28.24 4.66 -43.29
C ALA A 549 -26.84 5.16 -42.94
N CYS A 550 -26.42 6.28 -43.51
CA CYS A 550 -25.12 6.88 -43.21
C CYS A 550 -25.21 8.15 -42.39
N LEU A 551 -26.30 8.91 -42.54
CA LEU A 551 -26.41 10.17 -41.82
C LEU A 551 -26.74 9.96 -40.35
N VAL A 552 -27.63 9.01 -40.03
CA VAL A 552 -28.06 8.87 -38.64
C VAL A 552 -26.99 8.18 -37.81
N LEU A 553 -26.04 7.48 -38.44
CA LEU A 553 -24.88 6.97 -37.73
C LEU A 553 -23.91 8.09 -37.38
N ALA A 554 -23.97 9.22 -38.07
CA ALA A 554 -23.10 10.34 -37.77
C ALA A 554 -23.52 11.08 -36.51
N MET A 555 -24.81 11.04 -36.17
CA MET A 555 -25.27 11.67 -34.93
C MET A 555 -24.71 10.95 -33.72
N ALA A 556 -24.83 9.62 -33.70
CA ALA A 556 -24.36 8.84 -32.55
C ALA A 556 -22.85 8.95 -32.42
N LEU A 557 -22.13 8.95 -33.54
CA LEU A 557 -20.69 9.13 -33.48
C LEU A 557 -20.31 10.58 -33.24
N GLY A 558 -21.08 11.51 -33.80
CA GLY A 558 -20.76 12.92 -33.65
C GLY A 558 -20.89 13.41 -32.23
N TRP A 559 -21.89 12.91 -31.50
CA TRP A 559 -22.04 13.29 -30.09
C TRP A 559 -21.05 12.56 -29.20
N ALA A 560 -20.68 11.34 -29.55
CA ALA A 560 -19.60 10.67 -28.84
C ALA A 560 -18.24 11.28 -29.16
N ASN A 561 -18.13 12.00 -30.28
CA ASN A 561 -16.92 12.73 -30.59
C ASN A 561 -16.80 14.00 -29.75
N MET A 562 -17.91 14.45 -29.16
CA MET A 562 -17.88 15.65 -28.33
C MET A 562 -17.09 15.44 -27.05
N LEU A 563 -16.77 14.20 -26.70
CA LEU A 563 -15.96 13.91 -25.53
C LEU A 563 -14.47 14.10 -25.78
N TYR A 564 -14.06 14.28 -27.05
CA TYR A 564 -12.67 14.62 -27.31
C TYR A 564 -12.33 16.00 -26.75
N TYR A 565 -13.25 16.94 -26.87
CA TYR A 565 -13.01 18.33 -26.48
C TYR A 565 -13.15 18.56 -24.99
N THR A 566 -13.10 17.52 -24.17
CA THR A 566 -13.10 17.68 -22.73
C THR A 566 -11.69 17.68 -22.14
N ARG A 567 -10.67 17.63 -22.98
CA ARG A 567 -9.29 17.71 -22.52
C ARG A 567 -8.98 19.05 -21.85
N GLY A 568 -9.79 20.07 -22.10
CA GLY A 568 -9.49 21.40 -21.61
C GLY A 568 -9.85 21.61 -20.15
N PHE A 569 -10.24 20.54 -19.46
CA PHE A 569 -10.61 20.62 -18.05
C PHE A 569 -9.94 19.48 -17.30
N GLN A 570 -9.34 19.80 -16.15
CA GLN A 570 -8.56 18.81 -15.42
C GLN A 570 -9.44 17.70 -14.86
N SER A 571 -10.59 18.07 -14.27
CA SER A 571 -11.41 17.09 -13.58
C SER A 571 -12.00 16.07 -14.55
N MET A 572 -12.43 16.51 -15.72
CA MET A 572 -13.06 15.60 -16.67
C MET A 572 -12.08 15.09 -17.72
N GLY A 573 -11.01 15.84 -17.99
CA GLY A 573 -9.97 15.33 -18.87
C GLY A 573 -9.26 14.12 -18.29
N MET A 574 -9.03 14.12 -16.98
CA MET A 574 -8.53 12.92 -16.31
C MET A 574 -9.56 11.80 -16.36
N TYR A 575 -10.85 12.15 -16.33
CA TYR A 575 -11.91 11.15 -16.42
C TYR A 575 -11.89 10.44 -17.77
N SER A 576 -11.74 11.20 -18.85
CA SER A 576 -11.72 10.59 -20.18
C SER A 576 -10.44 9.81 -20.42
N VAL A 577 -9.38 10.10 -19.66
CA VAL A 577 -8.17 9.29 -19.73
C VAL A 577 -8.43 7.91 -19.13
N MET A 578 -9.20 7.88 -18.04
CA MET A 578 -9.58 6.60 -17.43
C MET A 578 -10.42 5.76 -18.38
N ILE A 579 -11.29 6.41 -19.17
CA ILE A 579 -12.19 5.69 -20.06
C ILE A 579 -11.40 4.92 -21.11
N GLN A 580 -10.41 5.58 -21.72
CA GLN A 580 -9.64 4.94 -22.79
C GLN A 580 -8.82 3.78 -22.26
N LYS A 581 -8.28 3.91 -21.04
CA LYS A 581 -7.54 2.79 -20.46
C LYS A 581 -8.48 1.67 -20.05
N VAL A 582 -9.66 2.01 -19.54
CA VAL A 582 -10.67 1.01 -19.18
C VAL A 582 -11.20 0.31 -20.42
N ILE A 583 -11.49 1.08 -21.48
CA ILE A 583 -12.07 0.50 -22.68
C ILE A 583 -11.10 -0.43 -23.39
N LEU A 584 -9.80 -0.32 -23.12
CA LEU A 584 -8.79 -1.09 -23.83
C LEU A 584 -8.34 -2.32 -23.04
N HIS A 585 -7.93 -2.10 -21.79
CA HIS A 585 -7.34 -3.19 -21.01
C HIS A 585 -8.38 -4.22 -20.61
N ASP A 586 -9.62 -3.79 -20.34
CA ASP A 586 -10.61 -4.64 -19.69
C ASP A 586 -11.81 -4.96 -20.56
N VAL A 587 -12.37 -3.97 -21.26
CA VAL A 587 -13.64 -4.19 -21.96
C VAL A 587 -13.47 -5.11 -23.16
N LEU A 588 -12.42 -4.91 -23.96
CA LEU A 588 -12.18 -5.79 -25.10
C LEU A 588 -11.89 -7.21 -24.65
N LYS A 589 -11.16 -7.36 -23.54
CA LYS A 589 -10.88 -8.71 -23.04
C LYS A 589 -12.13 -9.39 -22.53
N PHE A 590 -13.06 -8.62 -21.96
CA PHE A 590 -14.32 -9.20 -21.52
C PHE A 590 -15.21 -9.57 -22.70
N LEU A 591 -15.31 -8.68 -23.69
CA LEU A 591 -16.18 -8.94 -24.82
C LEU A 591 -15.71 -10.15 -25.62
N PHE A 592 -14.39 -10.25 -25.86
CA PHE A 592 -13.86 -11.33 -26.68
C PHE A 592 -14.16 -12.69 -26.06
N VAL A 593 -14.03 -12.81 -24.74
CA VAL A 593 -14.44 -14.02 -24.05
C VAL A 593 -15.96 -14.19 -24.14
N TYR A 594 -16.69 -13.08 -24.11
CA TYR A 594 -18.16 -13.16 -24.06
C TYR A 594 -18.74 -13.72 -25.35
N ILE A 595 -18.21 -13.31 -26.51
CA ILE A 595 -18.74 -13.84 -27.77
C ILE A 595 -18.45 -15.32 -27.90
N VAL A 596 -17.35 -15.79 -27.30
CA VAL A 596 -17.08 -17.23 -27.30
C VAL A 596 -18.16 -17.96 -26.49
N PHE A 597 -18.55 -17.40 -25.34
CA PHE A 597 -19.63 -17.98 -24.57
C PHE A 597 -21.00 -17.70 -25.18
N LEU A 598 -21.09 -16.74 -26.10
CA LEU A 598 -22.34 -16.48 -26.78
C LEU A 598 -22.49 -17.31 -28.06
N LEU A 599 -21.38 -17.60 -28.73
CA LEU A 599 -21.43 -18.45 -29.92
C LEU A 599 -21.67 -19.90 -29.53
N GLY A 600 -20.98 -20.39 -28.50
CA GLY A 600 -21.16 -21.77 -28.09
C GLY A 600 -22.52 -22.05 -27.50
N PHE A 601 -23.00 -21.16 -26.62
CA PHE A 601 -24.29 -21.34 -25.98
C PHE A 601 -25.44 -20.97 -26.89
N GLY A 602 -25.23 -20.07 -27.86
CA GLY A 602 -26.27 -19.79 -28.83
C GLY A 602 -26.57 -20.98 -29.72
N VAL A 603 -25.51 -21.66 -30.18
CA VAL A 603 -25.70 -22.84 -31.02
C VAL A 603 -26.22 -24.01 -30.20
N ALA A 604 -25.71 -24.18 -28.98
CA ALA A 604 -26.13 -25.30 -28.15
C ALA A 604 -27.60 -25.20 -27.75
N LEU A 605 -28.07 -23.98 -27.48
CA LEU A 605 -29.46 -23.81 -27.09
C LEU A 605 -30.39 -23.93 -28.29
N ALA A 606 -29.99 -23.37 -29.43
CA ALA A 606 -30.85 -23.41 -30.62
C ALA A 606 -30.90 -24.79 -31.26
N SER A 607 -29.89 -25.63 -31.03
CA SER A 607 -29.87 -26.95 -31.64
C SER A 607 -30.91 -27.88 -31.02
N LEU A 608 -31.22 -27.71 -29.74
CA LEU A 608 -32.13 -28.62 -29.05
C LEU A 608 -33.59 -28.40 -29.40
N ILE A 609 -33.93 -27.29 -30.05
CA ILE A 609 -35.32 -26.88 -30.24
C ILE A 609 -35.82 -27.40 -31.58
N GLU A 610 -36.86 -28.23 -31.54
CA GLU A 610 -37.53 -28.64 -32.76
C GLU A 610 -38.53 -27.58 -33.20
N LYS A 611 -39.11 -27.78 -34.37
CA LYS A 611 -40.10 -26.84 -34.88
C LYS A 611 -41.46 -27.16 -34.30
N CYS A 612 -42.05 -26.20 -33.60
CA CYS A 612 -43.36 -26.40 -32.99
C CYS A 612 -44.39 -26.67 -34.08
N PRO A 613 -45.36 -27.56 -33.83
CA PRO A 613 -46.38 -27.86 -34.86
C PRO A 613 -47.25 -26.67 -35.21
N LYS A 614 -48.19 -26.89 -36.14
CA LYS A 614 -49.14 -25.91 -36.68
C LYS A 614 -48.46 -24.85 -37.54
N ASP A 615 -47.16 -24.95 -37.78
CA ASP A 615 -46.40 -24.02 -38.62
C ASP A 615 -46.55 -22.58 -38.15
N ASN A 616 -46.59 -22.39 -36.84
CA ASN A 616 -46.69 -21.08 -36.23
C ASN A 616 -45.32 -20.64 -35.71
N LYS A 617 -45.22 -19.34 -35.42
CA LYS A 617 -43.97 -18.78 -34.90
C LYS A 617 -43.83 -18.95 -33.40
N ASP A 618 -44.77 -19.60 -32.74
CA ASP A 618 -44.65 -19.87 -31.31
C ASP A 618 -43.59 -20.93 -31.08
N CYS A 619 -43.33 -21.21 -29.80
CA CYS A 619 -42.39 -22.23 -29.33
C CYS A 619 -40.95 -21.95 -29.76
N SER A 620 -40.68 -20.79 -30.37
CA SER A 620 -39.43 -20.53 -31.05
C SER A 620 -38.78 -19.25 -30.55
N SER A 621 -38.71 -19.11 -29.23
CA SER A 621 -37.85 -18.06 -28.67
C SER A 621 -36.39 -18.32 -29.02
N TYR A 622 -36.00 -19.59 -28.97
CA TYR A 622 -34.70 -20.04 -29.47
C TYR A 622 -34.98 -20.93 -30.68
N GLY A 623 -35.20 -20.31 -31.84
CA GLY A 623 -35.53 -21.06 -33.02
C GLY A 623 -34.42 -21.06 -34.04
N SER A 624 -33.74 -19.93 -34.17
CA SER A 624 -32.59 -19.80 -35.05
C SER A 624 -31.39 -19.35 -34.23
N PHE A 625 -30.23 -19.29 -34.90
CA PHE A 625 -29.03 -18.83 -34.23
C PHE A 625 -29.17 -17.37 -33.80
N SER A 626 -29.69 -16.52 -34.69
CA SER A 626 -29.86 -15.11 -34.36
C SER A 626 -30.92 -14.92 -33.28
N ASP A 627 -31.95 -15.76 -33.28
CA ASP A 627 -33.00 -15.65 -32.26
C ASP A 627 -32.50 -16.12 -30.91
N ALA A 628 -31.67 -17.17 -30.89
CA ALA A 628 -31.18 -17.70 -29.62
C ALA A 628 -30.08 -16.82 -29.04
N VAL A 629 -29.23 -16.27 -29.91
CA VAL A 629 -28.16 -15.39 -29.44
C VAL A 629 -28.73 -14.11 -28.85
N LEU A 630 -29.79 -13.58 -29.49
CA LEU A 630 -30.44 -12.38 -28.97
C LEU A 630 -31.06 -12.64 -27.60
N GLU A 631 -31.72 -13.78 -27.43
CA GLU A 631 -32.33 -14.09 -26.15
C GLU A 631 -31.28 -14.33 -25.07
N LEU A 632 -30.09 -14.78 -25.45
CA LEU A 632 -29.02 -14.93 -24.47
C LEU A 632 -28.45 -13.57 -24.09
N PHE A 633 -28.34 -12.66 -25.04
CA PHE A 633 -27.85 -11.31 -24.73
C PHE A 633 -28.80 -10.57 -23.81
N LYS A 634 -30.11 -10.72 -24.04
CA LYS A 634 -31.09 -10.10 -23.16
C LYS A 634 -31.05 -10.72 -21.76
N LEU A 635 -30.59 -11.97 -21.66
CA LEU A 635 -30.43 -12.59 -20.35
C LEU A 635 -29.30 -11.94 -19.57
N THR A 636 -28.27 -11.46 -20.27
CA THR A 636 -27.12 -10.87 -19.58
C THR A 636 -27.46 -9.52 -18.97
N ILE A 637 -28.14 -8.66 -19.73
CA ILE A 637 -28.49 -7.35 -19.21
C ILE A 637 -29.60 -7.47 -18.16
N GLY A 638 -30.59 -8.33 -18.41
CA GLY A 638 -31.66 -8.52 -17.45
C GLY A 638 -33.02 -8.14 -17.97
N LEU A 639 -33.26 -8.37 -19.26
CA LEU A 639 -34.52 -8.03 -19.91
C LEU A 639 -35.16 -9.29 -20.44
N GLY A 640 -36.47 -9.44 -20.19
CA GLY A 640 -37.25 -10.52 -20.75
C GLY A 640 -37.76 -11.45 -19.67
N ASP A 641 -38.36 -12.57 -20.10
CA ASP A 641 -38.89 -13.59 -19.22
C ASP A 641 -38.14 -14.89 -19.45
N LEU A 642 -37.68 -15.51 -18.36
CA LEU A 642 -36.91 -16.76 -18.44
C LEU A 642 -37.88 -17.93 -18.44
N ASN A 643 -38.41 -18.23 -19.63
CA ASN A 643 -39.29 -19.39 -19.77
C ASN A 643 -38.48 -20.68 -19.73
N ILE A 644 -39.04 -21.70 -19.10
CA ILE A 644 -38.37 -23.00 -18.94
C ILE A 644 -39.03 -24.09 -19.76
N GLN A 645 -40.16 -23.81 -20.40
CA GLN A 645 -40.84 -24.80 -21.23
C GLN A 645 -40.82 -24.37 -22.68
N GLN A 646 -39.65 -23.96 -23.18
CA GLN A 646 -39.55 -23.41 -24.52
C GLN A 646 -39.42 -24.49 -25.58
N ASN A 647 -40.27 -25.51 -25.52
CA ASN A 647 -40.40 -26.56 -26.52
C ASN A 647 -39.06 -27.22 -26.83
N SER A 648 -38.33 -27.56 -25.77
CA SER A 648 -37.09 -28.30 -25.88
C SER A 648 -37.40 -29.79 -25.83
N LYS A 649 -36.76 -30.55 -26.71
CA LYS A 649 -36.97 -32.00 -26.71
C LYS A 649 -36.25 -32.67 -25.55
N TYR A 650 -35.37 -31.95 -24.86
CA TYR A 650 -34.92 -32.31 -23.52
C TYR A 650 -35.15 -31.12 -22.60
N PRO A 651 -36.27 -31.09 -21.87
CA PRO A 651 -36.51 -29.96 -20.96
C PRO A 651 -35.48 -29.84 -19.86
N ILE A 652 -34.93 -30.95 -19.39
CA ILE A 652 -33.91 -30.90 -18.34
C ILE A 652 -32.61 -30.32 -18.88
N LEU A 653 -32.20 -30.75 -20.07
CA LEU A 653 -30.91 -30.31 -20.61
C LEU A 653 -30.93 -28.85 -21.03
N PHE A 654 -32.08 -28.36 -21.52
CA PHE A 654 -32.16 -26.95 -21.87
C PHE A 654 -31.98 -26.06 -20.65
N LEU A 655 -32.55 -26.48 -19.51
CA LEU A 655 -32.41 -25.68 -18.30
C LEU A 655 -31.00 -25.78 -17.73
N PHE A 656 -30.37 -26.95 -17.85
CA PHE A 656 -29.00 -27.09 -17.37
C PHE A 656 -28.05 -26.20 -18.16
N LEU A 657 -28.31 -26.05 -19.46
CA LEU A 657 -27.51 -25.14 -20.28
C LEU A 657 -27.92 -23.68 -20.11
N LEU A 658 -29.03 -23.41 -19.42
CA LEU A 658 -29.49 -22.06 -19.19
C LEU A 658 -29.06 -21.52 -17.83
N ILE A 659 -29.06 -22.37 -16.80
CA ILE A 659 -28.68 -21.95 -15.45
C ILE A 659 -27.18 -22.09 -15.28
N THR A 660 -26.48 -22.42 -16.38
CA THR A 660 -25.02 -22.43 -16.40
C THR A 660 -24.45 -21.35 -17.31
N TYR A 661 -25.26 -20.73 -18.15
CA TYR A 661 -24.78 -19.59 -18.93
C TYR A 661 -24.72 -18.33 -18.08
N VAL A 662 -25.69 -18.17 -17.17
CA VAL A 662 -25.72 -16.97 -16.33
C VAL A 662 -24.74 -17.01 -15.18
N ILE A 663 -24.18 -18.19 -14.86
CA ILE A 663 -23.11 -18.24 -13.87
C ILE A 663 -21.73 -18.06 -14.49
N LEU A 664 -21.64 -18.05 -15.82
CA LEU A 664 -20.38 -17.75 -16.49
C LEU A 664 -20.26 -16.29 -16.88
N THR A 665 -21.39 -15.59 -17.00
CA THR A 665 -21.39 -14.18 -17.38
C THR A 665 -21.82 -13.28 -16.23
N PHE A 666 -23.00 -13.53 -15.67
CA PHE A 666 -23.52 -12.64 -14.63
C PHE A 666 -22.81 -12.86 -13.30
N VAL A 667 -22.31 -14.06 -13.06
CA VAL A 667 -21.66 -14.38 -11.80
C VAL A 667 -20.15 -14.45 -11.94
N LEU A 668 -19.64 -14.95 -13.07
CA LEU A 668 -18.21 -15.10 -13.27
C LEU A 668 -17.58 -13.94 -14.01
N LEU A 669 -18.31 -13.29 -14.91
CA LEU A 669 -17.71 -12.30 -15.78
C LEU A 669 -18.13 -10.87 -15.45
N LEU A 670 -19.44 -10.62 -15.35
CA LEU A 670 -19.92 -9.26 -15.14
C LEU A 670 -19.48 -8.72 -13.79
N ASN A 671 -19.58 -9.53 -12.73
CA ASN A 671 -19.10 -9.10 -11.42
C ASN A 671 -17.59 -8.94 -11.50
N MET A 672 -16.90 -9.92 -12.10
CA MET A 672 -15.45 -9.81 -12.24
C MET A 672 -14.98 -8.73 -13.20
N LEU A 673 -15.82 -8.34 -14.16
CA LEU A 673 -15.53 -7.14 -14.96
C LEU A 673 -15.35 -5.91 -14.07
N ILE A 674 -16.25 -5.72 -13.11
CA ILE A 674 -16.08 -4.65 -12.13
C ILE A 674 -14.77 -4.86 -11.39
N ALA A 675 -14.42 -6.12 -11.13
CA ALA A 675 -13.17 -6.42 -10.45
C ALA A 675 -11.93 -6.16 -11.30
N LEU A 676 -12.01 -6.40 -12.61
CA LEU A 676 -10.86 -6.13 -13.48
C LEU A 676 -10.48 -4.66 -13.45
N MET A 677 -11.47 -3.78 -13.55
CA MET A 677 -11.20 -2.34 -13.58
C MET A 677 -10.71 -1.66 -12.32
N GLY A 678 -10.79 -2.38 -11.20
CA GLY A 678 -10.19 -1.95 -9.96
C GLY A 678 -8.69 -1.93 -9.82
N GLU A 679 -8.05 -2.90 -10.49
CA GLU A 679 -6.61 -2.85 -10.70
C GLU A 679 -6.28 -1.72 -11.66
N THR A 680 -7.18 -1.43 -12.59
CA THR A 680 -6.96 -0.36 -13.57
C THR A 680 -7.07 1.04 -12.97
N VAL A 681 -8.06 1.30 -12.12
CA VAL A 681 -8.24 2.63 -11.54
C VAL A 681 -7.46 2.89 -10.26
N GLU A 682 -6.64 1.94 -9.82
CA GLU A 682 -5.80 2.12 -8.64
C GLU A 682 -4.33 2.30 -8.98
N ASN A 683 -3.85 1.65 -10.03
CA ASN A 683 -2.48 1.80 -10.51
C ASN A 683 -2.34 3.05 -11.36
N VAL A 684 -3.42 3.50 -12.00
CA VAL A 684 -3.33 4.59 -12.98
C VAL A 684 -3.66 5.93 -12.35
N SER A 685 -4.64 5.96 -11.44
CA SER A 685 -5.06 7.20 -10.82
C SER A 685 -3.93 8.10 -10.31
N LYS A 686 -2.78 7.51 -9.96
CA LYS A 686 -1.60 8.30 -9.62
C LYS A 686 -0.81 8.73 -10.85
N GLU A 687 -1.24 8.32 -12.04
CA GLU A 687 -0.62 8.73 -13.29
C GLU A 687 -1.64 9.33 -14.25
N SER A 688 -2.92 9.31 -13.91
CA SER A 688 -3.96 9.84 -14.79
C SER A 688 -3.78 11.34 -15.01
N GLU A 689 -3.41 12.07 -13.97
CA GLU A 689 -3.15 13.50 -14.14
C GLU A 689 -1.85 13.75 -14.91
N ARG A 690 -1.01 12.74 -15.05
CA ARG A 690 0.23 12.88 -15.81
C ARG A 690 0.01 12.66 -17.30
N ILE A 691 -0.81 11.68 -17.65
CA ILE A 691 -1.07 11.40 -19.06
C ILE A 691 -1.92 12.49 -19.69
N TRP A 692 -2.78 13.13 -18.90
CA TRP A 692 -3.64 14.18 -19.45
C TRP A 692 -2.83 15.38 -19.92
N ARG A 693 -1.77 15.73 -19.17
CA ARG A 693 -0.94 16.86 -19.57
C ARG A 693 -0.24 16.60 -20.90
N LEU A 694 0.21 15.36 -21.11
CA LEU A 694 0.85 15.02 -22.37
C LEU A 694 -0.14 15.06 -23.54
N GLN A 695 -1.41 14.76 -23.28
CA GLN A 695 -2.43 14.94 -24.30
C GLN A 695 -2.57 16.41 -24.67
N ARG A 696 -2.64 17.28 -23.66
CA ARG A 696 -2.80 18.70 -23.91
C ARG A 696 -1.54 19.29 -24.53
N ALA A 697 -0.36 18.88 -24.05
CA ALA A 697 0.88 19.38 -24.60
C ALA A 697 1.09 18.98 -26.05
N ARG A 698 0.47 17.88 -26.49
CA ARG A 698 0.53 17.53 -27.91
C ARG A 698 -0.36 18.42 -28.74
N THR A 699 -1.57 18.73 -28.26
CA THR A 699 -2.46 19.62 -29.00
C THR A 699 -1.97 21.06 -28.98
N ILE A 700 -1.08 21.41 -28.06
CA ILE A 700 -0.54 22.77 -28.03
C ILE A 700 0.29 23.04 -29.28
N LEU A 701 1.11 22.08 -29.69
CA LEU A 701 1.87 22.22 -30.92
C LEU A 701 1.15 21.67 -32.14
N GLU A 702 0.19 20.76 -31.95
CA GLU A 702 -0.68 20.39 -33.06
C GLU A 702 -1.48 21.59 -33.55
N PHE A 703 -1.87 22.46 -32.61
CA PHE A 703 -2.50 23.72 -33.00
C PHE A 703 -1.48 24.69 -33.59
N GLU A 704 -0.23 24.63 -33.15
CA GLU A 704 0.76 25.60 -33.58
C GLU A 704 1.13 25.40 -35.05
N LYS A 705 1.19 24.15 -35.51
CA LYS A 705 1.54 23.89 -36.89
C LYS A 705 0.47 24.35 -37.85
N MET A 706 -0.77 24.52 -37.38
CA MET A 706 -1.83 25.00 -38.26
C MET A 706 -1.73 26.47 -38.57
N LEU A 707 -1.04 27.25 -37.74
CA LEU A 707 -0.88 28.66 -37.99
C LEU A 707 -0.01 28.88 -39.24
N PRO A 708 -0.38 29.82 -40.10
CA PRO A 708 0.48 30.14 -41.25
C PRO A 708 1.77 30.81 -40.80
N GLU A 709 2.69 30.94 -41.75
CA GLU A 709 4.02 31.46 -41.44
C GLU A 709 3.96 32.90 -40.96
N TRP A 710 3.10 33.72 -41.58
CA TRP A 710 2.94 35.09 -41.14
C TRP A 710 2.31 35.16 -39.75
N LEU A 711 1.47 34.18 -39.41
CA LEU A 711 0.84 34.17 -38.10
C LEU A 711 1.82 33.79 -37.01
N ARG A 712 2.83 32.97 -37.33
CA ARG A 712 3.85 32.60 -36.37
C ARG A 712 4.98 33.63 -36.33
N SER A 713 4.59 34.91 -36.26
CA SER A 713 5.52 36.00 -36.08
C SER A 713 5.63 36.42 -34.62
N ARG A 714 4.90 35.76 -33.74
CA ARG A 714 4.91 36.04 -32.31
C ARG A 714 5.73 34.97 -31.59
N PHE A 715 6.92 35.36 -31.13
CA PHE A 715 7.84 34.45 -30.47
C PHE A 715 8.24 35.04 -29.12
N ARG A 716 9.17 34.36 -28.44
CA ARG A 716 9.52 34.67 -27.06
C ARG A 716 10.21 36.01 -26.89
N MET A 717 11.46 36.11 -27.34
CA MET A 717 12.23 37.34 -27.15
C MET A 717 13.38 37.32 -28.14
N GLY A 718 14.02 38.48 -28.30
CA GLY A 718 15.02 38.67 -29.35
C GLY A 718 16.36 38.02 -29.12
N GLU A 719 17.42 38.68 -29.57
CA GLU A 719 18.77 38.16 -29.50
C GLU A 719 19.53 38.93 -28.43
N LEU A 720 20.03 38.20 -27.43
CA LEU A 720 20.69 38.82 -26.28
C LEU A 720 21.62 37.78 -25.66
N CYS A 721 22.02 38.01 -24.41
CA CYS A 721 22.76 37.14 -23.50
C CYS A 721 24.25 37.06 -23.80
N LYS A 722 24.72 37.54 -24.95
CA LYS A 722 26.14 37.44 -25.30
C LYS A 722 26.38 38.22 -26.58
N VAL A 723 27.56 38.81 -26.68
CA VAL A 723 28.01 39.37 -27.95
C VAL A 723 28.20 38.25 -28.96
N ALA A 724 29.09 37.31 -28.64
CA ALA A 724 29.27 36.05 -29.36
C ALA A 724 29.47 36.25 -30.86
N GLU A 725 28.88 35.37 -31.67
CA GLU A 725 28.93 35.48 -33.13
C GLU A 725 27.84 36.43 -33.60
N ASP A 726 28.00 37.71 -33.23
CA ASP A 726 27.05 38.77 -33.56
C ASP A 726 25.66 38.49 -33.00
N ASP A 727 25.63 37.77 -31.87
CA ASP A 727 24.41 37.54 -31.09
C ASP A 727 23.32 36.83 -31.89
N PHE A 728 23.60 35.58 -32.26
CA PHE A 728 22.55 34.68 -32.75
C PHE A 728 22.15 33.71 -31.63
N ARG A 729 21.62 34.30 -30.55
CA ARG A 729 21.18 33.53 -29.39
C ARG A 729 19.75 33.94 -29.08
N LEU A 730 18.80 33.09 -29.48
CA LEU A 730 17.38 33.33 -29.19
C LEU A 730 17.13 32.93 -27.75
N CYS A 731 17.19 33.89 -26.85
CA CYS A 731 17.11 33.63 -25.41
C CYS A 731 15.66 33.67 -24.94
N LEU A 732 15.48 33.48 -23.64
CA LEU A 732 14.16 33.51 -23.01
C LEU A 732 14.34 33.74 -21.52
N ARG A 733 13.67 34.75 -20.99
CA ARG A 733 13.79 35.11 -19.58
C ARG A 733 12.58 34.56 -18.83
N ILE A 734 12.82 33.62 -17.93
CA ILE A 734 11.77 33.08 -17.08
C ILE A 734 12.23 33.15 -15.63
N ASN A 735 11.49 33.89 -14.81
CA ASN A 735 11.82 34.06 -13.41
C ASN A 735 11.34 32.86 -12.60
N GLU A 736 12.22 32.36 -11.73
CA GLU A 736 11.96 31.15 -10.97
C GLU A 736 11.91 31.52 -9.49
N VAL A 737 10.72 31.53 -8.91
CA VAL A 737 10.54 31.76 -7.49
C VAL A 737 10.44 30.39 -6.81
N LYS A 738 11.54 29.93 -6.26
CA LYS A 738 11.62 28.62 -5.62
C LYS A 738 11.70 28.79 -4.12
N TRP A 739 10.65 28.40 -3.42
CA TRP A 739 10.56 28.59 -1.97
C TRP A 739 11.01 27.39 -1.17
N THR A 740 10.87 26.17 -1.71
CA THR A 740 11.26 24.99 -0.94
C THR A 740 12.77 24.85 -0.85
N GLU A 741 13.48 25.05 -1.97
CA GLU A 741 14.92 24.91 -1.95
C GLU A 741 15.60 26.04 -1.20
N TRP A 742 15.11 27.28 -1.38
CA TRP A 742 15.70 28.42 -0.70
C TRP A 742 15.52 28.31 0.82
N LYS A 743 14.35 27.84 1.25
CA LYS A 743 14.12 27.66 2.68
C LYS A 743 15.05 26.61 3.26
N THR A 744 15.29 25.53 2.52
CA THR A 744 16.23 24.52 2.98
C THR A 744 17.67 25.01 2.89
N HIS A 745 17.98 25.83 1.88
CA HIS A 745 19.35 26.31 1.71
C HIS A 745 19.78 27.19 2.87
N VAL A 746 18.92 28.12 3.30
CA VAL A 746 19.27 28.96 4.45
C VAL A 746 19.22 28.20 5.76
N SER A 747 18.54 27.06 5.82
CA SER A 747 18.46 26.27 7.03
C SER A 747 19.80 25.68 7.46
N PHE A 748 20.78 25.62 6.56
CA PHE A 748 22.12 25.22 6.93
C PHE A 748 23.05 26.42 7.02
N PRO B 62 5.12 -32.94 17.36
CA PRO B 62 6.35 -33.65 17.70
C PRO B 62 6.26 -34.34 19.06
N VAL B 63 6.21 -35.66 19.06
CA VAL B 63 6.10 -36.44 20.29
C VAL B 63 7.21 -37.48 20.31
N PHE B 64 8.00 -37.48 21.39
CA PHE B 64 9.06 -38.46 21.59
C PHE B 64 8.79 -39.21 22.88
N SER B 65 8.91 -40.54 22.83
CA SER B 65 8.55 -41.37 23.97
C SER B 65 9.47 -41.13 25.16
N LYS B 66 10.77 -41.05 24.92
CA LYS B 66 11.75 -40.86 25.98
C LYS B 66 12.57 -39.62 25.71
N PRO B 67 13.05 -38.95 26.77
CA PRO B 67 13.93 -37.80 26.57
C PRO B 67 15.40 -38.19 26.58
N MET B 68 16.19 -37.42 25.84
CA MET B 68 17.63 -37.66 25.80
C MET B 68 18.27 -37.41 27.16
N ASP B 69 17.99 -36.26 27.75
CA ASP B 69 18.53 -35.91 29.05
C ASP B 69 17.41 -35.39 29.92
N SER B 70 17.23 -36.00 31.09
CA SER B 70 16.14 -35.65 32.00
C SER B 70 16.74 -35.30 33.36
N ASN B 71 16.76 -34.01 33.68
CA ASN B 71 17.27 -33.53 34.96
C ASN B 71 16.13 -33.35 35.95
N ILE B 72 15.39 -34.43 36.18
CA ILE B 72 14.28 -34.40 37.12
C ILE B 72 14.68 -35.03 38.44
N LEU B 119 22.96 -47.51 43.28
CA LEU B 119 24.03 -46.66 43.80
C LEU B 119 24.84 -46.05 42.66
N LYS B 120 24.49 -46.41 41.43
CA LYS B 120 25.17 -45.89 40.26
C LYS B 120 24.71 -44.49 39.88
N LYS B 121 23.66 -43.98 40.52
CA LYS B 121 23.17 -42.64 40.21
C LYS B 121 24.15 -41.55 40.61
N ARG B 122 25.11 -41.86 41.50
CA ARG B 122 26.12 -40.88 41.86
C ARG B 122 27.04 -40.57 40.68
N ILE B 123 27.26 -41.53 39.80
CA ILE B 123 28.05 -41.29 38.60
C ILE B 123 27.39 -40.23 37.74
N PHE B 124 26.10 -40.41 37.45
CA PHE B 124 25.40 -39.49 36.56
C PHE B 124 25.14 -38.15 37.24
N ALA B 125 24.89 -38.16 38.55
CA ALA B 125 24.64 -36.90 39.26
C ALA B 125 25.89 -36.03 39.31
N ALA B 126 27.06 -36.65 39.50
CA ALA B 126 28.30 -35.89 39.64
C ALA B 126 28.65 -35.17 38.34
N VAL B 127 28.50 -35.84 37.20
CA VAL B 127 28.84 -35.23 35.93
C VAL B 127 27.78 -34.23 35.48
N SER B 128 26.54 -34.36 35.93
CA SER B 128 25.48 -33.46 35.50
C SER B 128 25.70 -32.05 36.05
N GLU B 129 25.94 -31.93 37.36
CA GLU B 129 26.16 -30.63 37.96
C GLU B 129 27.58 -30.11 37.76
N GLY B 130 28.47 -30.93 37.21
CA GLY B 130 29.84 -30.52 36.99
C GLY B 130 30.74 -30.64 38.20
N CYS B 131 30.25 -31.21 39.30
CA CYS B 131 31.08 -31.40 40.48
C CYS B 131 32.12 -32.48 40.19
N VAL B 132 33.38 -32.20 40.50
CA VAL B 132 34.45 -33.14 40.22
C VAL B 132 35.02 -33.74 41.51
N GLU B 133 35.03 -32.96 42.59
CA GLU B 133 35.59 -33.44 43.86
C GLU B 133 34.83 -34.66 44.38
N GLU B 134 33.51 -34.64 44.26
CA GLU B 134 32.70 -35.79 44.67
C GLU B 134 32.82 -36.96 43.70
N LEU B 135 33.48 -36.77 42.56
CA LEU B 135 33.61 -37.82 41.55
C LEU B 135 34.98 -38.48 41.55
N VAL B 136 36.06 -37.70 41.65
CA VAL B 136 37.39 -38.24 41.47
C VAL B 136 37.72 -39.26 42.57
N GLU B 137 37.40 -38.93 43.82
CA GLU B 137 37.63 -39.88 44.91
C GLU B 137 36.66 -41.04 44.83
N LEU B 138 35.42 -40.78 44.40
CA LEU B 138 34.43 -41.84 44.31
C LEU B 138 34.67 -42.74 43.09
N LEU B 139 35.26 -42.19 42.03
CA LEU B 139 35.66 -43.03 40.91
C LEU B 139 36.76 -44.02 41.30
N VAL B 140 37.63 -43.62 42.23
CA VAL B 140 38.66 -44.52 42.73
C VAL B 140 38.02 -45.71 43.43
N GLU B 141 36.95 -45.46 44.19
CA GLU B 141 36.22 -46.55 44.84
C GLU B 141 35.65 -47.52 43.82
N LEU B 142 35.01 -47.01 42.78
CA LEU B 142 34.40 -47.88 41.79
C LEU B 142 35.39 -48.82 41.12
N GLN B 143 36.66 -48.42 41.06
CA GLN B 143 37.66 -49.20 40.34
C GLN B 143 37.70 -50.65 40.84
N GLU B 144 37.41 -50.87 42.12
CA GLU B 144 37.58 -52.19 42.73
C GLU B 144 36.26 -52.87 43.08
N LEU B 145 35.11 -52.32 42.70
CA LEU B 145 33.86 -53.08 42.84
C LEU B 145 33.84 -54.26 41.88
N CYS B 146 34.27 -54.07 40.63
CA CYS B 146 34.26 -55.16 39.66
C CYS B 146 35.29 -56.22 40.00
N ARG B 147 36.41 -55.82 40.63
CA ARG B 147 37.46 -56.77 40.96
C ARG B 147 37.01 -57.75 42.05
N ARG B 148 36.37 -57.24 43.11
CA ARG B 148 35.94 -58.13 44.18
C ARG B 148 34.71 -58.93 43.80
N ARG B 149 34.01 -58.52 42.75
CA ARG B 149 32.85 -59.25 42.28
C ARG B 149 33.02 -60.75 42.50
N PHE B 157 35.88 -56.34 32.97
CA PHE B 157 35.58 -57.01 31.72
C PHE B 157 34.28 -56.47 31.09
N LEU B 158 33.33 -56.11 31.95
CA LEU B 158 32.04 -55.60 31.47
C LEU B 158 31.54 -54.59 32.52
N MET B 159 31.91 -53.33 32.31
CA MET B 159 31.48 -52.24 33.18
C MET B 159 30.09 -51.79 32.74
N HIS B 160 29.08 -52.50 33.21
CA HIS B 160 27.69 -52.11 33.02
C HIS B 160 27.30 -50.98 33.96
N LYS B 161 27.90 -50.96 35.17
CA LYS B 161 27.40 -50.11 36.25
C LYS B 161 27.42 -48.63 35.89
N LEU B 162 28.36 -48.19 35.07
CA LEU B 162 28.46 -46.77 34.75
C LEU B 162 27.69 -46.39 33.49
N THR B 163 27.02 -47.35 32.84
CA THR B 163 26.17 -47.07 31.69
C THR B 163 24.72 -47.36 32.05
N ALA B 164 23.81 -46.59 31.47
CA ALA B 164 22.39 -46.79 31.74
C ALA B 164 21.90 -48.08 31.09
N SER B 165 20.72 -48.53 31.52
CA SER B 165 20.15 -49.79 31.07
C SER B 165 19.04 -49.63 30.04
N ASP B 166 18.01 -48.85 30.38
CA ASP B 166 16.92 -48.62 29.44
C ASP B 166 17.39 -47.85 28.21
N THR B 167 18.43 -47.03 28.36
CA THR B 167 19.06 -46.33 27.27
C THR B 167 20.55 -46.60 27.29
N GLY B 168 21.18 -46.43 26.14
CA GLY B 168 22.61 -46.65 26.08
C GLY B 168 23.46 -45.51 26.58
N LYS B 169 22.84 -44.44 27.07
CA LYS B 169 23.57 -43.26 27.51
C LYS B 169 24.52 -43.60 28.65
N THR B 170 25.76 -43.16 28.54
CA THR B 170 26.77 -43.35 29.57
C THR B 170 27.08 -42.02 30.25
N CYS B 171 28.05 -42.04 31.14
CA CYS B 171 28.46 -40.81 31.81
C CYS B 171 29.09 -39.82 30.83
N LEU B 172 29.77 -40.32 29.81
CA LEU B 172 30.36 -39.43 28.82
C LEU B 172 29.29 -38.68 28.05
N MET B 173 28.21 -39.36 27.66
CA MET B 173 27.08 -38.66 27.06
C MET B 173 26.38 -37.77 28.07
N LYS B 174 26.29 -38.21 29.33
CA LYS B 174 25.65 -37.42 30.36
C LYS B 174 26.46 -36.15 30.66
N ALA B 175 27.78 -36.24 30.65
CA ALA B 175 28.62 -35.08 30.91
C ALA B 175 28.46 -34.04 29.82
N LEU B 176 28.47 -34.48 28.56
CA LEU B 176 28.42 -33.55 27.44
C LEU B 176 27.02 -32.99 27.22
N LEU B 177 25.98 -33.71 27.63
CA LEU B 177 24.63 -33.21 27.47
C LEU B 177 24.27 -32.16 28.50
N ASN B 178 25.06 -32.03 29.56
CA ASN B 178 24.82 -31.10 30.66
C ASN B 178 26.03 -30.20 30.85
N ILE B 179 26.42 -29.53 29.77
CA ILE B 179 27.70 -28.84 29.72
C ILE B 179 27.79 -27.74 30.78
N ASN B 180 29.01 -27.44 31.18
CA ASN B 180 29.31 -26.41 32.17
C ASN B 180 30.79 -26.08 32.07
N PRO B 181 31.24 -24.98 32.67
CA PRO B 181 32.68 -24.67 32.64
C PRO B 181 33.55 -25.73 33.29
N ASN B 182 32.98 -26.61 34.11
CA ASN B 182 33.74 -27.69 34.73
C ASN B 182 33.74 -28.97 33.89
N THR B 183 33.07 -28.98 32.74
CA THR B 183 32.92 -30.23 31.98
C THR B 183 34.25 -30.69 31.39
N LYS B 184 35.08 -29.76 30.91
CA LYS B 184 36.37 -30.12 30.37
C LYS B 184 37.25 -30.79 31.42
N GLU B 185 37.09 -30.43 32.69
CA GLU B 185 37.82 -31.04 33.78
C GLU B 185 37.33 -32.44 34.11
N ILE B 186 36.20 -32.86 33.55
CA ILE B 186 35.62 -34.16 33.83
C ILE B 186 35.88 -35.16 32.72
N VAL B 187 35.89 -34.69 31.47
CA VAL B 187 36.01 -35.60 30.33
C VAL B 187 37.40 -36.23 30.30
N ARG B 188 38.43 -35.48 30.70
CA ARG B 188 39.79 -36.02 30.64
C ARG B 188 39.98 -37.15 31.65
N ILE B 189 39.42 -37.00 32.86
CA ILE B 189 39.59 -38.06 33.86
C ILE B 189 38.61 -39.20 33.62
N LEU B 190 37.47 -38.91 33.00
CA LEU B 190 36.50 -39.96 32.71
C LEU B 190 37.05 -40.96 31.70
N LEU B 191 37.76 -40.47 30.68
CA LEU B 191 38.36 -41.37 29.71
C LEU B 191 39.52 -42.15 30.31
N ALA B 192 40.26 -41.52 31.24
CA ALA B 192 41.38 -42.19 31.87
C ALA B 192 40.92 -43.39 32.70
N PHE B 193 39.69 -43.35 33.22
CA PHE B 193 39.15 -44.49 33.94
C PHE B 193 39.01 -45.70 33.03
N ALA B 194 38.53 -45.49 31.80
CA ALA B 194 38.38 -46.58 30.86
C ALA B 194 39.72 -47.11 30.36
N GLU B 195 40.77 -46.29 30.42
CA GLU B 195 42.10 -46.76 30.04
C GLU B 195 42.60 -47.83 31.00
N GLU B 196 42.34 -47.65 32.31
CA GLU B 196 42.79 -48.62 33.29
C GLU B 196 42.06 -49.95 33.16
N ASN B 197 40.77 -49.91 32.86
CA ASN B 197 40.00 -51.12 32.65
C ASN B 197 40.09 -51.64 31.22
N ASP B 198 40.78 -50.90 30.33
CA ASP B 198 40.97 -51.29 28.93
C ASP B 198 39.64 -51.50 28.21
N ILE B 199 38.66 -50.67 28.53
CA ILE B 199 37.35 -50.71 27.90
C ILE B 199 37.04 -49.41 27.16
N LEU B 200 38.08 -48.67 26.77
CA LEU B 200 37.87 -47.41 26.07
C LEU B 200 37.23 -47.63 24.70
N GLY B 201 37.43 -48.80 24.10
CA GLY B 201 36.80 -49.08 22.82
C GLY B 201 35.30 -49.13 22.92
N ARG B 202 34.78 -49.83 23.93
CA ARG B 202 33.34 -49.90 24.12
C ARG B 202 32.79 -48.62 24.76
N PHE B 203 33.60 -47.95 25.57
CA PHE B 203 33.13 -46.74 26.25
C PHE B 203 32.98 -45.59 25.28
N ILE B 204 33.99 -45.38 24.42
CA ILE B 204 33.93 -44.27 23.47
C ILE B 204 32.88 -44.55 22.40
N ASN B 205 32.84 -45.77 21.88
CA ASN B 205 31.87 -46.15 20.85
C ASN B 205 30.54 -46.58 21.44
N ALA B 206 30.21 -46.12 22.63
CA ALA B 206 28.93 -46.49 23.24
C ALA B 206 27.77 -45.94 22.41
N GLU B 207 26.74 -46.77 22.26
CA GLU B 207 25.62 -46.48 21.37
C GLU B 207 24.35 -46.30 22.17
N TYR B 208 23.53 -45.34 21.74
CA TYR B 208 22.18 -45.23 22.28
C TYR B 208 21.36 -46.45 21.88
N THR B 209 20.29 -46.70 22.63
CA THR B 209 19.47 -47.86 22.39
C THR B 209 17.98 -47.57 22.25
N GLU B 210 17.53 -46.34 22.54
CA GLU B 210 16.15 -46.00 22.29
C GLU B 210 15.86 -45.97 20.79
N GLU B 211 14.63 -46.32 20.44
CA GLU B 211 14.24 -46.31 19.04
C GLU B 211 14.20 -44.89 18.47
N ALA B 212 13.84 -43.91 19.29
CA ALA B 212 13.83 -42.52 18.83
C ALA B 212 15.23 -42.03 18.54
N TYR B 213 16.11 -42.17 19.53
CA TYR B 213 17.50 -41.76 19.36
C TYR B 213 18.36 -43.01 19.38
N GLU B 214 18.76 -43.47 18.21
CA GLU B 214 19.56 -44.69 18.10
C GLU B 214 20.83 -44.37 17.32
N GLY B 215 21.96 -44.86 17.81
CA GLY B 215 23.22 -44.65 17.14
C GLY B 215 23.97 -43.40 17.54
N GLN B 216 23.39 -42.56 18.38
CA GLN B 216 24.08 -41.34 18.81
C GLN B 216 25.26 -41.71 19.71
N THR B 217 26.42 -41.15 19.41
CA THR B 217 27.64 -41.42 20.14
C THR B 217 28.09 -40.18 20.90
N ALA B 218 29.16 -40.34 21.68
CA ALA B 218 29.69 -39.22 22.45
C ALA B 218 30.27 -38.14 21.55
N LEU B 219 30.87 -38.54 20.42
CA LEU B 219 31.38 -37.56 19.48
C LEU B 219 30.26 -36.74 18.87
N ASN B 220 29.10 -37.37 18.63
CA ASN B 220 27.98 -36.66 18.05
C ASN B 220 27.47 -35.56 18.97
N ILE B 221 27.42 -35.83 20.28
CA ILE B 221 26.96 -34.82 21.23
C ILE B 221 28.00 -33.73 21.40
N ALA B 222 29.28 -34.10 21.39
CA ALA B 222 30.34 -33.11 21.56
C ALA B 222 30.38 -32.14 20.37
N ILE B 223 30.14 -32.65 19.17
CA ILE B 223 30.11 -31.79 17.99
C ILE B 223 28.92 -30.86 18.04
N GLU B 224 27.77 -31.36 18.52
CA GLU B 224 26.56 -30.54 18.58
C GLU B 224 26.72 -29.38 19.55
N ARG B 225 27.38 -29.60 20.68
CA ARG B 225 27.48 -28.56 21.71
C ARG B 225 28.66 -27.63 21.46
N ARG B 226 28.82 -27.21 20.20
CA ARG B 226 29.77 -26.19 19.76
C ARG B 226 31.13 -26.26 20.43
N GLN B 227 31.68 -27.47 20.60
CA GLN B 227 32.90 -27.67 21.36
C GLN B 227 33.91 -28.43 20.51
N GLY B 228 34.84 -27.71 19.90
CA GLY B 228 35.90 -28.34 19.15
C GLY B 228 37.06 -28.86 19.99
N ASP B 229 37.07 -28.54 21.28
CA ASP B 229 38.14 -28.99 22.16
C ASP B 229 37.98 -30.46 22.51
N ILE B 230 36.83 -30.82 23.09
CA ILE B 230 36.57 -32.22 23.44
C ILE B 230 36.39 -33.05 22.18
N ALA B 231 35.77 -32.48 21.14
CA ALA B 231 35.54 -33.22 19.91
C ALA B 231 36.85 -33.66 19.28
N ALA B 232 37.87 -32.79 19.28
CA ALA B 232 39.18 -33.20 18.81
C ALA B 232 39.81 -34.22 19.76
N LEU B 233 39.55 -34.07 21.06
CA LEU B 233 40.10 -35.00 22.04
C LEU B 233 39.52 -36.40 21.87
N LEU B 234 38.20 -36.49 21.62
CA LEU B 234 37.58 -37.79 21.45
C LEU B 234 38.05 -38.46 20.17
N ILE B 235 38.17 -37.70 19.08
CA ILE B 235 38.65 -38.27 17.82
C ILE B 235 40.08 -38.74 17.97
N ALA B 236 40.93 -37.95 18.64
CA ALA B 236 42.29 -38.39 18.94
C ALA B 236 42.32 -39.58 19.88
N ALA B 237 41.27 -39.78 20.67
CA ALA B 237 41.18 -40.93 21.56
C ALA B 237 40.66 -42.18 20.85
N GLY B 238 40.31 -42.08 19.57
CA GLY B 238 39.82 -43.23 18.84
C GLY B 238 38.31 -43.26 18.69
N ALA B 239 37.71 -42.09 18.51
CA ALA B 239 36.26 -42.01 18.35
C ALA B 239 35.84 -42.63 17.03
N ASP B 240 34.65 -43.25 17.05
CA ASP B 240 34.12 -43.85 15.83
C ASP B 240 33.66 -42.76 14.87
N VAL B 241 34.58 -42.30 14.01
CA VAL B 241 34.20 -41.38 12.95
C VAL B 241 33.27 -42.13 11.99
N ASN B 242 32.45 -41.35 11.28
CA ASN B 242 31.42 -41.84 10.35
C ASN B 242 30.58 -42.96 10.96
N ALA B 243 30.15 -42.73 12.20
CA ALA B 243 29.18 -43.58 12.87
C ALA B 243 27.81 -42.95 12.70
N HIS B 244 26.84 -43.75 12.26
CA HIS B 244 25.55 -43.22 11.84
C HIS B 244 24.55 -43.26 12.98
N ALA B 245 23.89 -42.13 13.21
CA ALA B 245 22.84 -42.02 14.23
C ALA B 245 21.49 -42.33 13.58
N LYS B 246 21.23 -43.61 13.42
CA LYS B 246 20.06 -44.10 12.67
C LYS B 246 18.81 -44.18 13.55
N GLY B 247 18.49 -43.08 14.23
CA GLY B 247 17.34 -43.04 15.10
C GLY B 247 16.13 -42.42 14.41
N ALA B 248 14.95 -42.69 14.96
CA ALA B 248 13.74 -42.09 14.42
C ALA B 248 13.71 -40.60 14.63
N PHE B 249 14.32 -40.12 15.72
CA PHE B 249 14.43 -38.69 15.94
C PHE B 249 15.38 -38.04 14.95
N PHE B 250 16.53 -38.66 14.72
CA PHE B 250 17.51 -38.11 13.78
C PHE B 250 17.05 -38.23 12.33
N ASN B 251 16.05 -39.06 12.08
CA ASN B 251 15.50 -39.28 10.73
C ASN B 251 13.99 -39.07 10.79
N PRO B 252 13.55 -37.82 10.91
CA PRO B 252 12.11 -37.57 11.08
C PRO B 252 11.34 -37.83 9.80
N LYS B 253 10.06 -38.17 9.98
CA LYS B 253 9.19 -38.38 8.83
C LYS B 253 8.80 -37.07 8.16
N TYR B 254 8.95 -35.94 8.86
CA TYR B 254 8.62 -34.63 8.31
C TYR B 254 9.71 -33.65 8.74
N GLN B 255 9.47 -32.37 8.49
CA GLN B 255 10.43 -31.35 8.89
C GLN B 255 10.36 -31.09 10.39
N HIS B 256 9.16 -31.14 10.96
CA HIS B 256 8.95 -30.75 12.36
C HIS B 256 8.99 -31.92 13.32
N GLU B 257 9.33 -33.13 12.86
CA GLU B 257 9.32 -34.29 13.73
C GLU B 257 10.69 -34.63 14.29
N GLY B 258 11.70 -33.82 14.01
CA GLY B 258 13.03 -34.09 14.52
C GLY B 258 14.06 -33.17 13.90
N PHE B 259 15.31 -33.62 13.93
CA PHE B 259 16.45 -32.86 13.40
C PHE B 259 17.22 -33.79 12.48
N TYR B 260 17.04 -33.62 11.18
CA TYR B 260 17.79 -34.40 10.19
C TYR B 260 18.99 -33.60 9.73
N PHE B 261 20.17 -34.24 9.76
CA PHE B 261 21.40 -33.57 9.40
C PHE B 261 22.33 -34.44 8.58
N GLY B 262 21.89 -35.62 8.14
CA GLY B 262 22.75 -36.53 7.41
C GLY B 262 23.26 -37.70 8.23
N GLU B 263 23.01 -37.71 9.53
CA GLU B 263 23.29 -38.85 10.40
C GLU B 263 24.77 -39.23 10.42
N THR B 264 25.64 -38.23 10.33
CA THR B 264 27.07 -38.46 10.45
C THR B 264 27.70 -37.31 11.23
N PRO B 265 28.79 -37.59 11.96
CA PRO B 265 29.47 -36.49 12.67
C PRO B 265 30.01 -35.42 11.74
N LEU B 266 30.42 -35.79 10.53
CA LEU B 266 30.91 -34.79 9.59
C LEU B 266 29.80 -33.89 9.09
N ALA B 267 28.65 -34.48 8.76
CA ALA B 267 27.53 -33.67 8.28
C ALA B 267 26.87 -32.88 9.40
N LEU B 268 26.92 -33.38 10.63
CA LEU B 268 26.39 -32.61 11.75
C LEU B 268 27.21 -31.35 11.97
N ALA B 269 28.54 -31.46 11.91
CA ALA B 269 29.38 -30.28 11.98
C ALA B 269 29.19 -29.40 10.75
N ALA B 270 28.83 -30.00 9.61
CA ALA B 270 28.56 -29.23 8.41
C ALA B 270 27.18 -28.60 8.44
N CYS B 271 26.18 -29.32 8.97
CA CYS B 271 24.84 -28.76 9.06
C CYS B 271 24.77 -27.66 10.09
N THR B 272 25.51 -27.79 11.20
CA THR B 272 25.78 -26.65 12.06
C THR B 272 26.84 -25.78 11.41
N ASN B 273 27.13 -24.63 12.02
CA ASN B 273 28.06 -23.68 11.43
C ASN B 273 29.46 -23.80 12.01
N GLN B 274 29.92 -25.02 12.29
CA GLN B 274 31.27 -25.20 12.82
C GLN B 274 32.17 -25.72 11.71
N PRO B 275 32.92 -24.86 11.01
CA PRO B 275 33.79 -25.36 9.95
C PRO B 275 35.11 -25.91 10.45
N GLU B 276 35.54 -25.52 11.65
CA GLU B 276 36.81 -26.02 12.17
C GLU B 276 36.75 -27.52 12.43
N ILE B 277 35.66 -28.00 13.02
CA ILE B 277 35.50 -29.43 13.23
C ILE B 277 35.36 -30.15 11.90
N VAL B 278 34.71 -29.51 10.92
CA VAL B 278 34.67 -30.07 9.57
C VAL B 278 36.09 -30.22 9.03
N GLN B 279 36.88 -29.14 9.10
CA GLN B 279 38.24 -29.17 8.58
C GLN B 279 39.06 -30.24 9.26
N LEU B 280 38.87 -30.44 10.56
CA LEU B 280 39.54 -31.52 11.26
C LEU B 280 39.08 -32.88 10.76
N LEU B 281 37.79 -32.99 10.44
CA LEU B 281 37.24 -34.29 10.02
C LEU B 281 37.64 -34.62 8.58
N MET B 282 37.78 -33.59 7.73
CA MET B 282 38.28 -33.83 6.38
C MET B 282 39.71 -34.35 6.40
N GLU B 283 40.54 -33.81 7.30
CA GLU B 283 41.95 -34.19 7.33
C GLU B 283 42.17 -35.57 7.93
N HIS B 284 41.19 -36.09 8.67
CA HIS B 284 41.32 -37.43 9.25
C HIS B 284 41.32 -38.49 8.16
N GLU B 285 42.17 -39.51 8.34
CA GLU B 285 42.28 -40.55 7.32
C GLU B 285 41.09 -41.49 7.32
N GLN B 286 40.57 -41.83 8.49
CA GLN B 286 39.50 -42.82 8.60
C GLN B 286 38.15 -42.27 8.16
N THR B 287 38.02 -40.96 7.97
CA THR B 287 36.72 -40.38 7.61
C THR B 287 36.34 -40.79 6.19
N ASP B 288 35.13 -41.34 6.05
CA ASP B 288 34.58 -41.70 4.74
C ASP B 288 33.72 -40.54 4.27
N ILE B 289 34.20 -39.82 3.26
CA ILE B 289 33.47 -38.66 2.75
C ILE B 289 32.21 -39.11 2.03
N THR B 290 32.33 -40.07 1.11
CA THR B 290 31.19 -40.54 0.32
C THR B 290 30.48 -41.66 1.08
N SER B 291 29.91 -41.28 2.23
CA SER B 291 29.17 -42.21 3.07
C SER B 291 27.70 -41.83 3.02
N ARG B 292 26.86 -42.84 2.81
CA ARG B 292 25.42 -42.63 2.63
C ARG B 292 24.67 -43.11 3.86
N ASP B 293 23.78 -42.28 4.38
CA ASP B 293 23.03 -42.62 5.57
C ASP B 293 21.80 -43.44 5.19
N SER B 294 20.88 -43.60 6.14
CA SER B 294 19.71 -44.46 5.95
C SER B 294 18.75 -43.91 4.91
N ARG B 295 18.83 -42.61 4.59
CA ARG B 295 18.02 -42.03 3.53
C ARG B 295 18.70 -42.11 2.17
N GLY B 296 19.87 -42.74 2.09
CA GLY B 296 20.63 -42.73 0.86
C GLY B 296 21.26 -41.40 0.53
N ASN B 297 21.31 -40.47 1.47
CA ASN B 297 21.80 -39.13 1.22
C ASN B 297 23.33 -39.13 1.24
N ASN B 298 23.91 -37.94 1.34
CA ASN B 298 25.36 -37.75 1.32
C ASN B 298 25.67 -36.55 2.20
N ILE B 299 26.93 -36.13 2.20
CA ILE B 299 27.29 -34.88 2.87
C ILE B 299 26.68 -33.71 2.13
N LEU B 300 26.60 -33.79 0.81
CA LEU B 300 26.04 -32.71 0.01
C LEU B 300 24.53 -32.76 -0.07
N HIS B 301 23.94 -33.97 -0.04
CA HIS B 301 22.49 -34.08 0.01
C HIS B 301 21.96 -33.49 1.31
N ALA B 302 22.65 -33.73 2.43
CA ALA B 302 22.20 -33.22 3.72
C ALA B 302 22.28 -31.71 3.76
N LEU B 303 23.33 -31.12 3.18
CA LEU B 303 23.43 -29.67 3.14
C LEU B 303 22.33 -29.05 2.30
N VAL B 304 21.94 -29.73 1.22
CA VAL B 304 20.85 -29.23 0.39
C VAL B 304 19.54 -29.19 1.18
N THR B 305 19.30 -30.22 2.00
CA THR B 305 18.05 -30.30 2.75
C THR B 305 17.95 -29.21 3.80
N VAL B 306 19.08 -28.87 4.46
CA VAL B 306 19.04 -27.93 5.57
C VAL B 306 19.16 -26.48 5.11
N ALA B 307 19.28 -26.23 3.81
CA ALA B 307 19.31 -24.86 3.32
C ALA B 307 17.90 -24.28 3.34
N GLU B 308 17.77 -23.06 2.84
CA GLU B 308 16.47 -22.40 2.75
C GLU B 308 16.37 -21.63 1.45
N ASP B 309 15.15 -21.54 0.93
CA ASP B 309 14.90 -20.77 -0.29
C ASP B 309 14.86 -19.27 -0.04
N PHE B 310 14.57 -18.84 1.18
CA PHE B 310 14.56 -17.42 1.49
C PHE B 310 15.97 -16.87 1.54
N LYS B 311 16.20 -15.75 0.85
CA LYS B 311 17.53 -15.15 0.78
C LYS B 311 17.91 -14.63 2.16
N THR B 312 18.95 -15.22 2.74
CA THR B 312 19.49 -14.79 4.02
C THR B 312 20.85 -14.12 3.80
N GLN B 313 21.13 -13.12 4.64
CA GLN B 313 22.36 -12.36 4.48
C GLN B 313 23.59 -13.22 4.76
N ASN B 314 23.52 -14.07 5.79
CA ASN B 314 24.64 -14.91 6.20
C ASN B 314 24.17 -16.37 6.20
N ASP B 315 24.25 -17.01 5.03
CA ASP B 315 23.91 -18.41 4.89
C ASP B 315 25.19 -19.21 4.70
N PHE B 316 25.49 -20.09 5.65
CA PHE B 316 26.71 -20.88 5.62
C PHE B 316 26.63 -22.10 4.73
N VAL B 317 25.43 -22.50 4.32
CA VAL B 317 25.27 -23.77 3.61
C VAL B 317 25.95 -23.72 2.25
N LYS B 318 25.67 -22.69 1.46
CA LYS B 318 26.34 -22.54 0.18
C LYS B 318 27.80 -22.17 0.35
N ARG B 319 28.17 -21.59 1.49
CA ARG B 319 29.58 -21.32 1.78
C ARG B 319 30.30 -22.60 2.17
N MET B 320 29.60 -23.51 2.85
CA MET B 320 30.20 -24.77 3.27
C MET B 320 30.06 -25.86 2.20
N TYR B 321 29.12 -25.69 1.27
CA TYR B 321 29.08 -26.56 0.10
C TYR B 321 30.35 -26.43 -0.71
N ASP B 322 30.88 -25.21 -0.81
CA ASP B 322 32.13 -24.98 -1.54
C ASP B 322 33.30 -25.68 -0.86
N MET B 323 33.37 -25.60 0.47
CA MET B 323 34.52 -26.12 1.19
C MET B 323 34.59 -27.65 1.09
N ILE B 324 33.46 -28.31 1.28
CA ILE B 324 33.46 -29.77 1.28
C ILE B 324 33.70 -30.32 -0.12
N LEU B 325 33.12 -29.68 -1.14
CA LEU B 325 33.27 -30.18 -2.49
C LEU B 325 34.69 -29.97 -3.01
N LEU B 326 35.27 -28.80 -2.77
CA LEU B 326 36.62 -28.51 -3.27
C LEU B 326 37.66 -29.42 -2.64
N ARG B 327 37.55 -29.65 -1.33
CA ARG B 327 38.52 -30.51 -0.65
C ARG B 327 38.42 -31.95 -1.15
N SER B 328 37.22 -32.41 -1.47
CA SER B 328 37.09 -33.70 -2.13
C SER B 328 37.71 -33.66 -3.51
N GLY B 329 37.42 -32.62 -4.29
CA GLY B 329 38.09 -32.38 -5.55
C GLY B 329 37.85 -33.42 -6.62
N ASN B 330 36.65 -33.96 -6.67
CA ASN B 330 36.34 -34.93 -7.69
C ASN B 330 34.85 -34.95 -7.98
N TRP B 331 34.45 -35.68 -9.01
CA TRP B 331 33.05 -35.74 -9.40
C TRP B 331 32.40 -37.04 -8.93
N GLU B 332 32.32 -37.20 -7.60
CA GLU B 332 31.61 -38.35 -7.06
C GLU B 332 30.61 -37.90 -6.00
N LEU B 333 30.84 -36.74 -5.38
CA LEU B 333 29.85 -36.22 -4.43
C LEU B 333 28.67 -35.63 -5.18
N GLU B 334 28.91 -35.01 -6.33
CA GLU B 334 27.84 -34.40 -7.12
C GLU B 334 27.16 -35.40 -8.04
N THR B 335 27.66 -36.63 -8.12
CA THR B 335 27.05 -37.65 -8.97
C THR B 335 26.46 -38.80 -8.19
N THR B 336 26.68 -38.87 -6.88
CA THR B 336 26.16 -39.98 -6.09
C THR B 336 24.65 -39.88 -5.98
N ARG B 337 23.97 -40.97 -6.31
CA ARG B 337 22.52 -40.97 -6.38
C ARG B 337 21.90 -41.16 -5.00
N ASN B 338 20.71 -40.60 -4.83
CA ASN B 338 19.93 -40.76 -3.62
C ASN B 338 19.25 -42.12 -3.59
N ASN B 339 18.60 -42.42 -2.46
CA ASN B 339 17.79 -43.62 -2.39
C ASN B 339 16.56 -43.52 -3.28
N ASP B 340 15.88 -42.37 -3.22
CA ASP B 340 14.82 -42.09 -4.19
C ASP B 340 15.38 -42.00 -5.60
N GLY B 341 16.65 -41.60 -5.72
CA GLY B 341 17.34 -41.47 -6.98
C GLY B 341 17.37 -40.01 -7.39
N LEU B 342 18.39 -39.30 -6.93
CA LEU B 342 18.47 -37.85 -7.08
C LEU B 342 19.89 -37.38 -6.76
N THR B 343 20.53 -36.69 -7.70
CA THR B 343 21.82 -36.10 -7.44
C THR B 343 21.65 -34.88 -6.54
N PRO B 344 22.73 -34.38 -5.93
CA PRO B 344 22.61 -33.14 -5.15
C PRO B 344 22.11 -31.97 -5.97
N LEU B 345 22.34 -31.96 -7.29
CA LEU B 345 21.74 -30.96 -8.15
C LEU B 345 20.22 -31.09 -8.17
N GLN B 346 19.72 -32.28 -8.46
CA GLN B 346 18.28 -32.47 -8.60
C GLN B 346 17.56 -32.33 -7.28
N LEU B 347 18.21 -32.68 -6.17
CA LEU B 347 17.58 -32.57 -4.86
C LEU B 347 17.27 -31.12 -4.52
N ALA B 348 18.14 -30.19 -4.93
CA ALA B 348 17.87 -28.78 -4.69
C ALA B 348 16.68 -28.29 -5.51
N ALA B 349 16.42 -28.92 -6.65
CA ALA B 349 15.25 -28.56 -7.45
C ALA B 349 13.98 -29.13 -6.84
N LYS B 350 14.05 -30.35 -6.31
CA LYS B 350 12.87 -30.97 -5.71
C LYS B 350 12.46 -30.24 -4.44
N MET B 351 13.42 -29.80 -3.63
CA MET B 351 13.12 -29.07 -2.42
C MET B 351 13.00 -27.57 -2.64
N GLY B 352 13.23 -27.09 -3.86
CA GLY B 352 13.11 -25.68 -4.15
C GLY B 352 14.16 -24.80 -3.52
N LYS B 353 15.42 -25.24 -3.52
CA LYS B 353 16.52 -24.45 -2.97
C LYS B 353 17.11 -23.61 -4.10
N ALA B 354 16.67 -22.36 -4.18
CA ALA B 354 17.08 -21.51 -5.30
C ALA B 354 18.51 -21.04 -5.17
N GLU B 355 18.96 -20.71 -3.96
CA GLU B 355 20.32 -20.20 -3.77
C GLU B 355 21.36 -21.26 -4.07
N ILE B 356 21.11 -22.50 -3.66
CA ILE B 356 22.03 -23.58 -3.97
C ILE B 356 21.98 -23.91 -5.47
N LEU B 357 20.79 -23.91 -6.05
CA LEU B 357 20.67 -24.18 -7.48
C LEU B 357 21.39 -23.11 -8.31
N LYS B 358 21.23 -21.84 -7.92
CA LYS B 358 21.94 -20.78 -8.63
C LYS B 358 23.45 -20.89 -8.44
N TYR B 359 23.89 -21.37 -7.28
CA TYR B 359 25.33 -21.52 -7.05
C TYR B 359 25.88 -22.72 -7.79
N ILE B 360 25.16 -23.85 -7.78
CA ILE B 360 25.68 -25.06 -8.40
C ILE B 360 25.70 -24.92 -9.91
N LEU B 361 24.60 -24.43 -10.49
CA LEU B 361 24.51 -24.34 -11.94
C LEU B 361 25.51 -23.34 -12.52
N SER B 362 25.89 -22.33 -11.74
CA SER B 362 26.83 -21.30 -12.17
C SER B 362 28.13 -21.37 -11.38
N ARG B 363 28.55 -22.59 -11.04
CA ARG B 363 29.78 -22.78 -10.28
C ARG B 363 30.97 -22.72 -11.22
N GLU B 364 31.84 -21.74 -11.03
CA GLU B 364 33.05 -21.58 -11.82
C GLU B 364 34.25 -21.60 -10.89
N ILE B 365 35.20 -22.48 -11.19
CA ILE B 365 36.43 -22.61 -10.40
C ILE B 365 37.56 -21.99 -11.20
N LYS B 366 38.19 -20.95 -10.63
CA LYS B 366 39.21 -20.22 -11.37
C LYS B 366 40.52 -21.00 -11.45
N GLU B 367 40.93 -21.62 -10.35
CA GLU B 367 42.25 -22.24 -10.30
C GLU B 367 42.29 -23.52 -11.12
N LYS B 368 43.51 -23.88 -11.54
CA LYS B 368 43.71 -25.13 -12.26
C LYS B 368 43.61 -26.31 -11.29
N ARG B 369 43.57 -27.52 -11.88
CA ARG B 369 43.47 -28.81 -11.20
C ARG B 369 42.09 -29.00 -10.58
N LEU B 370 41.29 -27.93 -10.54
CA LEU B 370 39.94 -27.98 -10.02
C LEU B 370 38.93 -27.35 -10.97
N ARG B 371 39.37 -26.90 -12.15
CA ARG B 371 38.44 -26.37 -13.13
C ARG B 371 37.54 -27.44 -13.72
N SER B 372 37.88 -28.72 -13.57
CA SER B 372 36.98 -29.79 -13.98
C SER B 372 35.74 -29.88 -13.09
N LEU B 373 35.75 -29.20 -11.94
CA LEU B 373 34.59 -29.12 -11.06
C LEU B 373 33.73 -27.90 -11.33
N SER B 374 33.73 -27.40 -12.55
CA SER B 374 32.98 -26.20 -12.90
C SER B 374 31.83 -26.56 -13.84
N ARG B 375 30.68 -25.95 -13.59
CA ARG B 375 29.52 -26.12 -14.46
C ARG B 375 29.32 -24.96 -15.42
N LYS B 376 30.20 -23.96 -15.39
CA LYS B 376 30.10 -22.82 -16.27
C LYS B 376 31.50 -22.29 -16.54
N PHE B 377 31.93 -22.31 -17.79
CA PHE B 377 33.25 -21.85 -18.19
C PHE B 377 33.06 -20.60 -19.02
N THR B 378 33.35 -19.43 -18.44
CA THR B 378 33.20 -18.19 -19.17
C THR B 378 34.25 -18.11 -20.28
N ASP B 379 33.79 -17.88 -21.50
CA ASP B 379 34.70 -17.87 -22.65
C ASP B 379 35.39 -16.53 -22.80
N TRP B 380 34.62 -15.46 -22.96
CA TRP B 380 35.19 -14.13 -23.08
C TRP B 380 34.19 -13.12 -22.55
N ALA B 381 34.71 -11.97 -22.15
CA ALA B 381 33.88 -10.87 -21.66
C ALA B 381 34.43 -9.57 -22.22
N TYR B 382 33.52 -8.67 -22.60
CA TYR B 382 33.93 -7.37 -23.14
C TYR B 382 32.87 -6.35 -22.73
N GLY B 383 33.12 -5.65 -21.63
CA GLY B 383 32.16 -4.71 -21.11
C GLY B 383 30.92 -5.40 -20.58
N PRO B 384 29.76 -4.96 -21.04
CA PRO B 384 28.51 -5.55 -20.53
C PRO B 384 28.27 -6.98 -20.98
N VAL B 385 28.72 -7.34 -22.18
CA VAL B 385 28.43 -8.63 -22.77
C VAL B 385 29.52 -9.62 -22.40
N SER B 386 29.12 -10.78 -21.91
CA SER B 386 30.03 -11.88 -21.62
C SER B 386 29.40 -13.16 -22.14
N SER B 387 30.19 -13.96 -22.86
CA SER B 387 29.70 -15.17 -23.49
C SER B 387 30.06 -16.36 -22.61
N SER B 388 29.28 -16.56 -21.56
CA SER B 388 29.45 -17.70 -20.67
C SER B 388 29.04 -18.97 -21.39
N LEU B 389 29.71 -20.06 -21.07
CA LEU B 389 29.51 -21.34 -21.75
C LEU B 389 29.15 -22.38 -20.69
N TYR B 390 27.85 -22.59 -20.50
CA TYR B 390 27.33 -23.39 -19.40
C TYR B 390 27.43 -24.88 -19.73
N ASP B 391 27.24 -25.69 -18.69
CA ASP B 391 27.19 -27.14 -18.80
C ASP B 391 25.80 -27.60 -18.42
N LEU B 392 25.24 -28.48 -19.24
CA LEU B 392 23.92 -29.07 -18.98
C LEU B 392 23.97 -30.58 -19.12
N THR B 393 24.99 -31.21 -18.53
CA THR B 393 25.07 -32.66 -18.55
C THR B 393 23.97 -33.32 -17.74
N ASN B 394 23.28 -32.55 -16.89
CA ASN B 394 22.13 -33.08 -16.16
C ASN B 394 20.99 -32.09 -16.06
N VAL B 395 20.92 -31.11 -16.97
CA VAL B 395 19.90 -30.09 -16.93
C VAL B 395 18.90 -30.26 -18.07
N ASP B 396 19.38 -30.54 -19.27
CA ASP B 396 18.47 -30.78 -20.39
C ASP B 396 17.65 -32.04 -20.14
N THR B 397 16.52 -32.12 -20.84
CA THR B 397 15.58 -33.24 -20.67
C THR B 397 16.01 -34.49 -21.42
N THR B 398 17.28 -34.60 -21.81
CA THR B 398 17.76 -35.79 -22.49
C THR B 398 17.71 -37.00 -21.57
N THR B 399 18.05 -36.82 -20.30
CA THR B 399 17.95 -37.90 -19.33
C THR B 399 16.62 -37.80 -18.58
N ASP B 400 16.38 -38.77 -17.71
CA ASP B 400 15.19 -38.80 -16.88
C ASP B 400 15.42 -38.02 -15.60
N ASN B 401 14.36 -37.40 -15.08
CA ASN B 401 14.46 -36.64 -13.84
C ASN B 401 15.43 -35.47 -13.94
N SER B 402 15.38 -34.76 -15.06
CA SER B 402 16.26 -33.60 -15.22
C SER B 402 15.86 -32.50 -14.26
N VAL B 403 16.82 -31.64 -13.93
CA VAL B 403 16.52 -30.52 -13.04
C VAL B 403 15.58 -29.54 -13.73
N LEU B 404 15.62 -29.46 -15.06
CA LEU B 404 14.65 -28.63 -15.77
C LEU B 404 13.26 -29.23 -15.70
N GLU B 405 13.14 -30.54 -15.92
CA GLU B 405 11.83 -31.19 -15.83
C GLU B 405 11.29 -31.15 -14.41
N ILE B 406 12.16 -31.38 -13.42
CA ILE B 406 11.74 -31.36 -12.02
C ILE B 406 11.27 -29.98 -11.61
N THR B 407 11.98 -28.93 -12.03
CA THR B 407 11.70 -27.60 -11.53
C THR B 407 10.48 -26.96 -12.17
N VAL B 408 9.98 -27.47 -13.29
CA VAL B 408 8.82 -26.85 -13.92
C VAL B 408 7.52 -27.47 -13.42
N TYR B 409 7.52 -28.76 -13.11
CA TYR B 409 6.34 -29.39 -12.55
C TYR B 409 6.20 -28.99 -11.09
N ASN B 410 5.05 -29.33 -10.49
CA ASN B 410 4.80 -28.91 -9.12
C ASN B 410 5.54 -29.80 -8.13
N THR B 411 6.83 -30.03 -8.38
CA THR B 411 7.70 -30.70 -7.44
C THR B 411 8.39 -29.72 -6.50
N ASN B 412 8.59 -28.48 -6.94
CA ASN B 412 8.99 -27.38 -6.08
C ASN B 412 7.75 -26.71 -5.54
N ILE B 413 7.87 -26.07 -4.38
CA ILE B 413 6.74 -25.41 -3.74
C ILE B 413 7.09 -23.95 -3.50
N ASP B 414 6.13 -23.08 -3.84
CA ASP B 414 6.12 -21.64 -3.50
C ASP B 414 7.37 -20.90 -3.96
N ASN B 415 8.24 -21.55 -4.72
CA ASN B 415 9.41 -20.90 -5.27
C ASN B 415 9.82 -21.56 -6.58
N ARG B 416 9.26 -21.09 -7.69
CA ARG B 416 9.56 -21.68 -8.99
C ARG B 416 10.13 -20.67 -9.97
N HIS B 417 9.47 -19.52 -10.13
CA HIS B 417 9.94 -18.54 -11.11
C HIS B 417 11.25 -17.89 -10.68
N GLU B 418 11.48 -17.78 -9.38
CA GLU B 418 12.75 -17.25 -8.91
C GLU B 418 13.90 -18.21 -9.14
N MET B 419 13.63 -19.46 -9.52
CA MET B 419 14.68 -20.39 -9.91
C MET B 419 14.43 -21.05 -11.25
N LEU B 420 13.31 -20.79 -11.92
CA LEU B 420 13.18 -21.16 -13.32
C LEU B 420 13.80 -20.13 -14.24
N THR B 421 14.20 -18.98 -13.70
CA THR B 421 14.88 -17.94 -14.46
C THR B 421 16.40 -18.06 -14.38
N LEU B 422 16.92 -19.11 -13.77
CA LEU B 422 18.36 -19.31 -13.69
C LEU B 422 18.92 -19.55 -15.09
N GLU B 423 20.13 -19.05 -15.31
CA GLU B 423 20.66 -18.95 -16.67
C GLU B 423 20.75 -20.26 -17.44
N PRO B 424 21.21 -21.39 -16.89
CA PRO B 424 21.32 -22.60 -17.72
C PRO B 424 19.99 -23.11 -18.24
N LEU B 425 18.90 -22.81 -17.55
CA LEU B 425 17.59 -23.35 -17.90
C LEU B 425 16.53 -22.30 -18.19
N HIS B 426 16.82 -21.01 -17.98
CA HIS B 426 15.90 -19.98 -18.46
C HIS B 426 15.94 -19.88 -19.97
N THR B 427 17.14 -19.95 -20.55
CA THR B 427 17.28 -19.95 -22.00
C THR B 427 17.13 -21.34 -22.60
N LEU B 428 17.09 -22.38 -21.77
CA LEU B 428 16.79 -23.71 -22.29
C LEU B 428 15.35 -23.79 -22.80
N LEU B 429 14.44 -23.09 -22.14
CA LEU B 429 13.05 -23.07 -22.58
C LEU B 429 12.83 -22.13 -23.76
N HIS B 430 13.56 -21.02 -23.81
CA HIS B 430 13.40 -20.08 -24.92
C HIS B 430 13.84 -20.71 -26.24
N MET B 431 14.92 -21.49 -26.22
CA MET B 431 15.35 -22.21 -27.41
C MET B 431 14.57 -23.50 -27.62
N LYS B 432 13.61 -23.81 -26.77
CA LYS B 432 12.63 -24.86 -27.03
C LYS B 432 11.30 -24.29 -27.51
N TRP B 433 10.97 -23.07 -27.10
CA TRP B 433 9.75 -22.42 -27.55
C TRP B 433 9.93 -21.85 -28.94
N LYS B 434 10.97 -21.05 -29.14
CA LYS B 434 11.23 -20.42 -30.43
C LYS B 434 11.76 -21.39 -31.48
N LYS B 435 11.71 -22.69 -31.23
CA LYS B 435 12.34 -23.65 -32.13
C LYS B 435 11.38 -24.75 -32.57
N PHE B 436 10.66 -25.38 -31.64
CA PHE B 436 9.64 -26.35 -32.04
C PHE B 436 8.33 -26.24 -31.27
N ALA B 437 8.29 -25.62 -30.09
CA ALA B 437 7.05 -25.60 -29.32
C ALA B 437 6.06 -24.60 -29.91
N LYS B 438 6.55 -23.45 -30.38
CA LYS B 438 5.66 -22.45 -30.97
C LYS B 438 5.01 -22.98 -32.23
N HIS B 439 5.76 -23.73 -33.04
CA HIS B 439 5.22 -24.30 -34.27
C HIS B 439 4.27 -25.46 -34.01
N MET B 440 4.17 -25.94 -32.77
CA MET B 440 3.19 -26.96 -32.43
C MET B 440 2.05 -26.44 -31.59
N PHE B 441 2.15 -25.22 -31.05
CA PHE B 441 0.99 -24.63 -30.40
C PHE B 441 0.02 -24.05 -31.43
N PHE B 442 0.55 -23.50 -32.51
CA PHE B 442 -0.34 -23.04 -33.56
C PHE B 442 -1.04 -24.24 -34.17
N LEU B 443 -0.28 -25.30 -34.42
CA LEU B 443 -0.89 -26.48 -35.03
C LEU B 443 -1.94 -27.09 -34.13
N SER B 444 -1.72 -27.08 -32.81
CA SER B 444 -2.74 -27.57 -31.89
C SER B 444 -3.93 -26.62 -31.83
N PHE B 445 -3.68 -25.32 -31.96
CA PHE B 445 -4.76 -24.34 -31.97
C PHE B 445 -5.60 -24.50 -33.24
N CYS B 446 -4.94 -24.60 -34.40
CA CYS B 446 -5.68 -24.72 -35.65
C CYS B 446 -6.42 -26.05 -35.75
N PHE B 447 -5.77 -27.15 -35.36
CA PHE B 447 -6.38 -28.45 -35.50
C PHE B 447 -7.51 -28.69 -34.50
N TYR B 448 -7.60 -27.87 -33.45
CA TYR B 448 -8.73 -27.93 -32.53
C TYR B 448 -9.80 -26.90 -32.85
N PHE B 449 -9.41 -25.75 -33.39
CA PHE B 449 -10.40 -24.78 -33.87
C PHE B 449 -11.21 -25.36 -35.02
N PHE B 450 -10.55 -26.07 -35.93
CA PHE B 450 -11.27 -26.68 -37.06
C PHE B 450 -12.14 -27.84 -36.58
N TYR B 451 -11.68 -28.59 -35.59
CA TYR B 451 -12.49 -29.67 -35.04
C TYR B 451 -13.72 -29.12 -34.34
N ASN B 452 -13.59 -28.00 -33.64
CA ASN B 452 -14.73 -27.39 -32.97
C ASN B 452 -15.69 -26.78 -33.99
N ILE B 453 -15.16 -26.12 -35.03
CA ILE B 453 -16.01 -25.53 -36.06
C ILE B 453 -16.76 -26.63 -36.82
N THR B 454 -16.07 -27.73 -37.14
CA THR B 454 -16.74 -28.83 -37.83
C THR B 454 -17.80 -29.47 -36.94
N LEU B 455 -17.52 -29.61 -35.64
CA LEU B 455 -18.50 -30.18 -34.73
C LEU B 455 -19.75 -29.32 -34.65
N THR B 456 -19.58 -28.00 -34.66
CA THR B 456 -20.73 -27.10 -34.64
C THR B 456 -21.46 -27.11 -35.97
N LEU B 457 -20.72 -27.03 -37.08
CA LEU B 457 -21.34 -26.83 -38.38
C LEU B 457 -22.14 -28.04 -38.82
N VAL B 458 -21.54 -29.23 -38.77
CA VAL B 458 -22.22 -30.42 -39.29
C VAL B 458 -23.35 -30.89 -38.40
N SER B 459 -23.54 -30.28 -37.23
CA SER B 459 -24.60 -30.68 -36.32
C SER B 459 -25.60 -29.58 -36.01
N TYR B 460 -25.26 -28.31 -36.22
CA TYR B 460 -26.29 -27.28 -36.23
C TYR B 460 -27.19 -27.42 -37.44
N TYR B 461 -26.66 -27.92 -38.55
CA TYR B 461 -27.45 -28.24 -39.72
C TYR B 461 -27.90 -29.70 -39.75
N ARG B 462 -28.15 -30.29 -38.59
CA ARG B 462 -28.55 -31.68 -38.52
C ARG B 462 -29.93 -31.86 -39.18
N PRO B 463 -30.15 -32.97 -39.89
CA PRO B 463 -31.45 -33.17 -40.55
C PRO B 463 -32.52 -33.52 -39.53
N ARG B 464 -33.58 -32.71 -39.49
CA ARG B 464 -34.66 -32.91 -38.55
C ARG B 464 -35.53 -34.10 -38.96
N LEU B 482 -22.28 -34.05 -50.68
CA LEU B 482 -21.87 -34.99 -49.65
C LEU B 482 -20.83 -34.39 -48.72
N GLN B 483 -21.26 -33.97 -47.52
CA GLN B 483 -20.37 -33.41 -46.52
C GLN B 483 -20.01 -34.41 -45.43
N LEU B 484 -20.29 -35.70 -45.64
CA LEU B 484 -20.04 -36.70 -44.61
C LEU B 484 -18.55 -36.92 -44.34
N LEU B 485 -17.68 -36.49 -45.26
CA LEU B 485 -16.25 -36.55 -44.98
C LEU B 485 -15.87 -35.61 -43.84
N GLY B 486 -16.57 -34.49 -43.70
CA GLY B 486 -16.33 -33.62 -42.56
C GLY B 486 -16.76 -34.26 -41.25
N ARG B 487 -17.89 -34.99 -41.27
CA ARG B 487 -18.31 -35.74 -40.09
C ARG B 487 -17.30 -36.82 -39.74
N MET B 488 -16.66 -37.41 -40.75
CA MET B 488 -15.62 -38.40 -40.49
C MET B 488 -14.43 -37.79 -39.78
N PHE B 489 -14.12 -36.51 -40.06
CA PHE B 489 -13.00 -35.85 -39.40
C PHE B 489 -13.22 -35.76 -37.90
N VAL B 490 -14.45 -35.45 -37.48
CA VAL B 490 -14.75 -35.41 -36.05
C VAL B 490 -14.60 -36.80 -35.44
N LEU B 491 -14.95 -37.84 -36.21
CA LEU B 491 -14.82 -39.21 -35.72
C LEU B 491 -13.35 -39.57 -35.50
N ILE B 492 -12.50 -39.26 -36.47
CA ILE B 492 -11.09 -39.63 -36.37
C ILE B 492 -10.30 -38.68 -35.47
N TRP B 493 -10.91 -37.58 -35.03
CA TRP B 493 -10.22 -36.65 -34.14
C TRP B 493 -10.75 -36.68 -32.72
N ALA B 494 -12.03 -37.00 -32.51
CA ALA B 494 -12.50 -37.22 -31.15
C ALA B 494 -11.81 -38.42 -30.52
N MET B 495 -11.59 -39.47 -31.32
CA MET B 495 -10.78 -40.58 -30.84
C MET B 495 -9.33 -40.18 -30.66
N CYS B 496 -8.83 -39.27 -31.50
CA CYS B 496 -7.45 -38.82 -31.37
C CYS B 496 -7.23 -38.01 -30.10
N ILE B 497 -8.23 -37.19 -29.72
CA ILE B 497 -8.12 -36.44 -28.48
C ILE B 497 -8.23 -37.38 -27.28
N SER B 498 -9.21 -38.28 -27.31
CA SER B 498 -9.48 -39.13 -26.14
C SER B 498 -8.39 -40.17 -25.93
N VAL B 499 -7.68 -40.58 -26.99
CA VAL B 499 -6.61 -41.55 -26.80
C VAL B 499 -5.42 -40.89 -26.11
N LYS B 500 -5.19 -39.60 -26.36
CA LYS B 500 -4.13 -38.90 -25.64
C LYS B 500 -4.59 -38.53 -24.23
N GLU B 501 -5.82 -38.03 -24.10
CA GLU B 501 -6.35 -37.71 -22.77
C GLU B 501 -6.52 -38.97 -21.94
N GLY B 502 -6.95 -40.06 -22.57
CA GLY B 502 -7.08 -41.32 -21.83
C GLY B 502 -5.76 -41.81 -21.28
N ILE B 503 -4.69 -41.69 -22.07
CA ILE B 503 -3.37 -42.06 -21.57
C ILE B 503 -2.79 -40.99 -20.65
N ALA B 504 -3.26 -39.74 -20.76
CA ALA B 504 -2.80 -38.71 -19.84
C ALA B 504 -3.43 -38.82 -18.47
N ILE B 505 -4.65 -39.37 -18.41
CA ILE B 505 -5.29 -39.60 -17.11
C ILE B 505 -4.51 -40.63 -16.31
N PHE B 506 -4.00 -41.67 -16.99
CA PHE B 506 -3.26 -42.71 -16.29
C PHE B 506 -1.97 -42.18 -15.69
N LEU B 507 -1.27 -41.29 -16.41
CA LEU B 507 -0.08 -40.66 -15.85
C LEU B 507 -0.41 -39.63 -14.77
N LEU B 508 -1.66 -39.20 -14.67
CA LEU B 508 -2.05 -38.26 -13.63
C LEU B 508 -2.11 -38.96 -12.28
N ARG B 509 -1.96 -38.17 -11.22
CA ARG B 509 -1.98 -38.67 -9.86
C ARG B 509 -2.88 -37.79 -9.00
N PRO B 510 -3.47 -38.35 -7.94
CA PRO B 510 -4.29 -37.53 -7.04
C PRO B 510 -3.52 -36.43 -6.34
N SER B 511 -2.19 -36.54 -6.24
CA SER B 511 -1.38 -35.47 -5.68
C SER B 511 -1.40 -34.21 -6.54
N ASP B 512 -1.75 -34.34 -7.81
CA ASP B 512 -1.82 -33.16 -8.68
C ASP B 512 -3.24 -32.83 -9.06
N LEU B 513 -4.14 -33.80 -8.99
CA LEU B 513 -5.51 -33.57 -9.44
C LEU B 513 -6.16 -32.39 -8.72
N GLN B 514 -5.94 -32.27 -7.42
CA GLN B 514 -6.47 -31.16 -6.64
C GLN B 514 -5.29 -30.33 -6.13
N SER B 515 -4.99 -29.25 -6.84
CA SER B 515 -3.91 -28.36 -6.47
C SER B 515 -4.17 -27.00 -7.12
N ILE B 516 -3.18 -26.11 -7.06
CA ILE B 516 -3.32 -24.76 -7.61
C ILE B 516 -2.85 -24.77 -9.06
N LEU B 517 -1.57 -25.08 -9.28
CA LEU B 517 -1.02 -25.18 -10.63
C LEU B 517 -1.14 -26.62 -11.14
N SER B 518 -2.39 -27.10 -11.14
CA SER B 518 -2.63 -28.50 -11.49
C SER B 518 -2.40 -28.74 -12.98
N ASP B 519 -2.98 -27.90 -13.83
CA ASP B 519 -3.04 -28.13 -15.29
C ASP B 519 -3.62 -29.51 -15.57
N ALA B 520 -4.57 -29.92 -14.73
CA ALA B 520 -5.25 -31.19 -14.88
C ALA B 520 -6.74 -31.06 -15.15
N TRP B 521 -7.36 -29.97 -14.71
CA TRP B 521 -8.76 -29.73 -15.02
C TRP B 521 -8.99 -29.65 -16.53
N PHE B 522 -7.99 -29.17 -17.28
CA PHE B 522 -8.09 -29.19 -18.73
C PHE B 522 -7.90 -30.58 -19.31
N HIS B 523 -7.54 -31.57 -18.49
CA HIS B 523 -7.41 -32.93 -18.99
C HIS B 523 -8.71 -33.72 -18.89
N PHE B 524 -9.60 -33.38 -17.95
CA PHE B 524 -10.92 -34.00 -17.95
C PHE B 524 -11.80 -33.40 -19.04
N VAL B 525 -11.86 -32.07 -19.10
CA VAL B 525 -12.82 -31.40 -19.98
C VAL B 525 -12.43 -31.58 -21.45
N PHE B 526 -11.14 -31.77 -21.74
CA PHE B 526 -10.77 -32.18 -23.09
C PHE B 526 -11.15 -33.62 -23.34
N PHE B 527 -11.06 -34.46 -22.31
CA PHE B 527 -11.47 -35.85 -22.43
C PHE B 527 -12.98 -35.98 -22.47
N ILE B 528 -13.68 -35.20 -21.64
CA ILE B 528 -15.14 -35.28 -21.58
C ILE B 528 -15.75 -34.82 -22.89
N GLN B 529 -15.26 -33.70 -23.43
CA GLN B 529 -15.76 -33.22 -24.71
C GLN B 529 -15.43 -34.19 -25.84
N ALA B 530 -14.31 -34.90 -25.73
CA ALA B 530 -13.98 -35.91 -26.73
C ALA B 530 -14.81 -37.17 -26.53
N VAL B 531 -15.04 -37.58 -25.29
CA VAL B 531 -15.80 -38.79 -25.04
C VAL B 531 -17.30 -38.58 -25.25
N LEU B 532 -17.76 -37.33 -25.19
CA LEU B 532 -19.17 -37.08 -25.48
C LEU B 532 -19.49 -37.19 -26.96
N VAL B 533 -18.52 -36.87 -27.81
CA VAL B 533 -18.74 -36.94 -29.26
C VAL B 533 -18.84 -38.38 -29.72
N ILE B 534 -17.89 -39.22 -29.30
CA ILE B 534 -17.91 -40.62 -29.73
C ILE B 534 -19.08 -41.38 -29.10
N LEU B 535 -19.50 -40.97 -27.90
CA LEU B 535 -20.66 -41.62 -27.28
C LEU B 535 -21.95 -41.23 -28.01
N SER B 536 -22.03 -40.00 -28.49
CA SER B 536 -23.23 -39.56 -29.18
C SER B 536 -23.39 -40.29 -30.51
N VAL B 537 -22.32 -40.34 -31.30
CA VAL B 537 -22.41 -40.97 -32.61
C VAL B 537 -22.64 -42.47 -32.50
N PHE B 538 -22.22 -43.10 -31.39
CA PHE B 538 -22.54 -44.50 -31.18
C PHE B 538 -24.04 -44.69 -30.98
N LEU B 539 -24.72 -43.67 -30.47
CA LEU B 539 -26.18 -43.69 -30.36
C LEU B 539 -26.85 -43.06 -31.57
N TYR B 540 -26.09 -42.62 -32.56
CA TYR B 540 -26.69 -42.04 -33.76
C TYR B 540 -27.22 -43.15 -34.67
N LEU B 541 -26.32 -43.99 -35.15
CA LEU B 541 -26.73 -45.09 -36.01
C LEU B 541 -27.58 -46.08 -35.22
N PHE B 542 -27.22 -46.32 -33.96
CA PHE B 542 -28.00 -47.24 -33.14
C PHE B 542 -29.36 -46.67 -32.79
N ALA B 543 -29.52 -45.34 -32.83
CA ALA B 543 -30.80 -44.65 -32.67
C ALA B 543 -31.45 -44.97 -31.32
N TYR B 544 -30.75 -44.59 -30.25
CA TYR B 544 -31.37 -44.54 -28.93
C TYR B 544 -32.12 -43.23 -28.69
N LYS B 545 -32.12 -42.31 -29.65
CA LYS B 545 -32.71 -40.98 -29.59
C LYS B 545 -32.02 -40.08 -28.57
N GLU B 546 -31.00 -40.57 -27.86
CA GLU B 546 -30.22 -39.78 -26.93
C GLU B 546 -28.96 -39.21 -27.57
N TYR B 547 -28.81 -39.34 -28.89
CA TYR B 547 -27.62 -38.86 -29.56
C TYR B 547 -27.47 -37.35 -29.48
N LEU B 548 -28.57 -36.63 -29.29
CA LEU B 548 -28.49 -35.18 -29.11
C LEU B 548 -28.25 -34.79 -27.67
N ALA B 549 -28.59 -35.65 -26.70
CA ALA B 549 -28.37 -35.33 -25.30
C ALA B 549 -26.90 -35.30 -24.93
N CYS B 550 -26.04 -35.91 -25.74
CA CYS B 550 -24.60 -35.91 -25.51
C CYS B 550 -23.83 -35.06 -26.51
N LEU B 551 -24.33 -34.93 -27.73
CA LEU B 551 -23.61 -34.17 -28.74
C LEU B 551 -23.73 -32.66 -28.51
N VAL B 552 -24.91 -32.18 -28.14
CA VAL B 552 -25.09 -30.73 -28.02
C VAL B 552 -24.44 -30.19 -26.76
N LEU B 553 -24.17 -31.05 -25.79
CA LEU B 553 -23.36 -30.65 -24.63
C LEU B 553 -21.89 -30.49 -25.00
N ALA B 554 -21.46 -31.12 -26.08
CA ALA B 554 -20.07 -30.99 -26.52
C ALA B 554 -19.80 -29.65 -27.18
N MET B 555 -20.81 -29.02 -27.77
CA MET B 555 -20.61 -27.69 -28.35
C MET B 555 -20.33 -26.66 -27.26
N ALA B 556 -21.15 -26.65 -26.21
CA ALA B 556 -20.98 -25.69 -25.14
C ALA B 556 -19.66 -25.89 -24.41
N LEU B 557 -19.28 -27.15 -24.21
CA LEU B 557 -17.99 -27.44 -23.59
C LEU B 557 -16.84 -27.25 -24.58
N GLY B 558 -17.07 -27.58 -25.85
CA GLY B 558 -16.01 -27.47 -26.84
C GLY B 558 -15.59 -26.03 -27.10
N TRP B 559 -16.55 -25.11 -27.08
CA TRP B 559 -16.21 -23.71 -27.27
C TRP B 559 -15.64 -23.08 -26.01
N ALA B 560 -16.07 -23.55 -24.84
CA ALA B 560 -15.42 -23.13 -23.60
C ALA B 560 -14.04 -23.75 -23.46
N ASN B 561 -13.76 -24.84 -24.16
CA ASN B 561 -12.41 -25.39 -24.19
C ASN B 561 -11.48 -24.57 -25.06
N MET B 562 -12.02 -23.72 -25.94
CA MET B 562 -11.20 -22.88 -26.80
C MET B 562 -10.44 -21.83 -26.02
N LEU B 563 -10.79 -21.60 -24.75
CA LEU B 563 -10.07 -20.67 -23.91
C LEU B 563 -8.80 -21.25 -23.32
N TYR B 564 -8.59 -22.57 -23.45
CA TYR B 564 -7.32 -23.14 -23.05
C TYR B 564 -6.19 -22.63 -23.94
N TYR B 565 -6.44 -22.51 -25.24
CA TYR B 565 -5.42 -22.15 -26.20
C TYR B 565 -5.14 -20.66 -26.25
N THR B 566 -5.52 -19.90 -25.22
CA THR B 566 -5.18 -18.50 -25.14
C THR B 566 -3.93 -18.25 -24.31
N ARG B 567 -3.26 -19.32 -23.87
CA ARG B 567 -2.00 -19.19 -23.14
C ARG B 567 -0.90 -18.58 -23.99
N GLY B 568 -1.04 -18.60 -25.32
CA GLY B 568 0.01 -18.14 -26.20
C GLY B 568 0.09 -16.64 -26.34
N PHE B 569 -0.68 -15.90 -25.54
CA PHE B 569 -0.68 -14.45 -25.59
C PHE B 569 -0.63 -13.91 -24.17
N GLN B 570 0.25 -12.92 -23.95
CA GLN B 570 0.48 -12.42 -22.60
C GLN B 570 -0.76 -11.70 -22.05
N SER B 571 -1.38 -10.86 -22.87
CA SER B 571 -2.47 -10.02 -22.37
C SER B 571 -3.68 -10.85 -21.97
N MET B 572 -4.01 -11.88 -22.75
CA MET B 572 -5.19 -12.68 -22.46
C MET B 572 -4.84 -13.94 -21.68
N GLY B 573 -3.61 -14.43 -21.78
CA GLY B 573 -3.19 -15.55 -20.94
C GLY B 573 -3.18 -15.19 -19.47
N MET B 574 -2.76 -13.97 -19.15
CA MET B 574 -2.88 -13.47 -17.78
C MET B 574 -4.34 -13.31 -17.39
N TYR B 575 -5.20 -12.97 -18.35
CA TYR B 575 -6.62 -12.85 -18.08
C TYR B 575 -7.23 -14.18 -17.69
N SER B 576 -6.89 -15.25 -18.41
CA SER B 576 -7.45 -16.56 -18.09
C SER B 576 -6.87 -17.12 -16.80
N VAL B 577 -5.71 -16.62 -16.39
CA VAL B 577 -5.17 -16.99 -15.07
C VAL B 577 -6.04 -16.38 -13.97
N MET B 578 -6.49 -15.14 -14.17
CA MET B 578 -7.38 -14.51 -13.22
C MET B 578 -8.70 -15.26 -13.10
N ILE B 579 -9.20 -15.79 -14.21
CA ILE B 579 -10.49 -16.47 -14.21
C ILE B 579 -10.45 -17.71 -13.32
N GLN B 580 -9.39 -18.51 -13.46
CA GLN B 580 -9.30 -19.74 -12.67
C GLN B 580 -9.18 -19.45 -11.18
N LYS B 581 -8.44 -18.39 -10.82
CA LYS B 581 -8.34 -18.03 -9.41
C LYS B 581 -9.65 -17.45 -8.90
N VAL B 582 -10.33 -16.67 -9.73
CA VAL B 582 -11.63 -16.12 -9.37
C VAL B 582 -12.67 -17.22 -9.26
N ILE B 583 -12.69 -18.15 -10.21
CA ILE B 583 -13.70 -19.20 -10.21
C ILE B 583 -13.53 -20.15 -9.03
N LEU B 584 -12.35 -20.19 -8.40
CA LEU B 584 -12.10 -21.13 -7.33
C LEU B 584 -12.23 -20.51 -5.95
N HIS B 585 -11.57 -19.39 -5.71
CA HIS B 585 -11.53 -18.80 -4.38
C HIS B 585 -12.88 -18.19 -4.00
N ASP B 586 -13.60 -17.63 -4.97
CA ASP B 586 -14.76 -16.80 -4.68
C ASP B 586 -16.08 -17.36 -5.17
N VAL B 587 -16.13 -17.90 -6.40
CA VAL B 587 -17.41 -18.27 -6.99
C VAL B 587 -17.98 -19.50 -6.31
N LEU B 588 -17.16 -20.53 -6.06
CA LEU B 588 -17.65 -21.72 -5.36
C LEU B 588 -18.10 -21.39 -3.94
N LYS B 589 -17.40 -20.48 -3.27
CA LYS B 589 -17.80 -20.12 -1.92
C LYS B 589 -19.12 -19.33 -1.93
N PHE B 590 -19.34 -18.54 -2.98
CA PHE B 590 -20.62 -17.83 -3.08
C PHE B 590 -21.76 -18.79 -3.42
N LEU B 591 -21.53 -19.70 -4.38
CA LEU B 591 -22.60 -20.61 -4.79
C LEU B 591 -23.00 -21.53 -3.65
N PHE B 592 -22.02 -22.07 -2.91
CA PHE B 592 -22.33 -23.02 -1.84
C PHE B 592 -23.22 -22.38 -0.77
N VAL B 593 -22.92 -21.14 -0.41
CA VAL B 593 -23.81 -20.41 0.51
C VAL B 593 -25.15 -20.15 -0.16
N TYR B 594 -25.15 -19.91 -1.47
CA TYR B 594 -26.37 -19.53 -2.16
C TYR B 594 -27.39 -20.67 -2.19
N ILE B 595 -26.94 -21.90 -2.45
CA ILE B 595 -27.89 -23.01 -2.47
C ILE B 595 -28.48 -23.25 -1.09
N VAL B 596 -27.74 -22.95 -0.03
CA VAL B 596 -28.30 -23.04 1.32
C VAL B 596 -29.43 -22.03 1.49
N PHE B 597 -29.23 -20.80 0.99
CA PHE B 597 -30.30 -19.82 1.02
C PHE B 597 -31.38 -20.09 -0.02
N LEU B 598 -31.09 -20.93 -1.01
CA LEU B 598 -32.10 -21.30 -2.00
C LEU B 598 -32.90 -22.52 -1.57
N LEU B 599 -32.27 -23.46 -0.85
CA LEU B 599 -32.99 -24.61 -0.34
C LEU B 599 -33.92 -24.22 0.81
N GLY B 600 -33.43 -23.40 1.74
CA GLY B 600 -34.26 -22.99 2.86
C GLY B 600 -35.41 -22.11 2.46
N PHE B 601 -35.16 -21.11 1.61
CA PHE B 601 -36.20 -20.20 1.18
C PHE B 601 -37.12 -20.81 0.12
N GLY B 602 -36.62 -21.77 -0.67
CA GLY B 602 -37.50 -22.46 -1.60
C GLY B 602 -38.54 -23.30 -0.89
N VAL B 603 -38.13 -24.01 0.17
CA VAL B 603 -39.08 -24.81 0.93
C VAL B 603 -40.01 -23.94 1.75
N ALA B 604 -39.47 -22.88 2.36
CA ALA B 604 -40.27 -22.00 3.21
C ALA B 604 -41.33 -21.27 2.39
N LEU B 605 -41.00 -20.85 1.18
CA LEU B 605 -41.99 -20.15 0.36
C LEU B 605 -43.02 -21.10 -0.21
N ALA B 606 -42.61 -22.29 -0.65
CA ALA B 606 -43.53 -23.25 -1.23
C ALA B 606 -44.45 -23.88 -0.20
N SER B 607 -44.04 -23.92 1.07
CA SER B 607 -44.86 -24.57 2.08
C SER B 607 -46.10 -23.75 2.42
N LEU B 608 -46.03 -22.43 2.29
CA LEU B 608 -47.14 -21.57 2.69
C LEU B 608 -48.29 -21.57 1.69
N ILE B 609 -48.08 -22.09 0.49
CA ILE B 609 -49.02 -21.92 -0.61
C ILE B 609 -49.95 -23.12 -0.64
N GLU B 610 -51.25 -22.87 -0.49
CA GLU B 610 -52.25 -23.92 -0.68
C GLU B 610 -52.55 -24.08 -2.17
N LYS B 611 -53.36 -25.09 -2.48
CA LYS B 611 -53.74 -25.32 -3.86
C LYS B 611 -54.94 -24.45 -4.22
N CYS B 612 -54.76 -23.61 -5.22
CA CYS B 612 -55.83 -22.71 -5.65
C CYS B 612 -57.03 -23.54 -6.12
N PRO B 613 -58.26 -23.10 -5.86
CA PRO B 613 -59.44 -23.86 -6.30
C PRO B 613 -59.57 -23.97 -7.80
N LYS B 614 -60.62 -24.65 -8.26
CA LYS B 614 -60.96 -24.92 -9.65
C LYS B 614 -59.99 -25.89 -10.32
N ASP B 615 -59.02 -26.43 -9.58
CA ASP B 615 -58.04 -27.41 -10.09
C ASP B 615 -57.30 -26.87 -11.32
N ASN B 616 -56.99 -25.57 -11.29
CA ASN B 616 -56.24 -24.93 -12.35
C ASN B 616 -54.79 -24.73 -11.93
N LYS B 617 -53.94 -24.43 -12.91
CA LYS B 617 -52.53 -24.20 -12.64
C LYS B 617 -52.23 -22.78 -12.20
N ASP B 618 -53.24 -21.92 -12.05
CA ASP B 618 -53.02 -20.58 -11.55
C ASP B 618 -52.70 -20.63 -10.06
N CYS B 619 -52.41 -19.45 -9.50
CA CYS B 619 -52.11 -19.25 -8.08
C CYS B 619 -50.85 -20.00 -7.63
N SER B 620 -50.12 -20.62 -8.55
CA SER B 620 -49.07 -21.58 -8.20
C SER B 620 -47.76 -21.20 -8.87
N SER B 621 -47.37 -19.93 -8.75
CA SER B 621 -46.01 -19.55 -9.10
C SER B 621 -45.02 -20.23 -8.16
N TYR B 622 -45.37 -20.32 -6.89
CA TYR B 622 -44.65 -21.12 -5.90
C TYR B 622 -45.58 -22.25 -5.49
N GLY B 623 -45.62 -23.31 -6.30
CA GLY B 623 -46.52 -24.41 -6.03
C GLY B 623 -45.79 -25.67 -5.59
N SER B 624 -44.64 -25.92 -6.20
CA SER B 624 -43.80 -27.03 -5.85
C SER B 624 -42.41 -26.51 -5.46
N PHE B 625 -41.56 -27.42 -5.01
CA PHE B 625 -40.19 -27.03 -4.67
C PHE B 625 -39.44 -26.55 -5.89
N SER B 626 -39.57 -27.26 -7.01
CA SER B 626 -38.87 -26.85 -8.23
C SER B 626 -39.44 -25.56 -8.79
N ASP B 627 -40.75 -25.34 -8.63
CA ASP B 627 -41.35 -24.12 -9.11
C ASP B 627 -40.96 -22.93 -8.25
N ALA B 628 -40.87 -23.12 -6.93
CA ALA B 628 -40.52 -22.02 -6.05
C ALA B 628 -39.04 -21.70 -6.11
N VAL B 629 -38.19 -22.71 -6.26
CA VAL B 629 -36.75 -22.48 -6.36
C VAL B 629 -36.42 -21.75 -7.65
N LEU B 630 -37.10 -22.09 -8.74
CA LEU B 630 -36.89 -21.40 -10.01
C LEU B 630 -37.28 -19.94 -9.91
N GLU B 631 -38.42 -19.66 -9.28
CA GLU B 631 -38.86 -18.27 -9.14
C GLU B 631 -37.93 -17.47 -8.23
N LEU B 632 -37.28 -18.13 -7.28
CA LEU B 632 -36.31 -17.45 -6.45
C LEU B 632 -35.03 -17.16 -7.23
N PHE B 633 -34.62 -18.09 -8.09
CA PHE B 633 -33.43 -17.87 -8.90
C PHE B 633 -33.64 -16.73 -9.89
N LYS B 634 -34.84 -16.64 -10.48
CA LYS B 634 -35.14 -15.53 -11.37
C LYS B 634 -35.19 -14.21 -10.62
N LEU B 635 -35.48 -14.25 -9.32
CA LEU B 635 -35.44 -13.04 -8.52
C LEU B 635 -34.02 -12.52 -8.35
N THR B 636 -33.04 -13.42 -8.32
CA THR B 636 -31.66 -13.01 -8.10
C THR B 636 -31.10 -12.30 -9.32
N ILE B 637 -31.31 -12.86 -10.51
CA ILE B 637 -30.80 -12.22 -11.72
C ILE B 637 -31.58 -10.96 -12.04
N GLY B 638 -32.90 -10.98 -11.87
CA GLY B 638 -33.70 -9.81 -12.13
C GLY B 638 -34.70 -9.99 -13.24
N LEU B 639 -35.26 -11.19 -13.37
CA LEU B 639 -36.22 -11.51 -14.42
C LEU B 639 -37.54 -11.92 -13.78
N GLY B 640 -38.64 -11.38 -14.31
CA GLY B 640 -39.97 -11.76 -13.89
C GLY B 640 -40.70 -10.62 -13.21
N ASP B 641 -41.87 -10.94 -12.67
CA ASP B 641 -42.70 -9.99 -11.95
C ASP B 641 -42.84 -10.43 -10.51
N LEU B 642 -42.62 -9.50 -9.58
CA LEU B 642 -42.68 -9.80 -8.15
C LEU B 642 -44.11 -9.60 -7.66
N ASN B 643 -44.92 -10.64 -7.86
CA ASN B 643 -46.29 -10.61 -7.39
C ASN B 643 -46.33 -10.80 -5.87
N ILE B 644 -47.24 -10.08 -5.22
CA ILE B 644 -47.36 -10.12 -3.76
C ILE B 644 -48.64 -10.79 -3.31
N GLN B 645 -49.54 -11.14 -4.24
CA GLN B 645 -50.78 -11.82 -3.87
C GLN B 645 -50.79 -13.23 -4.46
N GLN B 646 -49.70 -13.97 -4.27
CA GLN B 646 -49.55 -15.28 -4.88
C GLN B 646 -50.23 -16.38 -4.06
N ASN B 647 -51.48 -16.14 -3.66
CA ASN B 647 -52.33 -17.13 -2.99
C ASN B 647 -51.65 -17.76 -1.77
N SER B 648 -51.06 -16.90 -0.95
CA SER B 648 -50.47 -17.33 0.30
C SER B 648 -51.51 -17.24 1.40
N LYS B 649 -51.58 -18.28 2.24
CA LYS B 649 -52.53 -18.27 3.34
C LYS B 649 -52.09 -17.32 4.46
N TYR B 650 -50.86 -16.84 4.43
CA TYR B 650 -50.44 -15.65 5.17
C TYR B 650 -49.83 -14.67 4.19
N PRO B 651 -50.59 -13.70 3.68
CA PRO B 651 -50.01 -12.72 2.74
C PRO B 651 -48.89 -11.89 3.35
N ILE B 652 -48.97 -11.60 4.65
CA ILE B 652 -47.92 -10.81 5.29
C ILE B 652 -46.63 -11.63 5.40
N LEU B 653 -46.74 -12.89 5.80
CA LEU B 653 -45.56 -13.71 6.03
C LEU B 653 -44.85 -14.06 4.72
N PHE B 654 -45.60 -14.25 3.65
CA PHE B 654 -44.97 -14.54 2.36
C PHE B 654 -44.12 -13.36 1.90
N LEU B 655 -44.59 -12.14 2.13
CA LEU B 655 -43.83 -10.97 1.72
C LEU B 655 -42.63 -10.75 2.62
N PHE B 656 -42.78 -11.04 3.92
CA PHE B 656 -41.65 -10.90 4.83
C PHE B 656 -40.53 -11.87 4.46
N LEU B 657 -40.88 -13.07 4.00
CA LEU B 657 -39.89 -14.02 3.53
C LEU B 657 -39.40 -13.71 2.12
N LEU B 658 -40.04 -12.78 1.43
CA LEU B 658 -39.63 -12.40 0.08
C LEU B 658 -38.74 -11.17 0.05
N ILE B 659 -39.01 -10.20 0.93
CA ILE B 659 -38.23 -8.97 0.98
C ILE B 659 -37.05 -9.16 1.93
N THR B 660 -36.85 -10.40 2.39
CA THR B 660 -35.66 -10.75 3.15
C THR B 660 -34.77 -11.75 2.42
N TYR B 661 -35.25 -12.35 1.34
CA TYR B 661 -34.38 -13.18 0.53
C TYR B 661 -33.49 -12.33 -0.37
N VAL B 662 -34.02 -11.22 -0.88
CA VAL B 662 -33.26 -10.36 -1.78
C VAL B 662 -32.26 -9.48 -1.05
N ILE B 663 -32.38 -9.33 0.28
CA ILE B 663 -31.37 -8.62 1.04
C ILE B 663 -30.25 -9.54 1.50
N LEU B 664 -30.41 -10.85 1.35
CA LEU B 664 -29.34 -11.79 1.67
C LEU B 664 -28.51 -12.16 0.44
N THR B 665 -29.07 -11.99 -0.76
CA THR B 665 -28.38 -12.31 -1.99
C THR B 665 -28.02 -11.07 -2.79
N PHE B 666 -29.03 -10.25 -3.13
CA PHE B 666 -28.79 -9.10 -3.99
C PHE B 666 -28.08 -7.97 -3.23
N VAL B 667 -28.28 -7.89 -1.92
CA VAL B 667 -27.69 -6.83 -1.12
C VAL B 667 -26.52 -7.32 -0.29
N LEU B 668 -26.59 -8.55 0.22
CA LEU B 668 -25.54 -9.09 1.08
C LEU B 668 -24.52 -9.93 0.31
N LEU B 669 -24.92 -10.61 -0.74
CA LEU B 669 -24.05 -11.57 -1.40
C LEU B 669 -23.56 -11.09 -2.77
N LEU B 670 -24.48 -10.69 -3.65
CA LEU B 670 -24.08 -10.33 -5.01
C LEU B 670 -23.19 -9.10 -5.03
N ASN B 671 -23.53 -8.07 -4.23
CA ASN B 671 -22.65 -6.90 -4.15
C ASN B 671 -21.35 -7.33 -3.49
N MET B 672 -21.42 -8.09 -2.40
CA MET B 672 -20.20 -8.57 -1.76
C MET B 672 -19.40 -9.58 -2.56
N LEU B 673 -20.05 -10.31 -3.48
CA LEU B 673 -19.31 -11.11 -4.45
C LEU B 673 -18.33 -10.26 -5.25
N ILE B 674 -18.78 -9.11 -5.73
CA ILE B 674 -17.88 -8.17 -6.40
C ILE B 674 -16.79 -7.75 -5.42
N ALA B 675 -17.14 -7.62 -4.14
CA ALA B 675 -16.17 -7.27 -3.13
C ALA B 675 -15.16 -8.37 -2.82
N LEU B 676 -15.58 -9.64 -2.87
CA LEU B 676 -14.66 -10.74 -2.63
C LEU B 676 -13.54 -10.76 -3.65
N MET B 677 -13.89 -10.60 -4.93
CA MET B 677 -12.89 -10.66 -5.99
C MET B 677 -11.89 -9.52 -6.11
N GLY B 678 -12.15 -8.43 -5.38
CA GLY B 678 -11.20 -7.35 -5.24
C GLY B 678 -9.93 -7.56 -4.44
N GLU B 679 -10.06 -8.40 -3.41
CA GLU B 679 -8.90 -8.93 -2.72
C GLU B 679 -8.17 -9.91 -3.63
N THR B 680 -8.93 -10.60 -4.50
CA THR B 680 -8.35 -11.56 -5.42
C THR B 680 -7.55 -10.92 -6.56
N VAL B 681 -8.06 -9.86 -7.17
CA VAL B 681 -7.39 -9.20 -8.29
C VAL B 681 -6.38 -8.13 -7.90
N GLU B 682 -6.14 -7.93 -6.61
CA GLU B 682 -5.15 -6.97 -6.14
C GLU B 682 -3.91 -7.65 -5.58
N ASN B 683 -4.05 -8.80 -4.94
CA ASN B 683 -2.94 -9.58 -4.42
C ASN B 683 -2.30 -10.41 -5.52
N VAL B 684 -3.05 -10.75 -6.56
CA VAL B 684 -2.57 -11.69 -7.57
C VAL B 684 -1.99 -10.97 -8.78
N SER B 685 -2.61 -9.85 -9.17
CA SER B 685 -2.15 -9.11 -10.35
C SER B 685 -0.66 -8.85 -10.42
N LYS B 686 0.04 -8.81 -9.28
CA LYS B 686 1.49 -8.73 -9.26
C LYS B 686 2.15 -10.09 -9.41
N GLU B 687 1.36 -11.17 -9.47
CA GLU B 687 1.86 -12.52 -9.67
C GLU B 687 1.18 -13.19 -10.84
N SER B 688 0.18 -12.55 -11.45
CA SER B 688 -0.54 -13.16 -12.57
C SER B 688 0.38 -13.36 -13.77
N GLU B 689 1.28 -12.42 -14.04
CA GLU B 689 2.25 -12.60 -15.12
C GLU B 689 3.29 -13.65 -14.77
N ARG B 690 3.41 -14.01 -13.49
CA ARG B 690 4.37 -15.03 -13.08
C ARG B 690 3.80 -16.43 -13.23
N ILE B 691 2.52 -16.62 -12.90
CA ILE B 691 1.91 -17.93 -13.02
C ILE B 691 1.69 -18.31 -14.47
N TRP B 692 1.48 -17.33 -15.35
CA TRP B 692 1.25 -17.62 -16.75
C TRP B 692 2.49 -18.24 -17.40
N ARG B 693 3.67 -17.76 -17.02
CA ARG B 693 4.90 -18.30 -17.59
C ARG B 693 5.09 -19.75 -17.21
N LEU B 694 4.75 -20.11 -15.97
CA LEU B 694 4.86 -21.50 -15.53
C LEU B 694 3.86 -22.39 -16.27
N GLN B 695 2.71 -21.85 -16.64
CA GLN B 695 1.78 -22.60 -17.49
C GLN B 695 2.40 -22.88 -18.84
N ARG B 696 3.00 -21.86 -19.47
CA ARG B 696 3.60 -22.03 -20.77
C ARG B 696 4.85 -22.91 -20.70
N ALA B 697 5.67 -22.72 -19.66
CA ALA B 697 6.86 -23.54 -19.51
C ALA B 697 6.54 -25.01 -19.30
N ARG B 698 5.36 -25.32 -18.77
CA ARG B 698 4.97 -26.73 -18.64
C ARG B 698 4.58 -27.30 -20.00
N THR B 699 3.84 -26.53 -20.81
CA THR B 699 3.47 -27.02 -22.13
C THR B 699 4.65 -27.07 -23.08
N ILE B 700 5.74 -26.38 -22.76
CA ILE B 700 6.93 -26.44 -23.62
C ILE B 700 7.53 -27.84 -23.60
N LEU B 701 7.60 -28.46 -22.42
CA LEU B 701 8.08 -29.83 -22.34
C LEU B 701 6.97 -30.86 -22.44
N GLU B 702 5.73 -30.48 -22.16
CA GLU B 702 4.61 -31.37 -22.46
C GLU B 702 4.52 -31.61 -23.96
N PHE B 703 4.84 -30.59 -24.76
CA PHE B 703 4.95 -30.78 -26.19
C PHE B 703 6.19 -31.56 -26.57
N GLU B 704 7.26 -31.42 -25.79
CA GLU B 704 8.54 -32.05 -26.16
C GLU B 704 8.46 -33.57 -26.01
N LYS B 705 7.75 -34.06 -25.01
CA LYS B 705 7.65 -35.50 -24.82
C LYS B 705 6.85 -36.18 -25.91
N MET B 706 6.01 -35.42 -26.64
CA MET B 706 5.23 -36.01 -27.72
C MET B 706 6.07 -36.30 -28.95
N LEU B 707 7.21 -35.62 -29.11
CA LEU B 707 8.07 -35.87 -30.26
C LEU B 707 8.67 -37.27 -30.17
N PRO B 708 8.72 -38.01 -31.27
CA PRO B 708 9.40 -39.30 -31.26
C PRO B 708 10.90 -39.15 -31.08
N GLU B 709 11.56 -40.28 -30.85
CA GLU B 709 12.99 -40.28 -30.55
C GLU B 709 13.80 -39.76 -31.72
N TRP B 710 13.44 -40.14 -32.94
CA TRP B 710 14.14 -39.62 -34.11
C TRP B 710 13.90 -38.13 -34.29
N LEU B 711 12.74 -37.63 -33.86
CA LEU B 711 12.46 -36.21 -33.98
C LEU B 711 13.26 -35.39 -32.97
N ARG B 712 13.56 -35.96 -31.82
CA ARG B 712 14.38 -35.28 -30.82
C ARG B 712 15.88 -35.48 -31.09
N SER B 713 16.26 -35.28 -32.34
CA SER B 713 17.66 -35.28 -32.75
C SER B 713 18.24 -33.88 -32.82
N ARG B 714 17.44 -32.86 -32.51
CA ARG B 714 17.86 -31.48 -32.54
C ARG B 714 18.08 -31.01 -31.09
N PHE B 715 19.33 -30.82 -30.72
CA PHE B 715 19.72 -30.42 -29.38
C PHE B 715 20.61 -29.18 -29.45
N ARG B 716 21.11 -28.76 -28.30
CA ARG B 716 21.82 -27.49 -28.17
C ARG B 716 23.16 -27.46 -28.90
N MET B 717 24.16 -28.17 -28.40
CA MET B 717 25.49 -28.13 -28.99
C MET B 717 26.24 -29.36 -28.52
N GLY B 718 27.37 -29.63 -29.17
CA GLY B 718 28.09 -30.88 -28.99
C GLY B 718 28.88 -30.99 -27.70
N GLU B 719 30.02 -31.66 -27.77
CA GLU B 719 30.86 -31.92 -26.60
C GLU B 719 32.10 -31.04 -26.68
N LEU B 720 32.29 -30.20 -25.66
CA LEU B 720 33.37 -29.22 -25.65
C LEU B 720 33.68 -28.87 -24.20
N CYS B 721 34.37 -27.75 -24.01
CA CYS B 721 34.66 -27.05 -22.76
C CYS B 721 35.78 -27.70 -21.94
N LYS B 722 36.21 -28.91 -22.27
CA LYS B 722 37.25 -29.58 -21.50
C LYS B 722 37.65 -30.86 -22.22
N VAL B 723 38.93 -31.21 -22.11
CA VAL B 723 39.36 -32.53 -22.54
C VAL B 723 38.73 -33.60 -21.65
N ALA B 724 39.00 -33.52 -20.34
CA ALA B 724 38.33 -34.30 -19.31
C ALA B 724 38.33 -35.80 -19.60
N GLU B 725 37.21 -36.47 -19.29
CA GLU B 725 37.06 -37.90 -19.57
C GLU B 725 36.60 -38.06 -21.02
N ASP B 726 37.50 -37.71 -21.94
CA ASP B 726 37.25 -37.78 -23.39
C ASP B 726 36.05 -36.92 -23.79
N ASP B 727 35.84 -35.83 -23.03
CA ASP B 727 34.86 -34.80 -23.36
C ASP B 727 33.43 -35.35 -23.46
N PHE B 728 32.91 -35.81 -22.32
CA PHE B 728 31.47 -36.06 -22.20
C PHE B 728 30.82 -34.91 -21.43
N ARG B 729 30.91 -33.72 -22.03
CA ARG B 729 30.33 -32.51 -21.44
C ARG B 729 29.43 -31.87 -22.50
N LEU B 730 28.12 -32.05 -22.34
CA LEU B 730 27.14 -31.44 -23.23
C LEU B 730 26.98 -29.99 -22.81
N CYS B 731 27.72 -29.10 -23.45
CA CYS B 731 27.77 -27.70 -23.06
C CYS B 731 26.69 -26.90 -23.79
N LEU B 732 26.66 -25.60 -23.51
CA LEU B 732 25.72 -24.68 -24.15
C LEU B 732 26.26 -23.26 -24.01
N ARG B 733 26.36 -22.55 -25.13
CA ARG B 733 26.91 -21.21 -25.16
C ARG B 733 25.75 -20.22 -25.22
N ILE B 734 25.59 -19.42 -24.17
CA ILE B 734 24.60 -18.36 -24.13
C ILE B 734 25.29 -17.06 -23.74
N ASN B 735 25.22 -16.07 -24.62
CA ASN B 735 25.83 -14.78 -24.37
C ASN B 735 24.94 -13.93 -23.49
N GLU B 736 25.54 -13.30 -22.49
CA GLU B 736 24.80 -12.53 -21.50
C GLU B 736 25.24 -11.07 -21.60
N VAL B 737 24.36 -10.22 -22.15
CA VAL B 737 24.60 -8.79 -22.22
C VAL B 737 23.89 -8.15 -21.03
N LYS B 738 24.65 -7.88 -19.97
CA LYS B 738 24.10 -7.33 -18.75
C LYS B 738 24.54 -5.88 -18.61
N TRP B 739 23.59 -4.96 -18.73
CA TRP B 739 23.89 -3.53 -18.72
C TRP B 739 23.74 -2.89 -17.35
N THR B 740 22.88 -3.42 -16.49
CA THR B 740 22.67 -2.81 -15.19
C THR B 740 23.85 -3.07 -14.26
N GLU B 741 24.35 -4.32 -14.23
CA GLU B 741 25.45 -4.65 -13.34
C GLU B 741 26.75 -4.03 -13.83
N TRP B 742 26.99 -4.06 -15.14
CA TRP B 742 28.23 -3.50 -15.68
C TRP B 742 28.29 -1.99 -15.47
N LYS B 743 27.16 -1.31 -15.62
CA LYS B 743 27.13 0.13 -15.37
C LYS B 743 27.42 0.45 -13.90
N THR B 744 26.90 -0.36 -12.99
CA THR B 744 27.20 -0.16 -11.58
C THR B 744 28.63 -0.58 -11.25
N HIS B 745 29.14 -1.61 -11.93
CA HIS B 745 30.50 -2.08 -11.64
C HIS B 745 31.54 -1.03 -11.98
N VAL B 746 31.42 -0.37 -13.14
CA VAL B 746 32.36 0.68 -13.48
C VAL B 746 32.16 1.95 -12.67
N SER B 747 30.98 2.12 -12.06
CA SER B 747 30.70 3.31 -11.26
C SER B 747 31.55 3.39 -10.01
N PHE B 748 32.16 2.29 -9.57
CA PHE B 748 33.12 2.32 -8.47
C PHE B 748 34.55 2.23 -8.98
N PRO C 62 -10.65 14.71 32.91
CA PRO C 62 -9.97 14.73 34.21
C PRO C 62 -10.17 16.05 34.94
N VAL C 63 -10.93 16.02 36.03
CA VAL C 63 -11.23 17.22 36.81
C VAL C 63 -10.88 16.95 38.26
N PHE C 64 -10.05 17.81 38.84
CA PHE C 64 -9.67 17.74 40.24
C PHE C 64 -10.07 19.03 40.93
N SER C 65 -10.71 18.91 42.10
CA SER C 65 -11.25 20.08 42.78
C SER C 65 -10.15 21.03 43.24
N LYS C 66 -9.08 20.49 43.81
CA LYS C 66 -8.00 21.30 44.33
C LYS C 66 -6.69 20.89 43.68
N PRO C 67 -5.74 21.82 43.54
CA PRO C 67 -4.43 21.46 43.00
C PRO C 67 -3.43 21.12 44.11
N MET C 68 -2.51 20.22 43.77
CA MET C 68 -1.46 19.84 44.72
C MET C 68 -0.57 21.01 45.05
N ASP C 69 -0.05 21.69 44.03
CA ASP C 69 0.82 22.84 44.22
C ASP C 69 0.34 23.97 43.32
N SER C 70 0.07 25.13 43.91
CA SER C 70 -0.47 26.28 43.19
C SER C 70 0.46 27.46 43.42
N ASN C 71 1.24 27.81 42.39
CA ASN C 71 2.15 28.95 42.46
C ASN C 71 1.49 30.20 41.85
N ILE C 72 0.34 30.56 42.40
CA ILE C 72 -0.39 31.73 41.95
C ILE C 72 -0.16 32.90 42.88
N LEU C 119 0.68 35.28 58.42
CA LEU C 119 2.11 35.57 58.35
C LEU C 119 2.90 34.30 58.08
N LYS C 120 2.20 33.16 58.02
CA LYS C 120 2.83 31.88 57.76
C LYS C 120 3.15 31.67 56.29
N LYS C 121 2.68 32.55 55.40
CA LYS C 121 2.95 32.40 53.98
C LYS C 121 4.42 32.60 53.64
N ARG C 122 5.19 33.22 54.53
CA ARG C 122 6.63 33.37 54.30
C ARG C 122 7.34 32.03 54.34
N ILE C 123 6.83 31.08 55.14
CA ILE C 123 7.40 29.73 55.16
C ILE C 123 7.28 29.09 53.79
N PHE C 124 6.07 29.10 53.23
CA PHE C 124 5.84 28.43 51.96
C PHE C 124 6.47 29.19 50.80
N ALA C 125 6.51 30.52 50.87
CA ALA C 125 7.12 31.30 49.80
C ALA C 125 8.62 31.08 49.74
N ALA C 126 9.27 30.99 50.89
CA ALA C 126 10.73 30.86 50.93
C ALA C 126 11.18 29.53 50.31
N VAL C 127 10.48 28.43 50.63
CA VAL C 127 10.87 27.14 50.09
C VAL C 127 10.46 26.97 48.64
N SER C 128 9.46 27.71 48.16
CA SER C 128 9.01 27.56 46.79
C SER C 128 10.05 28.08 45.80
N GLU C 129 10.55 29.30 46.03
CA GLU C 129 11.55 29.88 45.14
C GLU C 129 12.95 29.36 45.42
N GLY C 130 13.14 28.60 46.49
CA GLY C 130 14.44 28.08 46.84
C GLY C 130 15.33 29.03 47.60
N CYS C 131 14.82 30.20 47.99
CA CYS C 131 15.61 31.15 48.76
C CYS C 131 15.81 30.60 50.16
N VAL C 132 17.05 30.61 50.62
CA VAL C 132 17.36 30.07 51.94
C VAL C 132 17.75 31.16 52.93
N GLU C 133 18.37 32.24 52.45
CA GLU C 133 18.79 33.31 53.35
C GLU C 133 17.61 33.96 54.04
N GLU C 134 16.51 34.17 53.31
CA GLU C 134 15.30 34.71 53.92
C GLU C 134 14.58 33.71 54.82
N LEU C 135 15.01 32.44 54.82
CA LEU C 135 14.36 31.41 55.62
C LEU C 135 15.13 31.07 56.90
N VAL C 136 16.45 30.94 56.83
CA VAL C 136 17.22 30.44 57.95
C VAL C 136 17.13 31.39 59.14
N GLU C 137 17.27 32.69 58.89
CA GLU C 137 17.14 33.67 59.97
C GLU C 137 15.70 33.79 60.42
N LEU C 138 14.75 33.67 59.49
CA LEU C 138 13.35 33.77 59.83
C LEU C 138 12.83 32.51 60.53
N LEU C 139 13.43 31.36 60.22
CA LEU C 139 13.09 30.14 60.96
C LEU C 139 13.53 30.23 62.42
N VAL C 140 14.62 30.96 62.69
CA VAL C 140 15.06 31.17 64.07
C VAL C 140 14.01 31.97 64.83
N GLU C 141 13.41 32.97 64.18
CA GLU C 141 12.34 33.73 64.81
C GLU C 141 11.16 32.85 65.17
N LEU C 142 10.72 32.00 64.25
CA LEU C 142 9.57 31.16 64.50
C LEU C 142 9.75 30.26 65.71
N GLN C 143 10.99 29.90 66.02
CA GLN C 143 11.26 28.95 67.10
C GLN C 143 10.59 29.38 68.41
N GLU C 144 10.46 30.68 68.64
CA GLU C 144 9.99 31.20 69.92
C GLU C 144 8.61 31.83 69.86
N LEU C 145 7.89 31.75 68.73
CA LEU C 145 6.49 32.15 68.74
C LEU C 145 5.64 31.19 69.56
N CYS C 146 5.88 29.88 69.44
CA CYS C 146 5.10 28.92 70.20
C CYS C 146 5.43 28.96 71.69
N ARG C 147 6.68 29.33 72.02
CA ARG C 147 7.08 29.37 73.42
C ARG C 147 6.38 30.50 74.17
N ARG C 148 6.32 31.70 73.58
CA ARG C 148 5.68 32.81 74.25
C ARG C 148 4.16 32.71 74.23
N ARG C 149 3.63 31.86 73.35
CA ARG C 149 2.19 31.66 73.29
C ARG C 149 1.55 31.79 74.66
N PHE C 157 4.58 21.98 71.02
CA PHE C 157 3.73 20.81 71.23
C PHE C 157 2.86 20.54 70.01
N LEU C 158 2.42 21.60 69.34
CA LEU C 158 1.56 21.46 68.16
C LEU C 158 1.91 22.61 67.21
N MET C 159 2.85 22.36 66.32
CA MET C 159 3.26 23.35 65.31
C MET C 159 2.29 23.25 64.13
N HIS C 160 1.15 23.92 64.28
CA HIS C 160 0.19 24.08 63.19
C HIS C 160 0.66 25.12 62.18
N LYS C 161 1.38 26.14 62.65
CA LYS C 161 1.63 27.35 61.86
C LYS C 161 2.38 27.04 60.56
N LEU C 162 3.25 26.03 60.58
CA LEU C 162 4.04 25.74 59.38
C LEU C 162 3.39 24.70 58.47
N THR C 163 2.21 24.21 58.82
CA THR C 163 1.46 23.30 57.97
C THR C 163 0.18 23.97 57.50
N ALA C 164 -0.25 23.65 56.29
CA ALA C 164 -1.47 24.23 55.76
C ALA C 164 -2.70 23.68 56.49
N SER C 165 -3.83 24.35 56.31
CA SER C 165 -5.06 24.01 57.00
C SER C 165 -6.07 23.29 56.12
N ASP C 166 -6.43 23.88 54.97
CA ASP C 166 -7.37 23.22 54.07
C ASP C 166 -6.78 21.95 53.49
N THR C 167 -5.46 21.87 53.37
CA THR C 167 -4.77 20.67 52.95
C THR C 167 -3.68 20.34 53.96
N GLY C 168 -3.27 19.08 53.98
CA GLY C 168 -2.24 18.68 54.90
C GLY C 168 -0.83 19.00 54.47
N LYS C 169 -0.67 19.66 53.32
CA LYS C 169 0.66 19.94 52.79
C LYS C 169 1.45 20.83 53.74
N THR C 170 2.69 20.45 54.00
CA THR C 170 3.60 21.19 54.85
C THR C 170 4.68 21.82 54.00
N CYS C 171 5.65 22.46 54.66
CA CYS C 171 6.77 23.06 53.95
C CYS C 171 7.65 22.00 53.30
N LEU C 172 7.75 20.82 53.93
CA LEU C 172 8.54 19.74 53.34
C LEU C 172 7.92 19.28 52.02
N MET C 173 6.60 19.13 51.97
CA MET C 173 5.94 18.83 50.70
C MET C 173 6.06 20.00 49.74
N LYS C 174 5.96 21.22 50.26
CA LYS C 174 6.06 22.41 49.41
C LYS C 174 7.47 22.55 48.81
N ALA C 175 8.49 22.22 49.59
CA ALA C 175 9.86 22.33 49.09
C ALA C 175 10.10 21.32 47.98
N LEU C 176 9.64 20.08 48.15
CA LEU C 176 9.91 19.03 47.18
C LEU C 176 9.03 19.17 45.95
N LEU C 177 7.86 19.79 46.07
CA LEU C 177 6.98 19.96 44.91
C LEU C 177 7.46 21.09 44.00
N ASN C 178 8.37 21.93 44.46
CA ASN C 178 8.87 23.08 43.73
C ASN C 178 10.39 23.01 43.64
N ILE C 179 10.88 21.89 43.12
CA ILE C 179 12.30 21.56 43.20
C ILE C 179 13.16 22.60 42.49
N ASN C 180 14.40 22.71 42.94
CA ASN C 180 15.38 23.64 42.37
C ASN C 180 16.75 23.20 42.87
N PRO C 181 17.83 23.72 42.27
CA PRO C 181 19.17 23.36 42.77
C PRO C 181 19.43 23.75 44.20
N ASN C 182 18.63 24.65 44.77
CA ASN C 182 18.76 25.04 46.16
C ASN C 182 17.93 24.20 47.12
N THR C 183 17.16 23.23 46.60
CA THR C 183 16.22 22.49 47.45
C THR C 183 16.94 21.59 48.45
N LYS C 184 18.05 20.98 48.02
CA LYS C 184 18.82 20.12 48.93
C LYS C 184 19.36 20.92 50.11
N GLU C 185 19.66 22.21 49.90
CA GLU C 185 20.11 23.07 50.98
C GLU C 185 19.01 23.47 51.94
N ILE C 186 17.75 23.18 51.61
CA ILE C 186 16.62 23.55 52.44
C ILE C 186 16.09 22.36 53.24
N VAL C 187 16.12 21.16 52.66
CA VAL C 187 15.53 20.00 53.31
C VAL C 187 16.31 19.63 54.57
N ARG C 188 17.63 19.80 54.54
CA ARG C 188 18.43 19.41 55.70
C ARG C 188 18.16 20.32 56.90
N ILE C 189 18.00 21.62 56.67
CA ILE C 189 17.75 22.53 57.79
C ILE C 189 16.28 22.49 58.20
N LEU C 190 15.39 22.16 57.26
CA LEU C 190 13.96 22.08 57.59
C LEU C 190 13.69 20.94 58.57
N LEU C 191 14.36 19.80 58.37
CA LEU C 191 14.19 18.68 59.29
C LEU C 191 14.82 18.98 60.64
N ALA C 192 15.93 19.72 60.64
CA ALA C 192 16.60 20.05 61.89
C ALA C 192 15.73 20.93 62.78
N PHE C 193 14.83 21.72 62.18
CA PHE C 193 13.90 22.51 62.97
C PHE C 193 12.95 21.63 63.77
N ALA C 194 12.46 20.56 63.15
CA ALA C 194 11.56 19.64 63.84
C ALA C 194 12.29 18.82 64.91
N GLU C 195 13.61 18.67 64.78
CA GLU C 195 14.36 17.97 65.82
C GLU C 195 14.37 18.77 67.12
N GLU C 196 14.48 20.09 67.03
CA GLU C 196 14.51 20.92 68.23
C GLU C 196 13.17 20.92 68.94
N ASN C 197 12.07 20.93 68.19
CA ASN C 197 10.73 20.87 68.76
C ASN C 197 10.28 19.44 69.02
N ASP C 198 11.08 18.45 68.64
CA ASP C 198 10.77 17.02 68.85
C ASP C 198 9.44 16.64 68.22
N ILE C 199 9.15 17.19 67.05
CA ILE C 199 7.94 16.88 66.31
C ILE C 199 8.26 16.28 64.95
N LEU C 200 9.45 15.67 64.81
CA LEU C 200 9.83 15.08 63.54
C LEU C 200 8.95 13.90 63.18
N GLY C 201 8.37 13.23 64.18
CA GLY C 201 7.47 12.12 63.89
C GLY C 201 6.22 12.57 63.14
N ARG C 202 5.59 13.65 63.62
CA ARG C 202 4.42 14.18 62.95
C ARG C 202 4.78 14.96 61.69
N PHE C 203 5.96 15.59 61.68
CA PHE C 203 6.36 16.38 60.52
C PHE C 203 6.68 15.51 59.33
N ILE C 204 7.47 14.45 59.54
CA ILE C 204 7.85 13.57 58.45
C ILE C 204 6.64 12.77 57.97
N ASN C 205 5.85 12.23 58.89
CA ASN C 205 4.68 11.45 58.55
C ASN C 205 3.45 12.31 58.30
N ALA C 206 3.64 13.57 57.91
CA ALA C 206 2.52 14.45 57.65
C ALA C 206 1.71 13.93 56.46
N GLU C 207 0.39 14.01 56.59
CA GLU C 207 -0.53 13.40 55.63
C GLU C 207 -1.33 14.49 54.92
N TYR C 208 -1.55 14.30 53.63
CA TYR C 208 -2.49 15.13 52.91
C TYR C 208 -3.91 14.91 53.44
N THR C 209 -4.78 15.87 53.20
CA THR C 209 -6.14 15.80 53.70
C THR C 209 -7.22 16.02 52.66
N GLU C 210 -6.86 16.44 51.45
CA GLU C 210 -7.85 16.54 50.39
C GLU C 210 -8.34 15.15 49.98
N GLU C 211 -9.61 15.09 49.57
CA GLU C 211 -10.17 13.81 49.15
C GLU C 211 -9.53 13.31 47.86
N ALA C 212 -9.15 14.22 46.97
CA ALA C 212 -8.49 13.81 45.73
C ALA C 212 -7.12 13.22 46.01
N TYR C 213 -6.29 13.98 46.74
CA TYR C 213 -4.96 13.49 47.10
C TYR C 213 -4.94 13.28 48.60
N GLU C 214 -5.07 12.03 49.03
CA GLU C 214 -5.10 11.70 50.44
C GLU C 214 -4.03 10.66 50.73
N GLY C 215 -3.29 10.85 51.81
CA GLY C 215 -2.26 9.90 52.19
C GLY C 215 -0.90 10.15 51.59
N GLN C 216 -0.75 11.14 50.71
CA GLN C 216 0.55 11.43 50.13
C GLN C 216 1.47 12.01 51.18
N THR C 217 2.68 11.47 51.28
CA THR C 217 3.65 11.90 52.26
C THR C 217 4.84 12.56 51.56
N ALA C 218 5.77 13.07 52.38
CA ALA C 218 6.96 13.73 51.84
C ALA C 218 7.86 12.74 51.11
N LEU C 219 7.92 11.49 51.58
CA LEU C 219 8.72 10.48 50.88
C LEU C 219 8.12 10.18 49.51
N ASN C 220 6.80 10.20 49.40
CA ASN C 220 6.15 9.92 48.12
C ASN C 220 6.51 10.97 47.08
N ILE C 221 6.55 12.24 47.48
CA ILE C 221 6.90 13.30 46.54
C ILE C 221 8.38 13.26 46.19
N ALA C 222 9.22 12.94 47.17
CA ALA C 222 10.66 12.88 46.92
C ALA C 222 11.00 11.76 45.95
N ILE C 223 10.32 10.62 46.07
CA ILE C 223 10.54 9.51 45.16
C ILE C 223 10.08 9.87 43.76
N GLU C 224 8.96 10.58 43.66
CA GLU C 224 8.42 10.95 42.34
C GLU C 224 9.37 11.88 41.60
N ARG C 225 10.00 12.82 42.30
CA ARG C 225 10.82 13.83 41.64
C ARG C 225 12.26 13.35 41.44
N ARG C 226 12.39 12.10 40.97
CA ARG C 226 13.64 11.47 40.55
C ARG C 226 14.84 11.81 41.44
N GLN C 227 14.65 11.81 42.75
CA GLN C 227 15.69 12.26 43.68
C GLN C 227 15.94 11.16 44.72
N GLY C 228 16.98 10.37 44.51
CA GLY C 228 17.38 9.39 45.49
C GLY C 228 18.18 9.92 46.65
N ASP C 229 18.60 11.18 46.58
CA ASP C 229 19.40 11.76 47.66
C ASP C 229 18.52 12.10 48.86
N ILE C 230 17.49 12.92 48.65
CA ILE C 230 16.59 13.28 49.73
C ILE C 230 15.76 12.08 50.15
N ALA C 231 15.37 11.22 49.18
CA ALA C 231 14.55 10.06 49.50
C ALA C 231 15.28 9.13 50.47
N ALA C 232 16.58 8.91 50.26
CA ALA C 232 17.35 8.14 51.22
C ALA C 232 17.48 8.89 52.54
N LEU C 233 17.58 10.22 52.49
CA LEU C 233 17.70 11.01 53.71
C LEU C 233 16.43 10.95 54.53
N LEU C 234 15.26 11.01 53.89
CA LEU C 234 14.01 10.94 54.63
C LEU C 234 13.81 9.57 55.25
N ILE C 235 14.11 8.51 54.50
CA ILE C 235 13.97 7.16 55.03
C ILE C 235 14.92 6.95 56.22
N ALA C 236 16.15 7.43 56.09
CA ALA C 236 17.08 7.38 57.22
C ALA C 236 16.63 8.26 58.38
N ALA C 237 15.80 9.27 58.11
CA ALA C 237 15.25 10.11 59.17
C ALA C 237 14.02 9.51 59.83
N GLY C 238 13.56 8.36 59.36
CA GLY C 238 12.41 7.72 59.96
C GLY C 238 11.13 7.93 59.18
N ALA C 239 11.24 7.93 57.85
CA ALA C 239 10.08 8.12 57.01
C ALA C 239 9.15 6.92 57.10
N ASP C 240 7.84 7.18 56.99
CA ASP C 240 6.87 6.12 57.03
C ASP C 240 6.90 5.32 55.74
N VAL C 241 7.75 4.29 55.70
CA VAL C 241 7.75 3.38 54.57
C VAL C 241 6.40 2.64 54.56
N ASN C 242 6.04 2.14 53.37
CA ASN C 242 4.76 1.47 53.10
C ASN C 242 3.58 2.24 53.69
N ALA C 243 3.57 3.55 53.46
CA ALA C 243 2.43 4.40 53.76
C ALA C 243 1.62 4.58 52.50
N HIS C 244 0.32 4.35 52.59
CA HIS C 244 -0.53 4.26 51.41
C HIS C 244 -1.17 5.60 51.08
N ALA C 245 -1.05 6.02 49.82
CA ALA C 245 -1.66 7.25 49.33
C ALA C 245 -3.05 6.91 48.79
N LYS C 246 -4.00 6.80 49.70
CA LYS C 246 -5.35 6.33 49.39
C LYS C 246 -6.26 7.46 48.93
N GLY C 247 -5.80 8.24 47.95
CA GLY C 247 -6.57 9.34 47.44
C GLY C 247 -7.34 8.98 46.19
N ALA C 248 -8.35 9.79 45.88
CA ALA C 248 -9.13 9.56 44.65
C ALA C 248 -8.28 9.82 43.42
N PHE C 249 -7.34 10.74 43.51
CA PHE C 249 -6.43 10.99 42.39
C PHE C 249 -5.47 9.82 42.20
N PHE C 250 -4.90 9.30 43.29
CA PHE C 250 -3.97 8.18 43.20
C PHE C 250 -4.68 6.88 42.83
N ASN C 251 -6.01 6.83 42.97
CA ASN C 251 -6.81 5.65 42.66
C ASN C 251 -7.91 6.06 41.71
N PRO C 252 -7.58 6.32 40.44
CA PRO C 252 -8.58 6.83 39.51
C PRO C 252 -9.60 5.77 39.13
N LYS C 253 -10.80 6.23 38.76
CA LYS C 253 -11.83 5.30 38.30
C LYS C 253 -11.54 4.78 36.90
N TYR C 254 -10.68 5.45 36.14
CA TYR C 254 -10.34 5.03 34.79
C TYR C 254 -8.84 5.23 34.61
N GLN C 255 -8.38 5.09 33.37
CA GLN C 255 -6.97 5.29 33.08
C GLN C 255 -6.61 6.77 33.05
N HIS C 256 -7.51 7.60 32.55
CA HIS C 256 -7.22 9.02 32.33
C HIS C 256 -7.66 9.91 33.49
N GLU C 257 -8.13 9.35 34.59
CA GLU C 257 -8.61 10.16 35.69
C GLU C 257 -7.56 10.37 36.78
N GLY C 258 -6.34 9.88 36.60
CA GLY C 258 -5.32 10.06 37.61
C GLY C 258 -4.08 9.25 37.27
N PHE C 259 -3.30 8.97 38.30
CA PHE C 259 -2.05 8.21 38.18
C PHE C 259 -2.08 7.11 39.23
N TYR C 260 -2.38 5.88 38.81
CA TYR C 260 -2.37 4.73 39.69
C TYR C 260 -1.03 4.02 39.59
N PHE C 261 -0.41 3.77 40.75
CA PHE C 261 0.89 3.15 40.77
C PHE C 261 1.04 2.10 41.87
N GLY C 262 -0.04 1.75 42.56
CA GLY C 262 0.03 0.81 43.66
C GLY C 262 -0.05 1.44 45.03
N GLU C 263 -0.03 2.77 45.10
CA GLU C 263 -0.26 3.53 46.33
C GLU C 263 0.76 3.19 47.43
N THR C 264 1.99 2.92 47.05
CA THR C 264 3.06 2.69 48.00
C THR C 264 4.34 3.33 47.50
N PRO C 265 5.21 3.79 48.40
CA PRO C 265 6.50 4.34 47.95
C PRO C 265 7.36 3.35 47.20
N LEU C 266 7.27 2.06 47.53
CA LEU C 266 8.06 1.06 46.82
C LEU C 266 7.53 0.87 45.40
N ALA C 267 6.21 0.80 45.24
CA ALA C 267 5.66 0.62 43.91
C ALA C 267 5.75 1.88 43.07
N LEU C 268 5.73 3.06 43.69
CA LEU C 268 5.93 4.29 42.95
C LEU C 268 7.33 4.36 42.35
N ALA C 269 8.34 3.98 43.14
CA ALA C 269 9.69 3.88 42.58
C ALA C 269 9.79 2.76 41.56
N ALA C 270 8.97 1.72 41.71
CA ALA C 270 8.95 0.64 40.74
C ALA C 270 8.16 1.01 39.50
N CYS C 271 7.05 1.73 39.66
CA CYS C 271 6.27 2.16 38.50
C CYS C 271 7.01 3.21 37.70
N THR C 272 7.74 4.11 38.36
CA THR C 272 8.73 4.91 37.68
C THR C 272 9.97 4.05 37.42
N ASN C 273 10.93 4.61 36.69
CA ASN C 273 12.11 3.85 36.30
C ASN C 273 13.30 4.09 37.21
N GLN C 274 13.07 4.22 38.51
CA GLN C 274 14.16 4.41 39.46
C GLN C 274 14.41 3.11 40.20
N PRO C 275 15.36 2.28 39.76
CA PRO C 275 15.61 1.03 40.48
C PRO C 275 16.48 1.19 41.71
N GLU C 276 17.26 2.26 41.80
CA GLU C 276 18.13 2.45 42.95
C GLU C 276 17.32 2.68 44.21
N ILE C 277 16.26 3.49 44.13
CA ILE C 277 15.39 3.69 45.29
C ILE C 277 14.64 2.41 45.60
N VAL C 278 14.28 1.63 44.59
CA VAL C 278 13.70 0.31 44.83
C VAL C 278 14.68 -0.55 45.61
N GLN C 279 15.93 -0.64 45.14
CA GLN C 279 16.93 -1.46 45.80
C GLN C 279 17.15 -1.02 47.24
N LEU C 280 17.11 0.29 47.49
CA LEU C 280 17.20 0.78 48.86
C LEU C 280 15.98 0.36 49.67
N LEU C 281 14.81 0.34 49.05
CA LEU C 281 13.59 0.03 49.78
C LEU C 281 13.48 -1.48 50.04
N MET C 282 13.99 -2.31 49.14
CA MET C 282 14.03 -3.75 49.38
C MET C 282 14.92 -4.07 50.57
N GLU C 283 16.05 -3.39 50.70
CA GLU C 283 17.00 -3.68 51.76
C GLU C 283 16.53 -3.19 53.12
N HIS C 284 15.59 -2.27 53.17
CA HIS C 284 15.07 -1.77 54.43
C HIS C 284 14.30 -2.87 55.16
N GLU C 285 14.46 -2.93 56.48
CA GLU C 285 13.81 -3.97 57.27
C GLU C 285 12.31 -3.71 57.42
N GLN C 286 11.92 -2.47 57.62
CA GLN C 286 10.52 -2.13 57.89
C GLN C 286 9.63 -2.23 56.66
N THR C 287 10.20 -2.35 55.46
CA THR C 287 9.39 -2.38 54.25
C THR C 287 8.60 -3.68 54.17
N ASP C 288 7.29 -3.56 53.98
CA ASP C 288 6.41 -4.71 53.79
C ASP C 288 6.24 -4.94 52.30
N ILE C 289 6.87 -6.01 51.79
CA ILE C 289 6.79 -6.30 50.36
C ILE C 289 5.39 -6.71 49.96
N THR C 290 4.81 -7.66 50.69
CA THR C 290 3.48 -8.17 50.37
C THR C 290 2.41 -7.30 51.05
N SER C 291 2.36 -6.05 50.62
CA SER C 291 1.41 -5.07 51.13
C SER C 291 0.40 -4.76 50.03
N ARG C 292 -0.88 -4.82 50.39
CA ARG C 292 -1.97 -4.65 49.44
C ARG C 292 -2.62 -3.29 49.65
N ASP C 293 -2.80 -2.56 48.56
CA ASP C 293 -3.39 -1.22 48.63
C ASP C 293 -4.92 -1.33 48.61
N SER C 294 -5.59 -0.20 48.41
CA SER C 294 -7.04 -0.14 48.49
C SER C 294 -7.72 -0.91 47.35
N ARG C 295 -7.01 -1.19 46.27
CA ARG C 295 -7.55 -2.02 45.20
C ARG C 295 -7.28 -3.50 45.41
N GLY C 296 -6.67 -3.87 46.54
CA GLY C 296 -6.27 -5.24 46.74
C GLY C 296 -5.09 -5.68 45.92
N ASN C 297 -4.37 -4.74 45.30
CA ASN C 297 -3.27 -5.07 44.40
C ASN C 297 -2.02 -5.40 45.21
N ASN C 298 -0.88 -5.40 44.53
CA ASN C 298 0.40 -5.75 45.13
C ASN C 298 1.47 -4.94 44.42
N ILE C 299 2.74 -5.23 44.73
CA ILE C 299 3.82 -4.61 43.97
C ILE C 299 3.83 -5.16 42.54
N LEU C 300 3.48 -6.43 42.38
CA LEU C 300 3.47 -7.04 41.06
C LEU C 300 2.18 -6.77 40.30
N HIS C 301 1.05 -6.64 41.01
CA HIS C 301 -0.18 -6.24 40.35
C HIS C 301 -0.05 -4.84 39.76
N ALA C 302 0.57 -3.93 40.50
CA ALA C 302 0.72 -2.56 40.05
C ALA C 302 1.62 -2.48 38.82
N LEU C 303 2.68 -3.28 38.79
CA LEU C 303 3.56 -3.30 37.62
C LEU C 303 2.85 -3.84 36.39
N VAL C 304 1.96 -4.82 36.58
CA VAL C 304 1.19 -5.35 35.47
C VAL C 304 0.29 -4.28 34.89
N THR C 305 -0.33 -3.46 35.75
CA THR C 305 -1.27 -2.45 35.27
C THR C 305 -0.55 -1.36 34.47
N VAL C 306 0.66 -0.97 34.87
CA VAL C 306 1.34 0.13 34.23
C VAL C 306 2.16 -0.29 33.01
N ALA C 307 2.16 -1.57 32.67
CA ALA C 307 2.84 -2.02 31.46
C ALA C 307 2.01 -1.65 30.24
N GLU C 308 2.48 -2.07 29.06
CA GLU C 308 1.75 -1.83 27.82
C GLU C 308 1.86 -3.04 26.93
N ASP C 309 0.81 -3.27 26.13
CA ASP C 309 0.82 -4.37 25.17
C ASP C 309 1.64 -4.08 23.94
N PHE C 310 1.86 -2.81 23.61
CA PHE C 310 2.67 -2.46 22.46
C PHE C 310 4.15 -2.73 22.74
N LYS C 311 4.81 -3.42 21.83
CA LYS C 311 6.21 -3.78 22.00
C LYS C 311 7.06 -2.51 21.98
N THR C 312 7.70 -2.21 23.11
CA THR C 312 8.61 -1.08 23.22
C THR C 312 10.04 -1.58 23.34
N GLN C 313 10.97 -0.82 22.78
CA GLN C 313 12.37 -1.22 22.77
C GLN C 313 12.95 -1.27 24.17
N ASN C 314 12.63 -0.29 25.00
CA ASN C 314 13.16 -0.17 26.36
C ASN C 314 11.98 -0.11 27.32
N ASP C 315 11.48 -1.27 27.74
CA ASP C 315 10.40 -1.38 28.71
C ASP C 315 10.99 -1.89 30.02
N PHE C 316 10.92 -1.06 31.06
CA PHE C 316 11.49 -1.38 32.36
C PHE C 316 10.59 -2.27 33.20
N VAL C 317 9.31 -2.41 32.84
CA VAL C 317 8.37 -3.09 33.72
C VAL C 317 8.71 -4.57 33.82
N LYS C 318 8.89 -5.24 32.69
CA LYS C 318 9.29 -6.65 32.73
C LYS C 318 10.73 -6.80 33.21
N ARG C 319 11.54 -5.76 33.09
CA ARG C 319 12.89 -5.81 33.65
C ARG C 319 12.86 -5.63 35.16
N MET C 320 11.91 -4.84 35.66
CA MET C 320 11.79 -4.62 37.09
C MET C 320 10.90 -5.65 37.75
N TYR C 321 10.04 -6.32 36.99
CA TYR C 321 9.32 -7.47 37.51
C TYR C 321 10.30 -8.56 37.96
N ASP C 322 11.38 -8.75 37.20
CA ASP C 322 12.39 -9.74 37.56
C ASP C 322 13.09 -9.37 38.85
N MET C 323 13.44 -8.09 39.02
CA MET C 323 14.22 -7.67 40.17
C MET C 323 13.43 -7.84 41.46
N ILE C 324 12.16 -7.41 41.47
CA ILE C 324 11.37 -7.45 42.68
C ILE C 324 11.02 -8.89 43.06
N LEU C 325 10.72 -9.71 42.07
CA LEU C 325 10.32 -11.09 42.35
C LEU C 325 11.50 -11.92 42.85
N LEU C 326 12.66 -11.78 42.21
CA LEU C 326 13.82 -12.57 42.60
C LEU C 326 14.29 -12.23 44.00
N ARG C 327 14.32 -10.94 44.34
CA ARG C 327 14.76 -10.53 45.67
C ARG C 327 13.82 -11.04 46.75
N SER C 328 12.51 -11.07 46.45
CA SER C 328 11.59 -11.73 47.36
C SER C 328 11.86 -13.23 47.45
N GLY C 329 12.06 -13.88 46.29
CA GLY C 329 12.51 -15.25 46.26
C GLY C 329 11.56 -16.27 46.85
N ASN C 330 10.27 -16.05 46.66
CA ASN C 330 9.30 -17.00 47.15
C ASN C 330 8.02 -16.93 46.34
N TRP C 331 7.11 -17.86 46.60
CA TRP C 331 5.85 -17.91 45.85
C TRP C 331 4.70 -17.34 46.66
N GLU C 332 4.80 -16.04 46.96
CA GLU C 332 3.69 -15.38 47.63
C GLU C 332 3.30 -14.10 46.90
N LEU C 333 4.23 -13.51 46.14
CA LEU C 333 3.88 -12.36 45.34
C LEU C 333 3.10 -12.78 44.10
N GLU C 334 3.43 -13.93 43.53
CA GLU C 334 2.74 -14.44 42.35
C GLU C 334 1.46 -15.20 42.68
N THR C 335 1.19 -15.44 43.96
CA THR C 335 -0.01 -16.15 44.37
C THR C 335 -0.99 -15.29 45.14
N THR C 336 -0.61 -14.06 45.51
CA THR C 336 -1.50 -13.21 46.29
C THR C 336 -2.66 -12.75 45.43
N ARG C 337 -3.87 -12.94 45.93
CA ARG C 337 -5.06 -12.67 45.17
C ARG C 337 -5.42 -11.19 45.20
N ASN C 338 -6.07 -10.74 44.14
CA ASN C 338 -6.57 -9.37 44.05
C ASN C 338 -7.86 -9.22 44.83
N ASN C 339 -8.37 -7.98 44.91
CA ASN C 339 -9.67 -7.76 45.51
C ASN C 339 -10.78 -8.34 44.64
N ASP C 340 -10.70 -8.09 43.33
CA ASP C 340 -11.59 -8.77 42.40
C ASP C 340 -11.32 -10.28 42.39
N GLY C 341 -10.10 -10.67 42.71
CA GLY C 341 -9.69 -12.06 42.76
C GLY C 341 -8.95 -12.43 41.51
N LEU C 342 -7.63 -12.20 41.51
CA LEU C 342 -6.80 -12.31 40.32
C LEU C 342 -5.34 -12.32 40.72
N THR C 343 -4.61 -13.35 40.33
CA THR C 343 -3.17 -13.39 40.56
C THR C 343 -2.49 -12.44 39.58
N PRO C 344 -1.23 -12.09 39.83
CA PRO C 344 -0.50 -11.27 38.84
C PRO C 344 -0.42 -11.92 37.46
N LEU C 345 -0.47 -13.24 37.39
CA LEU C 345 -0.57 -13.92 36.10
C LEU C 345 -1.88 -13.58 35.40
N GLN C 346 -3.00 -13.78 36.11
CA GLN C 346 -4.31 -13.59 35.49
C GLN C 346 -4.58 -12.13 35.18
N LEU C 347 -4.03 -11.21 35.99
CA LEU C 347 -4.26 -9.79 35.77
C LEU C 347 -3.65 -9.34 34.44
N ALA C 348 -2.52 -9.91 34.06
CA ALA C 348 -1.93 -9.59 32.77
C ALA C 348 -2.78 -10.08 31.61
N ALA C 349 -3.55 -11.16 31.83
CA ALA C 349 -4.44 -11.64 30.79
C ALA C 349 -5.69 -10.77 30.69
N LYS C 350 -6.20 -10.30 31.83
CA LYS C 350 -7.39 -9.47 31.83
C LYS C 350 -7.11 -8.11 31.19
N MET C 351 -5.93 -7.55 31.45
CA MET C 351 -5.55 -6.26 30.86
C MET C 351 -4.88 -6.42 29.50
N GLY C 352 -4.65 -7.64 29.05
CA GLY C 352 -4.03 -7.85 27.75
C GLY C 352 -2.58 -7.46 27.66
N LYS C 353 -1.79 -7.76 28.69
CA LYS C 353 -0.36 -7.47 28.70
C LYS C 353 0.38 -8.67 28.13
N ALA C 354 0.70 -8.61 26.83
CA ALA C 354 1.28 -9.77 26.17
C ALA C 354 2.75 -9.97 26.55
N GLU C 355 3.50 -8.88 26.70
CA GLU C 355 4.92 -9.01 27.00
C GLU C 355 5.15 -9.57 28.40
N ILE C 356 4.33 -9.15 29.36
CA ILE C 356 4.45 -9.71 30.71
C ILE C 356 3.97 -11.15 30.73
N LEU C 357 2.87 -11.44 30.01
CA LEU C 357 2.38 -12.82 29.97
C LEU C 357 3.39 -13.75 29.31
N LYS C 358 4.04 -13.30 28.24
CA LYS C 358 5.07 -14.12 27.61
C LYS C 358 6.27 -14.29 28.52
N TYR C 359 6.58 -13.28 29.33
CA TYR C 359 7.71 -13.40 30.24
C TYR C 359 7.38 -14.29 31.43
N ILE C 360 6.18 -14.13 32.00
CA ILE C 360 5.82 -14.89 33.19
C ILE C 360 5.65 -16.37 32.85
N LEU C 361 4.92 -16.66 31.77
CA LEU C 361 4.63 -18.05 31.42
C LEU C 361 5.89 -18.82 31.03
N SER C 362 6.89 -18.12 30.51
CA SER C 362 8.14 -18.72 30.06
C SER C 362 9.30 -18.26 30.93
N ARG C 363 9.06 -18.07 32.22
CA ARG C 363 10.09 -17.62 33.14
C ARG C 363 10.92 -18.81 33.58
N GLU C 364 12.21 -18.80 33.23
CA GLU C 364 13.15 -19.85 33.62
C GLU C 364 14.28 -19.22 34.40
N ILE C 365 14.54 -19.75 35.60
CA ILE C 365 15.60 -19.28 36.47
C ILE C 365 16.73 -20.31 36.43
N LYS C 366 17.91 -19.88 35.97
CA LYS C 366 19.01 -20.81 35.78
C LYS C 366 19.64 -21.21 37.10
N GLU C 367 19.85 -20.27 38.01
CA GLU C 367 20.59 -20.53 39.23
C GLU C 367 19.78 -21.38 40.20
N LYS C 368 20.50 -22.09 41.07
CA LYS C 368 19.86 -22.87 42.12
C LYS C 368 19.30 -21.94 43.20
N ARG C 369 18.51 -22.53 44.11
CA ARG C 369 17.84 -21.89 45.23
C ARG C 369 16.72 -20.97 44.77
N LEU C 370 16.66 -20.71 43.46
CA LEU C 370 15.62 -19.89 42.87
C LEU C 370 14.97 -20.56 41.67
N ARG C 371 15.35 -21.80 41.35
CA ARG C 371 14.71 -22.53 40.27
C ARG C 371 13.28 -22.92 40.59
N SER C 372 12.89 -22.90 41.87
CA SER C 372 11.50 -23.10 42.23
C SER C 372 10.59 -21.96 41.79
N LEU C 373 11.18 -20.82 41.40
CA LEU C 373 10.44 -19.69 40.87
C LEU C 373 10.35 -19.71 39.35
N SER C 374 10.39 -20.89 38.74
CA SER C 374 10.37 -21.03 37.30
C SER C 374 9.07 -21.68 36.85
N ARG C 375 8.50 -21.15 35.76
CA ARG C 375 7.31 -21.72 35.17
C ARG C 375 7.61 -22.58 33.95
N LYS C 376 8.88 -22.71 33.58
CA LYS C 376 9.26 -23.52 32.43
C LYS C 376 10.65 -24.08 32.69
N PHE C 377 10.75 -25.40 32.74
CA PHE C 377 12.01 -26.09 32.99
C PHE C 377 12.39 -26.82 31.70
N THR C 378 13.37 -26.28 30.97
CA THR C 378 13.79 -26.93 29.73
C THR C 378 14.50 -28.24 30.06
N ASP C 379 14.03 -29.32 29.44
CA ASP C 379 14.56 -30.65 29.74
C ASP C 379 15.83 -30.91 28.96
N TRP C 380 15.77 -30.86 27.63
CA TRP C 380 16.93 -31.07 26.80
C TRP C 380 16.76 -30.28 25.51
N ALA C 381 17.88 -29.98 24.87
CA ALA C 381 17.89 -29.29 23.59
C ALA C 381 18.94 -29.92 22.71
N TYR C 382 18.63 -30.04 21.42
CA TYR C 382 19.57 -30.63 20.46
C TYR C 382 19.34 -29.95 19.12
N GLY C 383 20.12 -28.91 18.83
CA GLY C 383 19.94 -28.17 17.61
C GLY C 383 18.66 -27.38 17.62
N PRO C 384 17.85 -27.54 16.57
CA PRO C 384 16.60 -26.77 16.48
C PRO C 384 15.55 -27.20 17.48
N VAL C 385 15.51 -28.47 17.85
CA VAL C 385 14.45 -29.02 18.68
C VAL C 385 14.88 -28.95 20.15
N SER C 386 14.00 -28.41 20.98
CA SER C 386 14.20 -28.37 22.42
C SER C 386 12.90 -28.77 23.10
N SER C 387 12.97 -29.68 24.06
CA SER C 387 11.79 -30.22 24.72
C SER C 387 11.60 -29.48 26.04
N SER C 388 11.04 -28.28 25.96
CA SER C 388 10.72 -27.49 27.13
C SER C 388 9.56 -28.13 27.88
N LEU C 389 9.57 -28.00 29.19
CA LEU C 389 8.59 -28.66 30.06
C LEU C 389 7.92 -27.58 30.90
N TYR C 390 6.77 -27.09 30.42
CA TYR C 390 6.11 -25.93 30.99
C TYR C 390 5.32 -26.31 32.23
N ASP C 391 4.91 -25.28 32.97
CA ASP C 391 4.06 -25.43 34.14
C ASP C 391 2.73 -24.74 33.86
N LEU C 392 1.65 -25.44 34.18
CA LEU C 392 0.30 -24.90 34.01
C LEU C 392 -0.51 -25.09 35.28
N THR C 393 0.08 -24.77 36.44
CA THR C 393 -0.64 -24.86 37.69
C THR C 393 -1.75 -23.82 37.79
N ASN C 394 -1.75 -22.81 36.91
CA ASN C 394 -2.85 -21.85 36.87
C ASN C 394 -3.22 -21.45 35.45
N VAL C 395 -2.90 -22.29 34.47
CA VAL C 395 -3.18 -22.00 33.08
C VAL C 395 -4.30 -22.86 32.52
N ASP C 396 -4.28 -24.16 32.82
CA ASP C 396 -5.35 -25.04 32.38
C ASP C 396 -6.67 -24.64 33.03
N THR C 397 -7.77 -25.06 32.40
CA THR C 397 -9.10 -24.71 32.88
C THR C 397 -9.57 -25.58 34.03
N THR C 398 -8.65 -26.26 34.73
CA THR C 398 -9.05 -27.06 35.88
C THR C 398 -9.59 -26.19 37.01
N THR C 399 -8.98 -25.03 37.23
CA THR C 399 -9.47 -24.09 38.22
C THR C 399 -10.37 -23.05 37.56
N ASP C 400 -10.93 -22.18 38.39
CA ASP C 400 -11.78 -21.10 37.89
C ASP C 400 -10.93 -19.88 37.57
N ASN C 401 -11.38 -19.11 36.57
CA ASN C 401 -10.65 -17.91 36.17
C ASN C 401 -9.24 -18.20 35.69
N SER C 402 -9.08 -19.25 34.90
CA SER C 402 -7.77 -19.59 34.37
C SER C 402 -7.32 -18.52 33.38
N VAL C 403 -6.00 -18.40 33.21
CA VAL C 403 -5.48 -17.43 32.25
C VAL C 403 -5.84 -17.85 30.83
N LEU C 404 -6.00 -19.15 30.58
CA LEU C 404 -6.47 -19.59 29.27
C LEU C 404 -7.93 -19.22 29.05
N GLU C 405 -8.79 -19.44 30.06
CA GLU C 405 -10.19 -19.06 29.92
C GLU C 405 -10.35 -17.56 29.83
N ILE C 406 -9.58 -16.81 30.61
CA ILE C 406 -9.68 -15.35 30.60
C ILE C 406 -9.22 -14.80 29.26
N THR C 407 -8.14 -15.34 28.70
CA THR C 407 -7.55 -14.75 27.51
C THR C 407 -8.32 -15.06 26.23
N VAL C 408 -9.21 -16.05 26.23
CA VAL C 408 -9.93 -16.37 25.00
C VAL C 408 -11.26 -15.61 24.91
N TYR C 409 -11.90 -15.34 26.04
CA TYR C 409 -13.10 -14.54 26.03
C TYR C 409 -12.74 -13.07 25.85
N ASN C 410 -13.75 -12.24 25.63
CA ASN C 410 -13.49 -10.83 25.34
C ASN C 410 -13.19 -10.07 26.63
N THR C 411 -12.31 -10.62 27.46
CA THR C 411 -11.78 -9.93 28.63
C THR C 411 -10.52 -9.15 28.31
N ASN C 412 -9.75 -9.59 27.30
CA ASN C 412 -8.68 -8.81 26.72
C ASN C 412 -9.23 -7.97 25.59
N ILE C 413 -8.57 -6.86 25.30
CA ILE C 413 -9.03 -5.96 24.25
C ILE C 413 -7.90 -5.76 23.24
N ASP C 414 -8.27 -5.85 21.97
CA ASP C 414 -7.43 -5.46 20.81
C ASP C 414 -6.08 -6.18 20.77
N ASN C 415 -5.87 -7.14 21.65
CA ASN C 415 -4.64 -7.93 21.64
C ASN C 415 -4.91 -9.32 22.21
N ARG C 416 -5.31 -10.25 21.36
CA ARG C 416 -5.62 -11.60 21.81
C ARG C 416 -4.79 -12.66 21.11
N HIS C 417 -4.72 -12.62 19.78
CA HIS C 417 -3.99 -13.66 19.06
C HIS C 417 -2.49 -13.53 19.26
N GLU C 418 -2.00 -12.32 19.49
CA GLU C 418 -0.58 -12.14 19.79
C GLU C 418 -0.20 -12.66 21.16
N MET C 419 -1.18 -13.00 22.00
CA MET C 419 -0.90 -13.66 23.27
C MET C 419 -1.71 -14.93 23.50
N LEU C 420 -2.60 -15.30 22.59
CA LEU C 420 -3.15 -16.64 22.61
C LEU C 420 -2.25 -17.65 21.94
N THR C 421 -1.19 -17.19 21.26
CA THR C 421 -0.21 -18.05 20.64
C THR C 421 0.97 -18.34 21.55
N LEU C 422 0.93 -17.89 22.79
CA LEU C 422 2.02 -18.16 23.73
C LEU C 422 2.09 -19.66 24.01
N GLU C 423 3.32 -20.14 24.20
CA GLU C 423 3.56 -21.58 24.18
C GLU C 423 2.78 -22.40 25.21
N PRO C 424 2.65 -21.99 26.48
CA PRO C 424 1.93 -22.87 27.43
C PRO C 424 0.47 -23.08 27.08
N LEU C 425 -0.14 -22.14 26.36
CA LEU C 425 -1.57 -22.20 26.06
C LEU C 425 -1.92 -22.20 24.59
N HIS C 426 -0.95 -22.02 23.69
CA HIS C 426 -1.22 -22.23 22.28
C HIS C 426 -1.40 -23.71 21.98
N THR C 427 -0.57 -24.56 22.58
CA THR C 427 -0.71 -26.00 22.44
C THR C 427 -1.69 -26.59 23.43
N LEU C 428 -2.16 -25.80 24.41
CA LEU C 428 -3.22 -26.28 25.28
C LEU C 428 -4.53 -26.44 24.52
N LEU C 429 -4.77 -25.56 23.55
CA LEU C 429 -5.97 -25.67 22.74
C LEU C 429 -5.86 -26.74 21.66
N HIS C 430 -4.66 -26.93 21.10
CA HIS C 430 -4.48 -27.95 20.07
C HIS C 430 -4.71 -29.35 20.63
N MET C 431 -4.25 -29.59 21.85
CA MET C 431 -4.50 -30.87 22.49
C MET C 431 -5.87 -30.94 23.14
N LYS C 432 -6.68 -29.89 23.02
CA LYS C 432 -8.10 -29.96 23.33
C LYS C 432 -8.97 -30.09 22.10
N TRP C 433 -8.50 -29.57 20.96
CA TRP C 433 -9.23 -29.71 19.71
C TRP C 433 -9.01 -31.08 19.10
N LYS C 434 -7.76 -31.50 18.96
CA LYS C 434 -7.43 -32.80 18.37
C LYS C 434 -7.72 -33.97 19.30
N LYS C 435 -8.42 -33.75 20.41
CA LYS C 435 -8.60 -34.80 21.41
C LYS C 435 -10.05 -35.04 21.75
N PHE C 436 -10.83 -33.99 22.03
CA PHE C 436 -12.26 -34.16 22.26
C PHE C 436 -13.14 -33.10 21.60
N ALA C 437 -12.63 -31.93 21.24
CA ALA C 437 -13.49 -30.89 20.68
C ALA C 437 -13.86 -31.20 19.23
N LYS C 438 -12.91 -31.73 18.46
CA LYS C 438 -13.20 -32.07 17.07
C LYS C 438 -14.25 -33.17 16.98
N HIS C 439 -14.18 -34.15 17.88
CA HIS C 439 -15.16 -35.22 17.89
C HIS C 439 -16.53 -34.80 18.41
N MET C 440 -16.65 -33.58 18.94
CA MET C 440 -17.95 -33.05 19.33
C MET C 440 -18.45 -31.95 18.43
N PHE C 441 -17.61 -31.42 17.54
CA PHE C 441 -18.10 -30.50 16.52
C PHE C 441 -18.77 -31.25 15.38
N PHE C 442 -18.24 -32.41 15.04
CA PHE C 442 -18.90 -33.20 14.02
C PHE C 442 -20.24 -33.66 14.56
N LEU C 443 -20.24 -34.12 15.82
CA LEU C 443 -21.48 -34.61 16.40
C LEU C 443 -22.53 -33.50 16.49
N SER C 444 -22.10 -32.28 16.80
CA SER C 444 -23.04 -31.16 16.82
C SER C 444 -23.48 -30.79 15.40
N PHE C 445 -22.58 -30.94 14.43
CA PHE C 445 -22.95 -30.67 13.04
C PHE C 445 -23.94 -31.70 12.53
N CYS C 446 -23.67 -32.99 12.79
CA CYS C 446 -24.56 -34.04 12.31
C CYS C 446 -25.91 -34.00 13.02
N PHE C 447 -25.91 -33.81 14.34
CA PHE C 447 -27.15 -33.85 15.09
C PHE C 447 -28.02 -32.61 14.85
N TYR C 448 -27.46 -31.55 14.27
CA TYR C 448 -28.25 -30.39 13.87
C TYR C 448 -28.63 -30.42 12.40
N PHE C 449 -27.78 -31.00 11.56
CA PHE C 449 -28.14 -31.21 10.16
C PHE C 449 -29.33 -32.15 10.04
N PHE C 450 -29.35 -33.22 10.85
CA PHE C 450 -30.46 -34.16 10.80
C PHE C 450 -31.72 -33.53 11.39
N TYR C 451 -31.57 -32.69 12.41
CA TYR C 451 -32.73 -32.00 12.98
C TYR C 451 -33.32 -31.01 11.98
N ASN C 452 -32.45 -30.34 11.22
CA ASN C 452 -32.95 -29.41 10.21
C ASN C 452 -33.58 -30.15 9.04
N ILE C 453 -32.98 -31.26 8.61
CA ILE C 453 -33.54 -32.05 7.51
C ILE C 453 -34.88 -32.64 7.92
N THR C 454 -34.98 -33.14 9.15
CA THR C 454 -36.25 -33.69 9.62
C THR C 454 -37.31 -32.60 9.74
N LEU C 455 -36.92 -31.41 10.19
CA LEU C 455 -37.88 -30.32 10.30
C LEU C 455 -38.41 -29.90 8.94
N THR C 456 -37.55 -29.93 7.92
CA THR C 456 -38.00 -29.60 6.57
C THR C 456 -38.84 -30.74 5.98
N LEU C 457 -38.39 -31.98 6.14
CA LEU C 457 -39.03 -33.10 5.45
C LEU C 457 -40.42 -33.38 5.97
N VAL C 458 -40.57 -33.49 7.29
CA VAL C 458 -41.87 -33.87 7.85
C VAL C 458 -42.89 -32.75 7.79
N SER C 459 -42.51 -31.56 7.36
CA SER C 459 -43.42 -30.45 7.28
C SER C 459 -43.58 -29.87 5.88
N TYR C 460 -42.65 -30.13 4.96
CA TYR C 460 -42.93 -29.85 3.55
C TYR C 460 -43.97 -30.82 3.01
N TYR C 461 -44.01 -32.05 3.54
CA TYR C 461 -45.05 -33.02 3.22
C TYR C 461 -46.21 -32.97 4.20
N ARG C 462 -46.53 -31.80 4.74
CA ARG C 462 -47.61 -31.69 5.71
C ARG C 462 -48.94 -32.01 5.03
N PRO C 463 -49.86 -32.68 5.73
CA PRO C 463 -51.15 -33.03 5.12
C PRO C 463 -52.04 -31.80 5.01
N ARG C 464 -52.46 -31.49 3.79
CA ARG C 464 -53.29 -30.32 3.53
C ARG C 464 -54.71 -30.56 4.00
N LEU C 482 -45.96 -45.04 9.13
CA LEU C 482 -45.95 -44.15 10.29
C LEU C 482 -44.59 -43.48 10.47
N GLN C 483 -44.51 -42.22 10.09
CA GLN C 483 -43.29 -41.43 10.23
C GLN C 483 -43.35 -40.48 11.43
N LEU C 484 -44.32 -40.65 12.33
CA LEU C 484 -44.47 -39.74 13.45
C LEU C 484 -43.32 -39.83 14.45
N LEU C 485 -42.54 -40.92 14.41
CA LEU C 485 -41.35 -40.99 15.26
C LEU C 485 -40.32 -39.95 14.85
N GLY C 486 -40.26 -39.60 13.56
CA GLY C 486 -39.39 -38.52 13.13
C GLY C 486 -39.85 -37.17 13.63
N ARG C 487 -41.17 -36.96 13.65
CA ARG C 487 -41.71 -35.73 14.23
C ARG C 487 -41.42 -35.66 15.72
N MET C 488 -41.39 -36.80 16.40
CA MET C 488 -41.03 -36.83 17.82
C MET C 488 -39.60 -36.40 18.04
N PHE C 489 -38.70 -36.70 17.08
CA PHE C 489 -37.31 -36.31 17.22
C PHE C 489 -37.16 -34.79 17.26
N VAL C 490 -37.92 -34.09 16.42
CA VAL C 490 -37.89 -32.63 16.44
C VAL C 490 -38.42 -32.11 17.78
N LEU C 491 -39.41 -32.80 18.35
CA LEU C 491 -39.96 -32.40 19.64
C LEU C 491 -38.93 -32.54 20.76
N ILE C 492 -38.23 -33.68 20.79
CA ILE C 492 -37.26 -33.92 21.85
C ILE C 492 -35.93 -33.21 21.61
N TRP C 493 -35.74 -32.60 20.44
CA TRP C 493 -34.52 -31.86 20.15
C TRP C 493 -34.70 -30.36 20.12
N ALA C 494 -35.89 -29.86 19.74
CA ALA C 494 -36.16 -28.44 19.88
C ALA C 494 -36.14 -28.03 21.34
N MET C 495 -36.66 -28.88 22.22
CA MET C 495 -36.53 -28.64 23.65
C MET C 495 -35.08 -28.80 24.10
N CYS C 496 -34.33 -29.71 23.47
CA CYS C 496 -32.94 -29.89 23.85
C CYS C 496 -32.09 -28.68 23.47
N ILE C 497 -32.38 -28.05 22.33
CA ILE C 497 -31.66 -26.85 21.94
C ILE C 497 -32.05 -25.68 22.85
N SER C 498 -33.34 -25.51 23.09
CA SER C 498 -33.82 -24.34 23.83
C SER C 498 -33.46 -24.42 25.31
N VAL C 499 -33.30 -25.62 25.85
CA VAL C 499 -32.91 -25.72 27.27
C VAL C 499 -31.46 -25.31 27.44
N LYS C 500 -30.61 -25.57 26.44
CA LYS C 500 -29.23 -25.09 26.52
C LYS C 500 -29.15 -23.61 26.18
N GLU C 501 -29.85 -23.18 25.14
CA GLU C 501 -29.87 -21.76 24.79
C GLU C 501 -30.54 -20.93 25.88
N GLY C 502 -31.61 -21.48 26.48
CA GLY C 502 -32.27 -20.78 27.58
C GLY C 502 -31.36 -20.56 28.77
N ILE C 503 -30.56 -21.58 29.10
CA ILE C 503 -29.59 -21.41 30.19
C ILE C 503 -28.37 -20.62 29.74
N ALA C 504 -28.09 -20.58 28.43
CA ALA C 504 -26.98 -19.77 27.94
C ALA C 504 -27.32 -18.29 27.91
N ILE C 505 -28.60 -17.96 27.74
CA ILE C 505 -29.02 -16.56 27.80
C ILE C 505 -28.81 -15.99 29.19
N PHE C 506 -29.07 -16.80 30.22
CA PHE C 506 -28.90 -16.33 31.59
C PHE C 506 -27.44 -16.03 31.91
N LEU C 507 -26.52 -16.86 31.42
CA LEU C 507 -25.11 -16.57 31.62
C LEU C 507 -24.62 -15.43 30.73
N LEU C 508 -25.39 -15.02 29.73
CA LEU C 508 -25.01 -13.89 28.91
C LEU C 508 -25.20 -12.59 29.65
N ARG C 509 -24.45 -11.57 29.24
CA ARG C 509 -24.50 -10.26 29.85
C ARG C 509 -24.60 -9.20 28.78
N PRO C 510 -25.20 -8.04 29.09
CA PRO C 510 -25.26 -6.95 28.11
C PRO C 510 -23.89 -6.41 27.70
N SER C 511 -22.85 -6.63 28.51
CA SER C 511 -21.51 -6.24 28.12
C SER C 511 -20.99 -7.03 26.92
N ASP C 512 -21.57 -8.20 26.66
CA ASP C 512 -21.15 -8.98 25.50
C ASP C 512 -22.20 -9.00 24.41
N LEU C 513 -23.44 -8.76 24.78
CA LEU C 513 -24.53 -8.87 23.80
C LEU C 513 -24.28 -7.99 22.58
N GLN C 514 -23.81 -6.77 22.79
CA GLN C 514 -23.49 -5.85 21.70
C GLN C 514 -21.99 -5.60 21.70
N SER C 515 -21.27 -6.33 20.84
CA SER C 515 -19.83 -6.20 20.72
C SER C 515 -19.43 -6.73 19.34
N ILE C 516 -18.13 -6.89 19.13
CA ILE C 516 -17.60 -7.35 17.84
C ILE C 516 -17.49 -8.87 17.87
N LEU C 517 -16.65 -9.39 18.77
CA LEU C 517 -16.49 -10.83 18.94
C LEU C 517 -17.47 -11.34 20.00
N SER C 518 -18.74 -11.06 19.76
CA SER C 518 -19.78 -11.39 20.74
C SER C 518 -19.99 -12.89 20.84
N ASP C 519 -20.16 -13.56 19.70
CA ASP C 519 -20.59 -14.97 19.65
C ASP C 519 -21.88 -15.16 20.45
N ALA C 520 -22.73 -14.13 20.43
CA ALA C 520 -24.01 -14.15 21.12
C ALA C 520 -25.19 -14.06 20.19
N TRP C 521 -25.02 -13.45 19.01
CA TRP C 521 -26.10 -13.42 18.02
C TRP C 521 -26.52 -14.83 17.61
N PHE C 522 -25.58 -15.77 17.61
CA PHE C 522 -25.92 -17.16 17.36
C PHE C 522 -26.64 -17.81 18.54
N HIS C 523 -26.74 -17.14 19.67
CA HIS C 523 -27.45 -17.68 20.81
C HIS C 523 -28.93 -17.31 20.81
N PHE C 524 -29.30 -16.17 20.19
CA PHE C 524 -30.72 -15.89 20.02
C PHE C 524 -31.31 -16.72 18.90
N VAL C 525 -30.65 -16.72 17.74
CA VAL C 525 -31.22 -17.34 16.55
C VAL C 525 -31.26 -18.86 16.67
N PHE C 526 -30.37 -19.45 17.46
CA PHE C 526 -30.53 -20.87 17.80
C PHE C 526 -31.68 -21.06 18.77
N PHE C 527 -31.87 -20.11 19.67
CA PHE C 527 -32.99 -20.17 20.61
C PHE C 527 -34.31 -19.86 19.91
N ILE C 528 -34.31 -18.86 19.03
CA ILE C 528 -35.53 -18.47 18.33
C ILE C 528 -36.01 -19.59 17.43
N GLN C 529 -35.10 -20.18 16.66
CA GLN C 529 -35.48 -21.30 15.80
C GLN C 529 -35.94 -22.50 16.61
N ALA C 530 -35.39 -22.69 17.81
CA ALA C 530 -35.86 -23.76 18.68
C ALA C 530 -37.19 -23.41 19.33
N VAL C 531 -37.36 -22.16 19.75
CA VAL C 531 -38.61 -21.78 20.40
C VAL C 531 -39.75 -21.63 19.41
N LEU C 532 -39.45 -21.43 18.12
CA LEU C 532 -40.52 -21.36 17.12
C LEU C 532 -41.10 -22.74 16.84
N VAL C 533 -40.28 -23.78 16.95
CA VAL C 533 -40.76 -25.13 16.66
C VAL C 533 -41.73 -25.61 17.75
N ILE C 534 -41.33 -25.43 19.01
CA ILE C 534 -42.19 -25.89 20.11
C ILE C 534 -43.43 -25.03 20.22
N LEU C 535 -43.35 -23.76 19.85
CA LEU C 535 -44.54 -22.90 19.87
C LEU C 535 -45.51 -23.30 18.77
N SER C 536 -44.99 -23.71 17.62
CA SER C 536 -45.86 -24.09 16.51
C SER C 536 -46.63 -25.37 16.84
N VAL C 537 -45.93 -26.39 17.32
CA VAL C 537 -46.58 -27.66 17.61
C VAL C 537 -47.55 -27.54 18.76
N PHE C 538 -47.35 -26.58 19.67
CA PHE C 538 -48.35 -26.34 20.71
C PHE C 538 -49.64 -25.80 20.12
N LEU C 539 -49.56 -25.12 18.98
CA LEU C 539 -50.73 -24.67 18.25
C LEU C 539 -51.16 -25.66 17.18
N TYR C 540 -50.48 -26.80 17.06
CA TYR C 540 -50.87 -27.80 16.08
C TYR C 540 -52.07 -28.59 16.59
N LEU C 541 -51.88 -29.30 17.69
CA LEU C 541 -52.97 -30.07 18.27
C LEU C 541 -54.07 -29.14 18.78
N PHE C 542 -53.68 -28.01 19.35
CA PHE C 542 -54.66 -27.05 19.85
C PHE C 542 -55.41 -26.37 18.70
N ALA C 543 -54.81 -26.33 17.50
CA ALA C 543 -55.46 -25.87 16.28
C ALA C 543 -55.92 -24.41 16.41
N TYR C 544 -54.95 -23.52 16.61
CA TYR C 544 -55.20 -22.09 16.44
C TYR C 544 -55.06 -21.64 15.01
N LYS C 545 -54.71 -22.56 14.09
CA LYS C 545 -54.46 -22.31 12.67
C LYS C 545 -53.23 -21.44 12.44
N GLU C 546 -52.53 -21.02 13.48
CA GLU C 546 -51.29 -20.27 13.37
C GLU C 546 -50.07 -21.17 13.46
N TYR C 547 -50.26 -22.49 13.44
CA TYR C 547 -49.13 -23.41 13.57
C TYR C 547 -48.18 -23.33 12.40
N LEU C 548 -48.64 -22.87 11.24
CA LEU C 548 -47.77 -22.66 10.10
C LEU C 548 -47.09 -21.30 10.12
N ALA C 549 -47.66 -20.32 10.81
CA ALA C 549 -47.06 -18.99 10.86
C ALA C 549 -45.77 -18.98 11.67
N CYS C 550 -45.55 -19.98 12.51
CA CYS C 550 -44.33 -20.10 13.30
C CYS C 550 -43.41 -21.21 12.83
N LEU C 551 -43.97 -22.29 12.28
CA LEU C 551 -43.15 -23.42 11.87
C LEU C 551 -42.38 -23.12 10.58
N VAL C 552 -43.02 -22.46 9.60
CA VAL C 552 -42.36 -22.27 8.32
C VAL C 552 -41.31 -21.18 8.40
N LEU C 553 -41.37 -20.31 9.42
CA LEU C 553 -40.28 -19.37 9.67
C LEU C 553 -39.07 -20.07 10.25
N ALA C 554 -39.24 -21.25 10.85
CA ALA C 554 -38.13 -21.99 11.41
C ALA C 554 -37.28 -22.65 10.32
N MET C 555 -37.87 -22.97 9.17
CA MET C 555 -37.09 -23.54 8.07
C MET C 555 -36.11 -22.52 7.52
N ALA C 556 -36.59 -21.31 7.25
CA ALA C 556 -35.72 -20.27 6.68
C ALA C 556 -34.63 -19.89 7.66
N LEU C 557 -34.95 -19.81 8.96
CA LEU C 557 -33.95 -19.52 9.96
C LEU C 557 -33.09 -20.74 10.24
N GLY C 558 -33.69 -21.94 10.21
CA GLY C 558 -32.93 -23.14 10.53
C GLY C 558 -31.86 -23.45 9.51
N TRP C 559 -32.13 -23.19 8.24
CA TRP C 559 -31.13 -23.41 7.21
C TRP C 559 -30.09 -22.29 7.18
N ALA C 560 -30.49 -21.07 7.53
CA ALA C 560 -29.50 -20.01 7.70
C ALA C 560 -28.67 -20.20 8.96
N ASN C 561 -29.17 -20.99 9.92
CA ASN C 561 -28.38 -21.35 11.08
C ASN C 561 -27.32 -22.39 10.75
N MET C 562 -27.47 -23.08 9.62
CA MET C 562 -26.49 -24.10 9.22
C MET C 562 -25.15 -23.48 8.86
N LEU C 563 -25.09 -22.16 8.67
CA LEU C 563 -23.84 -21.49 8.39
C LEU C 563 -23.01 -21.23 9.65
N TYR C 564 -23.58 -21.44 10.83
CA TYR C 564 -22.78 -21.37 12.04
C TYR C 564 -21.73 -22.48 12.07
N TYR C 565 -22.11 -23.68 11.64
CA TYR C 565 -21.25 -24.85 11.72
C TYR C 565 -20.22 -24.91 10.61
N THR C 566 -19.93 -23.80 9.94
CA THR C 566 -18.86 -23.76 8.96
C THR C 566 -17.55 -23.24 9.54
N ARG C 567 -17.52 -22.99 10.86
CA ARG C 567 -16.28 -22.58 11.51
C ARG C 567 -15.20 -23.65 11.44
N GLY C 568 -15.57 -24.90 11.19
CA GLY C 568 -14.61 -25.99 11.22
C GLY C 568 -13.76 -26.11 9.98
N PHE C 569 -13.85 -25.12 9.08
CA PHE C 569 -13.06 -25.12 7.85
C PHE C 569 -12.47 -23.74 7.65
N GLN C 570 -11.17 -23.70 7.32
CA GLN C 570 -10.46 -22.43 7.22
C GLN C 570 -10.98 -21.59 6.06
N SER C 571 -11.18 -22.21 4.89
CA SER C 571 -11.52 -21.45 3.70
C SER C 571 -12.90 -20.81 3.82
N MET C 572 -13.86 -21.51 4.39
CA MET C 572 -15.21 -20.98 4.49
C MET C 572 -15.49 -20.34 5.84
N GLY C 573 -14.77 -20.74 6.89
CA GLY C 573 -14.88 -20.06 8.16
C GLY C 573 -14.40 -18.62 8.10
N MET C 574 -13.33 -18.36 7.35
CA MET C 574 -12.92 -16.99 7.08
C MET C 574 -13.95 -16.27 6.23
N TYR C 575 -14.65 -16.99 5.35
CA TYR C 575 -15.70 -16.39 4.54
C TYR C 575 -16.86 -15.90 5.39
N SER C 576 -17.29 -16.72 6.35
CA SER C 576 -18.40 -16.32 7.21
C SER C 576 -18.00 -15.21 8.17
N VAL C 577 -16.69 -15.07 8.44
CA VAL C 577 -16.23 -13.93 9.22
C VAL C 577 -16.40 -12.64 8.43
N MET C 578 -16.13 -12.70 7.13
CA MET C 578 -16.34 -11.54 6.27
C MET C 578 -17.81 -11.13 6.22
N ILE C 579 -18.70 -12.12 6.24
CA ILE C 579 -20.14 -11.84 6.13
C ILE C 579 -20.62 -11.02 7.33
N GLN C 580 -20.21 -11.41 8.53
CA GLN C 580 -20.67 -10.71 9.73
C GLN C 580 -20.14 -9.29 9.78
N LYS C 581 -18.90 -9.08 9.33
CA LYS C 581 -18.36 -7.72 9.30
C LYS C 581 -19.03 -6.90 8.20
N VAL C 582 -19.31 -7.53 7.06
CA VAL C 582 -20.00 -6.84 5.97
C VAL C 582 -21.44 -6.52 6.37
N ILE C 583 -22.13 -7.48 6.99
CA ILE C 583 -23.53 -7.27 7.35
C ILE C 583 -23.70 -6.19 8.41
N LEU C 584 -22.65 -5.86 9.14
CA LEU C 584 -22.75 -4.91 10.24
C LEU C 584 -22.27 -3.51 9.85
N HIS C 585 -21.07 -3.41 9.30
CA HIS C 585 -20.48 -2.10 9.03
C HIS C 585 -21.19 -1.40 7.87
N ASP C 586 -21.65 -2.16 6.87
CA ASP C 586 -22.09 -1.58 5.61
C ASP C 586 -23.57 -1.77 5.32
N VAL C 587 -24.12 -2.97 5.56
CA VAL C 587 -25.48 -3.26 5.11
C VAL C 587 -26.51 -2.50 5.94
N LEU C 588 -26.34 -2.48 7.27
CA LEU C 588 -27.26 -1.71 8.11
C LEU C 588 -27.21 -0.22 7.82
N LYS C 589 -26.01 0.29 7.53
CA LYS C 589 -25.89 1.72 7.21
C LYS C 589 -26.55 2.03 5.88
N PHE C 590 -26.49 1.10 4.93
CA PHE C 590 -27.16 1.31 3.65
C PHE C 590 -28.68 1.21 3.80
N LEU C 591 -29.16 0.21 4.54
CA LEU C 591 -30.60 0.04 4.67
C LEU C 591 -31.24 1.21 5.41
N PHE C 592 -30.60 1.68 6.48
CA PHE C 592 -31.17 2.76 7.28
C PHE C 592 -31.35 4.03 6.45
N VAL C 593 -30.37 4.36 5.61
CA VAL C 593 -30.53 5.47 4.69
C VAL C 593 -31.61 5.14 3.65
N TYR C 594 -31.71 3.87 3.26
CA TYR C 594 -32.63 3.50 2.20
C TYR C 594 -34.09 3.67 2.60
N ILE C 595 -34.45 3.29 3.83
CA ILE C 595 -35.84 3.45 4.27
C ILE C 595 -36.21 4.92 4.37
N VAL C 596 -35.24 5.79 4.66
CA VAL C 596 -35.50 7.22 4.65
C VAL C 596 -35.84 7.69 3.24
N PHE C 597 -35.11 7.19 2.24
CA PHE C 597 -35.44 7.50 0.85
C PHE C 597 -36.65 6.73 0.36
N LEU C 598 -37.06 5.68 1.06
CA LEU C 598 -38.26 4.94 0.69
C LEU C 598 -39.50 5.51 1.36
N LEU C 599 -39.36 6.04 2.58
CA LEU C 599 -40.49 6.67 3.26
C LEU C 599 -40.83 8.01 2.61
N GLY C 600 -39.82 8.82 2.32
CA GLY C 600 -40.07 10.12 1.73
C GLY C 600 -40.61 10.03 0.30
N PHE C 601 -40.01 9.17 -0.52
CA PHE C 601 -40.45 9.02 -1.89
C PHE C 601 -41.71 8.18 -2.03
N GLY C 602 -41.97 7.29 -1.08
CA GLY C 602 -43.24 6.56 -1.10
C GLY C 602 -44.42 7.47 -0.84
N VAL C 603 -44.29 8.38 0.12
CA VAL C 603 -45.36 9.32 0.43
C VAL C 603 -45.49 10.37 -0.67
N ALA C 604 -44.36 10.85 -1.19
CA ALA C 604 -44.39 11.89 -2.22
C ALA C 604 -45.01 11.38 -3.51
N LEU C 605 -44.72 10.12 -3.87
CA LEU C 605 -45.30 9.58 -5.10
C LEU C 605 -46.78 9.25 -4.93
N ALA C 606 -47.15 8.69 -3.78
CA ALA C 606 -48.54 8.30 -3.56
C ALA C 606 -49.45 9.50 -3.34
N SER C 607 -48.91 10.63 -2.91
CA SER C 607 -49.75 11.80 -2.64
C SER C 607 -50.27 12.43 -3.93
N LEU C 608 -49.50 12.34 -5.02
CA LEU C 608 -49.87 13.02 -6.26
C LEU C 608 -50.99 12.31 -7.02
N ILE C 609 -51.32 11.07 -6.66
CA ILE C 609 -52.20 10.23 -7.45
C ILE C 609 -53.63 10.38 -6.94
N GLU C 610 -54.52 10.85 -7.80
CA GLU C 610 -55.94 10.86 -7.49
C GLU C 610 -56.55 9.48 -7.74
N LYS C 611 -57.82 9.34 -7.36
CA LYS C 611 -58.51 8.08 -7.58
C LYS C 611 -59.07 8.03 -8.98
N CYS C 612 -58.65 7.04 -9.76
CA CYS C 612 -59.11 6.91 -11.13
C CYS C 612 -60.63 6.70 -11.14
N PRO C 613 -61.34 7.26 -12.12
CA PRO C 613 -62.81 7.09 -12.16
C PRO C 613 -63.25 5.64 -12.37
N LYS C 614 -64.56 5.43 -12.41
CA LYS C 614 -65.24 4.16 -12.57
C LYS C 614 -65.09 3.25 -11.36
N ASP C 615 -64.45 3.72 -10.28
CA ASP C 615 -64.28 2.97 -9.04
C ASP C 615 -63.60 1.62 -9.29
N ASN C 616 -62.64 1.61 -10.19
CA ASN C 616 -61.86 0.42 -10.51
C ASN C 616 -60.49 0.50 -9.84
N LYS C 617 -59.81 -0.64 -9.80
CA LYS C 617 -58.48 -0.72 -9.21
C LYS C 617 -57.38 -0.31 -10.17
N ASP C 618 -57.72 0.09 -11.40
CA ASP C 618 -56.72 0.58 -12.34
C ASP C 618 -56.21 1.94 -11.89
N CYS C 619 -55.22 2.45 -12.65
CA CYS C 619 -54.61 3.77 -12.44
C CYS C 619 -53.93 3.90 -11.09
N SER C 620 -53.81 2.82 -10.33
CA SER C 620 -53.42 2.87 -8.93
C SER C 620 -52.26 1.93 -8.65
N SER C 621 -51.23 1.99 -9.50
CA SER C 621 -49.97 1.35 -9.14
C SER C 621 -49.36 2.01 -7.92
N TYR C 622 -49.47 3.33 -7.83
CA TYR C 622 -49.14 4.10 -6.63
C TYR C 622 -50.45 4.68 -6.10
N GLY C 623 -51.20 3.87 -5.38
CA GLY C 623 -52.49 4.31 -4.88
C GLY C 623 -52.49 4.52 -3.38
N SER C 624 -51.80 3.66 -2.65
CA SER C 624 -51.65 3.77 -1.21
C SER C 624 -50.17 3.83 -0.88
N PHE C 625 -49.88 4.04 0.40
CA PHE C 625 -48.50 4.07 0.84
C PHE C 625 -47.83 2.72 0.65
N SER C 626 -48.52 1.63 1.01
CA SER C 626 -47.96 0.31 0.85
C SER C 626 -47.82 -0.07 -0.62
N ASP C 627 -48.74 0.40 -1.46
CA ASP C 627 -48.66 0.11 -2.89
C ASP C 627 -47.53 0.90 -3.55
N ALA C 628 -47.32 2.14 -3.13
CA ALA C 628 -46.27 2.96 -3.74
C ALA C 628 -44.89 2.56 -3.24
N VAL C 629 -44.78 2.18 -1.97
CA VAL C 629 -43.49 1.76 -1.42
C VAL C 629 -43.05 0.45 -2.06
N LEU C 630 -44.00 -0.46 -2.28
CA LEU C 630 -43.67 -1.73 -2.95
C LEU C 630 -43.19 -1.50 -4.38
N GLU C 631 -43.85 -0.60 -5.11
CA GLU C 631 -43.42 -0.33 -6.48
C GLU C 631 -42.08 0.36 -6.53
N LEU C 632 -41.73 1.11 -5.48
CA LEU C 632 -40.40 1.72 -5.42
C LEU C 632 -39.34 0.67 -5.10
N PHE C 633 -39.66 -0.29 -4.24
CA PHE C 633 -38.71 -1.35 -3.93
C PHE C 633 -38.44 -2.22 -5.14
N LYS C 634 -39.49 -2.52 -5.92
CA LYS C 634 -39.29 -3.29 -7.15
C LYS C 634 -38.48 -2.51 -8.17
N LEU C 635 -38.50 -1.18 -8.10
CA LEU C 635 -37.66 -0.37 -8.98
C LEU C 635 -36.19 -0.51 -8.63
N THR C 636 -35.87 -0.74 -7.35
CA THR C 636 -34.48 -0.85 -6.94
C THR C 636 -33.85 -2.14 -7.43
N ILE C 637 -34.55 -3.27 -7.26
CA ILE C 637 -34.00 -4.54 -7.70
C ILE C 637 -34.00 -4.62 -9.22
N GLY C 638 -35.06 -4.16 -9.87
CA GLY C 638 -35.13 -4.18 -11.31
C GLY C 638 -36.25 -5.04 -11.86
N LEU C 639 -37.38 -5.07 -11.16
CA LEU C 639 -38.53 -5.88 -11.55
C LEU C 639 -39.71 -4.95 -11.82
N GLY C 640 -40.42 -5.19 -12.92
CA GLY C 640 -41.64 -4.49 -13.22
C GLY C 640 -41.49 -3.63 -14.46
N ASP C 641 -42.52 -2.83 -14.73
CA ASP C 641 -42.56 -1.92 -15.86
C ASP C 641 -42.65 -0.49 -15.33
N LEU C 642 -41.80 0.39 -15.86
CA LEU C 642 -41.75 1.79 -15.43
C LEU C 642 -42.74 2.59 -16.27
N ASN C 643 -43.99 2.56 -15.86
CA ASN C 643 -45.01 3.35 -16.53
C ASN C 643 -44.88 4.82 -16.16
N ILE C 644 -45.11 5.69 -17.13
CA ILE C 644 -44.97 7.13 -16.95
C ILE C 644 -46.31 7.85 -16.98
N GLN C 645 -47.40 7.16 -17.30
CA GLN C 645 -48.71 7.76 -17.33
C GLN C 645 -49.60 7.17 -16.25
N GLN C 646 -49.08 7.08 -15.02
CA GLN C 646 -49.78 6.41 -13.95
C GLN C 646 -50.78 7.33 -13.26
N ASN C 647 -51.61 8.02 -14.04
CA ASN C 647 -52.73 8.84 -13.57
C ASN C 647 -52.29 9.84 -12.49
N SER C 648 -51.19 10.52 -12.78
CA SER C 648 -50.71 11.60 -11.93
C SER C 648 -51.32 12.92 -12.37
N LYS C 649 -51.79 13.70 -11.41
CA LYS C 649 -52.36 15.00 -11.76
C LYS C 649 -51.29 16.02 -12.15
N TYR C 650 -50.02 15.70 -11.91
CA TYR C 650 -48.90 16.37 -12.57
C TYR C 650 -48.04 15.29 -13.22
N PRO C 651 -48.23 15.01 -14.51
CA PRO C 651 -47.39 13.99 -15.16
C PRO C 651 -45.91 14.35 -15.19
N ILE C 652 -45.57 15.64 -15.27
CA ILE C 652 -44.18 16.04 -15.28
C ILE C 652 -43.54 15.83 -13.91
N LEU C 653 -44.25 16.21 -12.84
CA LEU C 653 -43.68 16.12 -11.50
C LEU C 653 -43.53 14.68 -11.04
N PHE C 654 -44.45 13.80 -11.43
CA PHE C 654 -44.32 12.39 -11.06
C PHE C 654 -43.06 11.78 -11.67
N LEU C 655 -42.75 12.16 -12.91
CA LEU C 655 -41.55 11.61 -13.56
C LEU C 655 -40.30 12.21 -12.97
N PHE C 656 -40.33 13.49 -12.60
CA PHE C 656 -39.17 14.12 -11.98
C PHE C 656 -38.85 13.46 -10.65
N LEU C 657 -39.87 13.07 -9.90
CA LEU C 657 -39.66 12.35 -8.65
C LEU C 657 -39.35 10.88 -8.85
N LEU C 658 -39.49 10.38 -10.08
CA LEU C 658 -39.20 8.99 -10.39
C LEU C 658 -37.80 8.79 -10.97
N ILE C 659 -37.33 9.73 -11.79
CA ILE C 659 -36.02 9.64 -12.40
C ILE C 659 -34.99 10.27 -11.48
N THR C 660 -35.40 10.64 -10.26
CA THR C 660 -34.49 11.10 -9.23
C THR C 660 -34.43 10.15 -8.04
N TYR C 661 -35.36 9.20 -7.94
CA TYR C 661 -35.24 8.17 -6.91
C TYR C 661 -34.21 7.12 -7.30
N VAL C 662 -34.13 6.78 -8.59
CA VAL C 662 -33.20 5.76 -9.04
C VAL C 662 -31.77 6.26 -9.15
N ILE C 663 -31.55 7.57 -9.13
CA ILE C 663 -30.19 8.10 -9.08
C ILE C 663 -29.70 8.27 -7.66
N LEU C 664 -30.57 8.11 -6.66
CA LEU C 664 -30.15 8.14 -5.27
C LEU C 664 -29.90 6.75 -4.72
N THR C 665 -30.47 5.72 -5.33
CA THR C 665 -30.30 4.35 -4.88
C THR C 665 -29.48 3.52 -5.86
N PHE C 666 -29.92 3.46 -7.12
CA PHE C 666 -29.25 2.59 -8.09
C PHE C 666 -27.93 3.20 -8.55
N VAL C 667 -27.81 4.53 -8.52
CA VAL C 667 -26.60 5.20 -8.99
C VAL C 667 -25.76 5.71 -7.83
N LEU C 668 -26.39 6.18 -6.76
CA LEU C 668 -25.68 6.76 -5.63
C LEU C 668 -25.43 5.76 -4.51
N LEU C 669 -26.33 4.80 -4.31
CA LEU C 669 -26.25 3.93 -3.14
C LEU C 669 -25.84 2.51 -3.49
N LEU C 670 -26.52 1.87 -4.45
CA LEU C 670 -26.25 0.47 -4.75
C LEU C 670 -24.85 0.28 -5.31
N ASN C 671 -24.43 1.16 -6.22
CA ASN C 671 -23.07 1.08 -6.73
C ASN C 671 -22.11 1.39 -5.59
N MET C 672 -22.39 2.45 -4.83
CA MET C 672 -21.54 2.77 -3.69
C MET C 672 -21.58 1.77 -2.54
N LEU C 673 -22.67 1.01 -2.42
CA LEU C 673 -22.67 -0.13 -1.50
C LEU C 673 -21.55 -1.10 -1.81
N ILE C 674 -21.39 -1.44 -3.10
CA ILE C 674 -20.26 -2.26 -3.52
C ILE C 674 -18.96 -1.56 -3.14
N ALA C 675 -18.94 -0.23 -3.24
CA ALA C 675 -17.77 0.54 -2.87
C ALA C 675 -17.49 0.56 -1.37
N LEU C 676 -18.54 0.59 -0.55
CA LEU C 676 -18.34 0.57 0.90
C LEU C 676 -17.62 -0.70 1.35
N MET C 677 -18.04 -1.84 0.83
CA MET C 677 -17.44 -3.10 1.25
C MET C 677 -16.03 -3.42 0.80
N GLY C 678 -15.52 -2.63 -0.13
CA GLY C 678 -14.12 -2.68 -0.52
C GLY C 678 -13.07 -2.20 0.45
N GLU C 679 -13.43 -1.20 1.24
CA GLU C 679 -12.65 -0.81 2.40
C GLU C 679 -12.76 -1.90 3.46
N THR C 680 -13.90 -2.59 3.51
CA THR C 680 -14.12 -3.65 4.48
C THR C 680 -13.33 -4.92 4.18
N VAL C 681 -13.28 -5.37 2.93
CA VAL C 681 -12.56 -6.59 2.58
C VAL C 681 -11.09 -6.42 2.26
N GLU C 682 -10.55 -5.21 2.41
CA GLU C 682 -9.13 -4.96 2.20
C GLU C 682 -8.38 -4.73 3.51
N ASN C 683 -9.02 -4.10 4.50
CA ASN C 683 -8.43 -3.87 5.80
C ASN C 683 -8.56 -5.13 6.67
N VAL C 684 -9.55 -5.97 6.41
CA VAL C 684 -9.85 -7.09 7.29
C VAL C 684 -9.19 -8.38 6.82
N SER C 685 -9.17 -8.58 5.50
CA SER C 685 -8.61 -9.81 4.93
C SER C 685 -7.26 -10.22 5.48
N LYS C 686 -6.46 -9.27 5.98
CA LYS C 686 -5.22 -9.60 6.68
C LYS C 686 -5.45 -9.93 8.15
N GLU C 687 -6.69 -9.84 8.63
CA GLU C 687 -7.06 -10.18 9.99
C GLU C 687 -8.19 -11.20 10.02
N SER C 688 -8.77 -11.53 8.86
CA SER C 688 -9.89 -12.47 8.83
C SER C 688 -9.47 -13.86 9.30
N GLU C 689 -8.27 -14.30 8.94
CA GLU C 689 -7.77 -15.58 9.43
C GLU C 689 -7.41 -15.52 10.92
N ARG C 690 -7.29 -14.31 11.48
CA ARG C 690 -6.99 -14.16 12.89
C ARG C 690 -8.25 -14.22 13.74
N ILE C 691 -9.33 -13.61 13.28
CA ILE C 691 -10.57 -13.61 14.05
C ILE C 691 -11.21 -14.99 14.03
N TRP C 692 -11.01 -15.76 12.96
CA TRP C 692 -11.62 -17.08 12.87
C TRP C 692 -11.06 -18.02 13.94
N ARG C 693 -9.75 -17.92 14.22
CA ARG C 693 -9.15 -18.77 15.23
C ARG C 693 -9.72 -18.49 16.60
N LEU C 694 -9.97 -17.22 16.91
CA LEU C 694 -10.56 -16.86 18.20
C LEU C 694 -11.98 -17.37 18.31
N GLN C 695 -12.71 -17.45 17.19
CA GLN C 695 -14.02 -18.06 17.21
C GLN C 695 -13.92 -19.54 17.56
N ARG C 696 -12.98 -20.24 16.93
CA ARG C 696 -12.82 -21.67 17.19
C ARG C 696 -12.27 -21.92 18.59
N ALA C 697 -11.31 -21.10 19.02
CA ALA C 697 -10.74 -21.25 20.36
C ALA C 697 -11.77 -21.01 21.46
N ARG C 698 -12.81 -20.23 21.17
CA ARG C 698 -13.88 -20.06 22.16
C ARG C 698 -14.76 -21.30 22.23
N THR C 699 -15.09 -21.90 21.08
CA THR C 699 -15.90 -23.11 21.09
C THR C 699 -15.13 -24.31 21.61
N ILE C 700 -13.80 -24.24 21.65
CA ILE C 700 -13.02 -25.35 22.19
C ILE C 700 -13.28 -25.51 23.68
N LEU C 701 -13.35 -24.41 24.41
CA LEU C 701 -13.69 -24.47 25.84
C LEU C 701 -15.18 -24.34 26.10
N GLU C 702 -15.94 -23.77 25.17
CA GLU C 702 -17.39 -23.82 25.28
C GLU C 702 -17.87 -25.27 25.21
N PHE C 703 -17.19 -26.09 24.40
CA PHE C 703 -17.47 -27.52 24.40
C PHE C 703 -16.95 -28.19 25.65
N GLU C 704 -15.84 -27.69 26.22
CA GLU C 704 -15.22 -28.36 27.36
C GLU C 704 -16.08 -28.25 28.61
N LYS C 705 -16.75 -27.11 28.80
CA LYS C 705 -17.58 -26.95 29.98
C LYS C 705 -18.80 -27.85 29.96
N MET C 706 -19.21 -28.33 28.78
CA MET C 706 -20.36 -29.22 28.69
C MET C 706 -20.05 -30.62 29.19
N LEU C 707 -18.78 -31.02 29.20
CA LEU C 707 -18.42 -32.34 29.68
C LEU C 707 -18.68 -32.43 31.18
N PRO C 708 -19.23 -33.55 31.65
CA PRO C 708 -19.39 -33.73 33.10
C PRO C 708 -18.04 -33.91 33.79
N GLU C 709 -18.08 -33.87 35.12
CA GLU C 709 -16.85 -33.91 35.91
C GLU C 709 -16.11 -35.22 35.73
N TRP C 710 -16.84 -36.34 35.67
CA TRP C 710 -16.19 -37.62 35.43
C TRP C 710 -15.61 -37.69 34.02
N LEU C 711 -16.21 -36.99 33.06
CA LEU C 711 -15.68 -37.00 31.71
C LEU C 711 -14.40 -36.18 31.59
N ARG C 712 -14.25 -35.15 32.41
CA ARG C 712 -13.03 -34.35 32.42
C ARG C 712 -11.97 -34.96 33.32
N SER C 713 -11.76 -36.27 33.17
CA SER C 713 -10.70 -36.99 33.85
C SER C 713 -9.47 -37.15 32.96
N ARG C 714 -9.52 -36.64 31.74
CA ARG C 714 -8.42 -36.72 30.80
C ARG C 714 -7.73 -35.36 30.73
N PHE C 715 -6.53 -35.28 31.29
CA PHE C 715 -5.75 -34.06 31.35
C PHE C 715 -4.36 -34.30 30.78
N ARG C 716 -3.51 -33.28 30.87
CA ARG C 716 -2.22 -33.28 30.20
C ARG C 716 -1.24 -34.31 30.75
N MET C 717 -0.72 -34.07 31.96
CA MET C 717 0.29 -34.96 32.53
C MET C 717 0.31 -34.71 34.03
N GLY C 718 0.97 -35.62 34.75
CA GLY C 718 0.92 -35.65 36.20
C GLY C 718 1.74 -34.58 36.91
N GLU C 719 2.29 -34.93 38.05
CA GLU C 719 3.05 -34.01 38.89
C GLU C 719 4.53 -34.35 38.78
N LEU C 720 5.32 -33.37 38.34
CA LEU C 720 6.74 -33.59 38.08
C LEU C 720 7.45 -32.25 38.18
N CYS C 721 8.66 -32.18 37.63
CA CYS C 721 9.50 -31.01 37.39
C CYS C 721 10.22 -30.51 38.63
N LYS C 722 9.85 -30.95 39.83
CA LYS C 722 10.48 -30.48 41.06
C LYS C 722 9.97 -31.30 42.22
N VAL C 723 10.85 -31.51 43.21
CA VAL C 723 10.41 -32.07 44.49
C VAL C 723 9.47 -31.08 45.17
N ALA C 724 9.97 -29.88 45.45
CA ALA C 724 9.18 -28.73 45.91
C ALA C 724 8.30 -29.06 47.12
N GLU C 725 7.10 -28.52 47.14
CA GLU C 725 6.13 -28.81 48.22
C GLU C 725 5.40 -30.11 47.90
N ASP C 726 6.16 -31.21 47.93
CA ASP C 726 5.66 -32.55 47.64
C ASP C 726 5.08 -32.63 46.23
N ASP C 727 5.63 -31.82 45.33
CA ASP C 727 5.33 -31.88 43.89
C ASP C 727 3.85 -31.65 43.59
N PHE C 728 3.38 -30.45 43.88
CA PHE C 728 2.08 -30.00 43.34
C PHE C 728 2.31 -29.06 42.16
N ARG C 729 2.93 -29.63 41.12
CA ARG C 729 3.23 -28.88 39.89
C ARG C 729 2.65 -29.68 38.72
N LEU C 730 1.50 -29.23 38.22
CA LEU C 730 0.87 -29.86 37.05
C LEU C 730 1.61 -29.36 35.81
N CYS C 731 2.58 -30.13 35.36
CA CYS C 731 3.46 -29.72 34.28
C CYS C 731 2.88 -30.14 32.93
N LEU C 732 3.62 -29.84 31.85
CA LEU C 732 3.23 -30.21 30.50
C LEU C 732 4.47 -30.15 29.62
N ARG C 733 4.73 -31.24 28.90
CA ARG C 733 5.92 -31.36 28.06
C ARG C 733 5.51 -31.12 26.62
N ILE C 734 6.00 -30.03 26.03
CA ILE C 734 5.76 -29.74 24.62
C ILE C 734 7.10 -29.47 23.95
N ASN C 735 7.43 -30.28 22.95
CA ASN C 735 8.68 -30.15 22.23
C ASN C 735 8.57 -29.06 21.18
N GLU C 736 9.60 -28.21 21.13
CA GLU C 736 9.58 -27.05 20.24
C GLU C 736 10.72 -27.21 19.23
N VAL C 737 10.37 -27.51 17.98
CA VAL C 737 11.33 -27.59 16.90
C VAL C 737 11.31 -26.25 16.17
N LYS C 738 12.27 -25.40 16.50
CA LYS C 738 12.35 -24.06 15.94
C LYS C 738 13.52 -24.00 14.97
N TRP C 739 13.22 -23.85 13.68
CA TRP C 739 14.24 -23.87 12.65
C TRP C 739 14.72 -22.49 12.24
N THR C 740 13.88 -21.47 12.36
CA THR C 740 14.29 -20.13 11.94
C THR C 740 15.27 -19.51 12.92
N GLU C 741 15.00 -19.63 14.23
CA GLU C 741 15.88 -19.04 15.22
C GLU C 741 17.20 -19.80 15.32
N TRP C 742 17.14 -21.14 15.27
CA TRP C 742 18.37 -21.93 15.36
C TRP C 742 19.28 -21.69 14.16
N LYS C 743 18.69 -21.55 12.97
CA LYS C 743 19.50 -21.26 11.79
C LYS C 743 20.18 -19.90 11.90
N THR C 744 19.47 -18.91 12.44
CA THR C 744 20.08 -17.61 12.65
C THR C 744 21.09 -17.64 13.79
N HIS C 745 20.82 -18.45 14.83
CA HIS C 745 21.72 -18.49 15.98
C HIS C 745 23.09 -19.03 15.59
N VAL C 746 23.14 -20.11 14.80
CA VAL C 746 24.42 -20.64 14.36
C VAL C 746 25.09 -19.76 13.31
N SER C 747 24.34 -18.90 12.65
CA SER C 747 24.90 -18.01 11.63
C SER C 747 25.87 -16.99 12.20
N PHE C 748 25.84 -16.75 13.50
CA PHE C 748 26.84 -15.90 14.14
C PHE C 748 27.87 -16.74 14.90
N PRO D 62 5.23 34.92 -12.90
CA PRO D 62 6.04 36.01 -12.36
C PRO D 62 6.72 36.81 -13.47
N VAL D 63 6.28 38.05 -13.69
CA VAL D 63 6.83 38.90 -14.72
C VAL D 63 7.23 40.23 -14.09
N PHE D 64 8.49 40.62 -14.28
CA PHE D 64 9.01 41.90 -13.80
C PHE D 64 9.51 42.70 -15.00
N SER D 65 9.13 43.98 -15.05
CA SER D 65 9.45 44.80 -16.21
C SER D 65 10.95 45.02 -16.36
N LYS D 66 11.63 45.31 -15.27
CA LYS D 66 13.06 45.58 -15.29
C LYS D 66 13.79 44.63 -14.35
N PRO D 67 15.04 44.30 -14.67
CA PRO D 67 15.83 43.47 -13.76
C PRO D 67 16.65 44.29 -12.78
N MET D 68 16.87 43.72 -11.60
CA MET D 68 17.68 44.39 -10.59
C MET D 68 19.12 44.53 -11.05
N ASP D 69 19.73 43.44 -11.50
CA ASP D 69 21.09 43.45 -11.98
C ASP D 69 21.15 42.73 -13.31
N SER D 70 21.67 43.41 -14.33
CA SER D 70 21.73 42.86 -15.69
C SER D 70 23.19 42.90 -16.16
N ASN D 71 23.82 41.73 -16.20
CA ASN D 71 25.20 41.62 -16.67
C ASN D 71 25.23 41.22 -18.14
N ILE D 72 24.58 42.04 -18.96
CA ILE D 72 24.54 41.79 -20.40
C ILE D 72 25.54 42.70 -21.12
N LEU D 119 30.33 57.66 -20.32
CA LEU D 119 31.64 57.27 -19.82
C LEU D 119 31.54 56.79 -18.37
N LYS D 120 30.34 56.85 -17.81
CA LYS D 120 30.11 56.42 -16.44
C LYS D 120 30.00 54.90 -16.32
N LYS D 121 29.93 54.18 -17.43
CA LYS D 121 29.82 52.72 -17.39
C LYS D 121 31.07 52.06 -16.83
N ARG D 122 32.20 52.77 -16.82
CA ARG D 122 33.41 52.22 -16.22
C ARG D 122 33.27 52.05 -14.71
N ILE D 123 32.48 52.91 -14.07
CA ILE D 123 32.22 52.76 -12.64
C ILE D 123 31.51 51.44 -12.37
N PHE D 124 30.43 51.17 -13.10
CA PHE D 124 29.65 49.97 -12.86
C PHE D 124 30.38 48.72 -13.33
N ALA D 125 31.14 48.83 -14.41
CA ALA D 125 31.87 47.66 -14.91
C ALA D 125 32.97 47.24 -13.95
N ALA D 126 33.66 48.22 -13.35
CA ALA D 126 34.78 47.90 -12.47
C ALA D 126 34.32 47.16 -11.22
N VAL D 127 33.21 47.59 -10.63
CA VAL D 127 32.73 46.95 -9.41
C VAL D 127 32.03 45.63 -9.70
N SER D 128 31.54 45.42 -10.92
CA SER D 128 30.84 44.18 -11.24
C SER D 128 31.79 43.00 -11.29
N GLU D 129 32.90 43.14 -12.01
CA GLU D 129 33.88 42.06 -12.10
C GLU D 129 34.80 41.99 -10.90
N GLY D 130 34.72 42.96 -9.99
CA GLY D 130 35.57 42.98 -8.82
C GLY D 130 36.95 43.54 -9.04
N CYS D 131 37.25 44.07 -10.23
CA CYS D 131 38.56 44.66 -10.49
C CYS D 131 38.67 45.96 -9.70
N VAL D 132 39.78 46.13 -9.00
CA VAL D 132 39.97 47.31 -8.17
C VAL D 132 41.06 48.23 -8.74
N GLU D 133 42.08 47.64 -9.38
CA GLU D 133 43.17 48.44 -9.94
C GLU D 133 42.67 49.42 -10.99
N GLU D 134 41.75 48.97 -11.85
CA GLU D 134 41.16 49.85 -12.85
C GLU D 134 40.20 50.87 -12.25
N LEU D 135 39.86 50.73 -10.97
CA LEU D 135 38.91 51.63 -10.31
C LEU D 135 39.58 52.68 -9.44
N VAL D 136 40.58 52.29 -8.65
CA VAL D 136 41.14 53.21 -7.65
C VAL D 136 41.81 54.40 -8.32
N GLU D 137 42.59 54.16 -9.37
CA GLU D 137 43.21 55.27 -10.09
C GLU D 137 42.16 56.05 -10.88
N LEU D 138 41.17 55.37 -11.42
CA LEU D 138 40.13 56.04 -12.20
C LEU D 138 39.14 56.79 -11.31
N LEU D 139 38.95 56.32 -10.06
CA LEU D 139 38.13 57.09 -9.12
C LEU D 139 38.81 58.40 -8.75
N VAL D 140 40.15 58.42 -8.74
CA VAL D 140 40.87 59.66 -8.48
C VAL D 140 40.59 60.68 -9.58
N GLU D 141 40.52 60.21 -10.83
CA GLU D 141 40.18 61.10 -11.93
C GLU D 141 38.80 61.70 -11.75
N LEU D 142 37.82 60.88 -11.42
CA LEU D 142 36.45 61.37 -11.28
C LEU D 142 36.33 62.48 -10.24
N GLN D 143 37.21 62.48 -9.25
CA GLN D 143 37.10 63.44 -8.15
C GLN D 143 37.03 64.88 -8.66
N GLU D 144 37.68 65.17 -9.78
CA GLU D 144 37.79 66.54 -10.26
C GLU D 144 36.99 66.83 -11.53
N LEU D 145 36.16 65.89 -12.01
CA LEU D 145 35.23 66.24 -13.07
C LEU D 145 34.17 67.21 -12.59
N CYS D 146 33.62 66.99 -11.39
CA CYS D 146 32.60 67.89 -10.87
C CYS D 146 33.17 69.25 -10.52
N ARG D 147 34.44 69.31 -10.12
CA ARG D 147 35.05 70.57 -9.73
C ARG D 147 35.22 71.49 -10.93
N ARG D 148 35.72 70.97 -12.06
CA ARG D 148 35.92 71.81 -13.23
C ARG D 148 34.62 72.13 -13.94
N ARG D 149 33.57 71.38 -13.65
CA ARG D 149 32.26 71.65 -14.24
C ARG D 149 32.05 73.14 -14.47
N PHE D 157 28.54 68.61 -5.22
CA PHE D 157 27.25 68.97 -4.64
C PHE D 157 26.16 67.98 -5.06
N LEU D 158 26.26 67.46 -6.29
CA LEU D 158 25.27 66.51 -6.79
C LEU D 158 26.00 65.55 -7.73
N MET D 159 26.48 64.45 -7.16
CA MET D 159 27.16 63.40 -7.92
C MET D 159 26.11 62.49 -8.53
N HIS D 160 25.58 62.90 -9.67
CA HIS D 160 24.67 62.09 -10.46
C HIS D 160 25.45 61.02 -11.24
N LYS D 161 26.69 61.35 -11.66
CA LYS D 161 27.39 60.55 -12.65
C LYS D 161 27.61 59.11 -12.19
N LEU D 162 27.77 58.88 -10.90
CA LEU D 162 28.05 57.53 -10.41
C LEU D 162 26.79 56.77 -10.02
N THR D 163 25.61 57.37 -10.18
CA THR D 163 24.35 56.70 -9.94
C THR D 163 23.58 56.56 -11.25
N ALA D 164 22.83 55.47 -11.38
CA ALA D 164 22.05 55.25 -12.60
C ALA D 164 20.89 56.24 -12.67
N SER D 165 20.29 56.33 -13.85
CA SER D 165 19.22 57.30 -14.11
C SER D 165 17.84 56.65 -14.16
N ASP D 166 17.66 55.64 -15.01
CA ASP D 166 16.38 54.95 -15.10
C ASP D 166 16.05 54.22 -13.81
N THR D 167 17.07 53.79 -13.07
CA THR D 167 16.92 53.18 -11.77
C THR D 167 17.80 53.91 -10.77
N GLY D 168 17.45 53.79 -9.50
CA GLY D 168 18.25 54.43 -8.48
C GLY D 168 19.50 53.69 -8.08
N LYS D 169 19.79 52.56 -8.71
CA LYS D 169 20.93 51.74 -8.34
C LYS D 169 22.23 52.50 -8.51
N THR D 170 23.08 52.46 -7.50
CA THR D 170 24.38 53.09 -7.53
C THR D 170 25.47 52.03 -7.61
N CYS D 171 26.72 52.47 -7.54
CA CYS D 171 27.84 51.53 -7.57
C CYS D 171 27.86 50.67 -6.31
N LEU D 172 27.42 51.21 -5.18
CA LEU D 172 27.36 50.42 -3.96
C LEU D 172 26.38 49.28 -4.08
N MET D 173 25.20 49.53 -4.65
CA MET D 173 24.28 48.45 -4.95
C MET D 173 24.83 47.52 -6.02
N LYS D 174 25.51 48.08 -7.01
CA LYS D 174 26.09 47.27 -8.07
C LYS D 174 27.20 46.37 -7.55
N ALA D 175 28.01 46.87 -6.62
CA ALA D 175 29.09 46.06 -6.06
C ALA D 175 28.54 44.89 -5.27
N LEU D 176 27.52 45.14 -4.45
CA LEU D 176 26.99 44.10 -3.58
C LEU D 176 26.12 43.10 -4.33
N LEU D 177 25.53 43.52 -5.44
CA LEU D 177 24.70 42.61 -6.23
C LEU D 177 25.53 41.64 -7.05
N ASN D 178 26.82 41.90 -7.22
CA ASN D 178 27.73 41.11 -8.03
C ASN D 178 28.91 40.66 -7.19
N ILE D 179 28.61 40.00 -6.07
CA ILE D 179 29.61 39.76 -5.04
C ILE D 179 30.75 38.88 -5.57
N ASN D 180 31.91 39.04 -4.94
CA ASN D 180 33.12 38.30 -5.28
C ASN D 180 34.10 38.44 -4.13
N PRO D 181 35.15 37.62 -4.08
CA PRO D 181 36.14 37.77 -3.00
C PRO D 181 36.82 39.13 -2.98
N ASN D 182 36.77 39.89 -4.07
CA ASN D 182 37.34 41.23 -4.11
C ASN D 182 36.35 42.32 -3.69
N THR D 183 35.11 41.97 -3.38
CA THR D 183 34.10 42.99 -3.12
C THR D 183 34.38 43.76 -1.83
N LYS D 184 34.86 43.07 -0.79
CA LYS D 184 35.20 43.75 0.45
C LYS D 184 36.29 44.79 0.25
N GLU D 185 37.19 44.57 -0.70
CA GLU D 185 38.23 45.53 -1.02
C GLU D 185 37.71 46.73 -1.79
N ILE D 186 36.47 46.69 -2.25
CA ILE D 186 35.90 47.78 -3.04
C ILE D 186 34.97 48.65 -2.20
N VAL D 187 34.23 48.04 -1.27
CA VAL D 187 33.23 48.78 -0.51
C VAL D 187 33.89 49.80 0.41
N ARG D 188 35.07 49.47 0.96
CA ARG D 188 35.72 50.40 1.88
C ARG D 188 36.20 51.65 1.16
N ILE D 189 36.74 51.51 -0.05
CA ILE D 189 37.23 52.68 -0.78
C ILE D 189 36.08 53.42 -1.44
N LEU D 190 35.00 52.71 -1.79
CA LEU D 190 33.85 53.36 -2.41
C LEU D 190 33.18 54.33 -1.46
N LEU D 191 33.07 53.96 -0.18
CA LEU D 191 32.48 54.86 0.80
C LEU D 191 33.41 56.04 1.10
N ALA D 192 34.72 55.80 1.06
CA ALA D 192 35.68 56.86 1.32
C ALA D 192 35.60 57.96 0.25
N PHE D 193 35.20 57.60 -0.96
CA PHE D 193 35.00 58.61 -2.00
C PHE D 193 33.89 59.58 -1.63
N ALA D 194 32.78 59.07 -1.09
CA ALA D 194 31.68 59.93 -0.68
C ALA D 194 32.02 60.77 0.54
N GLU D 195 32.99 60.34 1.35
CA GLU D 195 33.43 61.14 2.49
C GLU D 195 34.09 62.43 2.02
N GLU D 196 34.89 62.35 0.95
CA GLU D 196 35.59 63.54 0.46
C GLU D 196 34.61 64.54 -0.14
N ASN D 197 33.58 64.06 -0.84
CA ASN D 197 32.56 64.93 -1.40
C ASN D 197 31.46 65.26 -0.40
N ASP D 198 31.50 64.66 0.79
CA ASP D 198 30.52 64.90 1.85
C ASP D 198 29.10 64.59 1.39
N ILE D 199 28.96 63.54 0.59
CA ILE D 199 27.66 63.09 0.10
C ILE D 199 27.34 61.67 0.57
N LEU D 200 27.96 61.25 1.67
CA LEU D 200 27.72 59.90 2.19
C LEU D 200 26.28 59.72 2.66
N GLY D 201 25.63 60.81 3.06
CA GLY D 201 24.24 60.70 3.47
C GLY D 201 23.33 60.29 2.34
N ARG D 202 23.49 60.93 1.17
CA ARG D 202 22.69 60.57 0.01
C ARG D 202 23.19 59.29 -0.64
N PHE D 203 24.49 59.01 -0.56
CA PHE D 203 25.04 57.83 -1.20
C PHE D 203 24.62 56.56 -0.46
N ILE D 204 24.73 56.56 0.87
CA ILE D 204 24.36 55.37 1.64
C ILE D 204 22.85 55.16 1.61
N ASN D 205 22.08 56.23 1.77
CA ASN D 205 20.63 56.15 1.76
C ASN D 205 20.05 56.22 0.36
N ALA D 206 20.82 55.83 -0.66
CA ALA D 206 20.32 55.86 -2.02
C ALA D 206 19.17 54.88 -2.19
N GLU D 207 18.15 55.32 -2.92
CA GLU D 207 16.91 54.58 -3.05
C GLU D 207 16.71 54.12 -4.49
N TYR D 208 16.19 52.90 -4.64
CA TYR D 208 15.74 52.45 -5.94
C TYR D 208 14.56 53.29 -6.41
N THR D 209 14.32 53.29 -7.72
CA THR D 209 13.27 54.10 -8.29
C THR D 209 12.31 53.34 -9.20
N GLU D 210 12.62 52.09 -9.55
CA GLU D 210 11.66 51.29 -10.31
C GLU D 210 10.44 50.98 -9.46
N GLU D 211 9.29 50.87 -10.14
CA GLU D 211 8.05 50.55 -9.43
C GLU D 211 8.08 49.14 -8.87
N ALA D 212 8.73 48.20 -9.58
CA ALA D 212 8.83 46.84 -9.07
C ALA D 212 9.67 46.77 -7.81
N TYR D 213 10.89 47.31 -7.90
CA TYR D 213 11.78 47.34 -6.75
C TYR D 213 11.95 48.78 -6.32
N GLU D 214 11.24 49.19 -5.29
CA GLU D 214 11.29 50.56 -4.81
C GLU D 214 11.65 50.55 -3.33
N GLY D 215 12.56 51.44 -2.94
CA GLY D 215 12.95 51.54 -1.56
C GLY D 215 14.10 50.65 -1.13
N GLN D 216 14.59 49.79 -2.02
CA GLN D 216 15.71 48.92 -1.67
C GLN D 216 16.98 49.75 -1.51
N THR D 217 17.68 49.55 -0.41
CA THR D 217 18.90 50.28 -0.10
C THR D 217 20.10 49.35 -0.14
N ALA D 218 21.29 49.94 0.05
CA ALA D 218 22.51 49.16 0.04
C ALA D 218 22.59 48.21 1.23
N LEU D 219 22.05 48.61 2.37
CA LEU D 219 22.02 47.72 3.53
C LEU D 219 21.13 46.53 3.27
N ASN D 220 20.03 46.72 2.53
CA ASN D 220 19.12 45.62 2.24
C ASN D 220 19.79 44.56 1.39
N ILE D 221 20.60 44.97 0.40
CA ILE D 221 21.28 44.01 -0.44
C ILE D 221 22.41 43.33 0.32
N ALA D 222 23.10 44.07 1.17
CA ALA D 222 24.20 43.49 1.93
C ALA D 222 23.70 42.44 2.92
N ILE D 223 22.54 42.68 3.51
CA ILE D 223 21.95 41.71 4.43
C ILE D 223 21.52 40.46 3.68
N GLU D 224 20.98 40.65 2.47
CA GLU D 224 20.50 39.50 1.69
C GLU D 224 21.65 38.59 1.29
N ARG D 225 22.79 39.15 0.94
CA ARG D 225 23.91 38.35 0.43
C ARG D 225 24.78 37.80 1.55
N ARG D 226 24.12 37.29 2.60
CA ARG D 226 24.73 36.56 3.72
C ARG D 226 26.05 37.15 4.20
N GLN D 227 26.14 38.48 4.30
CA GLN D 227 27.39 39.15 4.61
C GLN D 227 27.20 40.07 5.81
N GLY D 228 27.59 39.59 6.99
CA GLY D 228 27.54 40.43 8.18
C GLY D 228 28.70 41.38 8.33
N ASP D 229 29.72 41.26 7.48
CA ASP D 229 30.88 42.13 7.57
C ASP D 229 30.57 43.51 7.02
N ILE D 230 30.14 43.57 5.75
CA ILE D 230 29.78 44.85 5.14
C ILE D 230 28.52 45.41 5.77
N ALA D 231 27.57 44.54 6.13
CA ALA D 231 26.32 45.00 6.74
C ALA D 231 26.57 45.74 8.04
N ALA D 232 27.49 45.23 8.87
CA ALA D 232 27.88 45.97 10.07
C ALA D 232 28.63 47.25 9.71
N LEU D 233 29.43 47.21 8.64
CA LEU D 233 30.18 48.39 8.23
C LEU D 233 29.25 49.49 7.74
N LEU D 234 28.21 49.13 6.98
CA LEU D 234 27.28 50.14 6.48
C LEU D 234 26.47 50.75 7.63
N ILE D 235 26.02 49.92 8.56
CA ILE D 235 25.26 50.43 9.71
C ILE D 235 26.13 51.35 10.54
N ALA D 236 27.38 50.96 10.78
CA ALA D 236 28.32 51.83 11.47
C ALA D 236 28.64 53.09 10.68
N ALA D 237 28.47 53.06 9.37
CA ALA D 237 28.67 54.23 8.53
C ALA D 237 27.45 55.14 8.48
N GLY D 238 26.36 54.77 9.14
CA GLY D 238 25.18 55.60 9.16
C GLY D 238 24.10 55.14 8.19
N ALA D 239 23.96 53.83 8.05
CA ALA D 239 22.94 53.28 7.15
C ALA D 239 21.55 53.56 7.69
N ASP D 240 20.61 53.77 6.75
CA ASP D 240 19.23 54.01 7.15
C ASP D 240 18.60 52.71 7.64
N VAL D 241 18.73 52.44 8.94
CA VAL D 241 18.02 51.33 9.54
C VAL D 241 16.51 51.61 9.45
N ASN D 242 15.73 50.52 9.48
CA ASN D 242 14.27 50.53 9.34
C ASN D 242 13.82 51.42 8.17
N ALA D 243 14.49 51.23 7.03
CA ALA D 243 14.08 51.81 5.77
C ALA D 243 13.29 50.77 4.99
N HIS D 244 12.10 51.16 4.52
CA HIS D 244 11.15 50.21 3.97
C HIS D 244 11.30 50.09 2.47
N ALA D 245 11.40 48.84 1.99
CA ALA D 245 11.48 48.55 0.56
C ALA D 245 10.07 48.34 0.02
N LYS D 246 9.39 49.44 -0.23
CA LYS D 246 7.97 49.43 -0.60
C LYS D 246 7.77 49.24 -2.10
N GLY D 247 8.38 48.20 -2.65
CA GLY D 247 8.27 47.91 -4.06
C GLY D 247 7.21 46.87 -4.35
N ALA D 248 6.77 46.82 -5.61
CA ALA D 248 5.79 45.82 -6.01
C ALA D 248 6.39 44.42 -5.96
N PHE D 249 7.70 44.31 -6.23
CA PHE D 249 8.37 43.03 -6.12
C PHE D 249 8.47 42.58 -4.67
N PHE D 250 8.86 43.49 -3.78
CA PHE D 250 8.99 43.15 -2.36
C PHE D 250 7.64 42.92 -1.70
N ASN D 251 6.56 43.37 -2.34
CA ASN D 251 5.20 43.22 -1.81
C ASN D 251 4.34 42.56 -2.89
N PRO D 252 4.53 41.27 -3.13
CA PRO D 252 3.82 40.60 -4.22
C PRO D 252 2.34 40.44 -3.91
N LYS D 253 1.54 40.38 -4.98
CA LYS D 253 0.12 40.14 -4.82
C LYS D 253 -0.20 38.71 -4.45
N TYR D 254 0.74 37.79 -4.68
CA TYR D 254 0.55 36.38 -4.35
C TYR D 254 1.86 35.86 -3.76
N GLN D 255 1.93 34.53 -3.58
CA GLN D 255 3.14 33.94 -3.05
C GLN D 255 4.23 33.86 -4.11
N HIS D 256 3.86 33.61 -5.36
CA HIS D 256 4.82 33.37 -6.42
C HIS D 256 5.16 34.63 -7.22
N GLU D 257 4.68 35.79 -6.83
CA GLU D 257 4.93 37.01 -7.60
C GLU D 257 6.09 37.82 -7.06
N GLY D 258 6.79 37.34 -6.04
CA GLY D 258 7.91 38.09 -5.50
C GLY D 258 8.42 37.44 -4.22
N PHE D 259 9.10 38.26 -3.41
CA PHE D 259 9.68 37.83 -2.14
C PHE D 259 9.23 38.82 -1.08
N TYR D 260 8.25 38.44 -0.28
CA TYR D 260 7.80 39.27 0.83
C TYR D 260 8.48 38.84 2.10
N PHE D 261 9.06 39.80 2.82
CA PHE D 261 9.80 39.51 4.04
C PHE D 261 9.54 40.51 5.15
N GLY D 262 8.58 41.43 4.99
CA GLY D 262 8.33 42.44 5.97
C GLY D 262 8.86 43.82 5.61
N GLU D 263 9.62 43.93 4.52
CA GLU D 263 10.06 45.20 3.96
C GLU D 263 10.90 46.02 4.94
N THR D 264 11.71 45.34 5.76
CA THR D 264 12.63 46.01 6.66
C THR D 264 13.93 45.24 6.71
N PRO D 265 15.06 45.93 6.92
CA PRO D 265 16.33 45.21 7.06
C PRO D 265 16.35 44.25 8.23
N LEU D 266 15.65 44.56 9.31
CA LEU D 266 15.61 43.65 10.45
C LEU D 266 14.82 42.39 10.14
N ALA D 267 13.68 42.53 9.47
CA ALA D 267 12.88 41.36 9.13
C ALA D 267 13.49 40.56 7.99
N LEU D 268 14.23 41.22 7.10
CA LEU D 268 14.94 40.48 6.05
C LEU D 268 16.00 39.58 6.64
N ALA D 269 16.77 40.09 7.60
CA ALA D 269 17.71 39.23 8.31
C ALA D 269 17.01 38.20 9.15
N ALA D 270 15.79 38.49 9.61
CA ALA D 270 15.01 37.52 10.36
C ALA D 270 14.35 36.50 9.45
N CYS D 271 13.86 36.95 8.28
CA CYS D 271 13.25 36.02 7.34
C CYS D 271 14.28 35.09 6.72
N THR D 272 15.48 35.59 6.46
CA THR D 272 16.62 34.73 6.20
C THR D 272 17.11 34.15 7.52
N ASN D 273 18.07 33.24 7.46
CA ASN D 273 18.55 32.56 8.65
C ASN D 273 19.81 33.18 9.22
N GLN D 274 19.93 34.50 9.18
CA GLN D 274 21.10 35.17 9.74
C GLN D 274 20.74 35.79 11.08
N PRO D 275 20.99 35.12 12.20
CA PRO D 275 20.64 35.72 13.49
C PRO D 275 21.66 36.72 14.00
N GLU D 276 22.90 36.65 13.52
CA GLU D 276 23.92 37.58 13.99
C GLU D 276 23.60 39.00 13.57
N ILE D 277 23.17 39.20 12.32
CA ILE D 277 22.77 40.52 11.86
C ILE D 277 21.52 40.97 12.60
N VAL D 278 20.61 40.04 12.91
CA VAL D 278 19.47 40.38 13.75
C VAL D 278 19.94 40.88 15.10
N GLN D 279 20.83 40.12 15.76
CA GLN D 279 21.31 40.51 17.07
C GLN D 279 21.99 41.87 17.04
N LEU D 280 22.72 42.16 15.97
CA LEU D 280 23.31 43.48 15.80
C LEU D 280 22.23 44.55 15.65
N LEU D 281 21.15 44.22 14.94
CA LEU D 281 20.10 45.20 14.68
C LEU D 281 19.24 45.44 15.92
N MET D 282 19.04 44.41 16.74
CA MET D 282 18.34 44.60 18.01
C MET D 282 19.11 45.54 18.92
N GLU D 283 20.44 45.42 18.97
CA GLU D 283 21.24 46.22 19.87
C GLU D 283 21.37 47.67 19.43
N HIS D 284 21.11 47.96 18.16
CA HIS D 284 21.18 49.33 17.67
C HIS D 284 20.08 50.18 18.29
N GLU D 285 20.42 51.42 18.63
CA GLU D 285 19.46 52.31 19.27
C GLU D 285 18.40 52.82 18.31
N GLN D 286 18.80 53.14 17.08
CA GLN D 286 17.88 53.74 16.11
C GLN D 286 16.87 52.75 15.53
N THR D 287 17.06 51.45 15.75
CA THR D 287 16.17 50.45 15.17
C THR D 287 14.80 50.52 15.84
N ASP D 288 13.76 50.64 15.01
CA ASP D 288 12.38 50.64 15.48
C ASP D 288 11.85 49.22 15.36
N ILE D 289 11.67 48.55 16.50
CA ILE D 289 11.21 47.17 16.50
C ILE D 289 9.76 47.10 16.05
N THR D 290 8.89 47.91 16.65
CA THR D 290 7.47 47.89 16.32
C THR D 290 7.20 48.83 15.15
N SER D 291 7.76 48.46 14.00
CA SER D 291 7.60 49.21 12.76
C SER D 291 6.74 48.40 11.81
N ARG D 292 5.73 49.04 11.23
CA ARG D 292 4.76 48.38 10.37
C ARG D 292 5.00 48.76 8.93
N ASP D 293 5.06 47.77 8.04
CA ASP D 293 5.31 48.02 6.64
C ASP D 293 4.01 48.35 5.92
N SER D 294 4.04 48.35 4.60
CA SER D 294 2.89 48.76 3.79
C SER D 294 1.72 47.80 3.91
N ARG D 295 1.95 46.58 4.36
CA ARG D 295 0.86 45.63 4.60
C ARG D 295 0.31 45.73 6.02
N GLY D 296 0.82 46.67 6.82
CA GLY D 296 0.44 46.74 8.21
C GLY D 296 1.01 45.64 9.07
N ASN D 297 1.99 44.91 8.57
CA ASN D 297 2.55 43.76 9.27
C ASN D 297 3.55 44.24 10.33
N ASN D 298 4.35 43.32 10.83
CA ASN D 298 5.32 43.60 11.89
C ASN D 298 6.52 42.68 11.66
N ILE D 299 7.45 42.68 12.61
CA ILE D 299 8.53 41.70 12.56
C ILE D 299 7.99 40.31 12.80
N LEU D 300 6.98 40.19 13.66
CA LEU D 300 6.40 38.89 13.97
C LEU D 300 5.37 38.46 12.94
N HIS D 301 4.63 39.41 12.35
CA HIS D 301 3.72 39.06 11.27
C HIS D 301 4.48 38.52 10.08
N ALA D 302 5.63 39.12 9.75
CA ALA D 302 6.41 38.67 8.61
C ALA D 302 6.97 37.27 8.83
N LEU D 303 7.39 36.97 10.06
CA LEU D 303 7.89 35.64 10.36
C LEU D 303 6.79 34.60 10.24
N VAL D 304 5.57 34.96 10.63
CA VAL D 304 4.44 34.04 10.50
C VAL D 304 4.18 33.71 9.04
N THR D 305 4.28 34.71 8.16
CA THR D 305 3.99 34.50 6.75
C THR D 305 5.01 33.58 6.09
N VAL D 306 6.29 33.71 6.47
CA VAL D 306 7.35 32.95 5.80
C VAL D 306 7.55 31.57 6.40
N ALA D 307 6.79 31.20 7.42
CA ALA D 307 6.89 29.86 7.97
C ALA D 307 6.19 28.87 7.04
N GLU D 308 6.14 27.61 7.46
CA GLU D 308 5.45 26.57 6.68
C GLU D 308 4.71 25.64 7.63
N ASP D 309 3.59 25.11 7.15
CA ASP D 309 2.81 24.15 7.93
C ASP D 309 3.43 22.75 7.92
N PHE D 310 4.25 22.43 6.93
CA PHE D 310 4.90 21.12 6.88
C PHE D 310 6.00 21.05 7.93
N LYS D 311 6.01 19.98 8.71
CA LYS D 311 6.98 19.82 9.78
C LYS D 311 8.37 19.64 9.16
N THR D 312 9.26 20.59 9.41
CA THR D 312 10.64 20.53 8.96
C THR D 312 11.56 20.29 10.16
N GLN D 313 12.64 19.55 9.91
CA GLN D 313 13.56 19.20 10.99
C GLN D 313 14.26 20.42 11.54
N ASN D 314 14.68 21.34 10.66
CA ASN D 314 15.42 22.54 11.06
C ASN D 314 14.66 23.76 10.53
N ASP D 315 13.70 24.23 11.31
CA ASP D 315 12.95 25.43 10.98
C ASP D 315 13.37 26.55 11.91
N PHE D 316 13.95 27.60 11.34
CA PHE D 316 14.47 28.72 12.12
C PHE D 316 13.40 29.72 12.52
N VAL D 317 12.23 29.68 11.90
CA VAL D 317 11.23 30.72 12.11
C VAL D 317 10.73 30.70 13.55
N LYS D 318 10.30 29.53 14.03
CA LYS D 318 9.88 29.44 15.42
C LYS D 318 11.05 29.57 16.38
N ARG D 319 12.28 29.28 15.92
CA ARG D 319 13.44 29.51 16.75
C ARG D 319 13.78 30.99 16.82
N MET D 320 13.54 31.73 15.73
CA MET D 320 13.82 33.15 15.70
C MET D 320 12.64 33.99 16.19
N TYR D 321 11.44 33.41 16.19
CA TYR D 321 10.31 34.05 16.86
C TYR D 321 10.60 34.22 18.35
N ASP D 322 11.25 33.23 18.96
CA ASP D 322 11.59 33.31 20.37
C ASP D 322 12.61 34.42 20.63
N MET D 323 13.61 34.54 19.76
CA MET D 323 14.69 35.49 20.01
C MET D 323 14.20 36.93 19.91
N ILE D 324 13.39 37.23 18.90
CA ILE D 324 12.94 38.61 18.70
C ILE D 324 11.94 39.01 19.77
N LEU D 325 11.05 38.09 20.16
CA LEU D 325 10.03 38.43 21.15
C LEU D 325 10.63 38.60 22.53
N LEU D 326 11.54 37.71 22.93
CA LEU D 326 12.12 37.79 24.26
C LEU D 326 12.96 39.06 24.44
N ARG D 327 13.75 39.42 23.42
CA ARG D 327 14.57 40.62 23.52
C ARG D 327 13.71 41.87 23.60
N SER D 328 12.58 41.89 22.91
CA SER D 328 11.61 42.97 23.11
C SER D 328 11.06 42.95 24.52
N GLY D 329 10.65 41.77 24.98
CA GLY D 329 10.26 41.58 26.38
C GLY D 329 9.03 42.34 26.81
N ASN D 330 8.07 42.47 25.93
CA ASN D 330 6.83 43.15 26.29
C ASN D 330 5.68 42.66 25.43
N TRP D 331 4.47 43.09 25.78
CA TRP D 331 3.28 42.66 25.05
C TRP D 331 2.80 43.73 24.08
N GLU D 332 3.64 44.04 23.09
CA GLU D 332 3.21 44.97 22.05
C GLU D 332 3.45 44.39 20.67
N LEU D 333 4.41 43.46 20.56
CA LEU D 333 4.60 42.78 19.28
C LEU D 333 3.51 41.75 19.03
N GLU D 334 3.05 41.09 20.10
CA GLU D 334 2.00 40.08 19.98
C GLU D 334 0.60 40.69 20.00
N THR D 335 0.47 41.99 20.24
CA THR D 335 -0.82 42.64 20.26
C THR D 335 -1.01 43.64 19.15
N THR D 336 0.03 43.96 18.39
CA THR D 336 -0.09 44.94 17.32
C THR D 336 -0.94 44.39 16.19
N ARG D 337 -1.95 45.16 15.80
CA ARG D 337 -2.92 44.71 14.82
C ARG D 337 -2.40 44.87 13.40
N ASN D 338 -2.87 44.00 12.52
CA ASN D 338 -2.55 44.06 11.10
C ASN D 338 -3.39 45.14 10.42
N ASN D 339 -3.11 45.37 9.13
CA ASN D 339 -3.95 46.26 8.35
C ASN D 339 -5.32 45.65 8.12
N ASP D 340 -5.37 44.37 7.75
CA ASP D 340 -6.64 43.65 7.72
C ASP D 340 -7.24 43.54 9.11
N GLY D 341 -6.39 43.55 10.14
CA GLY D 341 -6.80 43.47 11.52
C GLY D 341 -6.62 42.06 12.03
N LEU D 342 -5.42 41.77 12.52
CA LEU D 342 -5.02 40.41 12.88
C LEU D 342 -3.74 40.45 13.71
N THR D 343 -3.78 39.88 14.90
CA THR D 343 -2.60 39.76 15.72
C THR D 343 -1.68 38.68 15.13
N PRO D 344 -0.42 38.63 15.54
CA PRO D 344 0.44 37.53 15.09
C PRO D 344 -0.08 36.16 15.46
N LEU D 345 -0.87 36.05 16.54
CA LEU D 345 -1.54 34.80 16.84
C LEU D 345 -2.57 34.45 15.78
N GLN D 346 -3.46 35.39 15.46
CA GLN D 346 -4.54 35.09 14.52
C GLN D 346 -4.03 34.90 13.10
N LEU D 347 -2.94 35.59 12.76
CA LEU D 347 -2.39 35.46 11.41
C LEU D 347 -1.88 34.04 11.14
N ALA D 348 -1.33 33.39 12.17
CA ALA D 348 -0.89 32.01 12.01
C ALA D 348 -2.08 31.08 11.80
N ALA D 349 -3.25 31.43 12.33
CA ALA D 349 -4.44 30.62 12.11
C ALA D 349 -5.00 30.84 10.71
N LYS D 350 -4.96 32.08 10.23
CA LYS D 350 -5.48 32.37 8.89
C LYS D 350 -4.62 31.73 7.81
N MET D 351 -3.31 31.72 7.99
CA MET D 351 -2.41 31.11 7.04
C MET D 351 -2.17 29.63 7.30
N GLY D 352 -2.74 29.09 8.39
CA GLY D 352 -2.58 27.68 8.69
C GLY D 352 -1.19 27.27 9.11
N LYS D 353 -0.52 28.08 9.94
CA LYS D 353 0.81 27.75 10.44
C LYS D 353 0.65 26.99 11.74
N ALA D 354 0.70 25.67 11.67
CA ALA D 354 0.44 24.85 12.85
C ALA D 354 1.59 24.87 13.84
N GLU D 355 2.83 24.87 13.34
CA GLU D 355 3.99 24.82 14.25
C GLU D 355 4.12 26.11 15.04
N ILE D 356 3.85 27.25 14.42
CA ILE D 356 3.87 28.51 15.14
C ILE D 356 2.70 28.61 16.10
N LEU D 357 1.52 28.16 15.67
CA LEU D 357 0.36 28.18 16.55
C LEU D 357 0.57 27.29 17.76
N LYS D 358 1.13 26.10 17.56
CA LYS D 358 1.42 25.23 18.69
C LYS D 358 2.47 25.83 19.61
N TYR D 359 3.43 26.57 19.05
CA TYR D 359 4.46 27.19 19.87
C TYR D 359 3.91 28.39 20.62
N ILE D 360 3.11 29.23 19.96
CA ILE D 360 2.62 30.45 20.59
C ILE D 360 1.62 30.12 21.67
N LEU D 361 0.66 29.24 21.38
CA LEU D 361 -0.39 28.93 22.34
C LEU D 361 0.14 28.22 23.57
N SER D 362 1.25 27.50 23.44
CA SER D 362 1.86 26.76 24.54
C SER D 362 3.22 27.34 24.89
N ARG D 363 3.36 28.65 24.78
CA ARG D 363 4.63 29.32 25.09
C ARG D 363 4.74 29.52 26.60
N GLU D 364 5.73 28.89 27.20
CA GLU D 364 5.99 29.01 28.64
C GLU D 364 7.41 29.53 28.84
N ILE D 365 7.54 30.61 29.59
CA ILE D 365 8.83 31.23 29.89
C ILE D 365 9.18 30.89 31.33
N LYS D 366 10.30 30.18 31.52
CA LYS D 366 10.66 29.71 32.85
C LYS D 366 11.20 30.84 33.73
N GLU D 367 12.04 31.70 33.16
CA GLU D 367 12.73 32.70 33.97
C GLU D 367 11.78 33.82 34.41
N LYS D 368 12.13 34.47 35.51
CA LYS D 368 11.37 35.61 35.99
C LYS D 368 11.61 36.82 35.08
N ARG D 369 10.81 37.87 35.29
CA ARG D 369 10.82 39.14 34.58
C ARG D 369 10.32 38.98 33.15
N LEU D 370 10.17 37.73 32.70
CA LEU D 370 9.66 37.42 31.38
C LEU D 370 8.55 36.39 31.42
N ARG D 371 8.12 35.95 32.60
CA ARG D 371 7.01 35.03 32.71
C ARG D 371 5.68 35.66 32.34
N SER D 372 5.61 37.00 32.31
CA SER D 372 4.41 37.67 31.81
C SER D 372 4.23 37.49 30.31
N LEU D 373 5.26 37.00 29.60
CA LEU D 373 5.17 36.69 28.18
C LEU D 373 4.81 35.24 27.93
N SER D 374 4.09 34.60 28.85
CA SER D 374 3.74 33.19 28.72
C SER D 374 2.24 33.04 28.52
N ARG D 375 1.87 32.15 27.61
CA ARG D 375 0.47 31.83 27.38
C ARG D 375 0.03 30.54 28.07
N LYS D 376 0.93 29.88 28.79
CA LYS D 376 0.59 28.65 29.50
C LYS D 376 1.47 28.56 30.73
N PHE D 377 0.85 28.55 31.90
CA PHE D 377 1.55 28.48 33.18
C PHE D 377 1.23 27.13 33.79
N THR D 378 2.18 26.20 33.74
CA THR D 378 1.96 24.89 34.32
C THR D 378 1.88 24.98 35.83
N ASP D 379 0.79 24.47 36.40
CA ASP D 379 0.56 24.59 37.84
C ASP D 379 1.33 23.52 38.61
N TRP D 380 1.05 22.25 38.33
CA TRP D 380 1.74 21.16 38.98
C TRP D 380 1.79 19.97 38.04
N ALA D 381 2.77 19.10 38.29
CA ALA D 381 2.93 17.88 37.52
C ALA D 381 3.27 16.75 38.46
N TYR D 382 2.73 15.56 38.20
CA TYR D 382 3.00 14.40 39.04
C TYR D 382 2.94 13.17 38.16
N GLY D 383 4.09 12.74 37.65
CA GLY D 383 4.14 11.62 36.75
C GLY D 383 3.52 11.95 35.41
N PRO D 384 2.57 11.12 34.96
CA PRO D 384 1.97 11.34 33.65
C PRO D 384 1.04 12.54 33.61
N VAL D 385 0.38 12.88 34.71
CA VAL D 385 -0.63 13.92 34.75
C VAL D 385 0.02 15.24 35.12
N SER D 386 -0.26 16.28 34.35
CA SER D 386 0.19 17.63 34.64
C SER D 386 -0.98 18.58 34.39
N SER D 387 -1.23 19.47 35.33
CA SER D 387 -2.38 20.37 35.26
C SER D 387 -1.88 21.72 34.75
N SER D 388 -1.70 21.80 33.43
CA SER D 388 -1.33 23.05 32.79
C SER D 388 -2.50 24.02 32.82
N LEU D 389 -2.18 25.30 32.93
CA LEU D 389 -3.18 26.35 33.09
C LEU D 389 -2.99 27.35 31.95
N TYR D 390 -3.75 27.17 30.88
CA TYR D 390 -3.55 27.92 29.65
C TYR D 390 -4.20 29.29 29.73
N ASP D 391 -3.83 30.14 28.77
CA ASP D 391 -4.39 31.47 28.63
C ASP D 391 -5.15 31.54 27.32
N LEU D 392 -6.37 32.07 27.37
CA LEU D 392 -7.20 32.25 26.18
C LEU D 392 -7.74 33.67 26.12
N THR D 393 -6.87 34.66 26.34
CA THR D 393 -7.29 36.04 26.22
C THR D 393 -7.62 36.43 24.78
N ASN D 394 -7.23 35.60 23.80
CA ASN D 394 -7.60 35.86 22.42
C ASN D 394 -7.96 34.57 21.68
N VAL D 395 -8.33 33.51 22.40
CA VAL D 395 -8.64 32.23 21.79
C VAL D 395 -10.13 31.93 21.85
N ASP D 396 -10.77 32.18 22.99
CA ASP D 396 -12.20 31.97 23.10
C ASP D 396 -12.95 32.92 22.17
N THR D 397 -14.19 32.56 21.84
CA THR D 397 -15.00 33.34 20.92
C THR D 397 -15.65 34.56 21.59
N THR D 398 -15.14 35.00 22.73
CA THR D 398 -15.70 36.19 23.38
C THR D 398 -15.47 37.43 22.54
N THR D 399 -14.30 37.54 21.92
CA THR D 399 -14.00 38.64 21.03
C THR D 399 -14.28 38.24 19.58
N ASP D 400 -14.13 39.20 18.68
CA ASP D 400 -14.33 38.96 17.26
C ASP D 400 -13.02 38.47 16.63
N ASN D 401 -13.14 37.64 15.61
CA ASN D 401 -11.97 37.11 14.91
C ASN D 401 -11.06 36.30 15.83
N SER D 402 -11.65 35.47 16.67
CA SER D 402 -10.86 34.63 17.55
C SER D 402 -10.08 33.60 16.74
N VAL D 403 -8.97 33.14 17.32
CA VAL D 403 -8.18 32.11 16.63
C VAL D 403 -8.97 30.80 16.58
N LEU D 404 -9.86 30.56 17.55
CA LEU D 404 -10.71 29.38 17.48
C LEU D 404 -11.74 29.52 16.36
N GLU D 405 -12.37 30.69 16.25
CA GLU D 405 -13.35 30.90 15.18
C GLU D 405 -12.68 30.88 13.81
N ILE D 406 -11.50 31.50 13.71
CA ILE D 406 -10.78 31.55 12.45
C ILE D 406 -10.35 30.15 12.01
N THR D 407 -9.86 29.34 12.95
CA THR D 407 -9.27 28.06 12.57
C THR D 407 -10.31 26.98 12.24
N VAL D 408 -11.57 27.16 12.61
CA VAL D 408 -12.56 26.14 12.31
C VAL D 408 -13.23 26.38 10.96
N TYR D 409 -13.41 27.63 10.57
CA TYR D 409 -13.97 27.93 9.27
C TYR D 409 -12.90 27.71 8.20
N ASN D 410 -13.32 27.76 6.94
CA ASN D 410 -12.38 27.46 5.86
C ASN D 410 -11.49 28.67 5.57
N THR D 411 -10.91 29.26 6.61
CA THR D 411 -9.90 30.28 6.49
C THR D 411 -8.50 29.69 6.46
N ASN D 412 -8.30 28.54 7.07
CA ASN D 412 -7.09 27.74 6.90
C ASN D 412 -7.29 26.79 5.73
N ILE D 413 -6.20 26.39 5.10
CA ILE D 413 -6.27 25.50 3.94
C ILE D 413 -5.43 24.27 4.22
N ASP D 414 -6.00 23.10 3.90
CA ASP D 414 -5.31 21.80 3.84
C ASP D 414 -4.61 21.42 5.14
N ASN D 415 -4.81 22.21 6.20
CA ASN D 415 -4.23 21.89 7.50
C ASN D 415 -5.10 22.46 8.60
N ARG D 416 -6.09 21.70 9.05
CA ARG D 416 -7.01 22.17 10.09
C ARG D 416 -7.02 21.26 11.31
N HIS D 417 -7.19 19.95 11.12
CA HIS D 417 -7.28 19.05 12.25
C HIS D 417 -5.95 18.90 12.96
N GLU D 418 -4.84 19.04 12.24
CA GLU D 418 -3.53 19.00 12.87
C GLU D 418 -3.26 20.23 13.72
N MET D 419 -4.09 21.28 13.62
CA MET D 419 -3.99 22.42 14.51
C MET D 419 -5.30 22.79 15.19
N LEU D 420 -6.40 22.11 14.89
CA LEU D 420 -7.59 22.23 15.73
C LEU D 420 -7.52 21.32 16.95
N THR D 421 -6.53 20.44 17.01
CA THR D 421 -6.30 19.57 18.16
C THR D 421 -5.32 20.17 19.16
N LEU D 422 -4.88 21.41 18.94
CA LEU D 422 -3.98 22.05 19.89
C LEU D 422 -4.67 22.26 21.22
N GLU D 423 -3.91 22.14 22.30
CA GLU D 423 -4.50 22.02 23.63
C GLU D 423 -5.39 23.19 24.06
N PRO D 424 -5.06 24.46 23.84
CA PRO D 424 -5.95 25.53 24.34
C PRO D 424 -7.32 25.52 23.70
N LEU D 425 -7.44 24.99 22.49
CA LEU D 425 -8.69 25.05 21.74
C LEU D 425 -9.24 23.69 21.34
N HIS D 426 -8.51 22.59 21.55
CA HIS D 426 -9.11 21.27 21.38
C HIS D 426 -10.12 20.98 22.48
N THR D 427 -9.79 21.34 23.71
CA THR D 427 -10.72 21.20 24.82
C THR D 427 -11.67 22.38 24.96
N LEU D 428 -11.44 23.45 24.20
CA LEU D 428 -12.41 24.54 24.18
C LEU D 428 -13.70 24.10 23.51
N LEU D 429 -13.60 23.24 22.50
CA LEU D 429 -14.80 22.73 21.83
C LEU D 429 -15.47 21.63 22.62
N HIS D 430 -14.70 20.80 23.32
CA HIS D 430 -15.30 19.72 24.11
C HIS D 430 -16.13 20.27 25.26
N MET D 431 -15.68 21.35 25.90
CA MET D 431 -16.48 22.00 26.93
C MET D 431 -17.52 22.94 26.36
N LYS D 432 -17.62 23.05 25.03
CA LYS D 432 -18.76 23.69 24.40
C LYS D 432 -19.77 22.68 23.87
N TRP D 433 -19.30 21.48 23.50
CA TRP D 433 -20.21 20.43 23.04
C TRP D 433 -20.90 19.75 24.22
N LYS D 434 -20.12 19.31 25.21
CA LYS D 434 -20.67 18.62 26.38
C LYS D 434 -21.37 19.56 27.34
N LYS D 435 -21.63 20.80 26.97
CA LYS D 435 -22.17 21.78 27.90
C LYS D 435 -23.43 22.46 27.39
N PHE D 436 -23.43 22.94 26.14
CA PHE D 436 -24.65 23.48 25.57
C PHE D 436 -24.92 23.08 24.13
N ALA D 437 -23.92 22.66 23.36
CA ALA D 437 -24.17 22.34 21.96
C ALA D 437 -24.89 21.01 21.80
N LYS D 438 -24.55 20.02 22.62
CA LYS D 438 -25.23 18.73 22.54
C LYS D 438 -26.70 18.85 22.90
N HIS D 439 -27.02 19.69 23.89
CA HIS D 439 -28.40 19.88 24.28
C HIS D 439 -29.19 20.71 23.28
N MET D 440 -28.53 21.30 22.28
CA MET D 440 -29.23 22.01 21.23
C MET D 440 -29.22 21.27 19.90
N PHE D 441 -28.39 20.24 19.75
CA PHE D 441 -28.47 19.39 18.57
C PHE D 441 -29.63 18.41 18.67
N PHE D 442 -29.89 17.91 19.87
CA PHE D 442 -31.05 17.06 20.04
C PHE D 442 -32.30 17.89 19.81
N LEU D 443 -32.33 19.09 20.37
CA LEU D 443 -33.51 19.94 20.22
C LEU D 443 -33.74 20.29 18.76
N SER D 444 -32.67 20.54 18.01
CA SER D 444 -32.81 20.80 16.58
C SER D 444 -33.24 19.55 15.83
N PHE D 445 -32.76 18.38 16.26
CA PHE D 445 -33.17 17.13 15.64
C PHE D 445 -34.64 16.83 15.92
N CYS D 446 -35.07 16.98 17.17
CA CYS D 446 -36.46 16.70 17.52
C CYS D 446 -37.40 17.71 16.87
N PHE D 447 -37.07 18.99 16.92
CA PHE D 447 -37.97 20.00 16.40
C PHE D 447 -38.05 20.01 14.88
N TYR D 448 -37.12 19.36 14.19
CA TYR D 448 -37.21 19.18 12.76
C TYR D 448 -37.78 17.84 12.36
N PHE D 449 -37.57 16.80 13.16
CA PHE D 449 -38.23 15.52 12.93
C PHE D 449 -39.74 15.66 13.08
N PHE D 450 -40.18 16.42 14.09
CA PHE D 450 -41.61 16.61 14.28
C PHE D 450 -42.21 17.49 13.18
N TYR D 451 -41.44 18.47 12.72
CA TYR D 451 -41.90 19.31 11.62
C TYR D 451 -42.02 18.51 10.33
N ASN D 452 -41.09 17.58 10.09
CA ASN D 452 -41.18 16.75 8.91
C ASN D 452 -42.31 15.75 9.02
N ILE D 453 -42.49 15.15 10.20
CA ILE D 453 -43.59 14.20 10.40
C ILE D 453 -44.93 14.89 10.25
N THR D 454 -45.06 16.08 10.82
CA THR D 454 -46.32 16.82 10.68
C THR D 454 -46.58 17.22 9.23
N LEU D 455 -45.52 17.60 8.51
CA LEU D 455 -45.68 17.96 7.10
C LEU D 455 -46.15 16.78 6.27
N THR D 456 -45.64 15.59 6.59
CA THR D 456 -46.07 14.39 5.88
C THR D 456 -47.48 13.98 6.29
N LEU D 457 -47.77 13.99 7.60
CA LEU D 457 -49.02 13.43 8.09
C LEU D 457 -50.23 14.27 7.67
N VAL D 458 -50.17 15.58 7.89
CA VAL D 458 -51.33 16.42 7.61
C VAL D 458 -51.58 16.62 6.13
N SER D 459 -50.68 16.15 5.27
CA SER D 459 -50.84 16.32 3.83
C SER D 459 -50.92 15.02 3.06
N TYR D 460 -50.45 13.90 3.63
CA TYR D 460 -50.79 12.61 3.03
C TYR D 460 -52.27 12.29 3.22
N TYR D 461 -52.86 12.78 4.31
CA TYR D 461 -54.30 12.68 4.53
C TYR D 461 -55.06 13.90 4.03
N ARG D 462 -54.57 14.53 2.96
CA ARG D 462 -55.23 15.73 2.44
C ARG D 462 -56.62 15.38 1.92
N PRO D 463 -57.60 16.26 2.10
CA PRO D 463 -58.96 15.95 1.62
C PRO D 463 -59.03 16.09 0.11
N ARG D 464 -59.43 15.01 -0.56
CA ARG D 464 -59.52 14.99 -2.01
C ARG D 464 -60.74 15.77 -2.49
N LEU D 482 -60.53 18.28 15.02
CA LEU D 482 -59.84 19.43 14.46
C LEU D 482 -58.33 19.31 14.64
N GLN D 483 -57.64 18.96 13.56
CA GLN D 483 -56.19 18.84 13.56
C GLN D 483 -55.51 20.04 12.92
N LEU D 484 -56.23 21.14 12.69
CA LEU D 484 -55.66 22.29 12.02
C LEU D 484 -54.59 22.99 12.85
N LEU D 485 -54.55 22.73 14.16
CA LEU D 485 -53.46 23.27 14.97
C LEU D 485 -52.12 22.67 14.58
N GLY D 486 -52.11 21.41 14.13
CA GLY D 486 -50.89 20.82 13.61
C GLY D 486 -50.45 21.46 12.31
N ARG D 487 -51.40 21.80 11.45
CA ARG D 487 -51.06 22.52 10.22
C ARG D 487 -50.51 23.90 10.54
N MET D 488 -51.00 24.53 11.62
CA MET D 488 -50.47 25.82 12.04
C MET D 488 -49.01 25.71 12.47
N PHE D 489 -48.62 24.57 13.04
CA PHE D 489 -47.23 24.39 13.46
C PHE D 489 -46.29 24.43 12.27
N VAL D 490 -46.68 23.82 11.16
CA VAL D 490 -45.86 23.88 9.96
C VAL D 490 -45.77 25.31 9.45
N LEU D 491 -46.85 26.07 9.60
CA LEU D 491 -46.84 27.46 9.16
C LEU D 491 -45.87 28.30 9.99
N ILE D 492 -45.92 28.15 11.32
CA ILE D 492 -45.06 28.94 12.20
C ILE D 492 -43.63 28.41 12.26
N TRP D 493 -43.36 27.25 11.67
CA TRP D 493 -42.01 26.71 11.65
C TRP D 493 -41.34 26.76 10.28
N ALA D 494 -42.11 26.69 9.20
CA ALA D 494 -41.52 26.93 7.88
C ALA D 494 -41.02 28.36 7.77
N MET D 495 -41.77 29.31 8.35
CA MET D 495 -41.27 30.67 8.43
C MET D 495 -40.08 30.76 9.38
N CYS D 496 -40.08 29.95 10.45
CA CYS D 496 -38.96 29.98 11.39
C CYS D 496 -37.68 29.46 10.76
N ILE D 497 -37.79 28.43 9.91
CA ILE D 497 -36.61 27.92 9.22
C ILE D 497 -36.12 28.94 8.19
N SER D 498 -37.06 29.48 7.40
CA SER D 498 -36.66 30.34 6.28
C SER D 498 -36.15 31.69 6.75
N VAL D 499 -36.57 32.16 7.93
CA VAL D 499 -36.06 33.43 8.44
C VAL D 499 -34.61 33.28 8.88
N LYS D 500 -34.23 32.10 9.38
CA LYS D 500 -32.84 31.85 9.72
C LYS D 500 -32.01 31.56 8.47
N GLU D 501 -32.54 30.72 7.58
CA GLU D 501 -31.85 30.43 6.33
C GLU D 501 -31.76 31.67 5.45
N GLY D 502 -32.82 32.49 5.44
CA GLY D 502 -32.78 33.73 4.67
C GLY D 502 -31.70 34.68 5.15
N ILE D 503 -31.54 34.80 6.47
CA ILE D 503 -30.46 35.63 7.00
C ILE D 503 -29.12 34.92 6.90
N ALA D 504 -29.09 33.59 6.82
CA ALA D 504 -27.84 32.88 6.66
C ALA D 504 -27.31 32.98 5.24
N ILE D 505 -28.21 33.12 4.26
CA ILE D 505 -27.78 33.30 2.88
C ILE D 505 -27.04 34.63 2.72
N PHE D 506 -27.51 35.66 3.42
CA PHE D 506 -26.88 36.97 3.32
C PHE D 506 -25.46 36.95 3.88
N LEU D 507 -25.25 36.23 4.99
CA LEU D 507 -23.89 36.10 5.52
C LEU D 507 -23.03 35.16 4.69
N LEU D 508 -23.62 34.39 3.80
CA LEU D 508 -22.85 33.52 2.92
C LEU D 508 -22.15 34.35 1.84
N ARG D 509 -21.06 33.79 1.32
CA ARG D 509 -20.27 34.44 0.29
C ARG D 509 -19.96 33.45 -0.83
N PRO D 510 -19.77 33.93 -2.06
CA PRO D 510 -19.40 33.02 -3.15
C PRO D 510 -18.06 32.31 -2.95
N SER D 511 -17.18 32.86 -2.11
CA SER D 511 -15.94 32.17 -1.77
C SER D 511 -16.17 30.87 -1.02
N ASP D 512 -17.33 30.71 -0.39
CA ASP D 512 -17.61 29.47 0.32
C ASP D 512 -18.68 28.65 -0.38
N LEU D 513 -19.51 29.30 -1.19
CA LEU D 513 -20.63 28.59 -1.82
C LEU D 513 -20.17 27.38 -2.61
N GLN D 514 -19.08 27.51 -3.35
CA GLN D 514 -18.52 26.41 -4.12
C GLN D 514 -17.14 26.06 -3.53
N SER D 515 -17.12 25.04 -2.68
CA SER D 515 -15.89 24.58 -2.05
C SER D 515 -16.09 23.14 -1.61
N ILE D 516 -15.14 22.62 -0.83
CA ILE D 516 -15.21 21.24 -0.36
C ILE D 516 -15.93 21.19 0.98
N LEU D 517 -15.36 21.85 1.99
CA LEU D 517 -16.00 21.94 3.30
C LEU D 517 -16.88 23.18 3.38
N SER D 518 -17.82 23.26 2.44
CA SER D 518 -18.66 24.44 2.33
C SER D 518 -19.64 24.56 3.49
N ASP D 519 -20.35 23.46 3.80
CA ASP D 519 -21.48 23.47 4.72
C ASP D 519 -22.48 24.54 4.33
N ALA D 520 -22.63 24.75 3.03
CA ALA D 520 -23.56 25.72 2.48
C ALA D 520 -24.65 25.08 1.63
N TRP D 521 -24.40 23.92 1.04
CA TRP D 521 -25.44 23.22 0.30
C TRP D 521 -26.62 22.88 1.19
N PHE D 522 -26.37 22.63 2.48
CA PHE D 522 -27.45 22.42 3.42
C PHE D 522 -28.18 23.71 3.77
N HIS D 523 -27.68 24.86 3.32
CA HIS D 523 -28.37 26.11 3.58
C HIS D 523 -29.37 26.47 2.49
N PHE D 524 -29.17 25.99 1.25
CA PHE D 524 -30.21 26.18 0.25
C PHE D 524 -31.35 25.19 0.46
N VAL D 525 -31.02 23.91 0.64
CA VAL D 525 -32.04 22.86 0.68
C VAL D 525 -32.88 22.96 1.94
N PHE D 526 -32.32 23.49 3.02
CA PHE D 526 -33.16 23.81 4.17
C PHE D 526 -34.04 25.02 3.88
N PHE D 527 -33.51 25.98 3.12
CA PHE D 527 -34.30 27.14 2.73
C PHE D 527 -35.33 26.78 1.67
N ILE D 528 -34.94 25.95 0.71
CA ILE D 528 -35.85 25.58 -0.38
C ILE D 528 -37.03 24.77 0.16
N GLN D 529 -36.75 23.80 1.03
CA GLN D 529 -37.81 23.02 1.64
C GLN D 529 -38.70 23.88 2.53
N ALA D 530 -38.13 24.92 3.15
CA ALA D 530 -38.95 25.82 3.94
C ALA D 530 -39.73 26.79 3.05
N VAL D 531 -39.12 27.28 1.97
CA VAL D 531 -39.81 28.22 1.10
C VAL D 531 -40.84 27.51 0.21
N LEU D 532 -40.71 26.20 0.01
CA LEU D 532 -41.73 25.49 -0.75
C LEU D 532 -43.01 25.30 0.05
N VAL D 533 -42.89 25.18 1.37
CA VAL D 533 -44.08 24.97 2.21
C VAL D 533 -44.92 26.25 2.26
N ILE D 534 -44.27 27.39 2.52
CA ILE D 534 -45.03 28.63 2.63
C ILE D 534 -45.57 29.06 1.27
N LEU D 535 -44.87 28.72 0.19
CA LEU D 535 -45.36 29.04 -1.15
C LEU D 535 -46.59 28.19 -1.49
N SER D 536 -46.58 26.94 -1.06
CA SER D 536 -47.70 26.05 -1.35
C SER D 536 -48.97 26.51 -0.64
N VAL D 537 -48.87 26.79 0.65
CA VAL D 537 -50.04 27.18 1.42
C VAL D 537 -50.57 28.53 0.98
N PHE D 538 -49.72 29.40 0.42
CA PHE D 538 -50.21 30.64 -0.15
C PHE D 538 -51.09 30.39 -1.36
N LEU D 539 -50.85 29.29 -2.07
CA LEU D 539 -51.70 28.86 -3.17
C LEU D 539 -52.78 27.90 -2.73
N TYR D 540 -52.86 27.59 -1.43
CA TYR D 540 -53.90 26.70 -0.95
C TYR D 540 -55.23 27.45 -0.84
N LEU D 541 -55.26 28.45 0.02
CA LEU D 541 -56.47 29.24 0.18
C LEU D 541 -56.76 30.03 -1.09
N PHE D 542 -55.72 30.52 -1.74
CA PHE D 542 -55.92 31.26 -2.99
C PHE D 542 -56.38 30.34 -4.13
N ALA D 543 -56.08 29.04 -4.03
CA ALA D 543 -56.57 28.02 -4.96
C ALA D 543 -56.14 28.29 -6.40
N TYR D 544 -54.81 28.30 -6.60
CA TYR D 544 -54.26 28.24 -7.95
C TYR D 544 -54.16 26.81 -8.47
N LYS D 545 -54.55 25.81 -7.67
CA LYS D 545 -54.47 24.38 -7.94
C LYS D 545 -53.03 23.89 -8.06
N GLU D 546 -52.04 24.76 -7.89
CA GLU D 546 -50.64 24.38 -7.89
C GLU D 546 -50.11 24.16 -6.49
N TYR D 547 -50.98 24.15 -5.48
CA TYR D 547 -50.55 23.99 -4.10
C TYR D 547 -49.93 22.62 -3.84
N LEU D 548 -50.27 21.61 -4.65
CA LEU D 548 -49.64 20.31 -4.54
C LEU D 548 -48.34 20.21 -5.31
N ALA D 549 -48.15 21.04 -6.33
CA ALA D 549 -46.92 21.00 -7.11
C ALA D 549 -45.71 21.47 -6.34
N CYS D 550 -45.93 22.22 -5.25
CA CYS D 550 -44.84 22.69 -4.40
C CYS D 550 -44.80 22.00 -3.05
N LEU D 551 -45.93 21.56 -2.53
CA LEU D 551 -45.95 20.92 -1.21
C LEU D 551 -45.39 19.51 -1.25
N VAL D 552 -45.73 18.72 -2.28
CA VAL D 552 -45.32 17.33 -2.29
C VAL D 552 -43.84 17.19 -2.65
N LEU D 553 -43.25 18.22 -3.25
CA LEU D 553 -41.80 18.24 -3.42
C LEU D 553 -41.07 18.50 -2.12
N ALA D 554 -41.76 19.09 -1.13
CA ALA D 554 -41.14 19.34 0.16
C ALA D 554 -41.02 18.08 0.99
N MET D 555 -41.88 17.09 0.77
CA MET D 555 -41.74 15.83 1.50
C MET D 555 -40.48 15.09 1.08
N ALA D 556 -40.27 14.97 -0.24
CA ALA D 556 -39.09 14.24 -0.73
C ALA D 556 -37.80 14.95 -0.34
N LEU D 557 -37.81 16.29 -0.37
CA LEU D 557 -36.64 17.03 0.07
C LEU D 557 -36.55 17.08 1.58
N GLY D 558 -37.70 17.15 2.27
CA GLY D 558 -37.68 17.24 3.72
C GLY D 558 -37.16 16.00 4.39
N TRP D 559 -37.47 14.82 3.82
CA TRP D 559 -36.94 13.58 4.38
C TRP D 559 -35.50 13.35 3.99
N ALA D 560 -35.08 13.81 2.81
CA ALA D 560 -33.67 13.78 2.47
C ALA D 560 -32.88 14.82 3.25
N ASN D 561 -33.55 15.83 3.80
CA ASN D 561 -32.89 16.77 4.70
C ASN D 561 -32.65 16.17 6.07
N MET D 562 -33.35 15.09 6.40
CA MET D 562 -33.17 14.44 7.69
C MET D 562 -31.79 13.80 7.83
N LEU D 563 -31.07 13.64 6.73
CA LEU D 563 -29.71 13.09 6.78
C LEU D 563 -28.68 14.12 7.19
N TYR D 564 -29.05 15.40 7.25
CA TYR D 564 -28.13 16.40 7.80
C TYR D 564 -27.88 16.15 9.28
N TYR D 565 -28.92 15.77 10.01
CA TYR D 565 -28.84 15.62 11.45
C TYR D 565 -28.23 14.30 11.88
N THR D 566 -27.51 13.62 11.01
CA THR D 566 -26.79 12.41 11.38
C THR D 566 -25.33 12.68 11.72
N ARG D 567 -24.93 13.96 11.73
CA ARG D 567 -23.56 14.31 12.13
C ARG D 567 -23.27 13.98 13.58
N GLY D 568 -24.30 13.77 14.40
CA GLY D 568 -24.12 13.55 15.82
C GLY D 568 -23.70 12.14 16.18
N PHE D 569 -23.40 11.31 15.17
CA PHE D 569 -22.99 9.94 15.40
C PHE D 569 -21.77 9.65 14.53
N GLN D 570 -20.76 9.03 15.12
CA GLN D 570 -19.49 8.80 14.41
C GLN D 570 -19.67 7.81 13.26
N SER D 571 -20.38 6.72 13.50
CA SER D 571 -20.47 5.65 12.49
C SER D 571 -21.22 6.12 11.25
N MET D 572 -22.30 6.87 11.43
CA MET D 572 -23.09 7.30 10.28
C MET D 572 -22.72 8.70 9.81
N GLY D 573 -22.17 9.53 10.69
CA GLY D 573 -21.65 10.82 10.24
C GLY D 573 -20.49 10.69 9.29
N MET D 574 -19.61 9.72 9.52
CA MET D 574 -18.57 9.40 8.55
C MET D 574 -19.17 8.83 7.27
N TYR D 575 -20.30 8.12 7.38
CA TYR D 575 -20.97 7.59 6.20
C TYR D 575 -21.50 8.71 5.31
N SER D 576 -22.12 9.72 5.92
CA SER D 576 -22.66 10.82 5.14
C SER D 576 -21.55 11.70 4.56
N VAL D 577 -20.36 11.66 5.15
CA VAL D 577 -19.22 12.34 4.57
C VAL D 577 -18.80 11.65 3.28
N MET D 578 -18.85 10.32 3.26
CA MET D 578 -18.54 9.56 2.05
C MET D 578 -19.54 9.88 0.94
N ILE D 579 -20.80 10.09 1.30
CA ILE D 579 -21.84 10.32 0.29
C ILE D 579 -21.57 11.61 -0.47
N GLN D 580 -21.24 12.68 0.26
CA GLN D 580 -21.01 13.97 -0.38
C GLN D 580 -19.79 13.94 -1.29
N LYS D 581 -18.73 13.22 -0.89
CA LYS D 581 -17.57 13.10 -1.74
C LYS D 581 -17.86 12.22 -2.95
N VAL D 582 -18.64 11.15 -2.73
CA VAL D 582 -19.04 10.27 -3.84
C VAL D 582 -19.96 11.01 -4.80
N ILE D 583 -20.94 11.74 -4.27
CA ILE D 583 -21.91 12.43 -5.12
C ILE D 583 -21.26 13.53 -5.96
N LEU D 584 -20.08 14.02 -5.57
CA LEU D 584 -19.46 15.13 -6.26
C LEU D 584 -18.38 14.69 -7.24
N HIS D 585 -17.44 13.86 -6.77
CA HIS D 585 -16.29 13.50 -7.60
C HIS D 585 -16.70 12.56 -8.73
N ASP D 586 -17.66 11.68 -8.49
CA ASP D 586 -17.94 10.57 -9.40
C ASP D 586 -19.31 10.63 -10.06
N VAL D 587 -20.37 10.95 -9.31
CA VAL D 587 -21.71 10.83 -9.85
C VAL D 587 -21.98 11.90 -10.91
N LEU D 588 -21.60 13.14 -10.63
CA LEU D 588 -21.79 14.21 -11.62
C LEU D 588 -20.98 13.95 -12.88
N LYS D 589 -19.78 13.40 -12.74
CA LYS D 589 -18.96 13.11 -13.91
C LYS D 589 -19.57 11.97 -14.73
N PHE D 590 -20.20 11.01 -14.05
CA PHE D 590 -20.87 9.94 -14.78
C PHE D 590 -22.14 10.44 -15.48
N LEU D 591 -22.94 11.23 -14.77
CA LEU D 591 -24.19 11.70 -15.37
C LEU D 591 -23.93 12.60 -16.57
N PHE D 592 -22.96 13.51 -16.47
CA PHE D 592 -22.70 14.45 -17.56
C PHE D 592 -22.31 13.73 -18.83
N VAL D 593 -21.48 12.69 -18.72
CA VAL D 593 -21.17 11.85 -19.87
C VAL D 593 -22.42 11.10 -20.33
N TYR D 594 -23.27 10.69 -19.38
CA TYR D 594 -24.42 9.86 -19.70
C TYR D 594 -25.44 10.61 -20.55
N ILE D 595 -25.71 11.88 -20.23
CA ILE D 595 -26.68 12.63 -21.03
C ILE D 595 -26.16 12.86 -22.44
N VAL D 596 -24.84 12.93 -22.62
CA VAL D 596 -24.28 13.04 -23.96
C VAL D 596 -24.57 11.75 -24.74
N PHE D 597 -24.42 10.60 -24.08
CA PHE D 597 -24.76 9.33 -24.73
C PHE D 597 -26.27 9.11 -24.80
N LEU D 598 -27.05 9.86 -24.02
CA LEU D 598 -28.50 9.76 -24.10
C LEU D 598 -29.09 10.73 -25.12
N LEU D 599 -28.47 11.89 -25.31
CA LEU D 599 -28.93 12.82 -26.33
C LEU D 599 -28.60 12.33 -27.72
N GLY D 600 -27.37 11.82 -27.92
CA GLY D 600 -26.98 11.34 -29.23
C GLY D 600 -27.72 10.09 -29.65
N PHE D 601 -27.85 9.13 -28.74
CA PHE D 601 -28.54 7.88 -29.05
C PHE D 601 -30.05 8.03 -29.04
N GLY D 602 -30.58 8.98 -28.27
CA GLY D 602 -32.01 9.23 -28.34
C GLY D 602 -32.44 9.79 -29.67
N VAL D 603 -31.66 10.72 -30.23
CA VAL D 603 -31.98 11.29 -31.53
C VAL D 603 -31.71 10.29 -32.63
N ALA D 604 -30.61 9.54 -32.53
CA ALA D 604 -30.25 8.58 -33.56
C ALA D 604 -31.27 7.45 -33.66
N LEU D 605 -31.79 7.00 -32.53
CA LEU D 605 -32.78 5.91 -32.55
C LEU D 605 -34.13 6.41 -33.02
N ALA D 606 -34.55 7.60 -32.58
CA ALA D 606 -35.85 8.13 -32.95
C ALA D 606 -35.91 8.59 -34.40
N SER D 607 -34.76 8.92 -35.00
CA SER D 607 -34.76 9.41 -36.37
C SER D 607 -35.07 8.30 -37.37
N LEU D 608 -34.70 7.06 -37.06
CA LEU D 608 -34.86 5.96 -38.00
C LEU D 608 -36.29 5.47 -38.12
N ILE D 609 -37.17 5.86 -37.20
CA ILE D 609 -38.50 5.26 -37.08
C ILE D 609 -39.49 6.10 -37.87
N GLU D 610 -40.13 5.48 -38.86
CA GLU D 610 -41.21 6.12 -39.56
C GLU D 610 -42.51 5.98 -38.77
N LYS D 611 -43.56 6.64 -39.26
CA LYS D 611 -44.85 6.55 -38.59
C LYS D 611 -45.59 5.31 -39.07
N CYS D 612 -45.93 4.44 -38.14
CA CYS D 612 -46.64 3.21 -38.47
C CYS D 612 -47.99 3.55 -39.10
N PRO D 613 -48.44 2.79 -40.09
CA PRO D 613 -49.74 3.07 -40.72
C PRO D 613 -50.92 2.93 -39.77
N LYS D 614 -52.13 3.19 -40.29
CA LYS D 614 -53.41 3.15 -39.60
C LYS D 614 -53.56 4.27 -38.58
N ASP D 615 -52.59 5.19 -38.48
CA ASP D 615 -52.64 6.33 -37.57
C ASP D 615 -52.85 5.90 -36.12
N ASN D 616 -52.23 4.78 -35.75
CA ASN D 616 -52.31 4.26 -34.39
C ASN D 616 -51.02 4.59 -33.64
N LYS D 617 -51.08 4.44 -32.32
CA LYS D 617 -49.92 4.70 -31.47
C LYS D 617 -48.97 3.51 -31.38
N ASP D 618 -49.25 2.42 -32.07
CA ASP D 618 -48.34 1.29 -32.10
C ASP D 618 -47.09 1.63 -32.91
N CYS D 619 -46.15 0.69 -32.95
CA CYS D 619 -44.90 0.79 -33.68
C CYS D 619 -44.01 1.94 -33.22
N SER D 620 -44.38 2.63 -32.15
CA SER D 620 -43.77 3.89 -31.77
C SER D 620 -43.29 3.86 -30.34
N SER D 621 -42.56 2.81 -29.98
CA SER D 621 -41.82 2.83 -28.72
C SER D 621 -40.74 3.91 -28.77
N TYR D 622 -40.09 4.06 -29.92
CA TYR D 622 -39.19 5.17 -30.20
C TYR D 622 -39.84 5.99 -31.30
N GLY D 623 -40.77 6.86 -30.91
CA GLY D 623 -41.49 7.66 -31.88
C GLY D 623 -41.11 9.12 -31.83
N SER D 624 -40.89 9.63 -30.63
CA SER D 624 -40.45 11.00 -30.43
C SER D 624 -39.14 10.98 -29.65
N PHE D 625 -38.55 12.18 -29.48
CA PHE D 625 -37.32 12.28 -28.71
C PHE D 625 -37.56 11.89 -27.25
N SER D 626 -38.65 12.37 -26.67
CA SER D 626 -38.93 12.04 -25.28
C SER D 626 -39.29 10.58 -25.11
N ASP D 627 -39.95 9.98 -26.12
CA ASP D 627 -40.29 8.57 -26.04
C ASP D 627 -39.05 7.69 -26.20
N ALA D 628 -38.13 8.09 -27.08
CA ALA D 628 -36.94 7.28 -27.31
C ALA D 628 -35.94 7.42 -26.17
N VAL D 629 -35.82 8.63 -25.61
CA VAL D 629 -34.90 8.84 -24.50
C VAL D 629 -35.38 8.07 -23.26
N LEU D 630 -36.69 8.05 -23.03
CA LEU D 630 -37.23 7.30 -21.90
C LEU D 630 -36.96 5.81 -22.06
N GLU D 631 -37.14 5.27 -23.26
CA GLU D 631 -36.90 3.85 -23.48
C GLU D 631 -35.42 3.51 -23.36
N LEU D 632 -34.54 4.47 -23.64
CA LEU D 632 -33.12 4.23 -23.45
C LEU D 632 -32.77 4.26 -21.97
N PHE D 633 -33.40 5.14 -21.20
CA PHE D 633 -33.14 5.19 -19.77
C PHE D 633 -33.61 3.92 -19.07
N LYS D 634 -34.77 3.40 -19.49
CA LYS D 634 -35.25 2.13 -18.93
C LYS D 634 -34.34 0.97 -19.32
N LEU D 635 -33.62 1.10 -20.44
CA LEU D 635 -32.65 0.08 -20.80
C LEU D 635 -31.46 0.05 -19.86
N THR D 636 -31.10 1.21 -19.31
CA THR D 636 -29.94 1.29 -18.42
C THR D 636 -30.22 0.63 -17.08
N ILE D 637 -31.36 0.92 -16.48
CA ILE D 637 -31.70 0.33 -15.19
C ILE D 637 -32.02 -1.16 -15.35
N GLY D 638 -32.75 -1.51 -16.39
CA GLY D 638 -33.08 -2.90 -16.63
C GLY D 638 -34.57 -3.20 -16.59
N LEU D 639 -35.38 -2.26 -17.05
CA LEU D 639 -36.83 -2.39 -17.04
C LEU D 639 -37.35 -2.34 -18.47
N GLY D 640 -38.25 -3.26 -18.81
CA GLY D 640 -38.92 -3.25 -20.08
C GLY D 640 -38.55 -4.46 -20.92
N ASP D 641 -39.01 -4.45 -22.17
CA ASP D 641 -38.74 -5.51 -23.12
C ASP D 641 -37.95 -4.95 -24.28
N LEU D 642 -36.87 -5.63 -24.65
CA LEU D 642 -35.99 -5.18 -25.73
C LEU D 642 -36.50 -5.74 -27.04
N ASN D 643 -37.48 -5.05 -27.62
CA ASN D 643 -38.01 -5.44 -28.92
C ASN D 643 -37.02 -5.07 -30.01
N ILE D 644 -36.91 -5.94 -31.03
CA ILE D 644 -35.98 -5.74 -32.13
C ILE D 644 -36.69 -5.44 -33.43
N GLN D 645 -38.02 -5.52 -33.47
CA GLN D 645 -38.77 -5.23 -34.68
C GLN D 645 -39.62 -3.98 -34.48
N GLN D 646 -39.03 -2.92 -33.95
CA GLN D 646 -39.77 -1.72 -33.59
C GLN D 646 -39.97 -0.79 -34.78
N ASN D 647 -40.40 -1.35 -35.91
CA ASN D 647 -40.78 -0.60 -37.11
C ASN D 647 -39.69 0.36 -37.56
N SER D 648 -38.46 -0.14 -37.60
CA SER D 648 -37.33 0.62 -38.12
C SER D 648 -37.20 0.35 -39.61
N LYS D 649 -36.98 1.42 -40.38
CA LYS D 649 -36.80 1.26 -41.81
C LYS D 649 -35.44 0.66 -42.16
N TYR D 650 -34.53 0.59 -41.19
CA TYR D 650 -33.37 -0.30 -41.26
C TYR D 650 -33.36 -1.17 -40.00
N PRO D 651 -33.90 -2.38 -40.06
CA PRO D 651 -33.89 -3.25 -38.87
C PRO D 651 -32.49 -3.60 -38.40
N ILE D 652 -31.54 -3.72 -39.32
CA ILE D 652 -30.16 -4.05 -38.92
C ILE D 652 -29.51 -2.87 -38.20
N LEU D 653 -29.71 -1.66 -38.73
CA LEU D 653 -29.04 -0.50 -38.15
C LEU D 653 -29.62 -0.11 -36.79
N PHE D 654 -30.92 -0.31 -36.59
CA PHE D 654 -31.51 -0.02 -35.29
C PHE D 654 -30.93 -0.92 -34.23
N LEU D 655 -30.69 -2.19 -34.55
CA LEU D 655 -30.13 -3.11 -33.58
C LEU D 655 -28.66 -2.82 -33.32
N PHE D 656 -27.94 -2.41 -34.36
CA PHE D 656 -26.53 -2.08 -34.19
C PHE D 656 -26.37 -0.87 -33.27
N LEU D 657 -27.30 0.09 -33.36
CA LEU D 657 -27.29 1.23 -32.46
C LEU D 657 -27.88 0.91 -31.10
N LEU D 658 -28.49 -0.26 -30.93
CA LEU D 658 -29.06 -0.67 -29.65
C LEU D 658 -28.12 -1.55 -28.85
N ILE D 659 -27.38 -2.43 -29.51
CA ILE D 659 -26.46 -3.35 -28.83
C ILE D 659 -25.10 -2.67 -28.69
N THR D 660 -25.03 -1.39 -29.04
CA THR D 660 -23.85 -0.58 -28.78
C THR D 660 -24.11 0.54 -27.78
N TYR D 661 -25.36 0.82 -27.45
CA TYR D 661 -25.64 1.76 -26.38
C TYR D 661 -25.44 1.11 -25.01
N VAL D 662 -25.79 -0.16 -24.88
CA VAL D 662 -25.67 -0.86 -23.60
C VAL D 662 -24.25 -1.28 -23.28
N ILE D 663 -23.34 -1.27 -24.28
CA ILE D 663 -21.94 -1.53 -24.00
C ILE D 663 -21.19 -0.25 -23.66
N LEU D 664 -21.81 0.91 -23.83
CA LEU D 664 -21.20 2.17 -23.42
C LEU D 664 -21.64 2.61 -22.04
N THR D 665 -22.79 2.12 -21.58
CA THR D 665 -23.32 2.48 -20.27
C THR D 665 -23.28 1.30 -19.29
N PHE D 666 -23.90 0.18 -19.66
CA PHE D 666 -23.99 -0.95 -18.74
C PHE D 666 -22.65 -1.68 -18.62
N VAL D 667 -21.83 -1.65 -19.67
CA VAL D 667 -20.56 -2.36 -19.66
C VAL D 667 -19.38 -1.42 -19.48
N LEU D 668 -19.46 -0.22 -20.04
CA LEU D 668 -18.35 0.73 -19.97
C LEU D 668 -18.49 1.73 -18.83
N LEU D 669 -19.71 2.10 -18.48
CA LEU D 669 -19.92 3.19 -17.53
C LEU D 669 -20.42 2.73 -16.17
N LEU D 670 -21.50 1.94 -16.15
CA LEU D 670 -22.09 1.54 -14.88
C LEU D 670 -21.15 0.65 -14.07
N ASN D 671 -20.49 -0.30 -14.72
CA ASN D 671 -19.50 -1.12 -14.01
C ASN D 671 -18.35 -0.23 -13.60
N MET D 672 -17.86 0.62 -14.51
CA MET D 672 -16.78 1.52 -14.17
C MET D 672 -17.15 2.62 -13.18
N LEU D 673 -18.44 2.98 -13.09
CA LEU D 673 -18.90 3.84 -12.01
C LEU D 673 -18.58 3.24 -10.65
N ILE D 674 -18.85 1.95 -10.48
CA ILE D 674 -18.46 1.25 -9.26
C ILE D 674 -16.94 1.33 -9.10
N ALA D 675 -16.22 1.27 -10.23
CA ALA D 675 -14.77 1.38 -10.19
C ALA D 675 -14.26 2.77 -9.84
N LEU D 676 -14.95 3.83 -10.29
CA LEU D 676 -14.54 5.18 -9.95
C LEU D 676 -14.56 5.40 -8.45
N MET D 677 -15.62 4.97 -7.78
CA MET D 677 -15.75 5.20 -6.34
C MET D 677 -14.85 4.42 -5.40
N GLY D 678 -14.16 3.43 -5.95
CA GLY D 678 -13.12 2.73 -5.23
C GLY D 678 -11.82 3.43 -4.93
N GLU D 679 -11.43 4.31 -5.85
CA GLU D 679 -10.37 5.27 -5.57
C GLU D 679 -10.86 6.29 -4.57
N THR D 680 -12.17 6.58 -4.58
CA THR D 680 -12.75 7.55 -3.65
C THR D 680 -12.84 7.05 -2.22
N VAL D 681 -13.27 5.79 -2.01
CA VAL D 681 -13.42 5.25 -0.67
C VAL D 681 -12.17 4.60 -0.09
N GLU D 682 -11.04 4.66 -0.79
CA GLU D 682 -9.79 4.13 -0.30
C GLU D 682 -8.81 5.22 0.11
N ASN D 683 -8.82 6.35 -0.61
CA ASN D 683 -7.97 7.50 -0.28
C ASN D 683 -8.60 8.33 0.82
N VAL D 684 -9.92 8.29 0.98
CA VAL D 684 -10.62 9.19 1.89
C VAL D 684 -10.87 8.52 3.24
N SER D 685 -11.21 7.23 3.22
CA SER D 685 -11.50 6.51 4.46
C SER D 685 -10.52 6.72 5.60
N LYS D 686 -9.27 7.04 5.30
CA LYS D 686 -8.31 7.43 6.33
C LYS D 686 -8.41 8.90 6.70
N GLU D 687 -9.29 9.65 6.05
CA GLU D 687 -9.53 11.05 6.36
C GLU D 687 -11.01 11.32 6.62
N SER D 688 -11.88 10.32 6.42
CA SER D 688 -13.31 10.53 6.62
C SER D 688 -13.64 10.85 8.06
N GLU D 689 -12.95 10.19 9.01
CA GLU D 689 -13.15 10.53 10.42
C GLU D 689 -12.57 11.88 10.77
N ARG D 690 -11.71 12.43 9.92
CA ARG D 690 -11.12 13.74 10.18
C ARG D 690 -12.03 14.86 9.69
N ILE D 691 -12.67 14.68 8.53
CA ILE D 691 -13.55 15.72 8.00
C ILE D 691 -14.83 15.82 8.82
N TRP D 692 -15.28 14.69 9.40
CA TRP D 692 -16.50 14.72 10.19
C TRP D 692 -16.36 15.59 11.42
N ARG D 693 -15.20 15.56 12.07
CA ARG D 693 -14.99 16.38 13.25
C ARG D 693 -15.05 17.86 12.92
N LEU D 694 -14.50 18.25 11.77
CA LEU D 694 -14.56 19.65 11.36
C LEU D 694 -15.99 20.08 11.06
N GLN D 695 -16.82 19.17 10.57
CA GLN D 695 -18.24 19.46 10.40
C GLN D 695 -18.89 19.75 11.75
N ARG D 696 -18.62 18.89 12.73
CA ARG D 696 -19.22 19.06 14.05
C ARG D 696 -18.65 20.28 14.76
N ALA D 697 -17.34 20.51 14.63
CA ALA D 697 -16.72 21.66 15.27
C ALA D 697 -17.23 22.98 14.70
N ARG D 698 -17.71 22.98 13.45
CA ARG D 698 -18.31 24.19 12.90
C ARG D 698 -19.69 24.43 13.48
N THR D 699 -20.49 23.37 13.64
CA THR D 699 -21.82 23.52 14.23
C THR D 699 -21.76 23.82 15.72
N ILE D 700 -20.62 23.55 16.36
CA ILE D 700 -20.48 23.85 17.78
C ILE D 700 -20.52 25.36 18.00
N LEU D 701 -19.83 26.13 17.16
CA LEU D 701 -19.89 27.58 17.25
C LEU D 701 -20.99 28.19 16.40
N GLU D 702 -21.47 27.48 15.38
CA GLU D 702 -22.67 27.93 14.68
C GLU D 702 -23.86 27.93 15.64
N PHE D 703 -23.90 26.96 16.54
CA PHE D 703 -24.91 26.97 17.60
C PHE D 703 -24.63 28.05 18.64
N GLU D 704 -23.35 28.36 18.87
CA GLU D 704 -23.00 29.30 19.93
C GLU D 704 -23.41 30.72 19.59
N LYS D 705 -23.31 31.10 18.31
CA LYS D 705 -23.68 32.44 17.91
C LYS D 705 -25.18 32.69 18.01
N MET D 706 -25.98 31.61 18.04
CA MET D 706 -27.43 31.78 18.17
C MET D 706 -27.85 32.14 19.57
N LEU D 707 -27.03 31.84 20.57
CA LEU D 707 -27.37 32.20 21.94
C LEU D 707 -27.36 33.71 22.12
N PRO D 708 -28.33 34.27 22.83
CA PRO D 708 -28.30 35.70 23.13
C PRO D 708 -27.18 36.05 24.08
N GLU D 709 -26.94 37.35 24.22
CA GLU D 709 -25.82 37.83 25.02
C GLU D 709 -25.96 37.44 26.49
N TRP D 710 -27.18 37.52 27.02
CA TRP D 710 -27.39 37.10 28.40
C TRP D 710 -27.20 35.60 28.57
N LEU D 711 -27.48 34.82 27.51
CA LEU D 711 -27.31 33.37 27.59
C LEU D 711 -25.83 32.99 27.57
N ARG D 712 -25.00 33.78 26.90
CA ARG D 712 -23.55 33.53 26.87
C ARG D 712 -22.86 34.14 28.08
N SER D 713 -23.44 33.91 29.26
CA SER D 713 -22.83 34.29 30.52
C SER D 713 -22.08 33.15 31.17
N ARG D 714 -22.06 31.99 30.53
CA ARG D 714 -21.37 30.81 31.03
C ARG D 714 -20.07 30.63 30.23
N PHE D 715 -18.95 30.89 30.89
CA PHE D 715 -17.63 30.81 30.28
C PHE D 715 -16.73 29.92 31.13
N ARG D 716 -15.46 29.84 30.74
CA ARG D 716 -14.52 28.88 31.31
C ARG D 716 -14.18 29.16 32.77
N MET D 717 -13.42 30.21 33.03
CA MET D 717 -12.97 30.51 34.39
C MET D 717 -12.54 31.97 34.43
N GLY D 718 -12.37 32.49 35.63
CA GLY D 718 -12.16 33.91 35.84
C GLY D 718 -10.78 34.43 35.49
N GLU D 719 -10.32 35.41 36.26
CA GLU D 719 -9.04 36.07 36.01
C GLU D 719 -8.04 35.61 37.05
N LEU D 720 -6.93 35.03 36.59
CA LEU D 720 -5.94 34.44 37.48
C LEU D 720 -4.60 34.41 36.73
N CYS D 721 -3.68 33.58 37.22
CA CYS D 721 -2.40 33.19 36.64
C CYS D 721 -1.32 34.26 36.79
N LYS D 722 -1.64 35.49 37.16
CA LYS D 722 -0.64 36.55 37.27
C LYS D 722 -1.30 37.78 37.88
N VAL D 723 -0.52 38.52 38.65
CA VAL D 723 -0.95 39.85 39.08
C VAL D 723 -1.06 40.76 37.87
N ALA D 724 0.05 40.95 37.17
CA ALA D 724 0.12 41.62 35.87
C ALA D 724 -0.56 42.99 35.86
N GLU D 725 -1.26 43.32 34.78
CA GLU D 725 -2.00 44.57 34.68
C GLU D 725 -3.37 44.39 35.34
N ASP D 726 -3.33 44.21 36.66
CA ASP D 726 -4.53 44.01 37.48
C ASP D 726 -5.31 42.77 37.04
N ASP D 727 -4.58 41.78 36.50
CA ASP D 727 -5.11 40.46 36.18
C ASP D 727 -6.25 40.52 35.17
N PHE D 728 -5.94 40.94 33.94
CA PHE D 728 -6.84 40.75 32.81
C PHE D 728 -6.36 39.57 31.98
N ARG D 729 -6.36 38.40 32.61
CA ARG D 729 -5.93 37.16 31.96
C ARG D 729 -7.04 36.13 32.14
N LEU D 730 -7.82 35.92 31.09
CA LEU D 730 -8.88 34.91 31.10
C LEU D 730 -8.25 33.55 30.89
N CYS D 731 -7.94 32.86 31.97
CA CYS D 731 -7.20 31.62 31.92
C CYS D 731 -8.15 30.43 31.77
N LEU D 732 -7.57 29.23 31.75
CA LEU D 732 -8.33 27.99 31.64
C LEU D 732 -7.45 26.85 32.12
N ARG D 733 -7.95 26.07 33.06
CA ARG D 733 -7.21 24.95 33.64
C ARG D 733 -7.67 23.66 33.01
N ILE D 734 -6.79 23.00 32.27
CA ILE D 734 -7.06 21.70 31.69
C ILE D 734 -5.94 20.74 32.07
N ASN D 735 -6.30 19.67 32.77
CA ASN D 735 -5.33 18.69 33.21
C ASN D 735 -5.02 17.72 32.07
N GLU D 736 -3.73 17.45 31.88
CA GLU D 736 -3.26 16.62 30.77
C GLU D 736 -2.61 15.38 31.35
N VAL D 737 -3.28 14.25 31.22
CA VAL D 737 -2.74 12.96 31.64
C VAL D 737 -2.15 12.29 30.40
N LYS D 738 -0.84 12.42 30.23
CA LYS D 738 -0.14 11.88 29.07
C LYS D 738 0.67 10.68 29.48
N TRP D 739 0.27 9.50 29.01
CA TRP D 739 0.91 8.25 29.40
C TRP D 739 1.99 7.79 28.44
N THR D 740 1.88 8.13 27.15
CA THR D 740 2.87 7.66 26.18
C THR D 740 4.18 8.41 26.33
N GLU D 741 4.13 9.73 26.49
CA GLU D 741 5.36 10.51 26.60
C GLU D 741 6.04 10.28 27.95
N TRP D 742 5.26 10.20 29.03
CA TRP D 742 5.83 9.98 30.35
C TRP D 742 6.50 8.61 30.44
N LYS D 743 5.89 7.60 29.85
CA LYS D 743 6.49 6.27 29.85
C LYS D 743 7.80 6.26 29.08
N THR D 744 7.86 6.98 27.96
CA THR D 744 9.11 7.08 27.22
C THR D 744 10.12 7.96 27.94
N HIS D 745 9.66 8.99 28.64
CA HIS D 745 10.57 9.90 29.33
C HIS D 745 11.33 9.18 30.43
N VAL D 746 10.64 8.38 31.25
CA VAL D 746 11.32 7.64 32.30
C VAL D 746 12.16 6.50 31.75
N SER D 747 11.89 6.04 30.53
CA SER D 747 12.65 4.95 29.94
C SER D 747 14.10 5.30 29.67
N PHE D 748 14.45 6.59 29.65
CA PHE D 748 15.84 7.01 29.56
C PHE D 748 16.37 7.47 30.91
N POV E . -36.08 -9.26 -40.53
P POV E . -33.33 -12.15 -37.58
C1 POV E . -30.99 -10.93 -37.75
C2 POV E . -29.95 -10.21 -36.89
C3 POV E . -28.54 -10.34 -37.41
C210 POV E . -23.25 -9.05 -27.96
C310 POV E . -19.68 -5.73 -30.89
C11 POV E . -35.38 -11.03 -38.78
O11 POV E . -32.07 -11.35 -36.94
C211 POV E . -21.98 -8.27 -27.81
C12 POV E . -35.27 -10.48 -40.18
O12 POV E . -34.21 -10.81 -38.02
C212 POV E . -21.79 -7.82 -26.36
C13 POV E . -37.54 -9.56 -40.57
O13 POV E . -32.83 -12.82 -38.82
C213 POV E . -22.94 -6.96 -25.85
C14 POV E . -35.66 -8.82 -41.89
O14 POV E . -34.08 -12.91 -36.54
C214 POV E . -22.81 -6.58 -24.38
C15 POV E . -35.84 -8.13 -39.59
C215 POV E . -23.00 -7.75 -23.42
C216 POV E . -23.17 -7.30 -21.98
C21 POV E . -30.62 -10.09 -34.59
O21 POV E . -29.93 -10.70 -35.55
C22 POV E . -30.45 -10.80 -33.28
O22 POV E . -31.30 -9.11 -34.78
C23 POV E . -29.05 -11.32 -33.03
C24 POV E . -28.10 -10.17 -32.71
C25 POV E . -28.49 -9.45 -31.43
C26 POV E . -27.66 -9.91 -30.23
C27 POV E . -26.38 -9.12 -30.06
C28 POV E . -25.42 -9.75 -29.06
C29 POV E . -24.16 -8.96 -28.93
C31 POV E . -27.13 -8.57 -36.75
O31 POV E . -27.66 -9.76 -36.47
C32 POV E . -26.20 -8.12 -35.66
O32 POV E . -27.37 -7.97 -37.76
C33 POV E . -25.87 -6.64 -35.67
C34 POV E . -24.54 -6.36 -35.00
C35 POV E . -24.51 -6.65 -33.51
C36 POV E . -24.41 -5.39 -32.67
C37 POV E . -23.03 -4.75 -32.67
C38 POV E . -21.98 -5.61 -31.97
C39 POV E . -20.73 -4.84 -31.55
N POV F . -8.14 16.11 -34.38
P POV F . -9.12 20.36 -35.03
C1 POV F . -10.59 22.31 -36.04
C2 POV F . -9.59 23.38 -36.48
C3 POV F . -9.20 24.32 -35.36
C210 POV F . -6.01 24.79 -47.56
C11 POV F . -9.68 18.12 -33.78
O11 POV F . -10.01 21.04 -36.21
C211 POV F . -4.72 25.25 -48.17
C12 POV F . -9.53 16.66 -34.13
O12 POV F . -9.95 18.94 -34.91
C13 POV F . -7.53 16.70 -35.61
O13 POV F . -7.77 20.06 -35.61
C14 POV F . -7.29 16.50 -33.23
O14 POV F . -9.25 21.11 -33.74
C15 POV F . -8.14 14.64 -34.47
C21 POV F . -9.91 23.83 -38.81
O21 POV F . -10.10 24.19 -37.53
C22 POV F . -9.99 25.02 -39.72
O22 POV F . -9.72 22.70 -39.16
C23 POV F . -9.07 24.94 -40.93
C24 POV F . -9.48 25.94 -42.00
C25 POV F . -8.29 26.57 -42.73
C26 POV F . -7.48 25.57 -43.53
C27 POV F . -6.24 26.18 -44.18
C28 POV F . -5.50 25.20 -45.11
C29 POV F . -6.34 24.78 -46.27
C31 POV F . -9.36 26.66 -35.56
O31 POV F . -8.75 25.54 -35.92
C32 POV F . -8.58 27.87 -36.00
O32 POV F . -10.40 26.68 -34.96
C33 POV F . -8.47 28.04 -37.51
N POV G . -9.96 24.19 -14.36
P POV G . -7.63 25.89 -18.16
C1 POV G . -10.05 26.13 -19.18
C2 POV G . -10.33 26.99 -20.43
C3 POV G . -11.01 28.31 -20.11
C310 POV G . -9.17 36.63 -27.98
C11 POV G . -7.88 24.88 -15.75
O11 POV G . -8.76 25.59 -19.29
C311 POV G . -8.31 37.44 -28.94
C12 POV G . -9.20 25.26 -15.11
O12 POV G . -7.99 24.65 -17.13
C13 POV G . -10.01 22.92 -15.12
O13 POV G . -6.30 25.61 -18.79
C14 POV G . -11.35 24.68 -14.18
O14 POV G . -7.88 27.19 -17.47
C15 POV G . -9.38 23.94 -13.01
C21 POV G . -10.65 25.79 -22.45
O21 POV G . -11.17 26.32 -21.36
C22 POV G . -11.18 26.45 -23.69
O22 POV G . -9.84 24.89 -22.43
C23 POV G . -12.64 26.12 -23.96
C24 POV G . -12.84 24.62 -24.13
C25 POV G . -14.09 24.12 -23.42
C26 POV G . -14.32 22.62 -23.62
C27 POV G . -15.51 22.08 -22.85
C31 POV G . -11.05 30.20 -21.54
O31 POV G . -11.37 28.93 -21.34
C32 POV G . -11.36 30.61 -22.95
O32 POV G . -10.57 30.90 -20.68
C33 POV G . -10.76 31.94 -23.36
C34 POV G . -11.46 32.48 -24.61
C35 POV G . -10.97 31.90 -25.92
C36 POV G . -11.79 32.36 -27.11
C37 POV G . -11.01 33.18 -28.13
C38 POV G . -10.53 34.52 -27.59
C39 POV G . -9.73 35.34 -28.58
C02 A1EBM H . -16.15 5.97 -27.04
C03 A1EBM H . -15.04 6.29 -26.04
C04 A1EBM H . -11.42 6.14 -27.43
C05 A1EBM H . -12.77 6.65 -26.91
C06 A1EBM H . -13.69 5.79 -26.56
C07 A1EBM H . -17.48 5.94 -26.30
C08 A1EBM H . -16.19 7.06 -28.12
C09 A1EBM H . -10.88 5.04 -26.51
C10 A1EBM H . -10.40 7.28 -27.47
C11 A1EBM H . -13.03 8.15 -26.81
O01 A1EBM H . -12.90 8.72 -25.78
C02 A1EBM I . -21.71 -27.61 -20.55
C03 A1EBM I . -20.55 -26.63 -20.68
C04 A1EBM I . -18.37 -25.42 -17.71
C05 A1EBM I . -19.06 -25.50 -19.07
C06 A1EBM I . -19.85 -26.51 -19.33
C07 A1EBM I . -21.23 -28.90 -19.88
C08 A1EBM I . -22.79 -26.96 -19.69
C09 A1EBM I . -16.96 -25.98 -17.82
C10 A1EBM I . -18.29 -23.97 -17.26
C11 A1EBM I . -18.82 -24.41 -20.12
O01 A1EBM I . -19.66 -23.60 -20.35
N POV J . -12.87 15.29 -4.33
P POV J . -14.09 17.55 -8.71
C1 POV J . -16.46 18.62 -9.16
C2 POV J . -16.43 19.23 -10.57
C3 POV J . -16.32 18.20 -11.66
C210 POV J . -24.66 20.99 -9.53
C11 POV J . -13.18 16.93 -6.33
O11 POV J . -15.65 17.46 -9.15
C12 POV J . -12.61 15.64 -5.78
O12 POV J . -14.21 16.72 -7.28
C13 POV J . -12.25 16.30 -3.43
O13 POV J . -13.31 16.72 -9.68
C14 POV J . -14.35 15.32 -4.12
O14 POV J . -13.68 18.95 -8.40
C15 POV J . -12.38 13.94 -3.98
C21 POV J . -15.53 21.43 -10.74
O21 POV J . -15.33 20.12 -10.73
C22 POV J . -16.27 21.87 -11.97
O22 POV J . -15.14 22.17 -9.86
C23 POV J . -17.11 23.12 -11.79
C24 POV J . -18.37 22.83 -10.98
C25 POV J . -19.38 21.98 -11.75
C26 POV J . -20.49 21.44 -10.87
C27 POV J . -21.64 20.83 -11.66
C28 POV J . -22.65 20.08 -10.79
C29 POV J . -23.37 20.99 -9.84
C31 POV J . -17.97 18.10 -13.35
O31 POV J . -17.64 17.88 -12.08
C32 POV J . -19.46 18.19 -13.50
O32 POV J . -17.16 18.21 -14.24
C33 POV J . -19.93 18.53 -14.90
C34 POV J . -21.40 18.91 -14.90
C35 POV J . -22.30 17.88 -14.24
C36 POV J . -23.70 17.84 -14.86
C37 POV J . -24.55 16.67 -14.40
C38 POV J . -25.84 16.54 -15.19
N POV K . -2.97 -0.76 -20.23
P POV K . -3.52 -4.66 -23.41
C1 POV K . -4.96 -4.51 -25.62
C2 POV K . -4.86 -5.87 -26.33
C3 POV K . -5.53 -6.99 -25.58
C210 POV K . -10.45 -2.88 -31.97
C11 POV K . -2.70 -2.58 -22.05
O11 POV K . -4.92 -4.73 -24.23
C12 POV K . -2.83 -2.21 -20.59
O12 POV K . -3.82 -3.27 -22.56
C13 POV K . -1.75 0.02 -20.60
O13 POV K . -3.52 -5.81 -22.46
C14 POV K . -4.13 -0.21 -20.98
O14 POV K . -2.37 -4.42 -24.34
C15 POV K . -3.23 -0.57 -18.77
C21 POV K . -2.94 -6.18 -27.72
O21 POV K . -3.49 -6.25 -26.52
C22 POV K . -3.55 -7.19 -28.67
O22 POV K . -2.07 -5.40 -28.01
C23 POV K . -3.52 -6.78 -30.13
C24 POV K . -4.57 -5.71 -30.42
C25 POV K . -5.99 -6.25 -30.38
C26 POV K . -7.04 -5.15 -30.35
C27 POV K . -8.46 -5.67 -30.57
C28 POV K . -9.53 -4.61 -30.34
C29 POV K . -9.44 -3.48 -31.33
C31 POV K . -7.24 -8.25 -26.61
O31 POV K . -6.86 -7.10 -26.06
C32 POV K . -8.44 -8.04 -27.49
O32 POV K . -6.68 -9.29 -26.43
C33 POV K . -8.88 -9.28 -28.24
C34 POV K . -9.89 -8.93 -29.33
C35 POV K . -11.07 -8.11 -28.84
C36 POV K . -12.35 -8.38 -29.63
C37 POV K . -13.60 -7.77 -29.03
C38 POV K . -14.87 -8.24 -29.71
N POV L . -41.89 -31.24 -17.34
P POV L . -40.68 -29.10 -13.04
C1 POV L . -38.14 -29.77 -12.85
C2 POV L . -36.73 -29.15 -12.77
C3 POV L . -35.75 -30.00 -12.01
C210 POV L . -29.01 -22.00 -8.87
C310 POV L . -24.81 -25.58 -10.23
C11 POV L . -41.97 -29.75 -15.22
O11 POV L . -39.10 -28.74 -12.94
C211 POV L . -27.51 -22.13 -8.84
C12 POV L . -41.83 -31.12 -15.83
O12 POV L . -40.76 -29.28 -14.67
C212 POV L . -26.84 -20.76 -8.90
C13 POV L . -43.26 -30.94 -17.85
O13 POV L . -40.86 -30.44 -12.39
C213 POV L . -27.23 -19.97 -10.14
C14 POV L . -41.55 -32.64 -17.68
O14 POV L . -41.53 -27.93 -12.62
C214 POV L . -26.66 -18.55 -10.17
C15 POV L . -40.90 -30.34 -18.01
C215 POV L . -27.27 -17.62 -9.13
C216 POV L . -26.91 -16.16 -9.39
C21 POV L . -36.81 -26.76 -12.87
O21 POV L . -36.75 -27.87 -12.14
C22 POV L . -36.82 -25.54 -11.99
O22 POV L . -36.86 -26.75 -14.08
C23 POV L . -35.90 -25.64 -10.78
C24 POV L . -34.45 -25.53 -11.20
C25 POV L . -34.14 -24.17 -11.80
C26 POV L . -33.50 -23.21 -10.82
C27 POV L . -31.98 -23.33 -10.78
C28 POV L . -31.36 -22.59 -9.58
C29 POV L . -29.87 -22.73 -9.57
C31 POV L . -33.50 -29.63 -12.64
O31 POV L . -34.53 -29.26 -11.89
C32 POV L . -32.30 -28.77 -12.36
O32 POV L . -33.55 -30.53 -13.44
C33 POV L . -31.22 -28.82 -13.44
C34 POV L . -29.86 -28.47 -12.88
C35 POV L . -29.74 -27.03 -12.39
C36 POV L . -28.80 -26.20 -13.27
C37 POV L . -27.32 -26.51 -13.07
C38 POV L . -26.81 -26.10 -11.70
C39 POV L . -25.29 -25.96 -11.63
N POV M . -4.07 -31.03 -23.00
P POV M . -2.67 -31.30 -27.16
C1 POV M . -3.00 -31.89 -29.73
C2 POV M . -1.67 -32.52 -30.16
C3 POV M . -0.64 -31.49 -30.57
C210 POV M . 0.03 -44.08 -31.15
C11 POV M . -4.13 -30.03 -25.41
O11 POV M . -3.24 -32.22 -28.38
C211 POV M . 1.22 -44.96 -30.95
C12 POV M . -4.86 -30.45 -24.14
O12 POV M . -4.11 -31.03 -26.39
C13 POV M . -3.47 -32.34 -23.35
O13 POV M . -1.83 -32.20 -26.30
C14 POV M . -2.95 -30.09 -22.71
O14 POV M . -2.14 -30.01 -27.67
C15 POV M . -4.89 -31.17 -21.76
C21 POV M . -2.10 -34.69 -31.06
O21 POV M . -1.83 -33.41 -31.27
C22 POV M . -1.68 -35.52 -32.24
O22 POV M . -2.63 -35.10 -30.06
C23 POV M . -1.19 -36.91 -31.88
C24 POV M . -1.17 -37.83 -33.10
C25 POV M . 0.00 -38.80 -33.10
C26 POV M . -0.02 -39.80 -31.95
C27 POV M . 1.21 -40.70 -31.93
C28 POV M . 1.12 -41.80 -30.86
C29 POV M . -0.01 -42.75 -31.12
C31 POV M . 0.48 -31.57 -32.65
O31 POV M . 0.30 -32.10 -31.44
C32 POV M . 1.69 -32.16 -33.31
O32 POV M . -0.25 -30.74 -33.12
C33 POV M . 1.59 -33.64 -33.64
N POV N . 2.46 -10.91 -27.68
P POV N . 4.61 -15.10 -28.46
C1 POV N . 2.57 -15.51 -30.09
C2 POV N . 2.58 -16.63 -31.14
C3 POV N . 2.80 -16.13 -32.55
C310 POV N . 7.43 -23.95 -39.75
C11 POV N . 4.29 -12.73 -27.38
O11 POV N . 3.31 -15.93 -28.97
C311 POV N . 8.39 -25.07 -40.13
C12 POV N . 3.52 -11.78 -28.29
O12 POV N . 3.82 -14.04 -27.45
C13 POV N . 1.58 -11.68 -26.74
O13 POV N . 5.43 -16.02 -27.62
C14 POV N . 1.61 -10.39 -28.79
O14 POV N . 5.24 -14.33 -29.57
C15 POV N . 3.03 -9.74 -26.95
C21 POV N . 1.30 -18.57 -30.60
O21 POV N . 1.35 -17.36 -31.17
C22 POV N . 1.01 -19.63 -31.63
O22 POV N . 1.48 -18.75 -29.43
C23 POV N . -0.41 -19.56 -32.16
C24 POV N . -1.43 -19.71 -31.04
C25 POV N . -2.60 -18.75 -31.17
C26 POV N . -3.63 -18.94 -30.06
C27 POV N . -4.77 -17.92 -30.11
C31 POV N . 3.54 -17.45 -34.37
O31 POV N . 2.63 -17.22 -33.44
C32 POV N . 3.26 -18.73 -35.10
O32 POV N . 4.48 -16.70 -34.58
C33 POV N . 4.40 -19.25 -35.96
C34 POV N . 3.91 -20.27 -36.97
C35 POV N . 3.75 -21.67 -36.41
C36 POV N . 3.11 -22.62 -37.42
C37 POV N . 4.01 -23.78 -37.86
C38 POV N . 5.24 -23.32 -38.63
C39 POV N . 6.16 -24.45 -39.07
C02 A1EBM O . -14.83 -22.33 -17.60
C03 A1EBM O . -13.57 -21.60 -17.13
C04 A1EBM O . -10.94 -23.80 -15.30
C05 A1EBM O . -11.67 -22.97 -16.36
C06 A1EBM O . -12.84 -22.44 -16.08
C07 A1EBM O . -15.81 -21.30 -18.16
C08 A1EBM O . -14.47 -23.33 -18.69
C09 A1EBM O . -10.92 -23.07 -13.97
C10 A1EBM O . -9.50 -24.05 -15.74
C11 A1EBM O . -11.06 -22.77 -17.75
O01 A1EBM O . -10.45 -21.78 -18.01
C02 A1EBM P . -36.54 -15.70 8.62
C03 A1EBM P . -35.08 -16.07 8.38
C04 A1EBM P . -32.10 -13.66 8.96
C05 A1EBM P . -32.95 -14.82 8.46
C06 A1EBM P . -34.20 -14.92 8.85
C07 A1EBM P . -36.72 -15.20 10.05
C08 A1EBM P . -36.91 -14.60 7.64
C09 A1EBM P . -31.28 -14.12 10.15
C10 A1EBM P . -31.15 -13.20 7.86
C11 A1EBM P . -32.36 -15.87 7.53
O01 A1EBM P . -32.63 -15.88 6.37
N POV Q . -6.49 -18.98 -4.01
P POV Q . -9.65 -22.07 -1.51
C1 POV Q . -11.15 -23.87 -2.73
C2 POV Q . -11.92 -24.63 -1.65
C3 POV Q . -12.94 -23.77 -0.93
C210 POV Q . -15.89 -28.72 -7.93
C11 POV Q . -7.58 -20.89 -2.62
O11 POV Q . -10.98 -22.53 -2.32
C12 POV Q . -7.23 -19.42 -2.77
O12 POV Q . -8.97 -21.13 -2.69
C13 POV Q . -5.14 -19.61 -4.07
O13 POV Q . -10.10 -21.17 -0.40
C14 POV Q . -7.27 -19.43 -5.19
O14 POV Q . -8.73 -23.23 -1.25
C15 POV Q . -6.35 -17.50 -4.08
C21 POV Q . -10.78 -26.45 -0.59
O21 POV Q . -11.06 -25.14 -0.63
C22 POV Q . -11.99 -27.24 -0.20
O22 POV Q . -9.68 -26.90 -0.83
C23 POV Q . -12.00 -28.65 -0.75
C24 POV Q . -12.33 -28.67 -2.24
C25 POV Q . -13.78 -28.30 -2.53
C26 POV Q . -14.03 -28.00 -4.00
C27 POV Q . -15.52 -27.90 -4.33
C28 POV Q . -15.78 -27.40 -5.76
C29 POV Q . -15.28 -28.34 -6.80
C31 POV Q . -15.21 -24.41 -0.94
O31 POV Q . -14.19 -23.93 -1.62
C32 POV Q . -16.24 -24.98 -1.87
O32 POV Q . -15.29 -24.39 0.26
C33 POV Q . -17.43 -25.65 -1.19
C34 POV Q . -18.24 -26.45 -2.18
C35 POV Q . -18.68 -25.67 -3.40
C36 POV Q . -20.02 -26.15 -3.96
C37 POV Q . -20.59 -25.26 -5.04
C38 POV Q . -22.02 -25.64 -5.42
N POV R . -54.46 -7.97 1.55
P POV R . -51.53 -4.00 1.05
C1 POV R . -49.77 -4.44 2.97
C2 POV R . -48.28 -4.68 3.20
C3 POV R . -47.79 -4.18 4.54
C210 POV R . -37.35 -2.48 1.86
C310 POV R . -36.11 -4.89 6.86
C11 POV R . -53.33 -5.85 0.59
O11 POV R . -50.02 -4.27 1.60
C211 POV R . -36.20 -2.80 2.76
C12 POV R . -54.07 -6.52 1.72
O12 POV R . -51.98 -5.59 0.91
C212 POV R . -34.91 -2.98 1.95
C13 POV R . -55.50 -8.14 0.51
O13 POV R . -52.29 -3.38 2.17
C213 POV R . -35.01 -4.07 0.90
C14 POV R . -55.00 -8.43 2.86
O14 POV R . -51.50 -3.38 -0.31
C214 POV R . -33.78 -4.18 0.02
C15 POV R . -53.29 -8.83 1.22
C215 POV R . -33.58 -3.01 -0.94
C216 POV R . -32.53 -3.30 -2.01
C21 POV R . -47.05 -4.68 1.14
O21 POV R . -47.47 -4.02 2.21
C22 POV R . -46.24 -3.79 0.25
O22 POV R . -47.31 -5.84 0.93
C23 POV R . -45.33 -2.84 1.00
C24 POV R . -44.14 -3.57 1.60
C25 POV R . -43.26 -4.20 0.54
C26 POV R . -42.03 -3.35 0.22
C27 POV R . -40.84 -3.67 1.12
C28 POV R . -39.73 -2.64 1.01
C29 POV R . -38.59 -2.97 1.91
C31 POV R . -45.87 -5.32 5.32
O31 POV R . -46.37 -4.33 4.58
C32 POV R . -44.36 -5.30 5.27
O32 POV R . -46.55 -6.10 5.92
C33 POV R . -43.71 -6.60 5.71
C34 POV R . -42.29 -6.36 6.21
C35 POV R . -41.32 -5.88 5.15
C36 POV R . -40.27 -6.92 4.81
C37 POV R . -39.18 -7.09 5.88
C38 POV R . -38.29 -5.86 6.02
C39 POV R . -36.97 -6.14 6.71
N POV S . -24.41 -22.32 20.36
P POV S . -24.16 -26.69 20.69
C1 POV S . -25.21 -29.12 20.62
C2 POV S . -24.55 -29.87 21.78
C3 POV S . -23.21 -30.49 21.40
C210 POV S . -29.64 -31.58 32.21
C11 POV S . -24.35 -24.60 19.12
O11 POV S . -25.35 -27.76 20.98
C211 POV S . -29.11 -31.68 33.61
C12 POV S . -24.95 -23.21 19.29
O12 POV S . -25.05 -25.60 19.83
C13 POV S . -24.70 -22.83 21.72
O13 POV S . -23.81 -26.07 22.01
C14 POV S . -22.93 -22.25 20.21
O14 POV S . -23.11 -27.26 19.81
C15 POV S . -24.93 -20.92 20.23
C21 POV S . -26.25 -30.72 23.23
O21 POV S . -25.36 -30.94 22.27
C22 POV S . -26.57 -31.98 23.98
O22 POV S . -26.73 -29.63 23.46
C23 POV S . -26.87 -31.79 25.45
C24 POV S . -27.57 -33.00 26.05
C25 POV S . -27.14 -33.31 27.47
C26 POV S . -27.49 -32.21 28.47
C27 POV S . -26.97 -32.51 29.88
C28 POV S . -27.45 -31.48 30.92
C29 POV S . -28.94 -31.49 31.07
C31 POV S . -22.73 -32.76 21.73
O31 POV S . -22.94 -31.57 22.27
C32 POV S . -22.17 -33.71 22.76
O32 POV S . -22.95 -33.03 20.59
C33 POV S . -23.12 -34.05 23.90
N POV T . -8.94 -27.78 6.23
P POV T . -9.60 -29.18 10.74
C1 POV T . -11.79 -30.29 9.77
C2 POV T . -12.58 -31.35 10.55
C3 POV T . -12.38 -32.76 10.03
C310 POV T . -14.16 -41.06 17.93
C11 POV T . -8.37 -27.98 8.75
O11 POV T . -11.21 -29.39 10.69
C311 POV T . -14.05 -41.69 19.31
C12 POV T . -8.65 -28.66 7.42
O12 POV T . -9.49 -27.97 9.60
C13 POV T . -9.90 -26.70 6.55
O13 POV T . -9.28 -28.57 12.07
C14 POV T . -9.54 -28.66 5.18
O14 POV T . -8.87 -30.38 10.26
C15 POV T . -7.70 -27.18 5.66
C21 POV T . -14.58 -30.58 11.59
O21 POV T . -13.99 -31.10 10.52
C22 POV T . -15.59 -31.54 12.16
O22 POV T . -14.33 -29.49 12.01
C23 POV T . -16.81 -31.73 11.28
C24 POV T . -17.52 -30.40 11.04
C25 POV T . -17.98 -30.22 9.62
C26 POV T . -18.73 -28.92 9.39
C27 POV T . -19.11 -28.66 7.94
C31 POV T . -12.82 -34.74 11.26
O31 POV T . -13.28 -33.62 10.72
C32 POV T . -13.88 -35.42 12.07
O32 POV T . -11.69 -35.14 11.09
C33 POV T . -13.38 -36.53 12.97
C34 POV T . -14.53 -37.43 13.41
C35 POV T . -15.33 -36.90 14.59
C36 POV T . -16.55 -37.75 14.90
C37 POV T . -16.52 -38.42 16.27
C38 POV T . -15.41 -39.45 16.42
C39 POV T . -15.35 -40.11 17.78
C02 A1EBM U . -27.50 -14.28 8.24
C03 A1EBM U . -25.98 -14.11 8.37
C04 A1EBM U . -24.71 -13.01 11.87
C05 A1EBM U . -25.03 -13.84 10.64
C06 A1EBM U . -25.65 -13.27 9.62
C07 A1EBM U . -27.84 -14.56 6.79
C08 A1EBM U . -27.95 -15.46 9.11
C09 A1EBM U . -24.05 -11.70 11.47
C10 A1EBM U . -23.73 -13.78 12.78
C11 A1EBM U . -24.67 -15.33 10.57
O01 A1EBM U . -23.68 -15.69 10.03
C02 A1EBM V . -36.93 16.44 -4.70
C03 A1EBM V . -35.97 15.86 -3.66
C04 A1EBM V . -32.11 15.81 -4.02
C05 A1EBM V . -33.54 15.49 -3.58
C06 A1EBM V . -34.55 16.16 -4.09
C07 A1EBM V . -36.55 17.90 -4.99
C08 A1EBM V . -36.81 15.62 -5.97
C09 A1EBM V . -31.47 16.77 -3.03
C10 A1EBM V . -31.29 14.52 -4.09
C11 A1EBM V . -33.79 14.40 -2.54
O01 A1EBM V . -34.23 13.34 -2.85
C02 A1EBM W . -22.09 4.55 -33.86
C03 A1EBM W . -21.45 5.31 -32.72
C04 A1EBM W . -18.39 4.05 -30.70
C05 A1EBM W . -19.64 4.81 -31.11
C06 A1EBM W . -20.19 4.57 -32.28
C07 A1EBM W . -21.04 4.21 -34.92
C08 A1EBM W . -22.69 3.26 -33.30
C09 A1EBM W . -17.16 4.90 -31.02
C10 A1EBM W . -18.41 3.75 -29.20
C11 A1EBM W . -20.25 5.86 -30.18
O01 A1EBM W . -21.24 5.62 -29.57
N POV X . -16.39 -2.93 11.89
P POV X . -20.21 0.15 13.19
C1 POV X . -22.63 -0.74 13.73
C2 POV X . -23.49 0.47 14.12
C3 POV X . -23.74 1.42 12.98
C210 POV X . -30.11 -4.83 14.51
C11 POV X . -18.08 -1.38 13.11
O11 POV X . -21.70 -0.35 12.76
C12 POV X . -17.01 -1.56 12.05
O12 POV X . -19.36 -1.14 12.58
C13 POV X . -15.64 -3.32 13.12
O13 POV X . -19.89 1.35 12.37
C14 POV X . -17.49 -3.90 11.68
O14 POV X . -20.04 0.15 14.68
C15 POV X . -15.48 -2.99 10.71
C21 POV X . -23.36 1.18 16.40
O21 POV X . -22.87 1.24 15.16
C22 POV X . -24.71 1.81 16.49
O22 POV X . -22.76 0.68 17.32
C23 POV X . -25.60 1.23 17.59
C24 POV X . -26.13 -0.13 17.20
C25 POV X . -27.17 -0.06 16.09
C26 POV X . -27.49 -1.43 15.48
C27 POV X . -28.71 -1.40 14.57
C28 POV X . -28.90 -2.70 13.80
C29 POV X . -29.20 -3.86 14.70
C31 POV X . -25.95 1.93 12.32
O31 POV X . -24.96 1.05 12.35
C32 POV X . -27.27 1.25 12.11
O32 POV X . -25.78 3.12 12.45
C33 POV X . -28.47 2.18 12.15
C34 POV X . -29.77 1.39 12.25
C35 POV X . -29.92 0.31 11.18
C36 POV X . -31.37 0.07 10.81
C37 POV X . -31.55 -0.82 9.58
C38 POV X . -33.00 -0.86 9.10
N POV Y . -48.65 14.00 -21.64
P POV Y . -44.18 12.94 -23.51
C1 POV Y . -42.64 14.40 -21.93
C2 POV Y . -41.49 14.26 -20.91
C3 POV Y . -40.59 15.46 -20.86
C210 POV Y . -31.59 10.47 -17.23
C310 POV Y . -30.99 14.97 -13.79
C11 POV Y . -46.75 12.86 -22.98
O11 POV Y . -42.99 13.12 -22.41
C211 POV Y . -30.66 11.06 -16.21
C12 POV Y . -47.52 14.11 -22.63
O12 POV Y . -45.44 12.86 -22.45
C212 POV Y . -29.84 9.96 -15.51
C13 POV Y . -49.78 13.22 -22.22
O13 POV Y . -44.26 14.23 -24.25
C213 POV Y . -30.72 8.93 -14.82
C14 POV Y . -49.11 15.38 -21.35
O14 POV Y . -44.06 11.64 -24.23
C214 POV Y . -29.94 7.79 -14.20
C15 POV Y . -48.22 13.38 -20.36
C215 POV Y . -29.31 6.84 -15.22
C216 POV Y . -28.80 5.56 -14.60
C21 POV Y . -40.87 11.97 -20.57
O21 POV Y . -40.66 13.14 -21.19
C22 POV Y . -39.87 10.95 -21.03
O22 POV Y . -41.74 11.79 -19.77
C23 POV Y . -38.47 11.49 -21.24
C24 POV Y . -37.80 11.77 -19.91
C25 POV Y . -37.60 10.51 -19.09
C26 POV Y . -36.20 9.94 -19.20
C27 POV Y . -35.24 10.53 -18.17
C28 POV Y . -33.78 10.19 -18.46
C29 POV Y . -32.86 10.79 -17.45
C31 POV Y . -39.49 15.73 -18.79
O31 POV Y . -39.50 15.17 -20.00
C32 POV Y . -38.27 15.34 -18.02
O32 POV Y . -40.36 16.46 -18.40
C33 POV Y . -38.35 15.57 -16.52
C34 POV Y . -36.97 15.74 -15.91
C35 POV Y . -36.11 14.49 -15.96
C36 POV Y . -35.87 13.89 -14.58
C37 POV Y . -34.88 14.66 -13.71
C38 POV Y . -33.46 14.63 -14.25
C39 POV Y . -32.40 14.98 -13.22
N POV Z . -28.48 24.83 8.99
P POV Z . -30.62 24.97 12.84
C1 POV Z . -32.81 25.07 14.31
C2 POV Z . -32.45 26.01 15.46
C3 POV Z . -31.77 25.31 16.62
C210 POV Z . -35.68 37.29 15.81
C11 POV Z . -29.90 23.55 10.75
O11 POV Z . -32.12 25.49 13.16
C211 POV Z . -35.05 38.52 16.38
C12 POV Z . -29.61 23.89 9.30
O12 POV Z . -30.90 24.36 11.32
C13 POV Z . -28.76 26.22 9.48
O13 POV Z . -29.75 26.18 12.70
C14 POV Z . -27.26 24.35 9.69
O14 POV Z . -30.22 23.84 13.74
C15 POV Z . -28.17 24.87 7.54
C21 POV Z . -34.05 27.80 15.50
O21 POV Z . -33.62 26.65 16.01
C22 POV Z . -34.87 28.56 16.50
O22 POV Z . -33.81 28.17 14.38
C23 POV Z . -34.75 30.07 16.40
C24 POV Z . -35.87 30.78 17.14
C25 POV Z . -35.43 32.06 17.86
C26 POV Z . -34.94 33.14 16.90
C27 POV Z . -34.42 34.37 17.62
C28 POV Z . -34.07 35.52 16.67
C29 POV Z . -35.27 36.03 15.93
C31 POV Z . -32.55 25.46 18.84
O31 POV Z . -31.98 26.07 17.81
C32 POV Z . -32.44 26.30 20.08
O32 POV Z . -33.10 24.39 18.76
C33 POV Z . -33.18 27.62 20.04
N POV AA . -21.35 7.31 19.54
P POV AA . -21.83 11.82 21.04
C1 POV AA . -24.41 11.35 20.69
C2 POV AA . -25.50 12.27 21.28
C3 POV AA . -26.19 11.67 22.48
C310 POV AA . -30.75 19.52 29.70
C11 POV AA . -20.53 9.63 20.39
O11 POV AA . -23.28 12.13 20.37
C311 POV AA . -30.76 20.81 30.51
C12 POV AA . -21.38 8.39 20.61
O12 POV AA . -21.29 10.73 19.92
C13 POV AA . -21.50 7.89 18.18
O13 POV AA . -21.01 13.06 20.90
C14 POV AA . -22.51 6.41 19.80
O14 POV AA . -21.98 11.13 22.36
C15 POV AA . -20.11 6.49 19.60
C21 POV AA . -26.54 13.76 19.74
O21 POV AA . -26.52 12.57 20.33
C22 POV AA . -27.78 14.53 20.10
O22 POV AA . -25.66 14.16 19.02
C23 POV AA . -29.04 13.94 19.48
C24 POV AA . -28.93 13.93 17.97
C25 POV AA . -29.47 12.65 17.35
C26 POV AA . -29.40 12.64 15.83
C27 POV AA . -29.84 11.33 15.20
C31 POV AA . -27.41 12.90 24.09
O31 POV AA . -27.27 12.54 22.83
C32 POV AA . -28.51 13.92 24.23
O32 POV AA . -26.74 12.47 25.00
C33 POV AA . -28.54 14.65 25.57
C34 POV AA . -29.89 15.32 25.78
C35 POV AA . -30.03 16.66 25.09
C36 POV AA . -31.46 17.23 25.22
C37 POV AA . -31.54 18.54 26.00
C38 POV AA . -31.17 18.38 27.46
C39 POV AA . -31.23 19.68 28.26
C02 A1EBM BA . -28.81 14.02 -1.20
C03 A1EBM BA . -27.46 13.80 -0.54
C04 A1EBM BA . -25.17 16.92 -0.25
C05 A1EBM BA . -26.13 15.78 0.09
C06 A1EBM BA . -26.51 14.95 -0.87
C07 A1EBM BA . -29.51 12.68 -1.36
C08 A1EBM BA . -29.66 14.92 -0.31
C09 A1EBM BA . -24.00 16.42 -1.07
C10 A1EBM BA . -24.64 17.55 1.04
C11 A1EBM BA . -26.65 15.59 1.51
O01 A1EBM BA . -26.14 14.82 2.25
#